data_9EVW
#
_entry.id   9EVW
#
_cell.length_a   1.00
_cell.length_b   1.00
_cell.length_c   1.00
_cell.angle_alpha   90.00
_cell.angle_beta   90.00
_cell.angle_gamma   90.00
#
_symmetry.space_group_name_H-M   'P 1'
#
_entity_poly.entity_id   1
_entity_poly.type   'polypeptide(L)'
_entity_poly.pdbx_seq_one_letter_code
;DNTVRVGVSRNTSGAAGQTLFRNFYLLRCNILADGRNATKAVQSHFPFLSRAVRCLSPLAAHCADRTLRRDNVKQILTRE
LPFSSDLINYAHHVNSSSLTTSQGVEAARLVAQVYGEQVPFDHIYPTGSATYCPGAIANAISRIMAGFVPREGDDFAPSG
PIDYLAADLIAYKFVLPYMLDMVDGRPQIVLPSHTVEEMLTNTSLLNSIDASFGIEARSDQRMTRDAAEMSSRSLNELED
HDQRGRMPWKIMLGMMAAQLKVELDALADERTESQANAHVTSFGSRLFNQMSAFVTIDHELMELALLIKEQGFAMNPGQI
ASKWSLIRRSGPTRPLSGARLEIRNGNWMIREGDQTLLSVSPARMA
;
_entity_poly.pdbx_strand_id   A,B,C,D,E,F,G,H
#
# COMPACT_ATOMS: atom_id res chain seq x y z
N ASP A 1 -38.75 -19.86 -23.23
CA ASP A 1 -39.18 -19.30 -21.92
C ASP A 1 -39.16 -17.77 -21.96
N ASN A 2 -39.39 -17.14 -20.82
CA ASN A 2 -39.34 -15.69 -20.74
C ASN A 2 -37.89 -15.22 -20.75
N THR A 3 -37.58 -14.29 -21.65
CA THR A 3 -36.23 -13.78 -21.83
C THR A 3 -36.25 -12.27 -21.92
N VAL A 4 -35.39 -11.61 -21.14
CA VAL A 4 -35.16 -10.18 -21.25
C VAL A 4 -33.65 -9.96 -21.29
N ARG A 5 -33.18 -9.23 -22.31
CA ARG A 5 -31.78 -8.87 -22.43
C ARG A 5 -31.54 -7.41 -22.03
N VAL A 6 -32.55 -6.73 -21.48
CA VAL A 6 -32.37 -5.35 -21.04
C VAL A 6 -31.26 -5.28 -20.01
N GLY A 7 -31.10 -6.31 -19.20
CA GLY A 7 -29.92 -6.45 -18.37
C GLY A 7 -28.70 -6.66 -19.23
N VAL A 8 -27.86 -5.64 -19.34
CA VAL A 8 -26.64 -5.67 -20.16
C VAL A 8 -25.45 -5.54 -19.21
N SER A 9 -24.62 -6.58 -19.15
CA SER A 9 -23.58 -6.69 -18.15
C SER A 9 -22.17 -6.55 -18.73
N ARG A 10 -22.04 -5.91 -19.89
CA ARG A 10 -20.72 -5.63 -20.43
C ARG A 10 -19.98 -4.66 -19.51
N ASN A 11 -18.65 -4.71 -19.56
CA ASN A 11 -17.83 -3.80 -18.75
C ASN A 11 -16.47 -3.65 -19.42
N THR A 12 -16.08 -2.39 -19.66
CA THR A 12 -14.80 -2.06 -20.27
C THR A 12 -14.20 -0.84 -19.60
N SER A 13 -14.21 -0.81 -18.26
CA SER A 13 -14.00 0.42 -17.50
C SER A 13 -12.55 0.58 -17.05
N GLY A 14 -11.66 0.74 -18.04
CA GLY A 14 -10.34 1.29 -17.83
C GLY A 14 -9.46 0.64 -16.78
N ALA A 15 -8.33 1.28 -16.48
CA ALA A 15 -7.39 0.81 -15.46
C ALA A 15 -7.26 1.78 -14.30
N ALA A 16 -6.91 3.04 -14.55
CA ALA A 16 -6.67 4.01 -13.49
C ALA A 16 -6.47 5.39 -14.11
N GLY A 17 -6.51 6.42 -13.27
CA GLY A 17 -6.32 7.78 -13.73
C GLY A 17 -6.48 8.76 -12.59
N GLN A 18 -6.37 10.04 -12.93
CA GLN A 18 -6.52 11.11 -11.96
C GLN A 18 -6.86 12.40 -12.69
N THR A 19 -7.40 13.36 -11.93
CA THR A 19 -7.78 14.67 -12.45
C THR A 19 -7.21 15.76 -11.56
N LEU A 20 -6.72 16.83 -12.17
CA LEU A 20 -6.14 17.97 -11.47
C LEU A 20 -6.87 19.25 -11.85
N PHE A 21 -6.81 20.23 -10.94
CA PHE A 21 -7.46 21.51 -11.13
C PHE A 21 -8.96 21.34 -11.36
N ARG A 22 -9.62 20.71 -10.38
CA ARG A 22 -11.05 20.45 -10.48
C ARG A 22 -11.84 21.75 -10.54
N ASN A 23 -11.44 22.75 -9.76
CA ASN A 23 -12.15 24.02 -9.76
C ASN A 23 -12.02 24.75 -11.09
N PHE A 24 -10.96 24.50 -11.84
CA PHE A 24 -10.79 25.13 -13.14
C PHE A 24 -11.75 24.52 -14.15
N TYR A 25 -11.88 25.18 -15.29
CA TYR A 25 -12.75 24.72 -16.38
C TYR A 25 -11.95 24.30 -17.60
N LEU A 26 -11.12 25.20 -18.15
CA LEU A 26 -10.37 24.87 -19.35
C LEU A 26 -9.15 24.02 -19.01
N LEU A 27 -8.34 24.47 -18.05
CA LEU A 27 -7.12 23.76 -17.68
C LEU A 27 -7.39 22.57 -16.77
N ARG A 28 -8.64 22.21 -16.54
CA ARG A 28 -8.95 20.93 -15.91
C ARG A 28 -8.33 19.81 -16.74
N CYS A 29 -7.43 19.05 -16.12
CA CYS A 29 -6.62 18.07 -16.84
C CYS A 29 -6.90 16.67 -16.30
N ASN A 30 -6.95 15.70 -17.22
CA ASN A 30 -7.06 14.29 -16.88
C ASN A 30 -5.70 13.65 -17.05
N ILE A 31 -5.27 12.91 -16.02
CA ILE A 31 -3.94 12.31 -15.97
C ILE A 31 -4.12 10.80 -15.97
N LEU A 32 -3.43 10.13 -16.89
CA LEU A 32 -3.48 8.68 -17.03
C LEU A 32 -2.07 8.12 -16.99
N ALA A 33 -1.84 7.14 -16.13
CA ALA A 33 -0.57 6.43 -16.11
C ALA A 33 -0.49 5.50 -17.32
N ASP A 34 0.49 5.73 -18.19
CA ASP A 34 0.61 4.95 -19.41
C ASP A 34 1.13 3.54 -19.11
N GLY A 35 0.29 2.72 -18.47
CA GLY A 35 0.68 1.36 -18.14
C GLY A 35 0.99 0.50 -19.34
N ARG A 36 0.53 0.90 -20.53
CA ARG A 36 0.81 0.13 -21.74
C ARG A 36 2.31 0.04 -22.00
N ASN A 37 3.09 1.01 -21.52
CA ASN A 37 4.53 1.06 -21.74
C ASN A 37 5.24 1.24 -20.40
N ALA A 38 6.51 0.83 -20.37
CA ALA A 38 7.29 0.90 -19.15
C ALA A 38 7.58 2.34 -18.75
N THR A 39 7.78 3.24 -19.72
CA THR A 39 8.10 4.62 -19.41
C THR A 39 7.00 5.24 -18.56
N LYS A 40 7.41 5.96 -17.51
CA LYS A 40 6.50 6.43 -16.48
C LYS A 40 6.14 7.90 -16.64
N ALA A 41 6.48 8.53 -17.75
CA ALA A 41 6.05 9.90 -18.01
C ALA A 41 4.54 9.90 -18.22
N VAL A 42 3.80 10.42 -17.23
CA VAL A 42 2.36 10.30 -17.24
C VAL A 42 1.77 11.07 -18.42
N GLN A 43 0.67 10.55 -18.95
CA GLN A 43 -0.04 11.19 -20.05
C GLN A 43 -1.10 12.14 -19.49
N SER A 44 -1.26 13.28 -20.15
CA SER A 44 -2.17 14.33 -19.73
C SER A 44 -3.13 14.67 -20.85
N HIS A 45 -4.32 15.11 -20.47
CA HIS A 45 -5.36 15.49 -21.42
C HIS A 45 -6.23 16.58 -20.82
N PHE A 46 -6.66 17.52 -21.66
CA PHE A 46 -7.56 18.61 -21.27
C PHE A 46 -8.89 18.39 -21.99
N PRO A 47 -9.88 17.75 -21.35
CA PRO A 47 -11.12 17.43 -22.08
C PRO A 47 -11.88 18.67 -22.52
N PHE A 48 -12.06 19.62 -21.61
CA PHE A 48 -12.88 20.79 -21.93
C PHE A 48 -12.22 21.67 -22.99
N LEU A 49 -10.89 21.77 -23.00
CA LEU A 49 -10.23 22.53 -24.05
C LEU A 49 -10.42 21.86 -25.41
N SER A 50 -10.31 20.54 -25.45
CA SER A 50 -10.57 19.81 -26.70
C SER A 50 -12.00 20.03 -27.16
N ARG A 51 -12.96 19.98 -26.23
CA ARG A 51 -14.36 20.22 -26.59
C ARG A 51 -14.55 21.64 -27.10
N ALA A 52 -13.89 22.61 -26.47
CA ALA A 52 -14.03 24.01 -26.89
C ALA A 52 -13.51 24.20 -28.30
N VAL A 53 -12.33 23.63 -28.61
CA VAL A 53 -11.84 23.76 -29.99
C VAL A 53 -12.70 22.95 -30.95
N ARG A 54 -13.33 21.87 -30.48
CA ARG A 54 -14.25 21.12 -31.31
C ARG A 54 -15.46 21.97 -31.69
N CYS A 55 -15.97 22.75 -30.74
CA CYS A 55 -17.21 23.50 -30.93
C CYS A 55 -17.09 24.63 -31.94
N LEU A 56 -15.94 24.83 -32.59
CA LEU A 56 -15.84 25.87 -33.60
C LEU A 56 -16.79 25.61 -34.75
N SER A 57 -17.15 24.35 -34.99
CA SER A 57 -18.25 23.97 -35.88
C SER A 57 -19.42 23.57 -34.99
N PRO A 58 -20.25 24.50 -34.54
CA PRO A 58 -21.21 24.18 -33.46
C PRO A 58 -22.21 23.11 -33.80
N LEU A 59 -22.71 23.07 -35.04
CA LEU A 59 -23.76 22.12 -35.37
C LEU A 59 -23.24 20.69 -35.36
N ALA A 60 -22.10 20.45 -36.01
CA ALA A 60 -21.53 19.11 -36.02
C ALA A 60 -21.14 18.66 -34.62
N ALA A 61 -20.77 19.60 -33.75
CA ALA A 61 -20.39 19.25 -32.39
C ALA A 61 -21.60 18.89 -31.54
N HIS A 62 -22.69 19.66 -31.69
CA HIS A 62 -23.86 19.53 -30.82
C HIS A 62 -24.99 18.70 -31.40
N CYS A 63 -24.82 18.14 -32.62
CA CYS A 63 -25.90 17.39 -33.23
C CYS A 63 -26.29 16.17 -32.40
N ALA A 64 -25.29 15.46 -31.85
CA ALA A 64 -25.58 14.23 -31.12
C ALA A 64 -26.44 14.48 -29.90
N ASP A 65 -26.37 15.68 -29.32
CA ASP A 65 -27.11 16.00 -28.11
C ASP A 65 -28.52 16.49 -28.37
N ARG A 66 -28.95 16.60 -29.63
CA ARG A 66 -30.27 17.12 -29.92
C ARG A 66 -31.38 16.17 -29.49
N THR A 67 -31.07 14.88 -29.29
CA THR A 67 -32.07 13.88 -28.90
C THR A 67 -31.67 13.06 -27.68
N LEU A 68 -30.38 12.73 -27.53
CA LEU A 68 -30.00 11.66 -26.62
C LEU A 68 -30.20 12.06 -25.16
N ARG A 69 -29.48 13.07 -24.70
CA ARG A 69 -29.42 13.38 -23.28
C ARG A 69 -30.75 13.97 -22.82
N ARG A 70 -31.48 13.21 -22.00
CA ARG A 70 -32.69 13.71 -21.35
C ARG A 70 -32.77 13.23 -19.90
N ASP A 71 -31.66 12.84 -19.29
CA ASP A 71 -31.69 12.25 -17.96
C ASP A 71 -31.87 13.32 -16.89
N ASN A 72 -30.90 14.22 -16.77
CA ASN A 72 -30.95 15.28 -15.76
C ASN A 72 -29.90 16.34 -15.99
N VAL A 73 -30.28 17.61 -15.86
CA VAL A 73 -29.35 18.72 -15.87
C VAL A 73 -29.55 19.54 -14.60
N LYS A 74 -30.81 19.83 -14.27
CA LYS A 74 -31.11 20.57 -13.06
C LYS A 74 -30.60 19.85 -11.82
N GLN A 75 -30.66 18.52 -11.81
CA GLN A 75 -30.15 17.76 -10.68
C GLN A 75 -28.67 18.02 -10.44
N ILE A 76 -27.93 18.35 -11.51
CA ILE A 76 -26.52 18.70 -11.38
C ILE A 76 -26.34 20.20 -11.14
N LEU A 77 -26.95 21.03 -11.99
CA LEU A 77 -26.77 22.47 -11.86
C LEU A 77 -27.42 23.01 -10.60
N THR A 78 -28.59 22.49 -10.21
CA THR A 78 -29.29 22.93 -9.02
C THR A 78 -28.84 22.17 -7.77
N ARG A 79 -27.67 21.54 -7.80
CA ARG A 79 -27.13 20.88 -6.63
C ARG A 79 -26.76 21.91 -5.56
N GLU A 80 -26.37 21.41 -4.39
CA GLU A 80 -25.93 22.29 -3.32
C GLU A 80 -24.68 23.07 -3.73
N LEU A 81 -23.71 22.38 -4.35
CA LEU A 81 -22.43 22.98 -4.76
C LEU A 81 -22.17 22.59 -6.20
N PRO A 82 -22.87 23.22 -7.16
CA PRO A 82 -22.59 22.91 -8.56
C PRO A 82 -21.18 23.30 -8.95
N PHE A 83 -20.55 22.47 -9.78
CA PHE A 83 -19.19 22.72 -10.22
C PHE A 83 -19.17 23.79 -11.29
N SER A 84 -18.15 24.65 -11.24
CA SER A 84 -18.02 25.69 -12.25
C SER A 84 -17.89 25.08 -13.65
N SER A 85 -17.23 23.93 -13.74
CA SER A 85 -17.09 23.26 -15.03
C SER A 85 -18.46 22.93 -15.63
N ASP A 86 -19.33 22.31 -14.83
CA ASP A 86 -20.66 21.95 -15.34
C ASP A 86 -21.48 23.19 -15.69
N LEU A 87 -21.45 24.20 -14.82
CA LEU A 87 -22.24 25.41 -15.06
C LEU A 87 -21.82 26.09 -16.34
N ILE A 88 -20.50 26.22 -16.56
CA ILE A 88 -20.03 26.82 -17.80
C ILE A 88 -20.28 25.87 -18.97
N ASN A 89 -20.38 24.56 -18.71
CA ASN A 89 -20.75 23.63 -19.76
C ASN A 89 -22.16 23.92 -20.26
N TYR A 90 -23.08 24.23 -19.34
CA TYR A 90 -24.46 24.55 -19.68
C TYR A 90 -24.70 26.06 -19.74
N ALA A 91 -23.68 26.84 -20.05
CA ALA A 91 -23.79 28.27 -20.33
C ALA A 91 -24.32 29.07 -19.14
N HIS A 92 -24.11 28.59 -17.92
CA HIS A 92 -24.54 29.30 -16.72
C HIS A 92 -23.42 30.18 -16.19
N HIS A 93 -23.75 31.44 -15.91
CA HIS A 93 -22.77 32.37 -15.35
C HIS A 93 -22.29 31.88 -13.99
N VAL A 94 -21.01 32.10 -13.72
CA VAL A 94 -20.34 31.62 -12.51
C VAL A 94 -19.77 32.81 -11.77
N ASN A 95 -19.88 32.79 -10.43
CA ASN A 95 -19.52 33.94 -9.62
C ASN A 95 -18.05 33.97 -9.23
N SER A 96 -17.30 32.88 -9.45
CA SER A 96 -15.92 32.81 -8.99
C SER A 96 -15.06 33.87 -9.67
N SER A 97 -14.16 34.47 -8.88
CA SER A 97 -13.28 35.50 -9.43
C SER A 97 -12.20 34.91 -10.33
N SER A 98 -11.77 33.68 -10.04
CA SER A 98 -10.74 33.05 -10.87
C SER A 98 -11.21 32.87 -12.30
N LEU A 99 -12.47 32.47 -12.47
CA LEU A 99 -13.03 32.26 -13.81
C LEU A 99 -13.47 33.57 -14.46
N THR A 100 -14.17 34.42 -13.72
CA THR A 100 -14.71 35.65 -14.29
C THR A 100 -13.61 36.65 -14.60
N THR A 101 -13.88 37.53 -15.56
CA THR A 101 -12.98 38.61 -15.93
C THR A 101 -13.79 39.88 -16.12
N SER A 102 -13.13 41.02 -15.93
CA SER A 102 -13.76 42.33 -16.05
C SER A 102 -13.51 43.01 -17.39
N GLN A 103 -12.39 42.72 -18.03
CA GLN A 103 -12.05 43.36 -19.30
C GLN A 103 -12.82 42.69 -20.44
N GLY A 104 -13.11 43.49 -21.47
CA GLY A 104 -13.81 42.97 -22.63
C GLY A 104 -15.30 42.75 -22.42
N VAL A 105 -15.93 43.52 -21.54
CA VAL A 105 -17.38 43.39 -21.34
C VAL A 105 -18.16 43.85 -22.56
N GLU A 106 -17.55 44.63 -23.45
CA GLU A 106 -18.29 45.17 -24.59
C GLU A 106 -18.78 44.07 -25.52
N ALA A 107 -17.94 43.07 -25.78
CA ALA A 107 -18.37 41.96 -26.64
C ALA A 107 -19.48 41.16 -25.98
N ALA A 108 -19.40 40.97 -24.67
CA ALA A 108 -20.47 40.28 -23.95
C ALA A 108 -21.78 41.03 -24.07
N ARG A 109 -21.73 42.36 -23.91
CA ARG A 109 -22.93 43.17 -24.07
C ARG A 109 -23.46 43.08 -25.50
N LEU A 110 -22.56 43.07 -26.48
CA LEU A 110 -22.98 42.99 -27.88
C LEU A 110 -23.72 41.68 -28.16
N VAL A 111 -23.15 40.55 -27.71
CA VAL A 111 -23.82 39.28 -27.96
C VAL A 111 -25.14 39.21 -27.18
N ALA A 112 -25.17 39.77 -25.97
CA ALA A 112 -26.39 39.76 -25.18
C ALA A 112 -27.49 40.56 -25.87
N GLN A 113 -27.16 41.73 -26.42
CA GLN A 113 -28.17 42.52 -27.10
C GLN A 113 -28.56 41.92 -28.45
N VAL A 114 -27.67 41.18 -29.09
CA VAL A 114 -28.01 40.51 -30.34
C VAL A 114 -28.98 39.36 -30.08
N TYR A 115 -28.71 38.54 -29.06
CA TYR A 115 -29.51 37.36 -28.78
C TYR A 115 -30.46 37.51 -27.59
N GLY A 116 -30.33 38.58 -26.81
CA GLY A 116 -31.21 38.74 -25.66
C GLY A 116 -32.67 38.91 -26.04
N GLU A 117 -32.93 39.48 -27.21
CA GLU A 117 -34.30 39.73 -27.63
C GLU A 117 -35.10 38.44 -27.81
N GLN A 118 -34.44 37.31 -28.03
CA GLN A 118 -35.10 36.05 -28.35
C GLN A 118 -34.60 34.89 -27.51
N VAL A 119 -33.99 35.17 -26.35
CA VAL A 119 -33.45 34.11 -25.49
C VAL A 119 -33.46 34.62 -24.05
N PRO A 120 -33.72 33.78 -23.05
CA PRO A 120 -33.52 34.21 -21.66
C PRO A 120 -32.05 34.34 -21.32
N PHE A 121 -31.45 35.46 -21.71
CA PHE A 121 -30.01 35.68 -21.62
C PHE A 121 -29.56 36.17 -20.26
N ASP A 122 -30.48 36.36 -19.30
CA ASP A 122 -30.11 36.98 -18.04
C ASP A 122 -29.13 36.10 -17.25
N HIS A 123 -29.33 34.79 -17.24
CA HIS A 123 -28.43 33.92 -16.48
C HIS A 123 -27.09 33.74 -17.18
N ILE A 124 -27.05 33.87 -18.51
CA ILE A 124 -25.77 33.78 -19.22
C ILE A 124 -24.91 34.99 -18.88
N TYR A 125 -25.50 36.18 -18.92
CA TYR A 125 -24.77 37.43 -18.67
C TYR A 125 -25.74 38.39 -17.99
N PRO A 126 -25.73 38.48 -16.65
CA PRO A 126 -26.62 39.45 -16.00
C PRO A 126 -26.32 40.87 -16.46
N THR A 127 -27.39 41.62 -16.70
CA THR A 127 -27.26 42.92 -17.33
C THR A 127 -26.53 43.90 -16.43
N GLY A 128 -25.65 44.70 -17.03
CA GLY A 128 -24.92 45.73 -16.31
C GLY A 128 -23.77 45.26 -15.47
N SER A 129 -23.55 43.94 -15.37
CA SER A 129 -22.48 43.43 -14.54
C SER A 129 -21.12 43.74 -15.17
N ALA A 130 -20.14 43.98 -14.31
CA ALA A 130 -18.77 44.23 -14.76
C ALA A 130 -17.99 42.95 -14.98
N THR A 131 -18.26 41.90 -14.20
CA THR A 131 -17.56 40.63 -14.29
C THR A 131 -18.44 39.61 -15.01
N TYR A 132 -17.90 39.00 -16.06
CA TYR A 132 -18.58 37.98 -16.84
C TYR A 132 -17.65 36.81 -17.06
N CYS A 133 -18.24 35.60 -17.14
CA CYS A 133 -17.47 34.39 -17.36
C CYS A 133 -17.38 34.16 -18.87
N PRO A 134 -16.21 34.37 -19.50
CA PRO A 134 -16.17 34.24 -20.97
C PRO A 134 -16.52 32.85 -21.47
N GLY A 135 -16.20 31.80 -20.70
CA GLY A 135 -16.57 30.46 -21.12
C GLY A 135 -18.07 30.28 -21.22
N ALA A 136 -18.82 30.85 -20.28
CA ALA A 136 -20.27 30.75 -20.33
C ALA A 136 -20.82 31.42 -21.57
N ILE A 137 -20.30 32.60 -21.92
CA ILE A 137 -20.75 33.28 -23.13
C ILE A 137 -20.38 32.46 -24.37
N ALA A 138 -19.19 31.87 -24.38
CA ALA A 138 -18.78 31.05 -25.53
C ALA A 138 -19.72 29.86 -25.71
N ASN A 139 -20.04 29.17 -24.62
CA ASN A 139 -20.94 28.03 -24.72
C ASN A 139 -22.33 28.47 -25.13
N ALA A 140 -22.81 29.60 -24.59
CA ALA A 140 -24.13 30.10 -24.96
C ALA A 140 -24.19 30.44 -26.44
N ILE A 141 -23.19 31.14 -26.94
CA ILE A 141 -23.22 31.55 -28.34
C ILE A 141 -23.09 30.34 -29.25
N SER A 142 -22.29 29.34 -28.85
CA SER A 142 -22.21 28.11 -29.63
C SER A 142 -23.55 27.40 -29.69
N ARG A 143 -24.20 27.23 -28.54
CA ARG A 143 -25.48 26.53 -28.50
C ARG A 143 -26.54 27.29 -29.29
N ILE A 144 -26.58 28.61 -29.16
CA ILE A 144 -27.54 29.40 -29.95
C ILE A 144 -27.26 29.24 -31.43
N MET A 145 -25.98 29.26 -31.82
CA MET A 145 -25.64 29.07 -33.22
C MET A 145 -26.03 27.68 -33.70
N ALA A 146 -26.10 26.70 -32.79
CA ALA A 146 -26.51 25.35 -33.11
C ALA A 146 -28.02 25.15 -33.04
N GLY A 147 -28.78 26.16 -32.65
CA GLY A 147 -30.22 26.10 -32.64
C GLY A 147 -30.86 25.72 -31.32
N PHE A 148 -30.13 25.75 -30.22
CA PHE A 148 -30.68 25.43 -28.91
C PHE A 148 -31.27 26.68 -28.27
N VAL A 149 -31.90 26.49 -27.10
CA VAL A 149 -32.49 27.57 -26.34
C VAL A 149 -32.13 27.34 -24.87
N PRO A 150 -31.43 28.25 -24.21
CA PRO A 150 -31.08 28.02 -22.80
C PRO A 150 -32.30 28.06 -21.89
N ARG A 151 -32.11 27.55 -20.69
CA ARG A 151 -33.11 27.63 -19.63
C ARG A 151 -32.39 27.82 -18.30
N GLU A 152 -33.16 28.23 -17.29
CA GLU A 152 -32.57 28.54 -15.99
C GLU A 152 -31.91 27.32 -15.36
N GLY A 153 -32.42 26.13 -15.62
CA GLY A 153 -31.88 24.92 -15.03
C GLY A 153 -31.80 23.75 -16.01
N ASP A 154 -31.66 24.04 -17.29
CA ASP A 154 -31.59 22.99 -18.31
C ASP A 154 -31.16 23.65 -19.62
N ASP A 155 -30.82 22.81 -20.60
CA ASP A 155 -30.53 23.29 -21.94
C ASP A 155 -31.17 22.42 -23.02
N PHE A 156 -31.96 21.41 -22.65
CA PHE A 156 -32.58 20.52 -23.62
C PHE A 156 -33.77 21.18 -24.30
N ALA A 157 -33.51 22.19 -25.13
CA ALA A 157 -34.54 22.87 -25.90
C ALA A 157 -34.05 23.06 -27.33
N PRO A 158 -33.90 21.98 -28.08
CA PRO A 158 -33.52 22.11 -29.49
C PRO A 158 -34.69 22.60 -30.33
N SER A 159 -35.04 23.87 -30.17
CA SER A 159 -36.23 24.43 -30.81
C SER A 159 -35.99 25.76 -31.50
N GLY A 160 -34.86 26.43 -31.27
CA GLY A 160 -34.60 27.70 -31.91
C GLY A 160 -34.11 27.52 -33.33
N PRO A 161 -34.10 28.61 -34.09
CA PRO A 161 -33.60 28.54 -35.45
C PRO A 161 -32.10 28.27 -35.47
N ILE A 162 -31.65 27.65 -36.56
CA ILE A 162 -30.28 27.18 -36.70
C ILE A 162 -29.55 28.13 -37.65
N ASP A 163 -28.37 28.59 -37.22
CA ASP A 163 -27.62 29.57 -37.99
C ASP A 163 -27.15 28.99 -39.32
N TYR A 164 -27.01 29.86 -40.30
CA TYR A 164 -26.57 29.44 -41.62
C TYR A 164 -25.12 28.96 -41.60
N LEU A 165 -24.26 29.66 -40.87
CA LEU A 165 -22.86 29.26 -40.81
C LEU A 165 -22.69 27.94 -40.07
N ALA A 166 -23.50 27.70 -39.05
CA ALA A 166 -23.46 26.42 -38.35
C ALA A 166 -23.75 25.26 -39.29
N ALA A 167 -24.56 25.50 -40.33
CA ALA A 167 -24.80 24.49 -41.35
C ALA A 167 -23.69 24.47 -42.39
N ASP A 168 -23.13 25.63 -42.72
CA ASP A 168 -22.02 25.67 -43.67
C ASP A 168 -20.81 24.89 -43.15
N LEU A 169 -20.60 24.88 -41.83
CA LEU A 169 -19.45 24.21 -41.23
C LEU A 169 -19.66 22.71 -41.04
N ILE A 170 -20.62 22.11 -41.72
CA ILE A 170 -20.74 20.65 -41.73
C ILE A 170 -19.83 20.02 -42.77
N ALA A 171 -19.51 20.75 -43.84
CA ALA A 171 -18.67 20.22 -44.91
C ALA A 171 -17.19 20.28 -44.60
N TYR A 172 -16.78 20.98 -43.56
CA TYR A 172 -15.37 21.20 -43.24
C TYR A 172 -15.01 20.53 -41.94
N LYS A 173 -13.73 20.16 -41.82
CA LYS A 173 -13.22 19.47 -40.64
C LYS A 173 -11.96 20.10 -40.04
N PHE A 174 -11.31 21.04 -40.74
CA PHE A 174 -10.08 21.67 -40.26
C PHE A 174 -10.21 23.18 -40.37
N VAL A 175 -9.73 23.88 -39.35
CA VAL A 175 -9.84 25.33 -39.26
C VAL A 175 -8.49 25.92 -38.87
N LEU A 176 -8.21 27.12 -39.38
CA LEU A 176 -6.94 27.81 -39.14
C LEU A 176 -7.21 29.29 -38.91
N PRO A 177 -7.45 29.71 -37.67
CA PRO A 177 -7.57 31.14 -37.40
C PRO A 177 -6.24 31.85 -37.61
N TYR A 178 -6.31 33.10 -38.06
CA TYR A 178 -5.11 33.90 -38.23
C TYR A 178 -5.51 35.36 -38.45
N MET A 179 -4.70 36.27 -37.92
CA MET A 179 -4.91 37.69 -38.12
C MET A 179 -4.61 38.08 -39.57
N LEU A 180 -5.19 39.20 -39.99
CA LEU A 180 -5.01 39.73 -41.33
C LEU A 180 -5.04 41.25 -41.24
N ASP A 181 -4.02 41.90 -41.80
CA ASP A 181 -3.87 43.35 -41.70
C ASP A 181 -3.61 43.94 -43.08
N MET A 182 -4.01 45.20 -43.25
CA MET A 182 -3.90 45.90 -44.52
C MET A 182 -2.46 46.40 -44.64
N VAL A 183 -1.66 45.74 -45.48
CA VAL A 183 -0.25 46.08 -45.65
C VAL A 183 0.08 46.05 -47.13
N ASP A 184 0.86 47.02 -47.59
CA ASP A 184 1.22 47.19 -49.01
C ASP A 184 -0.01 47.40 -49.88
N GLY A 185 -1.07 47.98 -49.32
CA GLY A 185 -2.27 48.22 -50.11
C GLY A 185 -3.02 46.97 -50.53
N ARG A 186 -2.67 45.81 -49.98
CA ARG A 186 -3.31 44.54 -50.30
C ARG A 186 -3.47 43.74 -49.03
N PRO A 187 -4.43 42.81 -48.98
CA PRO A 187 -4.60 42.01 -47.77
C PRO A 187 -3.42 41.06 -47.57
N GLN A 188 -3.02 40.90 -46.30
CA GLN A 188 -1.85 40.10 -45.98
C GLN A 188 -1.97 39.57 -44.56
N ILE A 189 -1.46 38.37 -44.35
CA ILE A 189 -1.42 37.75 -43.03
C ILE A 189 -0.24 38.31 -42.26
N VAL A 190 -0.43 38.56 -40.97
CA VAL A 190 0.59 39.16 -40.11
C VAL A 190 0.58 38.46 -38.76
N LEU A 191 1.60 38.77 -37.96
CA LEU A 191 1.69 38.25 -36.61
C LEU A 191 0.61 38.91 -35.75
N PRO A 192 0.21 38.27 -34.64
CA PRO A 192 -0.84 38.86 -33.80
C PRO A 192 -0.39 40.16 -33.15
N SER A 193 -0.96 41.28 -33.58
CA SER A 193 -0.54 42.59 -33.12
C SER A 193 -1.31 43.09 -31.90
N HIS A 194 -2.36 42.37 -31.47
CA HIS A 194 -3.14 42.78 -30.32
C HIS A 194 -3.53 41.56 -29.50
N THR A 195 -3.62 41.76 -28.19
CA THR A 195 -4.21 40.75 -27.33
C THR A 195 -5.71 40.70 -27.55
N VAL A 196 -6.32 39.57 -27.17
CA VAL A 196 -7.74 39.38 -27.41
C VAL A 196 -8.56 40.40 -26.62
N GLU A 197 -8.09 40.81 -25.44
CA GLU A 197 -8.85 41.74 -24.63
C GLU A 197 -9.00 43.09 -25.33
N GLU A 198 -7.94 43.57 -25.97
CA GLU A 198 -8.01 44.87 -26.65
C GLU A 198 -9.08 44.86 -27.73
N MET A 199 -9.15 43.78 -28.51
CA MET A 199 -10.11 43.71 -29.61
C MET A 199 -11.50 43.32 -29.15
N LEU A 200 -11.63 42.70 -27.97
CA LEU A 200 -12.96 42.47 -27.42
C LEU A 200 -13.54 43.77 -26.88
N THR A 201 -12.72 44.57 -26.20
CA THR A 201 -13.17 45.88 -25.76
C THR A 201 -13.53 46.76 -26.96
N ASN A 202 -12.63 46.87 -27.92
CA ASN A 202 -12.87 47.59 -29.17
C ASN A 202 -13.25 46.53 -30.21
N THR A 203 -14.55 46.24 -30.30
CA THR A 203 -15.01 45.16 -31.16
C THR A 203 -14.77 45.42 -32.63
N SER A 204 -14.46 46.66 -33.03
CA SER A 204 -14.18 46.94 -34.43
C SER A 204 -12.94 46.21 -34.92
N LEU A 205 -12.03 45.86 -34.01
CA LEU A 205 -10.82 45.14 -34.40
C LEU A 205 -11.11 43.73 -34.90
N LEU A 206 -12.24 43.14 -34.51
CA LEU A 206 -12.54 41.76 -34.90
C LEU A 206 -12.66 41.61 -36.41
N ASN A 207 -12.92 42.69 -37.14
CA ASN A 207 -12.97 42.61 -38.60
C ASN A 207 -11.64 42.16 -39.18
N SER A 208 -10.53 42.39 -38.47
CA SER A 208 -9.23 41.96 -38.96
C SER A 208 -9.05 40.46 -38.82
N ILE A 209 -9.71 39.84 -37.84
CA ILE A 209 -9.57 38.40 -37.65
C ILE A 209 -10.10 37.67 -38.88
N ASP A 210 -9.46 36.55 -39.21
CA ASP A 210 -9.87 35.74 -40.34
C ASP A 210 -9.57 34.28 -40.00
N ALA A 211 -10.26 33.38 -40.70
CA ALA A 211 -10.05 31.95 -40.53
C ALA A 211 -10.20 31.28 -41.89
N SER A 212 -9.63 30.08 -42.00
CA SER A 212 -9.69 29.29 -43.22
C SER A 212 -10.15 27.89 -42.87
N PHE A 213 -11.11 27.37 -43.64
CA PHE A 213 -11.74 26.09 -43.37
C PHE A 213 -11.38 25.10 -44.47
N GLY A 214 -11.23 23.83 -44.09
CA GLY A 214 -10.76 22.82 -45.02
C GLY A 214 -11.53 21.52 -44.85
N ILE A 215 -11.55 20.75 -45.93
CA ILE A 215 -12.27 19.47 -45.98
C ILE A 215 -11.33 18.34 -45.57
N GLU A 216 -11.92 17.18 -45.25
CA GLU A 216 -11.17 15.95 -44.96
C GLU A 216 -11.75 14.85 -45.84
N ALA A 217 -11.21 14.70 -47.05
CA ALA A 217 -11.66 13.63 -47.94
C ALA A 217 -11.15 12.30 -47.41
N ARG A 218 -12.06 11.35 -47.27
CA ARG A 218 -11.74 10.05 -46.68
C ARG A 218 -11.19 9.06 -47.69
N SER A 219 -11.08 9.44 -48.96
CA SER A 219 -10.57 8.52 -49.97
C SER A 219 -9.11 8.17 -49.69
N ASP A 220 -8.70 6.97 -50.11
CA ASP A 220 -7.32 6.53 -49.95
C ASP A 220 -6.43 7.26 -50.96
N GLN A 221 -6.28 8.56 -50.77
CA GLN A 221 -5.54 9.41 -51.69
C GLN A 221 -4.10 9.57 -51.21
N ARG A 222 -3.24 9.98 -52.14
CA ARG A 222 -1.92 10.47 -51.77
C ARG A 222 -2.09 11.79 -51.02
N MET A 223 -1.17 12.05 -50.10
CA MET A 223 -1.29 13.25 -49.26
C MET A 223 -1.33 14.50 -50.14
N THR A 224 -2.48 15.15 -50.16
CA THR A 224 -2.70 16.26 -51.07
C THR A 224 -1.84 17.46 -50.69
N ARG A 225 -1.40 18.20 -51.70
CA ARG A 225 -0.55 19.36 -51.53
C ARG A 225 -1.20 20.56 -52.22
N ASP A 226 -0.46 21.65 -52.37
CA ASP A 226 -1.01 22.88 -52.98
C ASP A 226 -1.62 22.58 -54.34
N ALA A 227 -2.51 23.46 -54.79
CA ALA A 227 -3.43 23.31 -55.92
C ALA A 227 -4.65 22.47 -55.54
N ALA A 228 -4.66 21.85 -54.36
CA ALA A 228 -5.87 21.28 -53.77
C ALA A 228 -6.56 22.24 -52.82
N GLU A 229 -6.05 23.48 -52.71
CA GLU A 229 -6.64 24.49 -51.83
C GLU A 229 -7.94 25.06 -52.37
N MET A 230 -8.33 24.72 -53.60
CA MET A 230 -9.63 25.14 -54.11
C MET A 230 -10.76 24.59 -53.26
N SER A 231 -10.55 23.43 -52.62
CA SER A 231 -11.56 22.84 -51.74
C SER A 231 -11.43 23.39 -50.33
N SER A 232 -11.56 24.71 -50.23
CA SER A 232 -11.40 25.41 -48.96
C SER A 232 -11.86 26.85 -49.14
N ARG A 233 -12.48 27.40 -48.10
CA ARG A 233 -13.02 28.75 -48.13
C ARG A 233 -12.66 29.46 -46.84
N SER A 234 -12.37 30.75 -46.95
CA SER A 234 -12.08 31.59 -45.80
C SER A 234 -13.36 32.15 -45.21
N LEU A 235 -13.31 32.46 -43.92
CA LEU A 235 -14.51 32.91 -43.21
C LEU A 235 -15.04 34.20 -43.80
N ASN A 236 -14.17 35.15 -44.10
CA ASN A 236 -14.59 36.44 -44.62
C ASN A 236 -14.96 36.39 -46.10
N GLU A 237 -14.63 35.30 -46.80
CA GLU A 237 -14.98 35.19 -48.21
C GLU A 237 -16.46 34.88 -48.42
N LEU A 238 -17.10 34.27 -47.43
CA LEU A 238 -18.50 33.88 -47.59
C LEU A 238 -19.38 35.11 -47.77
N GLU A 239 -20.37 34.99 -48.66
CA GLU A 239 -21.24 36.11 -48.96
C GLU A 239 -22.07 36.51 -47.73
N ASP A 240 -22.30 37.80 -47.60
CA ASP A 240 -22.99 38.33 -46.43
C ASP A 240 -24.46 37.90 -46.42
N HIS A 241 -24.97 37.63 -45.22
CA HIS A 241 -26.38 37.35 -45.03
C HIS A 241 -26.72 37.62 -43.57
N ASP A 242 -27.96 38.05 -43.32
CA ASP A 242 -28.34 38.51 -41.98
C ASP A 242 -28.24 37.37 -40.97
N GLN A 243 -28.79 36.20 -41.30
CA GLN A 243 -28.73 35.06 -40.40
C GLN A 243 -27.30 34.57 -40.21
N ARG A 244 -26.46 34.69 -41.24
CA ARG A 244 -25.10 34.15 -41.19
C ARG A 244 -24.29 34.91 -40.14
N GLY A 245 -23.99 34.25 -39.03
CA GLY A 245 -23.33 34.88 -37.90
C GLY A 245 -21.81 34.82 -37.93
N ARG A 246 -21.19 35.65 -38.77
CA ARG A 246 -19.73 35.72 -38.81
C ARG A 246 -19.18 36.34 -37.53
N MET A 247 -19.60 37.58 -37.24
CA MET A 247 -19.14 38.24 -36.02
C MET A 247 -19.47 37.43 -34.77
N PRO A 248 -20.62 36.79 -34.64
CA PRO A 248 -20.81 35.84 -33.53
C PRO A 248 -19.71 34.78 -33.45
N TRP A 249 -19.28 34.23 -34.58
CA TRP A 249 -18.24 33.21 -34.57
C TRP A 249 -16.91 33.78 -34.09
N LYS A 250 -16.54 34.94 -34.64
CA LYS A 250 -15.28 35.56 -34.24
C LYS A 250 -15.30 35.92 -32.75
N ILE A 251 -16.46 36.40 -32.27
CA ILE A 251 -16.58 36.72 -30.84
C ILE A 251 -16.43 35.46 -30.01
N MET A 252 -16.99 34.33 -30.47
CA MET A 252 -16.85 33.09 -29.73
C MET A 252 -15.38 32.67 -29.65
N LEU A 253 -14.66 32.79 -30.77
CA LEU A 253 -13.25 32.42 -30.78
C LEU A 253 -12.45 33.29 -29.81
N GLY A 254 -12.60 34.60 -29.92
CA GLY A 254 -11.89 35.50 -29.03
C GLY A 254 -12.26 35.27 -27.57
N MET A 255 -13.54 34.99 -27.31
CA MET A 255 -13.99 34.76 -25.95
C MET A 255 -13.36 33.50 -25.37
N MET A 256 -13.26 32.45 -26.19
CA MET A 256 -12.62 31.22 -25.74
C MET A 256 -11.15 31.47 -25.40
N ALA A 257 -10.46 32.22 -26.28
CA ALA A 257 -9.07 32.55 -26.01
C ALA A 257 -8.92 33.35 -24.72
N ALA A 258 -9.81 34.32 -24.51
CA ALA A 258 -9.76 35.12 -23.29
C ALA A 258 -10.00 34.25 -22.06
N GLN A 259 -10.90 33.28 -22.18
CA GLN A 259 -11.13 32.35 -21.07
C GLN A 259 -9.87 31.56 -20.76
N LEU A 260 -9.15 31.11 -21.80
CA LEU A 260 -7.89 30.41 -21.58
C LEU A 260 -6.88 31.30 -20.88
N LYS A 261 -6.77 32.55 -21.31
CA LYS A 261 -5.81 33.45 -20.68
C LYS A 261 -6.17 33.74 -19.24
N VAL A 262 -7.46 33.90 -18.94
CA VAL A 262 -7.90 34.12 -17.56
C VAL A 262 -7.55 32.91 -16.71
N GLU A 263 -7.77 31.71 -17.24
CA GLU A 263 -7.42 30.49 -16.50
C GLU A 263 -5.92 30.44 -16.23
N LEU A 264 -5.11 30.78 -17.24
CA LEU A 264 -3.67 30.77 -17.04
C LEU A 264 -3.25 31.79 -15.99
N ASP A 265 -3.86 32.98 -16.00
CA ASP A 265 -3.55 33.97 -14.97
C ASP A 265 -3.91 33.45 -13.59
N ALA A 266 -5.09 32.85 -13.45
CA ALA A 266 -5.50 32.31 -12.16
C ALA A 266 -4.63 31.13 -11.73
N LEU A 267 -3.96 30.47 -12.68
CA LEU A 267 -3.12 29.33 -12.34
C LEU A 267 -2.00 29.72 -11.37
N ALA A 268 -1.49 30.94 -11.48
CA ALA A 268 -0.40 31.37 -10.60
C ALA A 268 -0.80 31.31 -9.14
N ASP A 269 -2.07 31.58 -8.83
CA ASP A 269 -2.55 31.45 -7.46
C ASP A 269 -2.44 30.01 -6.97
N GLU A 270 -2.58 29.04 -7.88
CA GLU A 270 -2.55 27.64 -7.51
C GLU A 270 -1.13 27.11 -7.36
N ARG A 271 -0.33 27.76 -6.50
CA ARG A 271 1.04 27.29 -6.29
C ARG A 271 1.06 25.98 -5.52
N THR A 272 0.12 25.78 -4.59
CA THR A 272 0.11 24.56 -3.80
C THR A 272 -0.09 23.33 -4.67
N GLU A 273 -1.13 23.34 -5.50
CA GLU A 273 -1.38 22.20 -6.38
C GLU A 273 -0.30 22.08 -7.44
N SER A 274 0.21 23.20 -7.94
CA SER A 274 1.30 23.15 -8.90
C SER A 274 2.53 22.48 -8.32
N GLN A 275 2.80 22.70 -7.04
CA GLN A 275 3.92 22.02 -6.38
C GLN A 275 3.59 20.55 -6.11
N ALA A 276 2.37 20.26 -5.69
CA ALA A 276 1.99 18.88 -5.39
C ALA A 276 2.02 18.01 -6.64
N ASN A 277 1.91 18.59 -7.83
CA ASN A 277 1.97 17.84 -9.08
C ASN A 277 3.10 18.36 -9.95
N ALA A 278 4.27 18.57 -9.35
CA ALA A 278 5.43 19.03 -10.09
C ALA A 278 6.00 17.98 -11.03
N HIS A 279 5.58 16.72 -10.90
CA HIS A 279 6.11 15.63 -11.71
C HIS A 279 5.37 15.45 -13.03
N VAL A 280 4.37 16.26 -13.32
CA VAL A 280 3.58 16.10 -14.55
C VAL A 280 4.31 16.89 -15.62
N THR A 281 5.29 16.23 -16.23
CA THR A 281 6.11 16.88 -17.26
C THR A 281 5.36 17.06 -18.57
N SER A 282 4.28 16.31 -18.78
CA SER A 282 3.55 16.37 -20.05
C SER A 282 2.56 17.54 -20.10
N PHE A 283 2.40 18.28 -19.00
CA PHE A 283 1.47 19.41 -18.99
C PHE A 283 1.81 20.41 -20.09
N GLY A 284 3.07 20.83 -20.16
CA GLY A 284 3.46 21.81 -21.15
C GLY A 284 3.27 21.33 -22.57
N SER A 285 3.67 20.09 -22.85
CA SER A 285 3.53 19.55 -24.20
C SER A 285 2.07 19.45 -24.61
N ARG A 286 1.24 18.90 -23.73
CA ARG A 286 -0.18 18.73 -24.07
C ARG A 286 -0.86 20.08 -24.26
N LEU A 287 -0.60 21.04 -23.38
CA LEU A 287 -1.20 22.35 -23.52
C LEU A 287 -0.72 23.04 -24.79
N PHE A 288 0.57 22.89 -25.11
CA PHE A 288 1.11 23.47 -26.33
C PHE A 288 0.43 22.89 -27.56
N ASN A 289 0.19 21.59 -27.56
CA ASN A 289 -0.48 20.97 -28.71
C ASN A 289 -1.95 21.40 -28.79
N GLN A 290 -2.63 21.47 -27.65
CA GLN A 290 -4.07 21.71 -27.67
C GLN A 290 -4.42 23.18 -27.92
N MET A 291 -3.61 24.12 -27.45
CA MET A 291 -3.94 25.54 -27.63
C MET A 291 -3.60 26.05 -29.03
N SER A 292 -3.17 25.19 -29.95
CA SER A 292 -2.57 25.65 -31.20
C SER A 292 -3.53 26.49 -32.04
N ALA A 293 -4.84 26.41 -31.80
CA ALA A 293 -5.78 27.20 -32.59
C ALA A 293 -5.77 28.66 -32.19
N PHE A 294 -5.42 28.98 -30.94
CA PHE A 294 -5.52 30.34 -30.42
C PHE A 294 -4.23 31.13 -30.55
N VAL A 295 -3.08 30.48 -30.68
CA VAL A 295 -1.82 31.21 -30.67
C VAL A 295 -1.66 32.11 -31.88
N THR A 296 -2.48 31.93 -32.92
CA THR A 296 -2.32 32.71 -34.14
C THR A 296 -2.99 34.07 -34.09
N ILE A 297 -3.62 34.44 -32.97
CA ILE A 297 -4.38 35.67 -32.87
C ILE A 297 -4.05 36.48 -31.63
N ASP A 298 -3.16 36.00 -30.76
CA ASP A 298 -2.85 36.67 -29.50
C ASP A 298 -1.34 36.82 -29.34
N HIS A 299 -0.91 37.97 -28.84
CA HIS A 299 0.51 38.20 -28.56
C HIS A 299 1.01 37.25 -27.48
N GLU A 300 0.33 37.21 -26.34
CA GLU A 300 0.88 36.56 -25.16
C GLU A 300 0.84 35.06 -25.29
N LEU A 301 -0.21 34.50 -25.91
CA LEU A 301 -0.23 33.07 -26.16
C LEU A 301 0.87 32.68 -27.15
N MET A 302 1.12 33.53 -28.16
CA MET A 302 2.22 33.26 -29.08
C MET A 302 3.56 33.24 -28.34
N GLU A 303 3.77 34.21 -27.46
CA GLU A 303 5.02 34.24 -26.70
C GLU A 303 5.15 33.02 -25.81
N LEU A 304 4.04 32.61 -25.18
CA LEU A 304 4.08 31.42 -24.33
C LEU A 304 4.42 30.18 -25.15
N ALA A 305 3.84 30.05 -26.34
CA ALA A 305 4.16 28.91 -27.20
C ALA A 305 5.62 28.93 -27.61
N LEU A 306 6.14 30.11 -27.97
CA LEU A 306 7.54 30.22 -28.36
C LEU A 306 8.46 29.81 -27.23
N LEU A 307 8.18 30.29 -26.01
CA LEU A 307 9.01 29.92 -24.87
C LEU A 307 8.87 28.44 -24.54
N ILE A 308 7.69 27.86 -24.76
CA ILE A 308 7.52 26.43 -24.53
C ILE A 308 8.40 25.65 -25.49
N LYS A 309 8.38 26.03 -26.77
CA LYS A 309 9.19 25.31 -27.76
C LYS A 309 10.68 25.48 -27.47
N GLU A 310 11.09 26.68 -27.06
CA GLU A 310 12.50 26.89 -26.72
C GLU A 310 12.91 26.06 -25.52
N GLN A 311 12.05 25.98 -24.50
CA GLN A 311 12.40 25.25 -23.29
C GLN A 311 12.56 23.76 -23.57
N GLY A 312 11.64 23.18 -24.34
CA GLY A 312 11.76 21.79 -24.77
C GLY A 312 10.63 20.88 -24.32
N PHE A 313 9.43 21.44 -24.12
CA PHE A 313 8.23 20.65 -23.84
C PHE A 313 8.39 19.82 -22.56
N ALA A 314 8.83 20.47 -21.49
CA ALA A 314 9.12 19.77 -20.24
C ALA A 314 8.67 20.55 -19.01
N MET A 315 7.56 21.29 -19.12
CA MET A 315 7.12 22.19 -18.06
C MET A 315 5.99 21.56 -17.26
N ASN A 316 6.18 21.50 -15.94
CA ASN A 316 5.14 21.12 -15.00
C ASN A 316 4.26 22.35 -14.78
N PRO A 317 3.16 22.26 -14.01
CA PRO A 317 2.30 23.45 -13.85
C PRO A 317 3.01 24.66 -13.27
N GLY A 318 3.95 24.47 -12.35
CA GLY A 318 4.60 25.61 -11.73
C GLY A 318 5.40 26.44 -12.71
N GLN A 319 6.19 25.76 -13.56
CA GLN A 319 7.04 26.48 -14.51
C GLN A 319 6.19 27.27 -15.49
N ILE A 320 5.16 26.64 -16.05
CA ILE A 320 4.31 27.33 -17.02
C ILE A 320 3.58 28.50 -16.36
N ALA A 321 3.11 28.30 -15.13
CA ALA A 321 2.42 29.39 -14.43
C ALA A 321 3.34 30.58 -14.20
N SER A 322 4.55 30.31 -13.71
CA SER A 322 5.48 31.40 -13.44
C SER A 322 5.88 32.11 -14.74
N LYS A 323 6.12 31.35 -15.80
CA LYS A 323 6.47 31.97 -17.07
C LYS A 323 5.33 32.81 -17.62
N TRP A 324 4.09 32.34 -17.45
CA TRP A 324 2.94 33.13 -17.89
C TRP A 324 2.85 34.42 -17.11
N SER A 325 3.06 34.36 -15.79
CA SER A 325 3.02 35.58 -14.98
C SER A 325 4.10 36.56 -15.42
N LEU A 326 5.30 36.04 -15.71
CA LEU A 326 6.38 36.91 -16.18
C LEU A 326 6.03 37.54 -17.52
N ILE A 327 5.43 36.76 -18.43
CA ILE A 327 5.03 37.31 -19.73
C ILE A 327 3.99 38.39 -19.55
N ARG A 328 3.01 38.17 -18.67
CA ARG A 328 1.97 39.16 -18.45
C ARG A 328 2.56 40.45 -17.90
N ARG A 329 3.43 40.34 -16.89
CA ARG A 329 3.99 41.54 -16.28
C ARG A 329 4.90 42.28 -17.24
N SER A 330 5.85 41.59 -17.86
CA SER A 330 6.80 42.25 -18.75
C SER A 330 6.13 42.69 -20.04
N GLY A 331 5.40 41.79 -20.68
CA GLY A 331 4.78 42.07 -21.97
C GLY A 331 5.69 41.66 -23.12
N PRO A 332 6.35 42.60 -23.78
CA PRO A 332 7.24 42.21 -24.88
C PRO A 332 8.52 41.58 -24.37
N THR A 333 8.99 40.56 -25.09
CA THR A 333 10.14 39.77 -24.67
C THR A 333 11.29 39.82 -25.66
N ARG A 334 11.03 39.54 -26.94
CA ARG A 334 12.05 39.27 -27.94
C ARG A 334 11.71 40.05 -29.20
N PRO A 335 12.72 40.30 -30.07
CA PRO A 335 12.45 41.04 -31.30
C PRO A 335 11.92 40.25 -32.49
N LEU A 336 10.60 40.02 -32.49
CA LEU A 336 9.97 39.24 -33.54
C LEU A 336 10.06 39.92 -34.91
N SER A 337 10.37 41.22 -34.96
CA SER A 337 10.64 41.87 -36.23
C SER A 337 11.83 41.21 -36.94
N GLY A 338 12.79 40.71 -36.17
CA GLY A 338 13.87 39.93 -36.76
C GLY A 338 13.37 38.68 -37.46
N ALA A 339 12.37 38.02 -36.87
CA ALA A 339 11.75 36.87 -37.51
C ALA A 339 10.77 37.33 -38.58
N ARG A 340 10.27 36.36 -39.34
CA ARG A 340 9.32 36.63 -40.42
C ARG A 340 8.24 35.55 -40.40
N LEU A 341 7.09 35.89 -40.99
CA LEU A 341 5.93 35.01 -41.04
C LEU A 341 5.81 34.42 -42.43
N GLU A 342 5.63 33.11 -42.50
CA GLU A 342 5.49 32.39 -43.76
C GLU A 342 4.39 31.35 -43.64
N ILE A 343 3.77 31.03 -44.77
CA ILE A 343 2.77 29.97 -44.88
C ILE A 343 3.29 28.95 -45.87
N ARG A 344 3.36 27.69 -45.43
CA ARG A 344 3.89 26.62 -46.27
C ARG A 344 3.24 25.29 -45.87
N ASN A 345 2.86 24.51 -46.87
CA ASN A 345 2.23 23.21 -46.66
C ASN A 345 0.98 23.34 -45.80
N GLY A 346 0.24 24.42 -46.00
CA GLY A 346 -0.94 24.67 -45.21
C GLY A 346 -0.68 24.83 -43.74
N ASN A 347 0.50 25.28 -43.34
CA ASN A 347 0.86 25.49 -41.95
C ASN A 347 1.27 26.94 -41.73
N TRP A 348 1.05 27.41 -40.51
CA TRP A 348 1.31 28.79 -40.12
C TRP A 348 2.68 28.83 -39.45
N MET A 349 3.66 29.39 -40.15
CA MET A 349 5.07 29.31 -39.79
C MET A 349 5.63 30.70 -39.49
N ILE A 350 6.33 30.82 -38.36
CA ILE A 350 7.13 32.00 -38.04
C ILE A 350 8.58 31.54 -37.95
N ARG A 351 9.46 32.21 -38.69
CA ARG A 351 10.84 31.78 -38.84
C ARG A 351 11.79 32.96 -38.69
N GLU A 352 12.99 32.66 -38.20
CA GLU A 352 14.10 33.61 -38.16
C GLU A 352 15.30 32.94 -38.79
N GLY A 353 15.84 33.55 -39.83
CA GLY A 353 16.88 32.89 -40.60
C GLY A 353 16.30 31.65 -41.26
N ASP A 354 16.88 30.49 -40.95
CA ASP A 354 16.39 29.21 -41.45
C ASP A 354 15.65 28.40 -40.40
N GLN A 355 15.83 28.71 -39.11
CA GLN A 355 15.18 27.94 -38.07
C GLN A 355 13.69 28.24 -38.02
N THR A 356 12.90 27.21 -37.70
CA THR A 356 11.45 27.33 -37.51
C THR A 356 11.20 27.55 -36.02
N LEU A 357 10.92 28.81 -35.66
CA LEU A 357 10.76 29.14 -34.25
C LEU A 357 9.51 28.51 -33.65
N LEU A 358 8.43 28.43 -34.42
CA LEU A 358 7.20 27.82 -33.94
C LEU A 358 6.35 27.42 -35.12
N SER A 359 5.80 26.20 -35.06
CA SER A 359 4.98 25.64 -36.13
C SER A 359 3.58 25.40 -35.61
N VAL A 360 2.59 25.85 -36.36
CA VAL A 360 1.18 25.70 -36.03
C VAL A 360 0.48 24.98 -37.17
N SER A 361 -0.22 23.89 -36.86
CA SER A 361 -1.02 23.16 -37.82
C SER A 361 -2.51 23.43 -37.56
N PRO A 362 -3.35 23.49 -38.59
CA PRO A 362 -4.77 23.77 -38.36
C PRO A 362 -5.44 22.72 -37.48
N ALA A 363 -6.41 23.17 -36.70
CA ALA A 363 -7.02 22.35 -35.66
C ALA A 363 -8.04 21.38 -36.23
N ARG A 364 -8.58 20.55 -35.35
CA ARG A 364 -9.54 19.50 -35.70
C ARG A 364 -10.92 19.98 -35.23
N MET A 365 -11.73 20.49 -36.16
CA MET A 365 -13.06 20.98 -35.80
C MET A 365 -13.92 19.84 -35.27
N ALA A 366 -13.93 18.71 -35.97
CA ALA A 366 -14.71 17.54 -35.56
C ALA A 366 -16.18 17.89 -35.36
N THR B 3 -11.03 38.40 -53.51
CA THR B 3 -11.79 38.17 -52.24
C THR B 3 -11.52 39.29 -51.24
N VAL B 4 -12.41 39.44 -50.26
CA VAL B 4 -12.21 40.43 -49.22
C VAL B 4 -10.97 40.10 -48.39
N ARG B 5 -10.68 38.80 -48.23
CA ARG B 5 -9.52 38.35 -47.48
C ARG B 5 -8.87 37.18 -48.19
N VAL B 6 -7.60 36.97 -47.91
CA VAL B 6 -6.83 35.90 -48.55
C VAL B 6 -7.25 34.56 -47.97
N GLY B 7 -7.24 33.52 -48.81
CA GLY B 7 -7.79 32.23 -48.44
C GLY B 7 -6.82 31.07 -48.43
N VAL B 8 -5.60 31.27 -47.93
CA VAL B 8 -4.72 30.14 -47.68
C VAL B 8 -5.33 29.27 -46.59
N SER B 9 -5.35 27.96 -46.82
CA SER B 9 -6.24 27.07 -46.07
C SER B 9 -5.63 25.68 -46.02
N ARG B 10 -6.41 24.72 -45.52
CA ARG B 10 -5.97 23.38 -45.20
C ARG B 10 -6.69 22.34 -46.05
N ASN B 11 -5.95 21.31 -46.48
CA ASN B 11 -6.53 20.11 -47.06
C ASN B 11 -5.65 18.94 -46.66
N THR B 12 -6.28 17.78 -46.42
CA THR B 12 -5.57 16.56 -46.05
C THR B 12 -5.78 15.43 -47.04
N SER B 13 -7.04 15.11 -47.36
CA SER B 13 -7.35 13.87 -48.06
C SER B 13 -6.82 12.68 -47.26
N GLY B 14 -6.94 12.77 -45.93
CA GLY B 14 -6.39 11.77 -45.04
C GLY B 14 -6.94 10.38 -45.27
N ALA B 15 -6.08 9.49 -45.76
CA ALA B 15 -6.47 8.11 -46.00
C ALA B 15 -6.66 7.37 -44.68
N ALA B 16 -7.46 6.31 -44.73
CA ALA B 16 -7.70 5.47 -43.56
C ALA B 16 -8.03 4.06 -44.03
N GLY B 17 -7.26 3.08 -43.57
CA GLY B 17 -7.47 1.71 -43.96
C GLY B 17 -6.74 1.34 -45.23
N GLN B 18 -6.09 0.19 -45.25
CA GLN B 18 -5.37 -0.27 -46.43
C GLN B 18 -5.01 -1.74 -46.24
N THR B 19 -5.12 -2.52 -47.31
CA THR B 19 -4.77 -3.93 -47.29
C THR B 19 -4.35 -4.34 -48.69
N LEU B 20 -3.36 -5.23 -48.77
CA LEU B 20 -2.82 -5.68 -50.04
C LEU B 20 -2.61 -7.19 -49.97
N PHE B 21 -1.99 -7.74 -51.01
CA PHE B 21 -1.87 -9.18 -51.19
C PHE B 21 -3.24 -9.85 -51.11
N ARG B 22 -4.22 -9.23 -51.78
CA ARG B 22 -5.57 -9.76 -51.80
C ARG B 22 -5.61 -11.05 -52.59
N ASN B 23 -6.66 -11.84 -52.33
CA ASN B 23 -6.88 -13.20 -52.83
C ASN B 23 -6.05 -14.22 -52.07
N PHE B 24 -5.20 -13.81 -51.14
CA PHE B 24 -4.48 -14.73 -50.27
C PHE B 24 -5.23 -14.90 -48.96
N TYR B 25 -4.78 -15.86 -48.15
CA TYR B 25 -5.40 -16.14 -46.86
C TYR B 25 -4.49 -15.75 -45.70
N LEU B 26 -3.28 -16.30 -45.63
CA LEU B 26 -2.35 -16.02 -44.55
C LEU B 26 -1.49 -14.79 -44.83
N LEU B 27 -1.06 -14.62 -46.07
CA LEU B 27 -0.17 -13.52 -46.43
C LEU B 27 -0.88 -12.18 -46.55
N ARG B 28 -2.20 -12.14 -46.32
CA ARG B 28 -2.90 -10.87 -46.30
C ARG B 28 -2.33 -9.97 -45.20
N CYS B 29 -2.11 -8.70 -45.55
CA CYS B 29 -1.51 -7.74 -44.63
C CYS B 29 -2.24 -6.42 -44.74
N ASN B 30 -2.66 -5.89 -43.60
CA ASN B 30 -3.35 -4.59 -43.55
C ASN B 30 -2.33 -3.50 -43.20
N ILE B 31 -1.42 -3.26 -44.15
CA ILE B 31 -0.37 -2.29 -43.94
C ILE B 31 -0.99 -0.90 -43.77
N LEU B 32 -0.33 -0.08 -42.94
CA LEU B 32 -0.81 1.27 -42.66
C LEU B 32 0.39 2.16 -42.34
N ALA B 33 0.16 3.46 -42.41
CA ALA B 33 1.20 4.41 -42.05
C ALA B 33 1.45 4.37 -40.54
N ASP B 34 2.66 4.77 -40.15
CA ASP B 34 3.01 4.79 -38.74
C ASP B 34 2.11 5.78 -37.99
N GLY B 35 1.60 5.35 -36.84
CA GLY B 35 0.60 6.11 -36.12
C GLY B 35 1.12 7.35 -35.42
N ARG B 36 1.97 7.15 -34.40
CA ARG B 36 2.41 8.26 -33.56
C ARG B 36 3.59 9.02 -34.16
N ASN B 37 4.52 8.31 -34.81
CA ASN B 37 5.67 8.98 -35.39
C ASN B 37 5.24 9.87 -36.56
N ALA B 38 5.85 11.06 -36.63
CA ALA B 38 5.54 11.97 -37.72
C ALA B 38 5.93 11.38 -39.06
N THR B 39 7.05 10.66 -39.11
CA THR B 39 7.46 9.99 -40.34
C THR B 39 6.40 8.98 -40.75
N LYS B 40 6.08 8.98 -42.05
CA LYS B 40 5.06 8.10 -42.59
C LYS B 40 5.63 6.74 -43.00
N ALA B 41 6.33 6.10 -42.06
CA ALA B 41 6.82 4.75 -42.30
C ALA B 41 5.65 3.77 -42.34
N VAL B 42 5.89 2.64 -43.01
CA VAL B 42 4.85 1.64 -43.24
C VAL B 42 4.96 0.58 -42.15
N GLN B 43 3.88 0.40 -41.39
CA GLN B 43 3.76 -0.67 -40.42
C GLN B 43 2.84 -1.75 -40.99
N SER B 44 2.98 -2.96 -40.44
CA SER B 44 2.35 -4.14 -41.01
C SER B 44 1.73 -4.99 -39.92
N HIS B 45 0.80 -5.85 -40.32
CA HIS B 45 0.19 -6.84 -39.44
C HIS B 45 -0.59 -7.82 -40.31
N PHE B 46 -0.49 -9.10 -39.96
CA PHE B 46 -1.21 -10.15 -40.67
C PHE B 46 -2.37 -10.62 -39.80
N PRO B 47 -3.63 -10.22 -40.11
CA PRO B 47 -4.74 -10.61 -39.24
C PRO B 47 -5.01 -12.10 -39.26
N PHE B 48 -5.07 -12.68 -40.47
CA PHE B 48 -5.40 -14.09 -40.60
C PHE B 48 -4.33 -14.97 -39.99
N LEU B 49 -3.05 -14.61 -40.16
CA LEU B 49 -1.99 -15.39 -39.54
C LEU B 49 -2.08 -15.35 -38.03
N SER B 50 -2.38 -14.18 -37.46
CA SER B 50 -2.56 -14.08 -36.02
C SER B 50 -3.74 -14.93 -35.56
N ARG B 51 -4.84 -14.93 -36.33
CA ARG B 51 -5.99 -15.75 -35.99
C ARG B 51 -5.61 -17.23 -36.01
N ALA B 52 -4.85 -17.65 -37.02
CA ALA B 52 -4.43 -19.05 -37.11
C ALA B 52 -3.54 -19.42 -35.92
N VAL B 53 -2.63 -18.52 -35.54
CA VAL B 53 -1.77 -18.79 -34.39
C VAL B 53 -2.60 -18.88 -33.11
N ARG B 54 -3.62 -18.04 -32.98
CA ARG B 54 -4.46 -18.07 -31.79
C ARG B 54 -5.37 -19.30 -31.77
N CYS B 55 -5.65 -19.87 -32.95
CA CYS B 55 -6.57 -21.00 -33.03
C CYS B 55 -6.03 -22.26 -32.38
N LEU B 56 -4.75 -22.30 -32.01
CA LEU B 56 -4.18 -23.51 -31.43
C LEU B 56 -4.83 -23.90 -30.10
N SER B 57 -5.55 -22.98 -29.46
CA SER B 57 -6.44 -23.31 -28.35
C SER B 57 -7.87 -23.17 -28.85
N PRO B 58 -8.41 -24.19 -29.53
CA PRO B 58 -9.63 -23.96 -30.33
C PRO B 58 -10.82 -23.44 -29.56
N LEU B 59 -11.05 -23.93 -28.34
CA LEU B 59 -12.24 -23.52 -27.60
C LEU B 59 -12.17 -22.05 -27.22
N ALA B 60 -11.05 -21.63 -26.63
CA ALA B 60 -10.89 -20.22 -26.27
C ALA B 60 -10.88 -19.33 -27.50
N ALA B 61 -10.48 -19.86 -28.66
CA ALA B 61 -10.47 -19.07 -29.88
C ALA B 61 -11.88 -18.91 -30.45
N HIS B 62 -12.72 -19.94 -30.32
CA HIS B 62 -14.04 -19.95 -30.93
C HIS B 62 -15.16 -19.91 -29.89
N CYS B 63 -14.87 -19.54 -28.65
CA CYS B 63 -15.91 -19.50 -27.62
C CYS B 63 -16.98 -18.47 -27.94
N ALA B 64 -16.58 -17.33 -28.54
CA ALA B 64 -17.54 -16.27 -28.80
C ALA B 64 -18.61 -16.69 -29.79
N ASP B 65 -18.21 -17.35 -30.88
CA ASP B 65 -19.14 -17.64 -31.97
C ASP B 65 -20.17 -18.69 -31.59
N ARG B 66 -20.00 -19.39 -30.47
CA ARG B 66 -20.96 -20.41 -30.08
C ARG B 66 -22.32 -19.80 -29.79
N THR B 67 -22.34 -18.58 -29.28
CA THR B 67 -23.58 -17.87 -28.96
C THR B 67 -23.66 -16.47 -29.55
N LEU B 68 -22.54 -15.76 -29.63
CA LEU B 68 -22.60 -14.31 -29.85
C LEU B 68 -22.83 -13.94 -31.31
N ARG B 69 -21.88 -14.26 -32.19
CA ARG B 69 -21.88 -13.66 -33.52
C ARG B 69 -23.09 -14.07 -34.34
N ARG B 70 -23.16 -15.35 -34.71
CA ARG B 70 -24.27 -15.91 -35.48
C ARG B 70 -24.59 -15.04 -36.69
N ASP B 71 -23.55 -14.69 -37.43
CA ASP B 71 -23.70 -13.77 -38.56
C ASP B 71 -24.39 -14.48 -39.74
N ASN B 72 -24.91 -13.68 -40.66
CA ASN B 72 -25.56 -14.19 -41.87
C ASN B 72 -24.46 -14.64 -42.84
N VAL B 73 -23.97 -15.85 -42.60
CA VAL B 73 -22.89 -16.39 -43.42
C VAL B 73 -23.42 -16.88 -44.77
N LYS B 74 -24.72 -17.14 -44.87
CA LYS B 74 -25.28 -17.75 -46.07
C LYS B 74 -25.04 -16.87 -47.31
N GLN B 75 -25.36 -15.58 -47.21
CA GLN B 75 -25.21 -14.70 -48.36
C GLN B 75 -23.76 -14.50 -48.75
N ILE B 76 -22.82 -14.67 -47.81
CA ILE B 76 -21.42 -14.39 -48.11
C ILE B 76 -20.87 -15.44 -49.07
N LEU B 77 -21.07 -16.72 -48.76
CA LEU B 77 -20.47 -17.80 -49.55
C LEU B 77 -21.30 -18.16 -50.78
N THR B 78 -22.53 -17.66 -50.90
CA THR B 78 -23.38 -17.96 -52.04
C THR B 78 -23.17 -16.99 -53.20
N ARG B 79 -22.24 -16.04 -53.08
CA ARG B 79 -21.96 -15.13 -54.18
C ARG B 79 -21.48 -15.90 -55.40
N GLU B 80 -21.43 -15.19 -56.53
CA GLU B 80 -20.93 -15.81 -57.76
C GLU B 80 -19.44 -16.09 -57.67
N LEU B 81 -18.67 -15.14 -57.17
CA LEU B 81 -17.21 -15.26 -57.03
C LEU B 81 -16.80 -14.79 -55.63
N PRO B 82 -17.17 -15.53 -54.59
CA PRO B 82 -16.77 -15.13 -53.24
C PRO B 82 -15.27 -15.22 -53.04
N PHE B 83 -14.76 -14.37 -52.16
CA PHE B 83 -13.33 -14.35 -51.88
C PHE B 83 -12.91 -15.65 -51.22
N SER B 84 -11.77 -16.19 -51.65
CA SER B 84 -11.31 -17.48 -51.14
C SER B 84 -11.02 -17.44 -49.65
N SER B 85 -10.54 -16.29 -49.15
CA SER B 85 -10.18 -16.20 -47.73
C SER B 85 -11.37 -16.49 -46.83
N ASP B 86 -12.55 -15.96 -47.18
CA ASP B 86 -13.74 -16.25 -46.40
C ASP B 86 -14.08 -17.72 -46.42
N LEU B 87 -13.96 -18.36 -47.59
CA LEU B 87 -14.25 -19.79 -47.69
C LEU B 87 -13.31 -20.61 -46.82
N ILE B 88 -12.01 -20.29 -46.86
CA ILE B 88 -11.06 -21.03 -46.04
C ILE B 88 -11.30 -20.76 -44.56
N ASN B 89 -11.72 -19.54 -44.21
CA ASN B 89 -12.03 -19.25 -42.81
C ASN B 89 -13.17 -20.11 -42.31
N TYR B 90 -14.09 -20.51 -43.19
CA TYR B 90 -15.17 -21.43 -42.86
C TYR B 90 -14.91 -22.84 -43.36
N ALA B 91 -13.67 -23.14 -43.77
CA ALA B 91 -13.27 -24.50 -44.16
C ALA B 91 -14.10 -25.01 -45.33
N HIS B 92 -13.96 -24.35 -46.47
CA HIS B 92 -14.55 -24.79 -47.73
C HIS B 92 -13.42 -24.99 -48.74
N HIS B 93 -13.40 -26.16 -49.36
CA HIS B 93 -12.33 -26.47 -50.32
C HIS B 93 -12.41 -25.52 -51.51
N VAL B 94 -11.25 -25.05 -51.95
CA VAL B 94 -11.12 -24.17 -53.10
C VAL B 94 -10.18 -24.82 -54.10
N ASN B 95 -10.53 -24.72 -55.38
CA ASN B 95 -9.80 -25.38 -56.46
C ASN B 95 -8.66 -24.53 -57.01
N SER B 96 -8.40 -23.37 -56.43
CA SER B 96 -7.32 -22.52 -56.92
C SER B 96 -5.98 -23.23 -56.81
N SER B 97 -5.21 -23.21 -57.90
CA SER B 97 -3.91 -23.86 -57.90
C SER B 97 -2.94 -23.20 -56.94
N SER B 98 -3.10 -21.91 -56.67
CA SER B 98 -2.21 -21.18 -55.78
C SER B 98 -2.53 -21.40 -54.31
N LEU B 99 -3.50 -22.27 -53.99
CA LEU B 99 -3.84 -22.55 -52.59
C LEU B 99 -4.05 -24.05 -52.35
N THR B 100 -3.48 -24.91 -53.18
CA THR B 100 -3.64 -26.35 -53.04
C THR B 100 -2.31 -27.03 -53.34
N THR B 101 -2.18 -28.26 -52.85
CA THR B 101 -0.98 -29.05 -53.05
C THR B 101 -1.34 -30.52 -52.95
N SER B 102 -0.70 -31.35 -53.79
CA SER B 102 -0.91 -32.78 -53.73
C SER B 102 -0.18 -33.40 -52.54
N GLN B 103 0.94 -32.82 -52.14
CA GLN B 103 1.72 -33.36 -51.03
C GLN B 103 0.93 -33.27 -49.73
N GLY B 104 1.08 -34.29 -48.89
CA GLY B 104 0.38 -34.34 -47.62
C GLY B 104 -1.07 -34.77 -47.69
N VAL B 105 -1.51 -35.31 -48.82
CA VAL B 105 -2.90 -35.74 -48.96
C VAL B 105 -3.23 -36.88 -48.01
N GLU B 106 -2.22 -37.64 -47.57
CA GLU B 106 -2.48 -38.76 -46.67
C GLU B 106 -3.07 -38.28 -45.35
N ALA B 107 -2.55 -37.17 -44.81
CA ALA B 107 -3.12 -36.61 -43.59
C ALA B 107 -4.56 -36.17 -43.82
N ALA B 108 -4.86 -35.60 -44.98
CA ALA B 108 -6.22 -35.21 -45.30
C ALA B 108 -7.15 -36.42 -45.32
N ARG B 109 -6.69 -37.52 -45.93
CA ARG B 109 -7.49 -38.74 -45.94
C ARG B 109 -7.70 -39.26 -44.53
N LEU B 110 -6.66 -39.22 -43.70
CA LEU B 110 -6.77 -39.67 -42.32
C LEU B 110 -7.80 -38.85 -41.55
N VAL B 111 -7.76 -37.53 -41.72
CA VAL B 111 -8.72 -36.66 -41.04
C VAL B 111 -10.13 -36.94 -41.56
N ALA B 112 -10.28 -37.13 -42.87
CA ALA B 112 -11.60 -37.41 -43.43
C ALA B 112 -12.18 -38.70 -42.87
N GLN B 113 -11.36 -39.75 -42.75
CA GLN B 113 -11.87 -41.02 -42.24
C GLN B 113 -12.03 -41.02 -40.73
N VAL B 114 -11.33 -40.14 -40.00
CA VAL B 114 -11.47 -40.11 -38.54
C VAL B 114 -12.59 -39.17 -38.08
N TYR B 115 -12.99 -38.20 -38.91
CA TYR B 115 -14.09 -37.31 -38.59
C TYR B 115 -15.27 -37.40 -39.56
N GLY B 116 -15.10 -38.00 -40.73
CA GLY B 116 -16.20 -38.10 -41.68
C GLY B 116 -17.32 -39.00 -41.21
N GLU B 117 -17.06 -39.89 -40.25
CA GLU B 117 -18.06 -40.83 -39.79
C GLU B 117 -19.12 -40.20 -38.88
N GLN B 118 -18.93 -38.95 -38.47
CA GLN B 118 -19.91 -38.26 -37.63
C GLN B 118 -20.15 -36.82 -38.06
N VAL B 119 -19.61 -36.40 -39.21
CA VAL B 119 -19.72 -35.01 -39.65
C VAL B 119 -19.69 -35.01 -41.19
N PRO B 120 -20.50 -34.20 -41.87
CA PRO B 120 -20.32 -34.06 -43.32
C PRO B 120 -18.97 -33.43 -43.62
N PHE B 121 -18.26 -34.02 -44.60
CA PHE B 121 -16.87 -33.66 -44.86
C PHE B 121 -16.53 -33.50 -46.33
N ASP B 122 -17.45 -33.79 -47.26
CA ASP B 122 -17.09 -33.73 -48.67
C ASP B 122 -16.72 -32.31 -49.09
N HIS B 123 -17.48 -31.31 -48.64
CA HIS B 123 -17.16 -29.93 -49.00
C HIS B 123 -15.82 -29.49 -48.41
N ILE B 124 -15.48 -29.98 -47.22
CA ILE B 124 -14.19 -29.62 -46.62
C ILE B 124 -13.06 -30.20 -47.46
N TYR B 125 -13.17 -31.47 -47.84
CA TYR B 125 -12.21 -32.13 -48.71
C TYR B 125 -12.95 -33.15 -49.58
N PRO B 126 -13.04 -32.96 -50.90
CA PRO B 126 -13.70 -33.98 -51.72
C PRO B 126 -13.00 -35.32 -51.60
N THR B 127 -13.81 -36.38 -51.57
CA THR B 127 -13.27 -37.72 -51.34
C THR B 127 -12.43 -38.17 -52.54
N GLY B 128 -11.22 -38.64 -52.24
CA GLY B 128 -10.35 -39.17 -53.27
C GLY B 128 -9.70 -38.14 -54.17
N SER B 129 -9.85 -36.85 -53.86
CA SER B 129 -9.23 -35.82 -54.69
C SER B 129 -7.73 -35.79 -54.47
N ALA B 130 -6.97 -35.69 -55.56
CA ALA B 130 -5.52 -35.63 -55.46
C ALA B 130 -5.03 -34.35 -54.81
N THR B 131 -5.81 -33.27 -54.89
CA THR B 131 -5.44 -31.98 -54.33
C THR B 131 -6.35 -31.63 -53.15
N TYR B 132 -5.87 -30.69 -52.33
CA TYR B 132 -6.63 -30.24 -51.18
C TYR B 132 -6.08 -28.89 -50.73
N CYS B 133 -6.89 -28.17 -49.95
CA CYS B 133 -6.47 -26.91 -49.37
C CYS B 133 -6.12 -27.14 -47.90
N PRO B 134 -4.84 -27.08 -47.51
CA PRO B 134 -4.51 -27.37 -46.10
C PRO B 134 -5.20 -26.45 -45.10
N GLY B 135 -5.32 -25.16 -45.41
CA GLY B 135 -5.92 -24.24 -44.46
C GLY B 135 -7.36 -24.59 -44.14
N ALA B 136 -8.11 -25.05 -45.15
CA ALA B 136 -9.49 -25.45 -44.93
C ALA B 136 -9.57 -26.61 -43.94
N ILE B 137 -8.70 -27.60 -44.10
CA ILE B 137 -8.72 -28.75 -43.19
C ILE B 137 -8.30 -28.32 -41.78
N ALA B 138 -7.32 -27.43 -41.69
CA ALA B 138 -6.90 -26.94 -40.37
C ALA B 138 -8.06 -26.23 -39.67
N ASN B 139 -8.75 -25.34 -40.37
CA ASN B 139 -9.88 -24.65 -39.78
C ASN B 139 -10.99 -25.63 -39.41
N ALA B 140 -11.25 -26.61 -40.26
CA ALA B 140 -12.28 -27.60 -39.98
C ALA B 140 -11.96 -28.38 -38.71
N ILE B 141 -10.71 -28.81 -38.57
CA ILE B 141 -10.35 -29.61 -37.38
C ILE B 141 -10.40 -28.73 -36.14
N SER B 142 -9.99 -27.46 -36.26
CA SER B 142 -10.07 -26.56 -35.12
C SER B 142 -11.51 -26.39 -34.66
N ARG B 143 -12.41 -26.06 -35.59
CA ARG B 143 -13.80 -25.83 -35.22
C ARG B 143 -14.47 -27.09 -34.72
N ILE B 144 -14.15 -28.25 -35.31
CA ILE B 144 -14.74 -29.51 -34.85
C ILE B 144 -14.26 -29.82 -33.43
N MET B 145 -13.00 -29.50 -33.13
CA MET B 145 -12.54 -29.60 -31.75
C MET B 145 -13.26 -28.62 -30.84
N ALA B 146 -13.66 -27.47 -31.39
CA ALA B 146 -14.35 -26.45 -30.61
C ALA B 146 -15.83 -26.76 -30.38
N GLY B 147 -16.31 -27.93 -30.80
CA GLY B 147 -17.69 -28.32 -30.61
C GLY B 147 -18.62 -27.98 -31.75
N PHE B 148 -18.16 -27.24 -32.75
CA PHE B 148 -19.00 -26.87 -33.87
C PHE B 148 -19.22 -28.08 -34.79
N VAL B 149 -20.18 -27.92 -35.71
CA VAL B 149 -20.47 -28.94 -36.71
C VAL B 149 -20.53 -28.24 -38.06
N PRO B 150 -19.64 -28.54 -39.03
CA PRO B 150 -19.68 -27.82 -40.31
C PRO B 150 -20.91 -28.15 -41.13
N ARG B 151 -21.85 -27.22 -41.22
CA ARG B 151 -23.01 -27.42 -42.08
C ARG B 151 -22.61 -27.26 -43.55
N GLU B 152 -23.25 -28.05 -44.40
CA GLU B 152 -23.01 -27.94 -45.84
C GLU B 152 -23.43 -26.55 -46.34
N GLY B 153 -24.53 -26.03 -45.82
CA GLY B 153 -25.09 -24.78 -46.31
C GLY B 153 -24.47 -23.53 -45.72
N ASP B 154 -23.13 -23.46 -45.72
CA ASP B 154 -22.40 -22.23 -45.41
C ASP B 154 -22.73 -21.74 -43.99
N ASP B 155 -22.45 -22.58 -43.01
CA ASP B 155 -22.68 -22.22 -41.61
C ASP B 155 -21.99 -23.24 -40.73
N PHE B 156 -21.81 -22.87 -39.46
CA PHE B 156 -21.32 -23.77 -38.43
C PHE B 156 -22.33 -23.80 -37.30
N ALA B 157 -22.76 -25.01 -36.92
CA ALA B 157 -23.78 -25.19 -35.91
C ALA B 157 -23.14 -25.62 -34.60
N PRO B 158 -23.16 -24.81 -33.54
CA PRO B 158 -22.53 -25.24 -32.28
C PRO B 158 -23.33 -26.35 -31.60
N SER B 159 -23.21 -27.57 -32.12
CA SER B 159 -23.99 -28.70 -31.62
C SER B 159 -23.17 -29.97 -31.41
N GLY B 160 -21.96 -30.06 -31.93
CA GLY B 160 -21.16 -31.26 -31.81
C GLY B 160 -20.49 -31.37 -30.46
N PRO B 161 -19.92 -32.54 -30.20
CA PRO B 161 -19.20 -32.74 -28.93
C PRO B 161 -17.89 -31.97 -28.92
N ILE B 162 -17.41 -31.69 -27.70
CA ILE B 162 -16.24 -30.87 -27.47
C ILE B 162 -15.05 -31.77 -27.15
N ASP B 163 -13.96 -31.57 -27.87
CA ASP B 163 -12.77 -32.38 -27.65
C ASP B 163 -12.14 -32.07 -26.29
N TYR B 164 -11.57 -33.10 -25.67
CA TYR B 164 -11.01 -32.94 -24.33
C TYR B 164 -9.80 -32.02 -24.34
N LEU B 165 -8.98 -32.10 -25.40
CA LEU B 165 -7.79 -31.26 -25.45
C LEU B 165 -8.14 -29.79 -25.53
N ALA B 166 -9.22 -29.46 -26.23
CA ALA B 166 -9.64 -28.06 -26.30
C ALA B 166 -9.99 -27.52 -24.92
N ALA B 167 -10.69 -28.33 -24.12
CA ALA B 167 -10.99 -27.92 -22.75
C ALA B 167 -9.71 -27.83 -21.91
N ASP B 168 -8.77 -28.76 -22.11
CA ASP B 168 -7.54 -28.73 -21.33
C ASP B 168 -6.74 -27.48 -21.62
N LEU B 169 -6.69 -27.06 -22.87
CA LEU B 169 -5.86 -25.92 -23.29
C LEU B 169 -6.44 -24.56 -22.83
N ILE B 170 -7.52 -24.48 -22.07
CA ILE B 170 -8.03 -23.17 -21.65
C ILE B 170 -7.06 -22.51 -20.67
N ALA B 171 -6.46 -23.29 -19.78
CA ALA B 171 -5.62 -22.72 -18.74
C ALA B 171 -4.32 -22.13 -19.27
N TYR B 172 -3.85 -22.58 -20.43
CA TYR B 172 -2.53 -22.22 -20.93
C TYR B 172 -2.65 -21.15 -22.01
N LYS B 173 -1.93 -20.05 -21.83
CA LYS B 173 -1.91 -18.94 -22.79
C LYS B 173 -0.72 -18.99 -23.74
N PHE B 174 0.34 -19.72 -23.40
CA PHE B 174 1.58 -19.73 -24.16
C PHE B 174 1.87 -21.13 -24.67
N VAL B 175 2.37 -21.22 -25.91
CA VAL B 175 2.62 -22.49 -26.58
C VAL B 175 4.05 -22.50 -27.11
N LEU B 176 4.59 -23.71 -27.28
CA LEU B 176 5.93 -23.91 -27.81
C LEU B 176 5.98 -25.26 -28.52
N PRO B 177 5.90 -25.28 -29.84
CA PRO B 177 6.16 -26.53 -30.57
C PRO B 177 7.64 -26.73 -30.83
N TYR B 178 8.00 -27.99 -31.10
CA TYR B 178 9.38 -28.33 -31.43
C TYR B 178 9.41 -29.79 -31.89
N MET B 179 10.57 -30.20 -32.38
CA MET B 179 10.82 -31.57 -32.80
C MET B 179 11.58 -32.30 -31.69
N LEU B 180 11.57 -33.63 -31.76
CA LEU B 180 12.24 -34.45 -30.75
C LEU B 180 12.85 -35.69 -31.40
N ASP B 181 13.80 -36.28 -30.69
CA ASP B 181 14.48 -37.49 -31.16
C ASP B 181 14.90 -38.34 -29.97
N MET B 182 15.08 -39.63 -30.24
CA MET B 182 15.46 -40.62 -29.22
C MET B 182 16.98 -40.74 -29.20
N VAL B 183 17.63 -39.76 -28.59
CA VAL B 183 19.09 -39.65 -28.56
C VAL B 183 19.60 -40.29 -27.27
N ASP B 184 20.54 -41.23 -27.42
CA ASP B 184 21.18 -41.90 -26.28
C ASP B 184 20.16 -42.59 -25.39
N GLY B 185 19.10 -43.12 -26.00
CA GLY B 185 18.07 -43.80 -25.22
C GLY B 185 17.27 -42.89 -24.32
N ARG B 186 17.31 -41.59 -24.55
CA ARG B 186 16.55 -40.61 -23.78
C ARG B 186 16.00 -39.56 -24.73
N PRO B 187 14.90 -38.89 -24.36
CA PRO B 187 14.38 -37.83 -25.23
C PRO B 187 15.24 -36.59 -25.17
N GLN B 188 15.38 -35.93 -26.32
CA GLN B 188 16.19 -34.73 -26.41
C GLN B 188 15.73 -33.94 -27.62
N ILE B 189 15.74 -32.61 -27.50
CA ILE B 189 15.25 -31.74 -28.56
C ILE B 189 16.30 -31.67 -29.66
N VAL B 190 15.83 -31.70 -30.91
CA VAL B 190 16.68 -31.63 -32.08
C VAL B 190 16.11 -30.58 -33.02
N LEU B 191 16.96 -30.10 -33.93
CA LEU B 191 16.50 -29.19 -34.96
C LEU B 191 15.61 -29.96 -35.93
N PRO B 192 14.72 -29.27 -36.65
CA PRO B 192 13.84 -29.97 -37.59
C PRO B 192 14.64 -30.70 -38.66
N SER B 193 14.28 -31.96 -38.88
CA SER B 193 14.97 -32.82 -39.84
C SER B 193 14.11 -33.19 -41.04
N HIS B 194 12.86 -32.74 -41.07
CA HIS B 194 11.95 -33.08 -42.15
C HIS B 194 11.13 -31.86 -42.54
N THR B 195 10.67 -31.84 -43.78
CA THR B 195 9.64 -30.90 -44.19
C THR B 195 8.27 -31.40 -43.74
N VAL B 196 7.33 -30.47 -43.63
CA VAL B 196 5.98 -30.85 -43.21
C VAL B 196 5.34 -31.82 -44.19
N GLU B 197 5.78 -31.80 -45.46
CA GLU B 197 5.24 -32.72 -46.44
C GLU B 197 5.55 -34.16 -46.06
N GLU B 198 6.78 -34.42 -45.63
CA GLU B 198 7.16 -35.78 -45.25
C GLU B 198 6.34 -36.27 -44.06
N MET B 199 6.08 -35.40 -43.09
CA MET B 199 5.37 -35.82 -41.89
C MET B 199 3.86 -35.98 -42.15
N LEU B 200 3.28 -35.10 -42.98
CA LEU B 200 1.89 -35.32 -43.36
C LEU B 200 1.73 -36.58 -44.19
N THR B 201 2.66 -36.86 -45.10
CA THR B 201 2.62 -38.11 -45.85
C THR B 201 2.88 -39.31 -44.94
N ASN B 202 3.85 -39.19 -44.03
CA ASN B 202 4.18 -40.24 -43.08
C ASN B 202 3.52 -39.90 -41.74
N THR B 203 2.27 -40.33 -41.59
CA THR B 203 1.52 -40.01 -40.37
C THR B 203 2.20 -40.59 -39.14
N SER B 204 2.81 -41.78 -39.26
CA SER B 204 3.53 -42.36 -38.13
C SER B 204 4.70 -41.47 -37.73
N LEU B 205 5.40 -40.89 -38.70
CA LEU B 205 6.48 -39.97 -38.40
C LEU B 205 6.00 -38.74 -37.64
N LEU B 206 4.71 -38.40 -37.76
CA LEU B 206 4.17 -37.25 -37.06
C LEU B 206 4.23 -37.41 -35.54
N ASN B 207 4.28 -38.65 -35.04
CA ASN B 207 4.30 -38.89 -33.60
C ASN B 207 5.51 -38.25 -32.93
N SER B 208 6.59 -37.99 -33.67
CA SER B 208 7.78 -37.39 -33.08
C SER B 208 7.56 -35.94 -32.70
N ILE B 209 6.52 -35.28 -33.22
CA ILE B 209 6.27 -33.89 -32.87
C ILE B 209 5.79 -33.79 -31.44
N ASP B 210 6.15 -32.68 -30.78
CA ASP B 210 5.73 -32.43 -29.41
C ASP B 210 5.68 -30.93 -29.20
N ALA B 211 4.93 -30.52 -28.16
CA ALA B 211 4.82 -29.11 -27.82
C ALA B 211 4.61 -28.98 -26.31
N SER B 212 4.93 -27.81 -25.79
CA SER B 212 4.78 -27.50 -24.37
C SER B 212 3.96 -26.23 -24.21
N PHE B 213 3.13 -26.20 -23.16
CA PHE B 213 2.22 -25.10 -22.90
C PHE B 213 2.53 -24.49 -21.54
N GLY B 214 2.20 -23.21 -21.39
CA GLY B 214 2.49 -22.49 -20.16
C GLY B 214 1.41 -21.50 -19.83
N ILE B 215 1.23 -21.28 -18.51
CA ILE B 215 0.22 -20.37 -18.00
C ILE B 215 0.72 -18.92 -18.10
N GLU B 216 -0.18 -17.96 -17.85
CA GLU B 216 0.15 -16.55 -17.77
C GLU B 216 -0.27 -16.01 -16.41
N ALA B 217 0.43 -14.97 -15.98
CA ALA B 217 0.13 -14.31 -14.72
C ALA B 217 0.78 -12.93 -14.75
N ARG B 218 0.81 -12.25 -13.59
CA ARG B 218 1.54 -11.00 -13.46
C ARG B 218 2.37 -10.91 -12.18
N SER B 219 2.17 -11.78 -11.21
CA SER B 219 3.11 -11.87 -10.11
C SER B 219 4.50 -12.23 -10.65
N ASP B 220 5.53 -11.61 -10.07
CA ASP B 220 6.87 -11.73 -10.63
C ASP B 220 7.32 -13.19 -10.67
N GLN B 221 7.99 -13.56 -11.75
CA GLN B 221 8.40 -14.94 -11.95
C GLN B 221 9.32 -15.38 -10.82
N ARG B 222 9.14 -16.63 -10.38
CA ARG B 222 9.88 -17.21 -9.27
C ARG B 222 10.74 -18.37 -9.78
N MET B 223 11.69 -18.77 -8.95
CA MET B 223 12.54 -19.94 -9.22
C MET B 223 13.32 -19.72 -10.52
N THR B 224 14.13 -18.66 -10.50
CA THR B 224 15.05 -18.25 -11.58
C THR B 224 14.36 -18.13 -12.95
N ARG B 225 13.03 -18.01 -12.98
CA ARG B 225 12.25 -17.68 -14.17
C ARG B 225 12.38 -18.70 -15.31
N ASP B 226 13.08 -19.83 -15.10
CA ASP B 226 13.27 -20.84 -16.12
C ASP B 226 12.93 -22.24 -15.64
N ALA B 227 12.96 -22.49 -14.33
CA ALA B 227 12.61 -23.78 -13.76
C ALA B 227 11.15 -23.84 -13.31
N ALA B 228 10.34 -22.84 -13.65
CA ALA B 228 8.92 -22.83 -13.31
C ALA B 228 8.22 -23.85 -14.21
N GLU B 229 8.35 -25.11 -13.82
CA GLU B 229 8.01 -26.24 -14.68
C GLU B 229 6.74 -26.95 -14.27
N MET B 230 6.36 -26.93 -12.99
CA MET B 230 5.07 -27.48 -12.59
C MET B 230 3.90 -26.64 -13.11
N SER B 231 4.17 -25.42 -13.57
CA SER B 231 3.16 -24.58 -14.21
C SER B 231 3.26 -24.68 -15.73
N SER B 232 3.67 -25.83 -16.24
CA SER B 232 3.73 -26.09 -17.67
C SER B 232 3.56 -27.59 -17.89
N ARG B 233 3.16 -27.95 -19.10
CA ARG B 233 2.95 -29.35 -19.45
C ARG B 233 3.27 -29.54 -20.93
N SER B 234 3.51 -30.79 -21.29
CA SER B 234 3.85 -31.17 -22.65
C SER B 234 2.71 -31.97 -23.26
N LEU B 235 2.53 -31.82 -24.57
CA LEU B 235 1.38 -32.40 -25.25
C LEU B 235 1.36 -33.92 -25.11
N ASN B 236 2.50 -34.57 -25.32
CA ASN B 236 2.54 -36.03 -25.29
C ASN B 236 2.47 -36.59 -23.89
N GLU B 237 2.73 -35.78 -22.85
CA GLU B 237 2.65 -36.27 -21.48
C GLU B 237 1.22 -36.31 -20.95
N LEU B 238 0.28 -35.65 -21.63
CA LEU B 238 -1.11 -35.67 -21.18
C LEU B 238 -1.68 -37.08 -21.26
N GLU B 239 -2.62 -37.37 -20.37
CA GLU B 239 -3.22 -38.70 -20.32
C GLU B 239 -3.87 -39.04 -21.65
N ASP B 240 -3.57 -40.25 -22.14
CA ASP B 240 -4.14 -40.69 -23.41
C ASP B 240 -5.63 -40.97 -23.24
N HIS B 241 -6.41 -40.58 -24.24
CA HIS B 241 -7.84 -40.81 -24.23
C HIS B 241 -8.34 -40.82 -25.66
N ASP B 242 -9.46 -41.51 -25.89
CA ASP B 242 -10.01 -41.63 -27.23
C ASP B 242 -10.43 -40.27 -27.77
N GLN B 243 -11.09 -39.46 -26.95
CA GLN B 243 -11.61 -38.18 -27.38
C GLN B 243 -10.59 -37.05 -27.30
N ARG B 244 -9.44 -37.25 -26.66
CA ARG B 244 -8.42 -36.23 -26.57
C ARG B 244 -7.67 -36.16 -27.90
N GLY B 245 -7.91 -35.10 -28.67
CA GLY B 245 -7.38 -34.99 -30.01
C GLY B 245 -5.92 -34.59 -30.07
N ARG B 246 -5.03 -35.52 -29.68
CA ARG B 246 -3.60 -35.26 -29.78
C ARG B 246 -3.15 -35.24 -31.24
N MET B 247 -3.37 -36.34 -31.95
CA MET B 247 -3.02 -36.40 -33.37
C MET B 247 -3.77 -35.37 -34.19
N PRO B 248 -5.08 -35.13 -33.98
CA PRO B 248 -5.71 -34.00 -34.68
C PRO B 248 -5.02 -32.67 -34.43
N TRP B 249 -4.56 -32.41 -33.21
CA TRP B 249 -3.88 -31.15 -32.91
C TRP B 249 -2.56 -31.06 -33.67
N LYS B 250 -1.77 -32.14 -33.65
CA LYS B 250 -0.51 -32.14 -34.38
C LYS B 250 -0.75 -31.95 -35.87
N ILE B 251 -1.77 -32.62 -36.41
CA ILE B 251 -2.10 -32.47 -37.82
C ILE B 251 -2.52 -31.04 -38.11
N MET B 252 -3.24 -30.42 -37.18
CA MET B 252 -3.63 -29.01 -37.35
C MET B 252 -2.39 -28.13 -37.49
N LEU B 253 -1.44 -28.30 -36.57
CA LEU B 253 -0.23 -27.47 -36.62
C LEU B 253 0.53 -27.69 -37.92
N GLY B 254 0.75 -28.95 -38.28
CA GLY B 254 1.47 -29.24 -39.51
C GLY B 254 0.75 -28.74 -40.74
N MET B 255 -0.58 -28.84 -40.75
CA MET B 255 -1.37 -28.42 -41.90
C MET B 255 -1.33 -26.91 -42.05
N MET B 256 -1.36 -26.17 -40.94
CA MET B 256 -1.23 -24.72 -41.01
C MET B 256 0.15 -24.34 -41.54
N ALA B 257 1.19 -25.03 -41.06
CA ALA B 257 2.53 -24.75 -41.58
C ALA B 257 2.62 -25.03 -43.07
N ALA B 258 2.01 -26.14 -43.52
CA ALA B 258 2.01 -26.46 -44.94
C ALA B 258 1.26 -25.41 -45.75
N GLN B 259 0.16 -24.89 -45.20
CA GLN B 259 -0.56 -23.82 -45.87
C GLN B 259 0.33 -22.59 -46.03
N LEU B 260 1.06 -22.23 -44.98
CA LEU B 260 1.96 -21.09 -45.07
C LEU B 260 3.04 -21.33 -46.13
N LYS B 261 3.61 -22.53 -46.15
CA LYS B 261 4.64 -22.83 -47.14
C LYS B 261 4.10 -22.76 -48.56
N VAL B 262 2.91 -23.31 -48.78
CA VAL B 262 2.31 -23.30 -50.12
C VAL B 262 2.01 -21.86 -50.54
N GLU B 263 1.53 -21.05 -49.61
CA GLU B 263 1.23 -19.66 -49.93
C GLU B 263 2.51 -18.90 -50.28
N LEU B 264 3.60 -19.14 -49.55
CA LEU B 264 4.87 -18.51 -49.90
C LEU B 264 5.36 -18.97 -51.27
N ASP B 265 5.21 -20.27 -51.56
CA ASP B 265 5.63 -20.76 -52.87
C ASP B 265 4.82 -20.12 -53.99
N ALA B 266 3.51 -19.96 -53.78
CA ALA B 266 2.69 -19.27 -54.76
C ALA B 266 3.12 -17.82 -54.91
N LEU B 267 3.43 -17.15 -53.79
CA LEU B 267 3.93 -15.78 -53.85
C LEU B 267 5.24 -15.69 -54.60
N ALA B 268 6.00 -16.80 -54.64
CA ALA B 268 7.29 -16.80 -55.32
C ALA B 268 7.19 -16.34 -56.77
N ASP B 269 6.07 -16.64 -57.44
CA ASP B 269 5.87 -16.19 -58.81
C ASP B 269 5.31 -14.76 -58.89
N GLU B 270 4.85 -14.20 -57.78
CA GLU B 270 4.24 -12.88 -57.77
C GLU B 270 5.30 -11.80 -57.54
N ARG B 271 6.22 -11.70 -58.50
CA ARG B 271 7.29 -10.71 -58.40
C ARG B 271 6.83 -9.31 -58.79
N THR B 272 5.77 -9.21 -59.61
CA THR B 272 5.32 -7.91 -60.08
C THR B 272 4.84 -7.04 -58.92
N GLU B 273 3.81 -7.49 -58.21
CA GLU B 273 3.29 -6.71 -57.09
C GLU B 273 4.32 -6.59 -55.98
N SER B 274 5.14 -7.62 -55.77
CA SER B 274 6.18 -7.54 -54.74
C SER B 274 7.16 -6.43 -55.05
N GLN B 275 7.57 -6.30 -56.31
CA GLN B 275 8.41 -5.18 -56.71
C GLN B 275 7.64 -3.87 -56.54
N ALA B 276 6.36 -3.86 -56.90
CA ALA B 276 5.55 -2.66 -56.69
C ALA B 276 5.45 -2.31 -55.20
N ASN B 277 5.54 -3.31 -54.32
CA ASN B 277 5.51 -3.10 -52.87
C ASN B 277 6.83 -3.48 -52.21
N ALA B 278 7.92 -3.52 -52.97
CA ALA B 278 9.22 -3.87 -52.40
C ALA B 278 9.71 -2.82 -51.40
N HIS B 279 9.16 -1.60 -51.45
CA HIS B 279 9.58 -0.56 -50.52
C HIS B 279 9.29 -0.91 -49.08
N VAL B 280 8.39 -1.86 -48.82
CA VAL B 280 8.05 -2.26 -47.46
C VAL B 280 9.06 -3.31 -47.02
N THR B 281 9.93 -2.93 -46.07
CA THR B 281 10.87 -3.86 -45.46
C THR B 281 10.45 -4.30 -44.06
N SER B 282 9.58 -3.53 -43.39
CA SER B 282 8.96 -4.00 -42.16
C SER B 282 8.04 -5.19 -42.40
N PHE B 283 7.65 -5.42 -43.65
CA PHE B 283 6.93 -6.65 -44.00
C PHE B 283 7.67 -7.87 -43.50
N GLY B 284 8.99 -7.93 -43.76
CA GLY B 284 9.77 -9.07 -43.28
C GLY B 284 9.80 -9.18 -41.78
N SER B 285 9.94 -8.04 -41.08
CA SER B 285 10.02 -8.07 -39.63
C SER B 285 8.72 -8.59 -39.03
N ARG B 286 7.58 -8.07 -39.48
CA ARG B 286 6.30 -8.53 -38.95
C ARG B 286 6.03 -9.98 -39.34
N LEU B 287 6.42 -10.36 -40.55
CA LEU B 287 6.29 -11.75 -40.97
C LEU B 287 7.05 -12.67 -40.02
N PHE B 288 8.30 -12.31 -39.72
CA PHE B 288 9.10 -13.11 -38.79
C PHE B 288 8.44 -13.18 -37.43
N ASN B 289 7.99 -12.02 -36.91
CA ASN B 289 7.42 -11.98 -35.58
C ASN B 289 6.19 -12.87 -35.48
N GLN B 290 5.33 -12.83 -36.49
CA GLN B 290 4.11 -13.65 -36.43
C GLN B 290 4.37 -15.11 -36.76
N MET B 291 5.33 -15.42 -37.63
CA MET B 291 5.57 -16.80 -38.05
C MET B 291 6.47 -17.56 -37.07
N SER B 292 7.10 -16.86 -36.12
CA SER B 292 8.03 -17.49 -35.17
C SER B 292 7.52 -18.80 -34.57
N ALA B 293 6.20 -18.99 -34.48
CA ALA B 293 5.68 -20.22 -33.90
C ALA B 293 5.96 -21.45 -34.77
N PHE B 294 6.15 -21.28 -36.08
CA PHE B 294 6.28 -22.40 -36.99
C PHE B 294 7.72 -22.79 -37.30
N VAL B 295 8.72 -22.07 -36.78
CA VAL B 295 10.10 -22.35 -37.14
C VAL B 295 10.54 -23.72 -36.65
N THR B 296 10.12 -24.11 -35.45
CA THR B 296 10.69 -25.27 -34.76
C THR B 296 10.18 -26.61 -35.27
N ILE B 297 9.49 -26.66 -36.41
CA ILE B 297 8.91 -27.90 -36.90
C ILE B 297 9.37 -28.20 -38.32
N ASP B 298 9.72 -27.17 -39.08
CA ASP B 298 10.17 -27.31 -40.46
C ASP B 298 11.51 -26.60 -40.64
N HIS B 299 12.46 -27.30 -41.24
CA HIS B 299 13.79 -26.71 -41.45
C HIS B 299 13.81 -25.73 -42.62
N GLU B 300 12.91 -25.91 -43.61
CA GLU B 300 12.85 -24.94 -44.69
C GLU B 300 12.42 -23.57 -44.16
N LEU B 301 11.45 -23.54 -43.24
CA LEU B 301 11.07 -22.29 -42.60
C LEU B 301 12.23 -21.74 -41.77
N MET B 302 12.99 -22.63 -41.13
CA MET B 302 14.15 -22.18 -40.35
C MET B 302 15.13 -21.42 -41.22
N GLU B 303 15.36 -21.89 -42.45
CA GLU B 303 16.31 -21.21 -43.32
C GLU B 303 15.82 -19.82 -43.70
N LEU B 304 14.53 -19.67 -43.98
CA LEU B 304 13.98 -18.35 -44.27
C LEU B 304 14.11 -17.43 -43.06
N ALA B 305 13.80 -17.94 -41.87
CA ALA B 305 13.95 -17.14 -40.66
C ALA B 305 15.40 -16.74 -40.45
N LEU B 306 16.34 -17.65 -40.69
CA LEU B 306 17.75 -17.36 -40.54
C LEU B 306 18.21 -16.29 -41.52
N LEU B 307 17.75 -16.39 -42.78
CA LEU B 307 18.10 -15.37 -43.76
C LEU B 307 17.56 -14.01 -43.35
N ILE B 308 16.32 -13.97 -42.87
CA ILE B 308 15.73 -12.70 -42.44
C ILE B 308 16.51 -12.13 -41.25
N LYS B 309 16.88 -12.98 -40.29
CA LYS B 309 17.62 -12.53 -39.13
C LYS B 309 18.99 -11.99 -39.53
N GLU B 310 19.69 -12.71 -40.40
CA GLU B 310 21.02 -12.26 -40.84
C GLU B 310 20.91 -10.95 -41.61
N GLN B 311 19.88 -10.80 -42.43
CA GLN B 311 19.70 -9.58 -43.19
C GLN B 311 19.29 -8.40 -42.32
N GLY B 312 18.95 -8.63 -41.06
CA GLY B 312 18.67 -7.56 -40.13
C GLY B 312 17.21 -7.29 -39.86
N PHE B 313 16.34 -8.29 -39.98
CA PHE B 313 14.91 -8.12 -39.74
C PHE B 313 14.31 -7.03 -40.63
N ALA B 314 14.78 -6.94 -41.87
CA ALA B 314 14.27 -5.94 -42.80
C ALA B 314 14.52 -6.46 -44.22
N MET B 315 13.46 -6.96 -44.85
CA MET B 315 13.56 -7.50 -46.19
C MET B 315 12.26 -7.21 -46.93
N ASN B 316 12.38 -7.00 -48.23
CA ASN B 316 11.23 -6.69 -49.07
C ASN B 316 10.53 -7.97 -49.51
N PRO B 317 9.25 -7.88 -49.91
CA PRO B 317 8.56 -9.09 -50.37
C PRO B 317 9.24 -9.77 -51.56
N GLY B 318 9.82 -8.99 -52.47
CA GLY B 318 10.51 -9.60 -53.60
C GLY B 318 11.68 -10.45 -53.18
N GLN B 319 12.49 -9.94 -52.24
CA GLN B 319 13.62 -10.72 -51.74
C GLN B 319 13.14 -11.94 -50.97
N ILE B 320 12.05 -11.80 -50.22
CA ILE B 320 11.49 -12.95 -49.51
C ILE B 320 11.09 -14.03 -50.51
N ALA B 321 10.42 -13.63 -51.60
CA ALA B 321 10.01 -14.58 -52.62
C ALA B 321 11.22 -15.27 -53.26
N SER B 322 12.22 -14.48 -53.64
CA SER B 322 13.40 -15.03 -54.28
C SER B 322 14.11 -16.01 -53.36
N LYS B 323 14.29 -15.64 -52.09
CA LYS B 323 15.00 -16.50 -51.15
C LYS B 323 14.20 -17.75 -50.84
N TRP B 324 12.87 -17.64 -50.75
CA TRP B 324 12.06 -18.83 -50.54
C TRP B 324 12.16 -19.79 -51.71
N SER B 325 12.12 -19.27 -52.94
CA SER B 325 12.27 -20.13 -54.11
C SER B 325 13.65 -20.79 -54.11
N LEU B 326 14.69 -20.03 -53.78
CA LEU B 326 16.04 -20.59 -53.74
C LEU B 326 16.14 -21.68 -52.68
N ILE B 327 15.52 -21.46 -51.51
CA ILE B 327 15.55 -22.47 -50.45
C ILE B 327 14.82 -23.73 -50.90
N ARG B 328 13.65 -23.55 -51.53
CA ARG B 328 12.87 -24.70 -51.96
C ARG B 328 13.62 -25.52 -53.00
N ARG B 329 14.29 -24.85 -53.94
CA ARG B 329 15.02 -25.58 -54.99
C ARG B 329 16.30 -26.20 -54.45
N SER B 330 17.03 -25.48 -53.61
CA SER B 330 18.36 -25.93 -53.19
C SER B 330 18.29 -27.07 -52.18
N GLY B 331 17.37 -27.00 -51.22
CA GLY B 331 17.33 -27.94 -50.13
C GLY B 331 18.19 -27.46 -48.98
N PRO B 332 18.95 -28.36 -48.32
CA PRO B 332 19.84 -27.88 -47.24
C PRO B 332 20.96 -27.01 -47.80
N THR B 333 20.91 -25.72 -47.47
CA THR B 333 21.82 -24.77 -48.09
C THR B 333 23.16 -24.66 -47.35
N ARG B 334 23.14 -24.79 -46.03
CA ARG B 334 24.31 -24.59 -45.19
C ARG B 334 24.55 -25.81 -44.31
N PRO B 335 25.77 -26.00 -43.81
CA PRO B 335 26.03 -27.10 -42.86
C PRO B 335 25.63 -26.71 -41.44
N LEU B 336 24.34 -26.87 -41.14
CA LEU B 336 23.81 -26.49 -39.84
C LEU B 336 24.32 -27.38 -38.71
N SER B 337 24.98 -28.49 -39.01
CA SER B 337 25.51 -29.36 -37.97
C SER B 337 26.52 -28.63 -37.08
N GLY B 338 27.15 -27.57 -37.57
CA GLY B 338 28.05 -26.80 -36.75
C GLY B 338 27.36 -26.03 -35.64
N ALA B 339 26.05 -25.81 -35.76
CA ALA B 339 25.30 -25.12 -34.73
C ALA B 339 24.95 -26.06 -33.58
N ARG B 340 24.58 -25.47 -32.46
CA ARG B 340 24.21 -26.20 -31.25
C ARG B 340 22.85 -25.73 -30.77
N LEU B 341 22.03 -26.68 -30.32
CA LEU B 341 20.68 -26.38 -29.86
C LEU B 341 20.66 -26.18 -28.35
N GLU B 342 20.00 -25.12 -27.90
CA GLU B 342 19.89 -24.81 -26.49
C GLU B 342 18.49 -24.30 -26.19
N ILE B 343 18.09 -24.45 -24.92
CA ILE B 343 16.83 -23.92 -24.42
C ILE B 343 17.07 -23.29 -23.06
N ARG B 344 17.19 -21.96 -23.04
CA ARG B 344 17.51 -21.21 -21.84
C ARG B 344 16.45 -20.15 -21.60
N ASN B 345 16.26 -19.80 -20.32
CA ASN B 345 15.28 -18.82 -19.85
C ASN B 345 13.92 -19.00 -20.52
N GLY B 346 13.53 -20.25 -20.77
CA GLY B 346 12.28 -20.55 -21.41
C GLY B 346 12.27 -20.42 -22.92
N ASN B 347 13.32 -19.84 -23.51
CA ASN B 347 13.37 -19.64 -24.95
C ASN B 347 13.93 -20.88 -25.65
N TRP B 348 13.88 -20.86 -26.97
CA TRP B 348 14.39 -21.93 -27.82
C TRP B 348 15.29 -21.28 -28.87
N MET B 349 16.59 -21.54 -28.78
CA MET B 349 17.56 -20.91 -29.66
C MET B 349 18.59 -21.93 -30.12
N ILE B 350 19.18 -21.64 -31.28
CA ILE B 350 20.27 -22.43 -31.86
C ILE B 350 21.50 -21.53 -31.92
N ARG B 351 22.63 -22.04 -31.44
CA ARG B 351 23.85 -21.26 -31.32
C ARG B 351 25.00 -21.99 -32.02
N GLU B 352 25.68 -21.28 -32.91
CA GLU B 352 26.92 -21.75 -33.53
C GLU B 352 28.06 -20.99 -32.87
N GLY B 353 28.99 -21.73 -32.26
CA GLY B 353 29.98 -21.07 -31.42
C GLY B 353 29.30 -20.37 -30.26
N ASP B 354 29.74 -19.14 -29.98
CA ASP B 354 29.13 -18.33 -28.95
C ASP B 354 28.01 -17.45 -29.48
N GLN B 355 28.08 -17.05 -30.75
CA GLN B 355 27.05 -16.21 -31.34
C GLN B 355 25.74 -17.00 -31.47
N THR B 356 24.64 -16.40 -31.03
CA THR B 356 23.34 -17.04 -31.15
C THR B 356 22.85 -16.90 -32.59
N LEU B 357 22.64 -18.05 -33.25
CA LEU B 357 22.25 -18.04 -34.66
C LEU B 357 20.78 -17.67 -34.84
N LEU B 358 19.92 -18.13 -33.94
CA LEU B 358 18.50 -17.80 -33.99
C LEU B 358 17.88 -18.14 -32.65
N SER B 359 16.86 -17.37 -32.28
CA SER B 359 16.17 -17.54 -31.00
C SER B 359 14.67 -17.43 -31.21
N VAL B 360 13.91 -18.06 -30.32
CA VAL B 360 12.45 -18.09 -30.38
C VAL B 360 11.90 -17.73 -29.01
N SER B 361 10.76 -17.04 -29.02
CA SER B 361 10.17 -16.46 -27.81
C SER B 361 8.81 -17.08 -27.52
N PRO B 362 8.19 -16.76 -26.39
CA PRO B 362 6.83 -17.24 -26.12
C PRO B 362 5.86 -16.87 -27.23
N ALA B 363 5.04 -17.84 -27.63
CA ALA B 363 3.98 -17.63 -28.62
C ALA B 363 2.64 -17.67 -27.90
N ARG B 364 1.85 -16.62 -28.06
CA ARG B 364 0.58 -16.47 -27.35
C ARG B 364 -0.55 -17.01 -28.22
N MET B 365 -1.38 -17.86 -27.61
CA MET B 365 -2.46 -18.55 -28.33
C MET B 365 -3.85 -18.06 -27.95
N ALA B 366 -4.02 -17.42 -26.81
CA ALA B 366 -5.32 -16.94 -26.38
C ALA B 366 -5.20 -15.77 -25.42
N THR C 3 6.88 -42.99 -26.18
CA THR C 3 6.44 -41.60 -25.85
C THR C 3 7.64 -40.70 -25.55
N VAL C 4 7.41 -39.39 -25.59
CA VAL C 4 8.43 -38.39 -25.31
C VAL C 4 7.83 -37.39 -24.33
N ARG C 5 8.47 -37.22 -23.18
CA ARG C 5 7.93 -36.47 -22.05
C ARG C 5 8.88 -35.36 -21.62
N VAL C 6 9.42 -34.60 -22.58
CA VAL C 6 10.32 -33.49 -22.30
C VAL C 6 9.47 -32.26 -22.04
N GLY C 7 9.25 -31.95 -20.77
CA GLY C 7 8.42 -30.83 -20.38
C GLY C 7 9.17 -29.53 -20.18
N VAL C 8 9.64 -28.92 -21.27
CA VAL C 8 10.33 -27.64 -21.16
C VAL C 8 9.36 -26.58 -20.70
N SER C 9 9.80 -25.78 -19.73
CA SER C 9 8.94 -24.73 -19.18
C SER C 9 8.75 -23.60 -20.20
N ARG C 10 7.71 -22.80 -19.96
CA ARG C 10 7.38 -21.67 -20.82
C ARG C 10 6.97 -20.51 -19.93
N ASN C 11 6.81 -19.33 -20.55
CA ASN C 11 6.57 -18.08 -19.83
C ASN C 11 5.43 -18.25 -18.84
N THR C 12 5.51 -17.48 -17.74
CA THR C 12 4.53 -17.56 -16.67
C THR C 12 4.05 -16.22 -16.13
N SER C 13 4.69 -15.10 -16.48
CA SER C 13 4.31 -13.81 -15.92
C SER C 13 4.99 -12.70 -16.73
N GLY C 14 4.86 -11.47 -16.24
CA GLY C 14 5.50 -10.32 -16.84
C GLY C 14 6.49 -9.68 -15.87
N ALA C 15 6.71 -8.37 -16.00
CA ALA C 15 7.66 -7.68 -15.14
C ALA C 15 7.34 -6.18 -15.15
N ALA C 16 7.94 -5.47 -14.20
CA ALA C 16 7.80 -4.03 -14.09
C ALA C 16 9.00 -3.47 -13.33
N GLY C 17 9.19 -2.17 -13.46
CA GLY C 17 10.28 -1.47 -12.83
C GLY C 17 11.20 -0.79 -13.84
N GLN C 18 12.12 0.00 -13.32
CA GLN C 18 13.06 0.74 -14.15
C GLN C 18 14.22 1.23 -13.29
N THR C 19 15.36 1.45 -13.93
CA THR C 19 16.54 1.98 -13.27
C THR C 19 17.25 2.94 -14.22
N LEU C 20 17.93 3.93 -13.63
CA LEU C 20 18.62 4.97 -14.38
C LEU C 20 20.09 4.99 -13.98
N PHE C 21 20.90 5.61 -14.83
CA PHE C 21 22.33 5.80 -14.58
C PHE C 21 23.03 4.46 -14.38
N ARG C 22 23.03 3.67 -15.45
CA ARG C 22 23.66 2.35 -15.42
C ARG C 22 25.15 2.46 -15.09
N ASN C 23 25.83 3.41 -15.72
CA ASN C 23 27.28 3.51 -15.55
C ASN C 23 27.66 3.95 -14.14
N PHE C 24 26.86 4.82 -13.52
CA PHE C 24 27.19 5.33 -12.21
C PHE C 24 27.08 4.22 -11.16
N TYR C 25 27.70 4.47 -10.01
CA TYR C 25 27.76 3.48 -8.93
C TYR C 25 26.89 3.92 -7.75
N LEU C 26 27.17 5.08 -7.15
CA LEU C 26 26.36 5.55 -6.04
C LEU C 26 25.04 6.15 -6.54
N LEU C 27 25.08 6.88 -7.65
CA LEU C 27 23.91 7.58 -8.15
C LEU C 27 22.98 6.70 -8.98
N ARG C 28 23.32 5.43 -9.18
CA ARG C 28 22.37 4.51 -9.80
C ARG C 28 21.13 4.42 -8.90
N CYS C 29 19.96 4.54 -9.53
CA CYS C 29 18.70 4.58 -8.80
C CYS C 29 17.70 3.62 -9.44
N ASN C 30 16.84 3.06 -8.60
CA ASN C 30 15.78 2.14 -9.03
C ASN C 30 14.45 2.83 -8.89
N ILE C 31 13.66 2.82 -9.97
CA ILE C 31 12.38 3.53 -10.05
C ILE C 31 11.26 2.51 -9.94
N LEU C 32 10.29 2.79 -9.06
CA LEU C 32 9.08 1.99 -8.92
C LEU C 32 7.89 2.92 -8.87
N ALA C 33 6.83 2.59 -9.62
CA ALA C 33 5.62 3.37 -9.58
C ALA C 33 4.98 3.31 -8.20
N ASP C 34 4.32 4.40 -7.82
CA ASP C 34 3.70 4.47 -6.50
C ASP C 34 2.61 3.41 -6.37
N GLY C 35 2.62 2.69 -5.23
CA GLY C 35 1.66 1.63 -5.03
C GLY C 35 0.24 2.14 -4.88
N ARG C 36 0.05 3.24 -4.16
CA ARG C 36 -1.29 3.74 -3.89
C ARG C 36 -2.01 4.14 -5.17
N ASN C 37 -1.32 4.86 -6.06
CA ASN C 37 -1.92 5.33 -7.29
C ASN C 37 -0.83 5.42 -8.35
N ALA C 38 -1.11 4.87 -9.53
CA ALA C 38 -0.07 4.64 -10.52
C ALA C 38 0.55 5.93 -11.06
N THR C 39 -0.11 7.07 -10.90
CA THR C 39 0.35 8.33 -11.50
C THR C 39 0.77 9.37 -10.47
N LYS C 40 1.07 8.97 -9.24
CA LYS C 40 1.63 9.89 -8.26
C LYS C 40 3.13 9.99 -8.47
N ALA C 41 3.83 10.66 -7.55
CA ALA C 41 5.27 10.84 -7.70
C ALA C 41 5.99 9.50 -7.68
N VAL C 42 6.95 9.35 -8.60
CA VAL C 42 7.71 8.11 -8.69
C VAL C 42 8.52 7.91 -7.42
N GLN C 43 8.65 6.65 -7.00
CA GLN C 43 9.45 6.29 -5.82
C GLN C 43 10.84 5.88 -6.29
N SER C 44 11.80 6.77 -6.07
CA SER C 44 13.19 6.49 -6.39
C SER C 44 13.90 5.90 -5.18
N HIS C 45 15.06 5.30 -5.45
CA HIS C 45 15.85 4.69 -4.38
C HIS C 45 17.23 4.36 -4.93
N PHE C 46 18.26 4.67 -4.14
CA PHE C 46 19.64 4.38 -4.51
C PHE C 46 20.11 3.17 -3.72
N PRO C 47 20.31 1.99 -4.33
CA PRO C 47 20.71 0.83 -3.53
C PRO C 47 22.16 0.88 -3.07
N PHE C 48 23.05 1.29 -3.97
CA PHE C 48 24.47 1.26 -3.65
C PHE C 48 24.84 2.32 -2.62
N LEU C 49 24.17 3.47 -2.64
CA LEU C 49 24.43 4.48 -1.62
C LEU C 49 24.02 3.97 -0.25
N SER C 50 22.87 3.29 -0.16
CA SER C 50 22.46 2.70 1.10
C SER C 50 23.44 1.62 1.53
N ARG C 51 23.94 0.81 0.59
CA ARG C 51 24.93 -0.20 0.94
C ARG C 51 26.20 0.44 1.46
N ALA C 52 26.64 1.53 0.83
CA ALA C 52 27.84 2.22 1.28
C ALA C 52 27.65 2.77 2.69
N VAL C 53 26.49 3.36 2.97
CA VAL C 53 26.23 3.87 4.31
C VAL C 53 26.19 2.72 5.31
N ARG C 54 25.64 1.57 4.92
CA ARG C 54 25.58 0.43 5.83
C ARG C 54 26.94 -0.21 6.03
N CYS C 55 27.88 0.01 5.10
CA CYS C 55 29.21 -0.57 5.23
C CYS C 55 30.01 0.03 6.37
N LEU C 56 29.53 1.12 6.98
CA LEU C 56 30.28 1.75 8.07
C LEU C 56 30.35 0.88 9.32
N SER C 57 29.70 -0.28 9.33
CA SER C 57 29.92 -1.32 10.33
C SER C 57 30.31 -2.58 9.55
N PRO C 58 31.56 -2.68 9.08
CA PRO C 58 31.87 -3.65 8.02
C PRO C 58 31.56 -5.09 8.36
N LEU C 59 31.80 -5.52 9.60
CA LEU C 59 31.53 -6.91 9.94
C LEU C 59 30.04 -7.23 9.84
N ALA C 60 29.20 -6.35 10.39
CA ALA C 60 27.75 -6.58 10.31
C ALA C 60 27.25 -6.46 8.88
N ALA C 61 27.91 -5.67 8.04
CA ALA C 61 27.50 -5.55 6.65
C ALA C 61 27.92 -6.75 5.81
N HIS C 62 29.04 -7.39 6.16
CA HIS C 62 29.60 -8.48 5.38
C HIS C 62 29.60 -9.81 6.12
N CYS C 63 28.86 -9.94 7.22
CA CYS C 63 28.88 -11.19 7.98
C CYS C 63 28.33 -12.36 7.17
N ALA C 64 27.22 -12.14 6.47
CA ALA C 64 26.59 -13.23 5.73
C ALA C 64 27.49 -13.74 4.62
N ASP C 65 28.20 -12.82 3.94
CA ASP C 65 29.04 -13.22 2.82
C ASP C 65 30.24 -14.07 3.23
N ARG C 66 30.55 -14.12 4.53
CA ARG C 66 31.70 -14.92 4.96
C ARG C 66 31.48 -16.40 4.68
N THR C 67 30.28 -16.91 4.97
CA THR C 67 29.96 -18.32 4.82
C THR C 67 28.80 -18.57 3.87
N LEU C 68 27.74 -17.79 3.96
CA LEU C 68 26.50 -18.12 3.26
C LEU C 68 26.60 -17.87 1.75
N ARG C 69 26.82 -16.63 1.35
CA ARG C 69 26.68 -16.26 -0.06
C ARG C 69 28.00 -16.37 -0.82
N ARG C 70 28.61 -17.56 -0.77
CA ARG C 70 29.79 -17.82 -1.57
C ARG C 70 29.37 -18.14 -3.01
N ASP C 71 28.80 -17.15 -3.69
CA ASP C 71 28.20 -17.34 -5.00
C ASP C 71 29.26 -17.24 -6.10
N ASN C 72 28.85 -17.61 -7.32
CA ASN C 72 29.71 -17.50 -8.48
C ASN C 72 29.94 -16.03 -8.80
N VAL C 73 31.18 -15.57 -8.59
CA VAL C 73 31.55 -14.19 -8.84
C VAL C 73 32.43 -14.10 -10.09
N LYS C 74 33.05 -15.24 -10.45
CA LYS C 74 33.93 -15.25 -11.63
C LYS C 74 33.18 -14.81 -12.88
N GLN C 75 31.91 -15.19 -13.00
CA GLN C 75 31.13 -14.82 -14.17
C GLN C 75 31.01 -13.31 -14.31
N ILE C 76 30.77 -12.62 -13.19
CA ILE C 76 30.54 -11.18 -13.25
C ILE C 76 31.81 -10.44 -13.63
N LEU C 77 32.92 -10.77 -12.98
CA LEU C 77 34.17 -10.05 -13.21
C LEU C 77 34.73 -10.35 -14.60
N THR C 78 34.71 -11.61 -15.01
CA THR C 78 35.34 -12.03 -16.27
C THR C 78 34.32 -11.93 -17.39
N ARG C 79 34.21 -10.72 -17.95
CA ARG C 79 33.37 -10.48 -19.12
C ARG C 79 34.01 -9.42 -19.99
N GLU C 80 33.49 -9.30 -21.21
CA GLU C 80 34.01 -8.28 -22.13
C GLU C 80 33.73 -6.87 -21.62
N LEU C 81 32.61 -6.67 -20.93
CA LEU C 81 32.21 -5.34 -20.44
C LEU C 81 31.48 -5.51 -19.12
N PRO C 82 32.21 -5.83 -18.05
CA PRO C 82 31.56 -5.89 -16.73
C PRO C 82 31.11 -4.51 -16.29
N PHE C 83 29.99 -4.48 -15.57
CA PHE C 83 29.46 -3.21 -15.08
C PHE C 83 30.42 -2.61 -14.06
N SER C 84 30.63 -1.30 -14.16
CA SER C 84 31.52 -0.63 -13.23
C SER C 84 31.05 -0.80 -11.79
N SER C 85 29.74 -0.85 -11.59
CA SER C 85 29.20 -1.01 -10.24
C SER C 85 29.69 -2.30 -9.60
N ASP C 86 29.71 -3.39 -10.37
CA ASP C 86 30.19 -4.66 -9.84
C ASP C 86 31.67 -4.57 -9.45
N LEU C 87 32.47 -3.96 -10.32
CA LEU C 87 33.90 -3.83 -10.05
C LEU C 87 34.15 -3.04 -8.77
N ILE C 88 33.49 -1.89 -8.63
CA ILE C 88 33.68 -1.08 -7.43
C ILE C 88 33.12 -1.80 -6.21
N ASN C 89 32.09 -2.63 -6.40
CA ASN C 89 31.55 -3.40 -5.30
C ASN C 89 32.55 -4.46 -4.83
N TYR C 90 33.36 -4.99 -5.76
CA TYR C 90 34.39 -5.96 -5.44
C TYR C 90 35.78 -5.34 -5.41
N ALA C 91 35.88 -4.03 -5.24
CA ALA C 91 37.16 -3.34 -5.01
C ALA C 91 38.14 -3.56 -6.15
N HIS C 92 37.74 -3.17 -7.35
CA HIS C 92 38.61 -3.20 -8.53
C HIS C 92 38.74 -1.80 -9.09
N HIS C 93 39.98 -1.36 -9.30
CA HIS C 93 40.20 -0.06 -9.93
C HIS C 93 39.66 -0.08 -11.36
N VAL C 94 39.03 1.02 -11.75
CA VAL C 94 38.44 1.17 -13.07
C VAL C 94 38.96 2.48 -13.67
N ASN C 95 39.31 2.44 -14.95
CA ASN C 95 39.87 3.60 -15.63
C ASN C 95 38.81 4.60 -16.08
N SER C 96 37.54 4.38 -15.75
CA SER C 96 36.48 5.30 -16.14
C SER C 96 36.74 6.69 -15.58
N SER C 97 36.70 7.69 -16.46
CA SER C 97 36.97 9.06 -16.04
C SER C 97 35.91 9.57 -15.08
N SER C 98 34.65 9.18 -15.30
CA SER C 98 33.55 9.66 -14.46
C SER C 98 33.63 9.18 -13.02
N LEU C 99 34.44 8.15 -12.73
CA LEU C 99 34.54 7.58 -11.39
C LEU C 99 35.95 7.63 -10.81
N THR C 100 36.87 8.35 -11.45
CA THR C 100 38.25 8.46 -10.99
C THR C 100 38.57 9.92 -10.70
N THR C 101 39.23 10.16 -9.56
CA THR C 101 39.60 11.50 -9.14
C THR C 101 41.08 11.53 -8.79
N SER C 102 41.69 12.69 -9.02
CA SER C 102 43.12 12.90 -8.77
C SER C 102 43.38 13.56 -7.42
N GLN C 103 42.36 13.81 -6.62
CA GLN C 103 42.50 14.48 -5.34
C GLN C 103 42.51 13.46 -4.20
N GLY C 104 43.32 13.73 -3.18
CA GLY C 104 43.41 12.81 -2.05
C GLY C 104 44.17 11.54 -2.33
N VAL C 105 44.90 11.47 -3.44
CA VAL C 105 45.61 10.24 -3.81
C VAL C 105 46.67 9.89 -2.76
N GLU C 106 47.18 10.88 -2.05
CA GLU C 106 48.16 10.59 -0.99
C GLU C 106 47.52 9.71 0.08
N ALA C 107 46.25 9.96 0.41
CA ALA C 107 45.54 9.07 1.33
C ALA C 107 45.37 7.68 0.74
N ALA C 108 45.13 7.59 -0.57
CA ALA C 108 45.00 6.28 -1.21
C ALA C 108 46.29 5.47 -1.06
N ARG C 109 47.43 6.09 -1.35
CA ARG C 109 48.69 5.37 -1.20
C ARG C 109 49.03 5.14 0.28
N LEU C 110 48.53 5.98 1.17
CA LEU C 110 48.67 5.70 2.60
C LEU C 110 47.96 4.41 2.96
N VAL C 111 46.72 4.25 2.49
CA VAL C 111 46.00 2.99 2.72
C VAL C 111 46.75 1.84 2.07
N ALA C 112 47.29 2.06 0.87
CA ALA C 112 47.99 0.99 0.16
C ALA C 112 49.21 0.53 0.94
N GLN C 113 49.99 1.47 1.48
CA GLN C 113 51.19 1.09 2.21
C GLN C 113 50.84 0.53 3.60
N VAL C 114 49.68 0.90 4.15
CA VAL C 114 49.24 0.32 5.41
C VAL C 114 48.86 -1.14 5.22
N TYR C 115 48.12 -1.44 4.15
CA TYR C 115 47.60 -2.79 3.92
C TYR C 115 48.29 -3.54 2.79
N GLY C 116 49.09 -2.88 1.97
CA GLY C 116 49.73 -3.56 0.84
C GLY C 116 50.74 -4.61 1.28
N GLU C 117 51.28 -4.48 2.49
CA GLU C 117 52.27 -5.43 2.95
C GLU C 117 51.70 -6.83 3.09
N GLN C 118 50.41 -6.95 3.41
CA GLN C 118 49.78 -8.24 3.68
C GLN C 118 48.58 -8.50 2.79
N VAL C 119 48.43 -7.79 1.68
CA VAL C 119 47.28 -7.95 0.78
C VAL C 119 47.74 -7.63 -0.64
N PRO C 120 47.28 -8.36 -1.67
CA PRO C 120 47.61 -7.96 -3.04
C PRO C 120 46.87 -6.69 -3.45
N PHE C 121 47.37 -5.54 -2.98
CA PHE C 121 46.71 -4.26 -3.17
C PHE C 121 46.99 -3.64 -4.53
N ASP C 122 47.66 -4.35 -5.44
CA ASP C 122 48.01 -3.76 -6.73
C ASP C 122 46.77 -3.45 -7.56
N HIS C 123 45.81 -4.38 -7.61
CA HIS C 123 44.64 -4.16 -8.45
C HIS C 123 43.69 -3.13 -7.86
N ILE C 124 43.65 -3.01 -6.53
CA ILE C 124 42.81 -2.01 -5.89
C ILE C 124 43.28 -0.61 -6.27
N TYR C 125 44.59 -0.39 -6.24
CA TYR C 125 45.19 0.90 -6.57
C TYR C 125 46.56 0.64 -7.18
N PRO C 126 46.68 0.63 -8.50
CA PRO C 126 48.00 0.46 -9.11
C PRO C 126 48.95 1.57 -8.66
N THR C 127 50.13 1.15 -8.22
CA THR C 127 51.08 2.09 -7.64
C THR C 127 51.55 3.09 -8.71
N GLY C 128 51.70 4.35 -8.30
CA GLY C 128 52.14 5.39 -9.20
C GLY C 128 51.05 6.00 -10.06
N SER C 129 49.81 5.53 -9.95
CA SER C 129 48.73 6.08 -10.76
C SER C 129 48.34 7.46 -10.24
N ALA C 130 48.28 8.43 -11.16
CA ALA C 130 47.89 9.78 -10.79
C ALA C 130 46.42 9.87 -10.40
N THR C 131 45.60 8.90 -10.80
CA THR C 131 44.18 8.88 -10.50
C THR C 131 43.81 7.55 -9.86
N TYR C 132 42.69 7.56 -9.14
CA TYR C 132 42.23 6.39 -8.41
C TYR C 132 40.73 6.46 -8.25
N CYS C 133 40.14 5.32 -7.89
CA CYS C 133 38.69 5.21 -7.69
C CYS C 133 38.40 5.24 -6.19
N PRO C 134 37.82 6.32 -5.64
CA PRO C 134 37.56 6.34 -4.19
C PRO C 134 36.66 5.20 -3.72
N GLY C 135 35.63 4.85 -4.49
CA GLY C 135 34.73 3.80 -4.06
C GLY C 135 35.41 2.46 -3.93
N ALA C 136 36.32 2.16 -4.87
CA ALA C 136 37.04 0.89 -4.82
C ALA C 136 37.86 0.79 -3.54
N ILE C 137 38.57 1.86 -3.18
CA ILE C 137 39.40 1.82 -1.98
C ILE C 137 38.53 1.74 -0.74
N ALA C 138 37.39 2.44 -0.73
CA ALA C 138 36.49 2.34 0.41
C ALA C 138 35.99 0.92 0.60
N ASN C 139 35.59 0.27 -0.50
CA ASN C 139 35.12 -1.11 -0.42
C ASN C 139 36.25 -2.04 0.03
N ALA C 140 37.47 -1.80 -0.46
CA ALA C 140 38.61 -2.62 -0.06
C ALA C 140 38.86 -2.48 1.44
N ILE C 141 38.80 -1.26 1.96
CA ILE C 141 39.01 -1.04 3.39
C ILE C 141 37.93 -1.76 4.19
N SER C 142 36.67 -1.65 3.75
CA SER C 142 35.58 -2.30 4.46
C SER C 142 35.78 -3.81 4.47
N ARG C 143 36.11 -4.39 3.32
CA ARG C 143 36.28 -5.83 3.23
C ARG C 143 37.45 -6.31 4.10
N ILE C 144 38.56 -5.59 4.04
CA ILE C 144 39.73 -5.98 4.83
C ILE C 144 39.43 -5.89 6.32
N MET C 145 38.72 -4.84 6.74
CA MET C 145 38.31 -4.74 8.14
C MET C 145 37.35 -5.85 8.51
N ALA C 146 36.58 -6.35 7.55
CA ALA C 146 35.64 -7.44 7.79
C ALA C 146 36.32 -8.81 7.84
N GLY C 147 37.64 -8.87 7.66
CA GLY C 147 38.36 -10.12 7.66
C GLY C 147 38.61 -10.71 6.30
N PHE C 148 37.93 -10.21 5.26
CA PHE C 148 38.11 -10.75 3.93
C PHE C 148 39.48 -10.38 3.38
N VAL C 149 39.88 -11.06 2.32
CA VAL C 149 41.14 -10.79 1.64
C VAL C 149 40.87 -10.71 0.14
N PRO C 150 41.17 -9.61 -0.53
CA PRO C 150 40.94 -9.57 -1.98
C PRO C 150 41.94 -10.46 -2.71
N ARG C 151 41.41 -11.41 -3.48
CA ARG C 151 42.26 -12.38 -4.17
C ARG C 151 42.90 -11.74 -5.39
N GLU C 152 44.13 -12.17 -5.70
CA GLU C 152 44.76 -11.79 -6.96
C GLU C 152 43.91 -12.24 -8.14
N GLY C 153 43.17 -13.33 -7.98
CA GLY C 153 42.28 -13.82 -9.02
C GLY C 153 40.92 -13.18 -9.02
N ASP C 154 40.82 -11.96 -8.50
CA ASP C 154 39.59 -11.16 -8.58
C ASP C 154 38.42 -11.85 -7.88
N ASP C 155 38.57 -12.05 -6.57
CA ASP C 155 37.50 -12.54 -5.73
C ASP C 155 37.89 -12.25 -4.28
N PHE C 156 36.98 -12.57 -3.35
CA PHE C 156 37.19 -12.36 -1.93
C PHE C 156 37.08 -13.68 -1.19
N ALA C 157 37.96 -13.88 -0.21
CA ALA C 157 37.96 -15.07 0.63
C ALA C 157 38.08 -14.65 2.09
N PRO C 158 37.32 -15.27 3.02
CA PRO C 158 37.40 -14.86 4.43
C PRO C 158 38.55 -15.52 5.19
N SER C 159 39.78 -15.10 4.88
CA SER C 159 40.97 -15.68 5.47
C SER C 159 41.71 -14.72 6.41
N GLY C 160 41.53 -13.42 6.25
CA GLY C 160 42.31 -12.46 7.01
C GLY C 160 41.80 -12.30 8.42
N PRO C 161 42.51 -11.49 9.20
CA PRO C 161 42.10 -11.25 10.59
C PRO C 161 41.04 -10.16 10.70
N ILE C 162 40.26 -10.25 11.76
CA ILE C 162 39.19 -9.29 12.00
C ILE C 162 39.79 -8.03 12.63
N ASP C 163 39.47 -6.87 12.06
CA ASP C 163 39.89 -5.62 12.66
C ASP C 163 39.12 -5.39 13.95
N TYR C 164 39.81 -4.82 14.95
CA TYR C 164 39.21 -4.65 16.26
C TYR C 164 38.05 -3.68 16.25
N LEU C 165 38.10 -2.63 15.42
CA LEU C 165 37.02 -1.66 15.38
C LEU C 165 35.74 -2.27 14.84
N ALA C 166 35.86 -3.13 13.84
CA ALA C 166 34.67 -3.79 13.30
C ALA C 166 34.00 -4.68 14.35
N ALA C 167 34.80 -5.33 15.20
CA ALA C 167 34.24 -6.15 16.27
C ALA C 167 33.56 -5.31 17.35
N ASP C 168 33.85 -4.02 17.42
CA ASP C 168 33.19 -3.13 18.36
C ASP C 168 31.94 -2.50 17.77
N LEU C 169 31.95 -2.18 16.47
CA LEU C 169 30.78 -1.58 15.84
C LEU C 169 29.63 -2.56 15.66
N ILE C 170 29.77 -3.82 16.06
CA ILE C 170 28.64 -4.75 16.01
C ILE C 170 27.55 -4.30 16.98
N ALA C 171 27.93 -3.78 18.15
CA ALA C 171 26.94 -3.45 19.17
C ALA C 171 26.15 -2.19 18.84
N TYR C 172 26.64 -1.35 17.93
CA TYR C 172 26.03 -0.06 17.64
C TYR C 172 25.35 -0.10 16.28
N LYS C 173 24.21 0.58 16.20
CA LYS C 173 23.40 0.64 14.98
C LYS C 173 23.37 2.00 14.32
N PHE C 174 23.55 3.08 15.10
CA PHE C 174 23.42 4.44 14.60
C PHE C 174 24.76 5.15 14.66
N VAL C 175 25.09 5.88 13.60
CA VAL C 175 26.34 6.63 13.47
C VAL C 175 26.02 8.07 13.11
N LEU C 176 26.89 8.99 13.51
CA LEU C 176 26.70 10.42 13.27
C LEU C 176 28.07 11.09 13.18
N PRO C 177 28.63 11.23 11.97
CA PRO C 177 29.90 11.97 11.85
C PRO C 177 29.70 13.46 12.10
N TYR C 178 30.76 14.10 12.60
CA TYR C 178 30.77 15.54 12.75
C TYR C 178 32.21 16.01 12.89
N MET C 179 32.40 17.31 12.72
CA MET C 179 33.72 17.93 12.85
C MET C 179 33.94 18.39 14.28
N LEU C 180 35.21 18.62 14.63
CA LEU C 180 35.58 19.14 15.94
C LEU C 180 36.64 20.22 15.78
N ASP C 181 36.69 21.12 16.77
CA ASP C 181 37.69 22.17 16.81
C ASP C 181 37.95 22.56 18.26
N MET C 182 39.15 23.11 18.49
CA MET C 182 39.61 23.47 19.82
C MET C 182 39.28 24.92 20.16
N VAL C 183 38.01 25.29 20.04
CA VAL C 183 37.61 26.66 20.33
C VAL C 183 37.74 26.93 21.83
N ASP C 184 38.25 28.12 22.16
CA ASP C 184 38.48 28.57 23.54
C ASP C 184 39.15 27.50 24.39
N GLY C 185 40.07 26.76 23.79
CA GLY C 185 40.78 25.71 24.51
C GLY C 185 39.89 24.58 25.00
N ARG C 186 38.86 24.24 24.24
CA ARG C 186 38.00 23.11 24.54
C ARG C 186 37.47 22.52 23.24
N PRO C 187 37.10 21.25 23.23
CA PRO C 187 36.55 20.65 22.00
C PRO C 187 35.07 20.95 21.85
N GLN C 188 34.68 21.38 20.66
CA GLN C 188 33.29 21.69 20.37
C GLN C 188 33.02 21.41 18.90
N ILE C 189 31.78 21.01 18.62
CA ILE C 189 31.37 20.69 17.26
C ILE C 189 31.28 21.98 16.45
N VAL C 190 31.75 21.93 15.21
CA VAL C 190 31.79 23.09 14.33
C VAL C 190 31.27 22.70 12.96
N LEU C 191 30.94 23.71 12.17
CA LEU C 191 30.52 23.47 10.80
C LEU C 191 31.68 22.90 10.00
N PRO C 192 31.41 22.16 8.92
CA PRO C 192 32.51 21.65 8.10
C PRO C 192 33.29 22.79 7.46
N SER C 193 34.56 22.91 7.78
CA SER C 193 35.42 23.96 7.25
C SER C 193 36.30 23.49 6.11
N HIS C 194 36.28 22.20 5.77
CA HIS C 194 37.08 21.67 4.68
C HIS C 194 36.25 20.66 3.91
N THR C 195 36.57 20.53 2.63
CA THR C 195 36.03 19.44 1.83
C THR C 195 36.84 18.17 2.12
N VAL C 196 36.15 17.02 2.03
CA VAL C 196 36.86 15.75 2.13
C VAL C 196 37.90 15.66 1.02
N GLU C 197 37.57 16.19 -0.16
CA GLU C 197 38.48 16.13 -1.30
C GLU C 197 39.79 16.83 -1.02
N GLU C 198 39.79 17.84 -0.16
CA GLU C 198 41.00 18.59 0.16
C GLU C 198 41.71 18.08 1.41
N MET C 199 40.98 17.58 2.41
CA MET C 199 41.62 17.07 3.63
C MET C 199 42.08 15.63 3.50
N LEU C 200 41.65 14.91 2.45
CA LEU C 200 42.32 13.67 2.11
C LEU C 200 43.73 13.90 1.61
N THR C 201 44.05 15.13 1.19
CA THR C 201 45.43 15.49 0.86
C THR C 201 46.23 15.64 2.14
N ASN C 202 45.84 16.57 3.00
CA ASN C 202 46.45 16.74 4.32
C ASN C 202 45.79 15.77 5.29
N THR C 203 46.31 14.54 5.29
CA THR C 203 45.72 13.46 6.08
C THR C 203 45.75 13.76 7.57
N SER C 204 46.62 14.67 8.01
CA SER C 204 46.63 15.05 9.42
C SER C 204 45.30 15.65 9.86
N LEU C 205 44.61 16.34 8.94
CA LEU C 205 43.34 16.97 9.29
C LEU C 205 42.26 15.96 9.64
N LEU C 206 42.42 14.69 9.22
CA LEU C 206 41.42 13.69 9.56
C LEU C 206 41.27 13.49 11.05
N ASN C 207 42.27 13.87 11.84
CA ASN C 207 42.13 13.83 13.30
C ASN C 207 41.01 14.73 13.78
N SER C 208 40.66 15.76 13.02
CA SER C 208 39.53 16.61 13.39
C SER C 208 38.22 15.85 13.32
N ILE C 209 38.07 14.93 12.36
CA ILE C 209 36.83 14.19 12.19
C ILE C 209 36.55 13.37 13.45
N ASP C 210 35.27 13.32 13.83
CA ASP C 210 34.84 12.50 14.94
C ASP C 210 33.43 11.98 14.63
N ALA C 211 33.12 10.80 15.16
CA ALA C 211 31.83 10.17 14.96
C ALA C 211 31.32 9.67 16.30
N SER C 212 30.00 9.59 16.44
CA SER C 212 29.36 9.12 17.65
C SER C 212 28.48 7.92 17.32
N PHE C 213 28.74 6.80 17.99
CA PHE C 213 27.99 5.56 17.79
C PHE C 213 27.09 5.33 18.99
N GLY C 214 26.00 4.60 18.76
CA GLY C 214 25.11 4.25 19.85
C GLY C 214 24.16 3.14 19.45
N ILE C 215 23.50 2.59 20.46
CA ILE C 215 22.73 1.36 20.27
C ILE C 215 21.35 1.67 19.71
N GLU C 216 20.73 0.65 19.12
CA GLU C 216 19.28 0.61 18.87
C GLU C 216 18.68 -0.08 20.09
N ALA C 217 18.30 0.73 21.08
CA ALA C 217 18.06 0.22 22.42
C ALA C 217 16.87 -0.74 22.45
N ARG C 218 16.65 -1.30 23.64
CA ARG C 218 15.61 -2.29 23.88
C ARG C 218 14.23 -1.76 23.50
N SER C 219 13.25 -2.67 23.39
CA SER C 219 11.90 -2.27 23.00
C SER C 219 11.31 -1.30 24.01
N ASP C 220 10.77 -0.19 23.51
CA ASP C 220 10.05 0.76 24.34
C ASP C 220 9.23 1.64 23.41
N GLN C 221 7.91 1.65 23.61
CA GLN C 221 7.00 2.22 22.62
C GLN C 221 7.01 3.74 22.56
N ARG C 222 7.33 4.45 23.65
CA ARG C 222 7.17 5.90 23.68
C ARG C 222 8.44 6.65 24.07
N MET C 223 9.22 6.11 25.02
CA MET C 223 10.31 6.89 25.60
C MET C 223 11.34 7.23 24.53
N THR C 224 11.61 8.53 24.39
CA THR C 224 12.49 9.02 23.34
C THR C 224 13.96 8.73 23.60
N ARG C 225 14.34 8.42 24.84
CA ARG C 225 15.73 8.18 25.19
C ARG C 225 15.83 7.00 26.14
N ASP C 226 16.99 6.33 26.08
CA ASP C 226 17.33 5.26 26.99
C ASP C 226 18.61 5.63 27.73
N ALA C 227 18.68 6.87 28.20
CA ALA C 227 19.94 7.51 28.61
C ALA C 227 20.86 7.57 27.40
N ALA C 228 20.42 8.35 26.41
CA ALA C 228 21.06 8.36 25.09
C ALA C 228 22.53 8.74 25.18
N GLU C 229 22.88 9.64 26.10
CA GLU C 229 24.28 10.02 26.29
C GLU C 229 25.09 8.96 27.00
N MET C 230 24.49 8.22 27.94
CA MET C 230 25.23 7.20 28.67
C MET C 230 25.45 5.95 27.82
N SER C 231 24.51 5.65 26.91
CA SER C 231 24.57 4.44 26.09
C SER C 231 25.13 4.70 24.70
N SER C 232 26.08 5.61 24.57
CA SER C 232 26.70 5.93 23.30
C SER C 232 28.18 6.17 23.52
N ARG C 233 28.96 6.05 22.44
CA ARG C 233 30.39 6.26 22.49
C ARG C 233 30.83 6.94 21.20
N SER C 234 32.00 7.56 21.27
CA SER C 234 32.56 8.32 20.16
C SER C 234 33.83 7.64 19.64
N LEU C 235 34.11 7.85 18.35
CA LEU C 235 35.23 7.18 17.71
C LEU C 235 36.55 7.55 18.36
N ASN C 236 36.76 8.83 18.63
CA ASN C 236 38.01 9.28 19.21
C ASN C 236 38.13 8.93 20.69
N GLU C 237 37.06 8.47 21.33
CA GLU C 237 37.10 8.11 22.75
C GLU C 237 37.52 6.66 22.99
N LEU C 238 37.46 5.80 21.97
CA LEU C 238 37.80 4.41 22.15
C LEU C 238 39.28 4.24 22.48
N GLU C 239 39.58 3.24 23.29
CA GLU C 239 40.96 2.98 23.69
C GLU C 239 41.82 2.67 22.47
N ASP C 240 43.05 3.17 22.49
CA ASP C 240 43.93 3.02 21.34
C ASP C 240 44.53 1.62 21.29
N HIS C 241 44.77 1.14 20.07
CA HIS C 241 45.38 -0.17 19.85
C HIS C 241 45.74 -0.26 18.37
N ASP C 242 46.81 -1.00 18.08
CA ASP C 242 47.32 -1.05 16.71
C ASP C 242 46.31 -1.65 15.75
N GLN C 243 45.63 -2.72 16.15
CA GLN C 243 44.68 -3.41 15.29
C GLN C 243 43.44 -2.59 14.97
N ARG C 244 43.12 -1.57 15.76
CA ARG C 244 41.93 -0.75 15.55
C ARG C 244 42.16 0.13 14.33
N GLY C 245 41.33 -0.05 13.31
CA GLY C 245 41.44 0.71 12.08
C GLY C 245 40.72 2.05 12.13
N ARG C 246 40.97 2.83 13.19
CA ARG C 246 40.30 4.12 13.33
C ARG C 246 40.64 5.04 12.17
N MET C 247 41.93 5.22 11.90
CA MET C 247 42.33 6.06 10.76
C MET C 247 41.85 5.45 9.45
N PRO C 248 41.99 4.15 9.19
CA PRO C 248 41.33 3.57 8.02
C PRO C 248 39.83 3.80 7.97
N TRP C 249 39.14 3.76 9.12
CA TRP C 249 37.70 3.99 9.12
C TRP C 249 37.37 5.40 8.67
N LYS C 250 38.05 6.40 9.24
CA LYS C 250 37.81 7.78 8.83
C LYS C 250 38.18 7.98 7.37
N ILE C 251 39.26 7.34 6.92
CA ILE C 251 39.62 7.42 5.51
C ILE C 251 38.52 6.83 4.64
N MET C 252 37.92 5.73 5.07
CA MET C 252 36.84 5.12 4.30
C MET C 252 35.65 6.06 4.20
N LEU C 253 35.30 6.70 5.31
CA LEU C 253 34.18 7.64 5.30
C LEU C 253 34.45 8.79 4.32
N GLY C 254 35.62 9.41 4.44
CA GLY C 254 35.96 10.48 3.52
C GLY C 254 36.01 10.01 2.08
N MET C 255 36.44 8.77 1.87
CA MET C 255 36.54 8.22 0.52
C MET C 255 35.17 8.04 -0.11
N MET C 256 34.21 7.54 0.68
CA MET C 256 32.85 7.42 0.17
C MET C 256 32.26 8.78 -0.14
N ALA C 257 32.52 9.77 0.72
CA ALA C 257 32.04 11.13 0.44
C ALA C 257 32.65 11.66 -0.86
N ALA C 258 33.94 11.41 -1.07
CA ALA C 258 34.60 11.86 -2.29
C ALA C 258 34.00 11.17 -3.51
N GLN C 259 33.68 9.88 -3.38
CA GLN C 259 33.04 9.16 -4.49
C GLN C 259 31.71 9.82 -4.85
N LEU C 260 30.91 10.14 -3.83
CA LEU C 260 29.64 10.80 -4.09
C LEU C 260 29.85 12.14 -4.78
N LYS C 261 30.83 12.92 -4.32
CA LYS C 261 31.06 14.23 -4.92
C LYS C 261 31.51 14.11 -6.38
N VAL C 262 32.42 13.18 -6.67
CA VAL C 262 32.89 13.07 -8.06
C VAL C 262 31.76 12.57 -8.95
N GLU C 263 30.89 11.69 -8.45
CA GLU C 263 29.75 11.27 -9.25
C GLU C 263 28.80 12.43 -9.52
N LEU C 264 28.57 13.26 -8.51
CA LEU C 264 27.74 14.45 -8.73
C LEU C 264 28.37 15.37 -9.77
N ASP C 265 29.70 15.50 -9.74
CA ASP C 265 30.38 16.30 -10.76
C ASP C 265 30.15 15.71 -12.14
N ALA C 266 30.29 14.39 -12.27
CA ALA C 266 30.13 13.75 -13.57
C ALA C 266 28.69 13.80 -14.05
N LEU C 267 27.74 13.97 -13.12
CA LEU C 267 26.33 14.02 -13.50
C LEU C 267 26.02 15.14 -14.49
N ALA C 268 26.85 16.18 -14.52
CA ALA C 268 26.56 17.32 -15.38
C ALA C 268 26.53 16.92 -16.85
N ASP C 269 27.47 16.07 -17.27
CA ASP C 269 27.55 15.68 -18.68
C ASP C 269 26.41 14.76 -19.10
N GLU C 270 25.75 14.09 -18.15
CA GLU C 270 24.65 13.20 -18.47
C GLU C 270 23.38 14.00 -18.72
N ARG C 271 23.37 14.79 -19.78
CA ARG C 271 22.23 15.66 -20.05
C ARG C 271 21.04 14.89 -20.63
N THR C 272 21.32 13.90 -21.49
CA THR C 272 20.23 13.20 -22.17
C THR C 272 19.35 12.44 -21.17
N GLU C 273 19.96 11.63 -20.32
CA GLU C 273 19.19 10.85 -19.36
C GLU C 273 18.53 11.75 -18.33
N SER C 274 19.18 12.86 -17.98
CA SER C 274 18.57 13.82 -17.06
C SER C 274 17.31 14.42 -17.66
N GLN C 275 17.37 14.82 -18.92
CA GLN C 275 16.18 15.36 -19.59
C GLN C 275 15.09 14.31 -19.71
N ALA C 276 15.46 13.09 -20.09
CA ALA C 276 14.47 12.02 -20.24
C ALA C 276 13.81 11.65 -18.92
N ASN C 277 14.44 11.97 -17.79
CA ASN C 277 13.91 11.67 -16.47
C ASN C 277 13.52 12.94 -15.71
N ALA C 278 13.10 13.97 -16.43
CA ALA C 278 12.70 15.21 -15.78
C ALA C 278 11.49 15.01 -14.87
N HIS C 279 10.68 13.99 -15.13
CA HIS C 279 9.49 13.73 -14.32
C HIS C 279 9.83 13.13 -12.96
N VAL C 280 11.08 12.74 -12.72
CA VAL C 280 11.45 12.10 -11.46
C VAL C 280 11.80 13.17 -10.44
N THR C 281 10.79 13.67 -9.71
CA THR C 281 11.02 14.72 -8.74
C THR C 281 11.44 14.17 -7.38
N SER C 282 11.14 12.90 -7.09
CA SER C 282 11.55 12.31 -5.82
C SER C 282 13.05 12.04 -5.76
N PHE C 283 13.75 12.19 -6.89
CA PHE C 283 15.19 11.97 -6.94
C PHE C 283 15.92 12.81 -5.89
N GLY C 284 15.65 14.12 -5.88
CA GLY C 284 16.34 15.00 -4.96
C GLY C 284 15.98 14.75 -3.51
N SER C 285 14.70 14.49 -3.24
CA SER C 285 14.30 14.19 -1.87
C SER C 285 14.98 12.94 -1.36
N ARG C 286 15.05 11.90 -2.19
CA ARG C 286 15.71 10.66 -1.79
C ARG C 286 17.20 10.89 -1.57
N LEU C 287 17.84 11.65 -2.46
CA LEU C 287 19.27 11.93 -2.31
C LEU C 287 19.53 12.68 -1.00
N PHE C 288 18.69 13.67 -0.69
CA PHE C 288 18.83 14.38 0.58
C PHE C 288 18.63 13.44 1.76
N ASN C 289 17.65 12.55 1.66
CA ASN C 289 17.37 11.64 2.77
C ASN C 289 18.53 10.69 3.02
N GLN C 290 19.16 10.19 1.95
CA GLN C 290 20.13 9.11 2.10
C GLN C 290 21.55 9.60 2.31
N MET C 291 21.91 10.78 1.77
CA MET C 291 23.26 11.29 1.95
C MET C 291 23.45 12.02 3.28
N SER C 292 22.52 11.89 4.24
CA SER C 292 22.58 12.69 5.46
C SER C 292 23.82 12.39 6.30
N ALA C 293 24.49 11.26 6.08
CA ALA C 293 25.67 10.94 6.86
C ALA C 293 26.87 11.78 6.44
N PHE C 294 26.93 12.20 5.19
CA PHE C 294 28.10 12.89 4.64
C PHE C 294 27.98 14.41 4.65
N VAL C 295 26.80 14.95 4.98
CA VAL C 295 26.63 16.40 4.92
C VAL C 295 27.39 17.09 6.04
N THR C 296 27.51 16.43 7.20
CA THR C 296 28.15 17.05 8.36
C THR C 296 29.66 17.03 8.30
N ILE C 297 30.28 16.76 7.16
CA ILE C 297 31.73 16.68 7.06
C ILE C 297 32.31 17.52 5.92
N ASP C 298 31.49 17.99 4.97
CA ASP C 298 31.98 18.65 3.77
C ASP C 298 31.30 19.99 3.58
N HIS C 299 32.02 20.94 2.96
CA HIS C 299 31.44 22.20 2.54
C HIS C 299 30.30 22.00 1.57
N GLU C 300 30.61 21.41 0.41
CA GLU C 300 29.71 21.46 -0.73
C GLU C 300 28.47 20.62 -0.51
N LEU C 301 28.60 19.49 0.18
CA LEU C 301 27.42 18.68 0.48
C LEU C 301 26.46 19.43 1.39
N MET C 302 26.98 20.20 2.35
CA MET C 302 26.12 20.99 3.21
C MET C 302 25.34 22.03 2.42
N GLU C 303 26.01 22.73 1.50
CA GLU C 303 25.33 23.72 0.68
C GLU C 303 24.28 23.06 -0.21
N LEU C 304 24.62 21.91 -0.78
CA LEU C 304 23.67 21.21 -1.65
C LEU C 304 22.45 20.79 -0.85
N ALA C 305 22.65 20.30 0.37
CA ALA C 305 21.52 19.91 1.21
C ALA C 305 20.67 21.12 1.56
N LEU C 306 21.31 22.25 1.85
CA LEU C 306 20.56 23.47 2.16
C LEU C 306 19.71 23.90 0.98
N LEU C 307 20.29 23.87 -0.22
CA LEU C 307 19.52 24.22 -1.42
C LEU C 307 18.35 23.26 -1.63
N ILE C 308 18.60 21.96 -1.42
CA ILE C 308 17.54 20.97 -1.61
C ILE C 308 16.39 21.25 -0.63
N LYS C 309 16.73 21.55 0.62
CA LYS C 309 15.69 21.87 1.60
C LYS C 309 14.95 23.14 1.20
N GLU C 310 15.66 24.13 0.68
CA GLU C 310 15.00 25.38 0.28
C GLU C 310 14.01 25.13 -0.86
N GLN C 311 14.40 24.31 -1.84
CA GLN C 311 13.53 24.08 -2.99
C GLN C 311 12.34 23.19 -2.67
N GLY C 312 12.29 22.59 -1.49
CA GLY C 312 11.12 21.85 -1.07
C GLY C 312 11.14 20.36 -1.37
N PHE C 313 12.32 19.77 -1.57
CA PHE C 313 12.45 18.32 -1.77
C PHE C 313 11.72 17.87 -3.03
N ALA C 314 11.94 18.60 -4.12
CA ALA C 314 11.39 18.22 -5.42
C ALA C 314 12.32 18.79 -6.49
N MET C 315 13.20 17.95 -7.02
CA MET C 315 14.22 18.40 -7.97
C MET C 315 14.59 17.25 -8.88
N ASN C 316 14.36 17.43 -10.18
CA ASN C 316 14.77 16.42 -11.15
C ASN C 316 16.29 16.46 -11.33
N PRO C 317 16.88 15.41 -11.92
CA PRO C 317 18.35 15.32 -11.97
C PRO C 317 19.05 16.51 -12.60
N GLY C 318 18.48 17.10 -13.65
CA GLY C 318 19.13 18.23 -14.30
C GLY C 318 19.30 19.41 -13.36
N GLN C 319 18.29 19.69 -12.54
CA GLN C 319 18.39 20.79 -11.59
C GLN C 319 19.49 20.54 -10.57
N ILE C 320 19.59 19.30 -10.07
CA ILE C 320 20.65 18.99 -9.11
C ILE C 320 22.01 19.13 -9.77
N ALA C 321 22.13 18.69 -11.02
CA ALA C 321 23.40 18.82 -11.73
C ALA C 321 23.80 20.29 -11.87
N SER C 322 22.84 21.14 -12.26
CA SER C 322 23.14 22.56 -12.42
C SER C 322 23.52 23.19 -11.09
N LYS C 323 22.78 22.88 -10.02
CA LYS C 323 23.07 23.47 -8.72
C LYS C 323 24.43 23.02 -8.20
N TRP C 324 24.76 21.74 -8.38
CA TRP C 324 26.06 21.25 -7.93
C TRP C 324 27.19 21.88 -8.73
N SER C 325 26.99 22.06 -10.04
CA SER C 325 27.99 22.76 -10.84
C SER C 325 28.18 24.18 -10.34
N LEU C 326 27.08 24.85 -9.99
CA LEU C 326 27.17 26.20 -9.46
C LEU C 326 27.94 26.23 -8.14
N ILE C 327 27.67 25.27 -7.25
CA ILE C 327 28.37 25.23 -5.97
C ILE C 327 29.86 24.99 -6.19
N ARG C 328 30.20 24.04 -7.07
CA ARG C 328 31.60 23.75 -7.32
C ARG C 328 32.32 24.95 -7.93
N ARG C 329 31.68 25.64 -8.87
CA ARG C 329 32.34 26.72 -9.57
C ARG C 329 32.43 28.00 -8.75
N SER C 330 31.40 28.32 -7.96
CA SER C 330 31.30 29.60 -7.29
C SER C 330 31.86 29.59 -5.87
N GLY C 331 32.33 28.46 -5.37
CA GLY C 331 32.85 28.39 -4.02
C GLY C 331 31.74 28.58 -3.00
N PRO C 332 32.08 29.02 -1.77
CA PRO C 332 31.04 29.23 -0.77
C PRO C 332 30.09 30.35 -1.15
N THR C 333 28.83 30.00 -1.41
CA THR C 333 27.83 30.95 -1.86
C THR C 333 26.91 31.40 -0.72
N ARG C 334 26.32 30.45 -0.01
CA ARG C 334 25.34 30.80 1.02
C ARG C 334 26.02 31.54 2.17
N PRO C 335 25.35 32.55 2.76
CA PRO C 335 25.96 33.24 3.91
C PRO C 335 25.67 32.53 5.23
N LEU C 336 26.44 31.47 5.48
CA LEU C 336 26.26 30.68 6.70
C LEU C 336 26.69 31.43 7.95
N SER C 337 27.35 32.59 7.81
CA SER C 337 27.83 33.32 8.97
C SER C 337 26.71 33.70 9.93
N GLY C 338 25.49 33.91 9.42
CA GLY C 338 24.38 34.26 10.29
C GLY C 338 23.80 33.11 11.07
N ALA C 339 24.16 31.88 10.74
CA ALA C 339 23.60 30.69 11.35
C ALA C 339 24.55 30.10 12.40
N ARG C 340 23.99 29.25 13.26
CA ARG C 340 24.73 28.61 14.33
C ARG C 340 24.35 27.14 14.40
N LEU C 341 25.22 26.34 15.01
CA LEU C 341 24.98 24.92 15.19
C LEU C 341 24.41 24.65 16.58
N GLU C 342 23.68 23.53 16.69
CA GLU C 342 23.09 23.13 17.96
C GLU C 342 22.79 21.64 17.91
N ILE C 343 22.66 21.04 19.10
CA ILE C 343 22.38 19.62 19.25
C ILE C 343 21.08 19.48 20.04
N ARG C 344 20.15 18.67 19.53
CA ARG C 344 18.84 18.49 20.13
C ARG C 344 18.52 17.00 20.16
N ASN C 345 18.64 16.39 21.33
CA ASN C 345 18.28 14.99 21.54
C ASN C 345 19.01 14.04 20.60
N GLY C 346 20.22 14.41 20.17
CA GLY C 346 21.00 13.64 19.25
C GLY C 346 20.97 14.16 17.83
N ASN C 347 20.02 15.02 17.48
CA ASN C 347 19.93 15.55 16.13
C ASN C 347 20.95 16.67 15.93
N TRP C 348 21.45 16.77 14.71
CA TRP C 348 22.46 17.75 14.33
C TRP C 348 21.82 18.73 13.36
N MET C 349 21.68 19.99 13.79
CA MET C 349 20.87 20.96 13.07
C MET C 349 21.56 22.31 13.05
N ILE C 350 21.27 23.08 12.01
CA ILE C 350 21.74 24.45 11.86
C ILE C 350 20.56 25.39 12.07
N ARG C 351 20.73 26.35 12.97
CA ARG C 351 19.67 27.30 13.32
C ARG C 351 20.11 28.72 13.03
N GLU C 352 19.21 29.50 12.44
CA GLU C 352 19.40 30.94 12.23
C GLU C 352 18.22 31.64 12.90
N GLY C 353 18.49 32.37 13.99
CA GLY C 353 17.43 32.90 14.80
C GLY C 353 16.71 31.79 15.53
N ASP C 354 15.48 31.48 15.10
CA ASP C 354 14.76 30.31 15.56
C ASP C 354 14.40 29.36 14.43
N GLN C 355 14.50 29.80 13.18
CA GLN C 355 14.26 28.91 12.04
C GLN C 355 15.33 27.84 11.98
N THR C 356 14.92 26.63 11.60
CA THR C 356 15.83 25.50 11.46
C THR C 356 16.23 25.38 9.99
N LEU C 357 17.42 25.90 9.66
CA LEU C 357 17.87 25.88 8.28
C LEU C 357 18.09 24.46 7.79
N LEU C 358 18.64 23.59 8.64
CA LEU C 358 18.93 22.22 8.27
C LEU C 358 18.89 21.34 9.51
N SER C 359 18.58 20.07 9.31
CA SER C 359 18.53 19.10 10.40
C SER C 359 19.00 17.75 9.88
N VAL C 360 19.89 17.11 10.62
CA VAL C 360 20.46 15.82 10.25
C VAL C 360 20.29 14.88 11.43
N SER C 361 19.81 13.67 11.17
CA SER C 361 19.62 12.64 12.18
C SER C 361 20.67 11.54 12.02
N PRO C 362 20.91 10.72 13.04
CA PRO C 362 21.88 9.64 12.89
C PRO C 362 21.49 8.68 11.78
N ALA C 363 22.46 8.28 10.98
CA ALA C 363 22.24 7.28 9.95
C ALA C 363 22.17 5.90 10.57
N ARG C 364 21.74 4.92 9.78
CA ARG C 364 21.65 3.53 10.21
C ARG C 364 22.80 2.74 9.59
N MET C 365 23.52 2.00 10.43
CA MET C 365 24.69 1.26 9.97
C MET C 365 24.37 -0.14 9.50
N ALA C 366 23.27 -0.73 9.94
CA ALA C 366 22.90 -2.08 9.53
C ALA C 366 21.43 -2.36 9.79
N ARG D 5 -16.17 14.72 62.79
CA ARG D 5 -15.45 13.94 61.74
C ARG D 5 -16.40 13.06 60.95
N VAL D 6 -15.93 12.58 59.80
CA VAL D 6 -16.73 11.71 58.93
C VAL D 6 -15.79 10.76 58.22
N GLY D 7 -16.26 9.53 58.01
CA GLY D 7 -15.51 8.54 57.27
C GLY D 7 -14.50 7.80 58.12
N VAL D 8 -13.86 6.81 57.49
CA VAL D 8 -12.87 5.98 58.16
C VAL D 8 -11.92 5.41 57.11
N SER D 9 -10.68 5.15 57.52
CA SER D 9 -9.66 4.66 56.61
C SER D 9 -9.96 3.22 56.20
N ARG D 10 -9.81 2.91 54.91
CA ARG D 10 -10.26 1.66 54.33
C ARG D 10 -9.14 0.79 53.77
N ASN D 11 -8.30 1.31 52.87
CA ASN D 11 -7.52 0.49 51.97
C ASN D 11 -6.03 0.78 52.04
N THR D 12 -5.24 -0.17 51.55
CA THR D 12 -3.78 -0.08 51.46
C THR D 12 -3.32 -1.16 50.49
N SER D 13 -2.00 -1.34 50.38
CA SER D 13 -1.44 -2.36 49.50
C SER D 13 -0.03 -2.71 49.94
N GLY D 14 0.46 -3.85 49.43
CA GLY D 14 1.75 -4.38 49.83
C GLY D 14 2.59 -4.95 48.70
N ALA D 15 2.50 -4.36 47.52
CA ALA D 15 3.22 -4.89 46.36
C ALA D 15 4.72 -4.96 46.62
N ALA D 16 5.33 -6.08 46.25
CA ALA D 16 6.76 -6.31 46.45
C ALA D 16 7.27 -7.26 45.37
N GLY D 17 8.47 -7.80 45.58
CA GLY D 17 9.06 -8.74 44.64
C GLY D 17 9.98 -9.70 45.36
N GLN D 18 10.39 -10.74 44.64
CA GLN D 18 11.21 -11.80 45.23
C GLN D 18 11.86 -12.61 44.12
N THR D 19 12.77 -13.51 44.53
CA THR D 19 13.41 -14.45 43.63
C THR D 19 13.69 -15.73 44.42
N LEU D 20 14.46 -16.64 43.81
CA LEU D 20 14.72 -17.92 44.45
C LEU D 20 15.98 -18.54 43.85
N PHE D 21 16.51 -19.54 44.57
CA PHE D 21 17.67 -20.33 44.13
C PHE D 21 18.88 -19.44 43.87
N ARG D 22 19.16 -18.55 44.83
CA ARG D 22 20.24 -17.58 44.65
C ARG D 22 21.60 -18.27 44.51
N ASN D 23 21.85 -19.30 45.32
CA ASN D 23 23.17 -19.93 45.34
C ASN D 23 23.51 -20.64 44.04
N PHE D 24 22.51 -21.05 43.27
CA PHE D 24 22.76 -21.79 42.04
C PHE D 24 23.24 -20.85 40.94
N TYR D 25 23.77 -21.43 39.87
CA TYR D 25 24.29 -20.65 38.74
C TYR D 25 23.24 -20.49 37.64
N LEU D 26 22.79 -21.60 37.06
CA LEU D 26 21.79 -21.54 36.00
C LEU D 26 20.37 -21.64 36.52
N LEU D 27 20.17 -22.26 37.69
CA LEU D 27 18.84 -22.48 38.22
C LEU D 27 18.28 -21.27 38.97
N ARG D 28 19.04 -20.18 39.06
CA ARG D 28 18.46 -18.93 39.55
C ARG D 28 17.27 -18.54 38.68
N CYS D 29 16.19 -18.15 39.33
CA CYS D 29 14.99 -17.74 38.60
C CYS D 29 14.25 -16.68 39.39
N ASN D 30 13.42 -15.91 38.68
CA ASN D 30 12.74 -14.75 39.23
C ASN D 30 11.28 -15.12 39.46
N ILE D 31 10.91 -15.33 40.73
CA ILE D 31 9.52 -15.54 41.11
C ILE D 31 8.85 -14.18 41.21
N LEU D 32 7.83 -13.95 40.39
CA LEU D 32 6.94 -12.86 40.02
C LEU D 32 5.59 -13.44 39.61
N ALA D 33 4.53 -12.88 40.16
CA ALA D 33 3.18 -13.25 39.77
C ALA D 33 2.78 -12.52 38.50
N ASP D 34 1.80 -13.07 37.79
CA ASP D 34 1.31 -12.45 36.56
C ASP D 34 0.71 -11.09 36.88
N GLY D 35 1.07 -10.09 36.09
CA GLY D 35 0.54 -8.75 36.31
C GLY D 35 -0.96 -8.67 36.14
N ARG D 36 -1.48 -9.34 35.11
CA ARG D 36 -2.91 -9.33 34.84
C ARG D 36 -3.68 -10.33 35.70
N ASN D 37 -3.00 -11.18 36.46
CA ASN D 37 -3.63 -12.15 37.35
C ASN D 37 -3.38 -11.69 38.79
N ALA D 38 -4.46 -11.23 39.44
CA ALA D 38 -4.34 -10.79 40.83
C ALA D 38 -4.01 -11.96 41.75
N THR D 39 -4.36 -13.18 41.36
CA THR D 39 -4.09 -14.34 42.18
C THR D 39 -2.61 -14.72 42.10
N LYS D 40 -2.27 -15.86 42.71
CA LYS D 40 -0.88 -16.32 42.77
C LYS D 40 -0.53 -17.13 41.52
N ALA D 41 -0.65 -16.47 40.36
CA ALA D 41 -0.22 -17.04 39.09
C ALA D 41 1.27 -16.78 38.91
N VAL D 42 2.06 -17.57 39.64
CA VAL D 42 3.50 -17.35 39.71
C VAL D 42 4.15 -17.56 38.35
N GLN D 43 5.16 -16.74 38.07
CA GLN D 43 5.98 -16.85 36.87
C GLN D 43 7.44 -16.84 37.28
N SER D 44 8.27 -17.60 36.55
CA SER D 44 9.66 -18.04 36.59
C SER D 44 10.31 -17.84 35.23
N HIS D 45 11.52 -17.28 35.24
CA HIS D 45 12.38 -17.19 34.08
C HIS D 45 13.82 -17.33 34.54
N PHE D 46 14.67 -17.85 33.67
CA PHE D 46 16.07 -18.12 34.01
C PHE D 46 16.98 -17.14 33.29
N PRO D 47 17.48 -16.09 33.96
CA PRO D 47 18.40 -15.17 33.25
C PRO D 47 19.73 -15.80 32.91
N PHE D 48 20.34 -16.52 33.86
CA PHE D 48 21.66 -17.09 33.63
C PHE D 48 21.62 -18.16 32.54
N LEU D 49 20.60 -19.02 32.57
CA LEU D 49 20.48 -20.04 31.55
C LEU D 49 20.22 -19.42 30.18
N SER D 50 19.40 -18.37 30.14
CA SER D 50 19.16 -17.66 28.88
C SER D 50 20.46 -17.07 28.34
N ARG D 51 21.26 -16.47 29.22
CA ARG D 51 22.54 -15.93 28.81
C ARG D 51 23.45 -17.04 28.29
N ALA D 52 23.46 -18.19 28.97
CA ALA D 52 24.31 -19.29 28.57
C ALA D 52 23.95 -19.79 27.18
N VAL D 53 22.66 -19.95 26.90
CA VAL D 53 22.26 -20.42 25.58
C VAL D 53 22.53 -19.34 24.53
N ARG D 54 22.34 -18.07 24.89
CA ARG D 54 22.60 -16.99 23.95
C ARG D 54 24.09 -16.86 23.64
N CYS D 55 24.95 -17.33 24.55
CA CYS D 55 26.39 -17.16 24.39
C CYS D 55 26.96 -18.01 23.26
N LEU D 56 26.17 -18.91 22.68
CA LEU D 56 26.69 -19.75 21.60
C LEU D 56 27.18 -18.93 20.41
N SER D 57 26.66 -17.70 20.27
CA SER D 57 27.23 -16.73 19.34
C SER D 57 28.07 -15.76 20.15
N PRO D 58 29.37 -16.05 20.37
CA PRO D 58 30.11 -15.28 21.40
C PRO D 58 30.26 -13.81 21.07
N LEU D 59 30.65 -13.47 19.84
CA LEU D 59 30.81 -12.06 19.49
C LEU D 59 29.49 -11.32 19.56
N ALA D 60 28.41 -11.97 19.14
CA ALA D 60 27.08 -11.36 19.25
C ALA D 60 26.72 -11.07 20.70
N ALA D 61 27.07 -11.99 21.60
CA ALA D 61 26.70 -11.81 23.00
C ALA D 61 27.56 -10.77 23.69
N HIS D 62 28.85 -10.70 23.33
CA HIS D 62 29.82 -9.86 24.02
C HIS D 62 30.21 -8.61 23.25
N CYS D 63 29.50 -8.26 22.18
CA CYS D 63 29.86 -7.07 21.41
C CYS D 63 29.72 -5.80 22.25
N ALA D 64 28.63 -5.68 23.01
CA ALA D 64 28.40 -4.47 23.78
C ALA D 64 29.43 -4.29 24.87
N ASP D 65 29.80 -5.38 25.56
CA ASP D 65 30.70 -5.28 26.70
C ASP D 65 32.11 -4.86 26.30
N ARG D 66 32.44 -4.91 25.00
CA ARG D 66 33.79 -4.54 24.57
C ARG D 66 34.08 -3.06 24.83
N THR D 67 33.06 -2.21 24.86
CA THR D 67 33.26 -0.77 25.05
C THR D 67 32.38 -0.19 26.16
N LEU D 68 31.16 -0.69 26.29
CA LEU D 68 30.15 0.01 27.10
C LEU D 68 30.28 -0.29 28.59
N ARG D 69 30.22 -1.57 28.96
CA ARG D 69 29.93 -1.96 30.34
C ARG D 69 31.19 -2.08 31.19
N ARG D 70 32.21 -1.30 30.88
CA ARG D 70 33.43 -1.31 31.70
C ARG D 70 33.07 -0.80 33.09
N ASP D 71 33.00 -1.70 34.07
CA ASP D 71 32.54 -1.39 35.42
C ASP D 71 33.60 -1.79 36.43
N ASN D 72 33.32 -1.49 37.70
CA ASN D 72 34.20 -1.83 38.81
C ASN D 72 33.86 -3.24 39.27
N VAL D 73 34.70 -4.20 38.88
CA VAL D 73 34.45 -5.61 39.19
C VAL D 73 35.33 -6.12 40.33
N LYS D 74 36.39 -5.40 40.70
CA LYS D 74 37.29 -5.87 41.74
C LYS D 74 36.55 -6.03 43.07
N GLN D 75 35.68 -5.08 43.40
CA GLN D 75 34.90 -5.18 44.63
C GLN D 75 34.02 -6.42 44.62
N ILE D 76 33.41 -6.72 43.47
CA ILE D 76 32.59 -7.93 43.35
C ILE D 76 33.46 -9.17 43.56
N LEU D 77 34.66 -9.17 42.99
CA LEU D 77 35.56 -10.32 43.08
C LEU D 77 36.40 -10.33 44.36
N THR D 78 36.05 -9.54 45.38
CA THR D 78 36.81 -9.48 46.63
C THR D 78 35.87 -9.47 47.82
N ARG D 79 34.85 -10.31 47.80
CA ARG D 79 33.94 -10.45 48.93
C ARG D 79 34.42 -11.52 49.89
N GLU D 80 33.96 -11.42 51.14
CA GLU D 80 34.21 -12.48 52.11
C GLU D 80 33.55 -13.78 51.68
N LEU D 81 32.32 -13.68 51.17
CA LEU D 81 31.57 -14.82 50.63
C LEU D 81 31.05 -14.45 49.25
N PRO D 82 31.94 -14.37 48.25
CA PRO D 82 31.49 -13.99 46.91
C PRO D 82 30.50 -15.01 46.34
N PHE D 83 29.49 -14.50 45.64
CA PHE D 83 28.51 -15.37 45.03
C PHE D 83 29.11 -16.06 43.81
N SER D 84 28.92 -17.38 43.72
CA SER D 84 29.42 -18.11 42.57
C SER D 84 28.71 -17.71 41.28
N SER D 85 27.52 -17.11 41.38
CA SER D 85 26.74 -16.81 40.19
C SER D 85 27.49 -15.88 39.24
N ASP D 86 28.05 -14.79 39.78
CA ASP D 86 28.79 -13.84 38.94
C ASP D 86 30.26 -14.23 38.82
N LEU D 87 30.80 -14.87 39.84
CA LEU D 87 32.20 -15.29 39.79
C LEU D 87 32.42 -16.29 38.66
N ILE D 88 31.50 -17.25 38.50
CA ILE D 88 31.58 -18.17 37.38
C ILE D 88 31.28 -17.46 36.07
N ASN D 89 30.44 -16.42 36.10
CA ASN D 89 30.21 -15.62 34.90
C ASN D 89 31.50 -14.98 34.42
N TYR D 90 32.37 -14.58 35.36
CA TYR D 90 33.68 -14.07 35.03
C TYR D 90 34.75 -15.17 34.99
N ALA D 91 34.34 -16.43 35.04
CA ALA D 91 35.20 -17.58 34.76
C ALA D 91 36.39 -17.63 35.73
N HIS D 92 36.05 -17.88 36.99
CA HIS D 92 37.03 -18.13 38.03
C HIS D 92 36.68 -19.43 38.75
N HIS D 93 37.68 -20.29 38.94
CA HIS D 93 37.43 -21.58 39.56
C HIS D 93 36.94 -21.40 40.98
N VAL D 94 36.01 -22.28 41.40
CA VAL D 94 35.46 -22.28 42.74
C VAL D 94 35.54 -23.70 43.30
N ASN D 95 35.51 -23.79 44.63
CA ASN D 95 35.63 -25.06 45.34
C ASN D 95 34.29 -25.68 45.67
N SER D 96 33.19 -25.11 45.20
CA SER D 96 31.85 -25.63 45.51
C SER D 96 31.70 -27.01 44.91
N SER D 97 31.63 -28.04 45.75
CA SER D 97 31.40 -29.39 45.26
C SER D 97 30.04 -29.49 44.57
N SER D 98 29.04 -28.78 45.10
CA SER D 98 27.72 -28.76 44.49
C SER D 98 27.72 -28.10 43.11
N LEU D 99 28.76 -27.33 42.77
CA LEU D 99 28.83 -26.62 41.49
C LEU D 99 30.06 -27.01 40.69
N THR D 100 30.68 -28.14 41.00
CA THR D 100 31.86 -28.62 40.28
C THR D 100 31.78 -30.12 40.10
N THR D 101 32.55 -30.63 39.15
CA THR D 101 32.59 -32.06 38.85
C THR D 101 33.98 -32.41 38.34
N SER D 102 34.30 -33.70 38.43
CA SER D 102 35.60 -34.22 38.00
C SER D 102 35.55 -34.87 36.63
N GLN D 103 34.39 -35.37 36.20
CA GLN D 103 34.29 -36.03 34.90
C GLN D 103 34.55 -35.03 33.78
N GLY D 104 35.28 -35.47 32.77
CA GLY D 104 35.64 -34.62 31.65
C GLY D 104 36.77 -33.66 31.91
N VAL D 105 37.55 -33.88 32.98
CA VAL D 105 38.64 -32.96 33.30
C VAL D 105 39.70 -32.95 32.22
N GLU D 106 39.84 -34.05 31.47
CA GLU D 106 40.80 -34.07 30.37
C GLU D 106 40.43 -33.06 29.30
N ALA D 107 39.14 -32.80 29.09
CA ALA D 107 38.74 -31.75 28.15
C ALA D 107 39.19 -30.38 28.65
N ALA D 108 39.04 -30.13 29.95
CA ALA D 108 39.53 -28.87 30.51
C ALA D 108 41.04 -28.74 30.35
N ARG D 109 41.77 -29.83 30.57
CA ARG D 109 43.21 -29.80 30.37
C ARG D 109 43.55 -29.53 28.91
N LEU D 110 42.78 -30.11 27.98
CA LEU D 110 43.01 -29.85 26.56
C LEU D 110 42.79 -28.37 26.24
N VAL D 111 41.73 -27.78 26.78
CA VAL D 111 41.47 -26.36 26.55
C VAL D 111 42.61 -25.52 27.12
N ALA D 112 43.09 -25.88 28.32
CA ALA D 112 44.19 -25.17 28.94
C ALA D 112 45.45 -25.25 28.08
N GLN D 113 45.75 -26.44 27.55
CA GLN D 113 46.91 -26.57 26.68
C GLN D 113 46.73 -25.74 25.42
N VAL D 114 45.51 -25.68 24.89
CA VAL D 114 45.25 -24.94 23.66
C VAL D 114 45.51 -23.45 23.88
N TYR D 115 44.99 -22.91 24.98
CA TYR D 115 44.97 -21.46 25.20
C TYR D 115 45.96 -20.98 26.25
N GLY D 116 46.93 -21.81 26.65
CA GLY D 116 47.87 -21.42 27.69
C GLY D 116 48.75 -20.23 27.33
N GLU D 117 48.91 -19.94 26.04
CA GLU D 117 49.73 -18.79 25.64
C GLU D 117 49.17 -17.47 26.11
N GLN D 118 47.89 -17.41 26.47
CA GLN D 118 47.22 -16.17 26.85
C GLN D 118 46.56 -16.23 28.22
N VAL D 119 45.94 -17.36 28.57
CA VAL D 119 45.19 -17.48 29.81
C VAL D 119 46.13 -17.89 30.95
N PRO D 120 46.20 -17.16 32.06
CA PRO D 120 46.84 -17.73 33.26
C PRO D 120 46.06 -18.93 33.76
N PHE D 121 46.79 -19.94 34.25
CA PHE D 121 46.18 -21.24 34.49
C PHE D 121 45.38 -21.27 35.78
N ASP D 122 46.03 -20.91 36.90
CA ASP D 122 45.46 -21.21 38.22
C ASP D 122 44.15 -20.49 38.47
N HIS D 123 43.94 -19.31 37.90
CA HIS D 123 42.69 -18.59 38.15
C HIS D 123 41.54 -19.20 37.37
N ILE D 124 41.81 -19.81 36.21
CA ILE D 124 40.77 -20.41 35.39
C ILE D 124 40.65 -21.90 35.65
N TYR D 125 41.77 -22.59 35.83
CA TYR D 125 41.77 -24.04 36.04
C TYR D 125 43.03 -24.39 36.81
N PRO D 126 42.93 -24.61 38.13
CA PRO D 126 44.11 -25.07 38.88
C PRO D 126 44.66 -26.35 38.27
N THR D 127 45.95 -26.31 37.95
CA THR D 127 46.57 -27.41 37.21
C THR D 127 46.50 -28.71 38.00
N GLY D 128 46.05 -29.77 37.36
CA GLY D 128 45.94 -31.07 37.98
C GLY D 128 44.78 -31.25 38.93
N SER D 129 43.89 -30.26 39.03
CA SER D 129 42.76 -30.38 39.94
C SER D 129 41.84 -31.50 39.50
N ALA D 130 41.43 -32.35 40.45
CA ALA D 130 40.52 -33.43 40.14
C ALA D 130 39.17 -32.89 39.67
N THR D 131 38.65 -31.88 40.35
CA THR D 131 37.38 -31.26 40.02
C THR D 131 37.59 -29.94 39.28
N TYR D 132 36.52 -29.46 38.65
CA TYR D 132 36.56 -28.20 37.93
C TYR D 132 35.13 -27.71 37.73
N CYS D 133 35.00 -26.41 37.47
CA CYS D 133 33.72 -25.80 37.20
C CYS D 133 33.55 -25.68 35.68
N PRO D 134 32.83 -26.59 35.02
CA PRO D 134 32.71 -26.48 33.55
C PRO D 134 32.07 -25.18 33.08
N GLY D 135 31.18 -24.59 33.88
CA GLY D 135 30.58 -23.32 33.48
C GLY D 135 31.61 -22.22 33.31
N ALA D 136 32.57 -22.16 34.24
CA ALA D 136 33.65 -21.17 34.12
C ALA D 136 34.44 -21.38 32.84
N ILE D 137 34.75 -22.63 32.52
CA ILE D 137 35.51 -22.91 31.30
C ILE D 137 34.71 -22.50 30.07
N ALA D 138 33.41 -22.78 30.07
CA ALA D 138 32.56 -22.39 28.94
C ALA D 138 32.54 -20.88 28.78
N ASN D 139 32.36 -20.15 29.88
CA ASN D 139 32.34 -18.69 29.80
C ASN D 139 33.68 -18.17 29.29
N ALA D 140 34.78 -18.74 29.78
CA ALA D 140 36.10 -18.27 29.38
C ALA D 140 36.35 -18.51 27.90
N ILE D 141 35.98 -19.70 27.40
CA ILE D 141 36.23 -19.97 25.99
C ILE D 141 35.36 -19.09 25.12
N SER D 142 34.12 -18.82 25.55
CA SER D 142 33.28 -17.90 24.79
C SER D 142 33.90 -16.52 24.73
N ARG D 143 34.36 -16.00 25.87
CA ARG D 143 34.94 -14.66 25.89
C ARG D 143 36.23 -14.60 25.11
N ILE D 144 37.05 -15.66 25.18
CA ILE D 144 38.27 -15.72 24.39
C ILE D 144 37.95 -15.70 22.89
N MET D 145 36.93 -16.46 22.50
CA MET D 145 36.49 -16.45 21.10
C MET D 145 36.02 -15.06 20.70
N ALA D 146 35.37 -14.34 21.61
CA ALA D 146 34.93 -12.97 21.33
C ALA D 146 36.09 -12.01 21.15
N GLY D 147 37.28 -12.34 21.65
CA GLY D 147 38.44 -11.47 21.57
C GLY D 147 38.93 -10.92 22.89
N PHE D 148 38.30 -11.29 24.01
CA PHE D 148 38.69 -10.77 25.31
C PHE D 148 39.94 -11.49 25.82
N VAL D 149 40.43 -11.03 26.96
CA VAL D 149 41.61 -11.62 27.61
C VAL D 149 41.36 -11.64 29.11
N PRO D 150 41.26 -12.81 29.76
CA PRO D 150 40.96 -12.81 31.19
C PRO D 150 42.09 -12.25 32.04
N ARG D 151 41.73 -11.76 33.21
CA ARG D 151 42.68 -11.32 34.22
C ARG D 151 42.18 -11.80 35.58
N GLU D 152 43.08 -12.37 36.38
CA GLU D 152 42.68 -12.85 37.69
C GLU D 152 42.27 -11.70 38.58
N GLY D 153 41.10 -11.84 39.21
CA GLY D 153 40.59 -10.79 40.08
C GLY D 153 40.40 -9.46 39.39
N ASP D 154 40.08 -9.46 38.10
CA ASP D 154 39.93 -8.22 37.35
C ASP D 154 39.08 -8.47 36.12
N ASP D 155 38.48 -7.40 35.60
CA ASP D 155 37.63 -7.51 34.44
C ASP D 155 38.43 -7.90 33.21
N PHE D 156 37.75 -8.57 32.27
CA PHE D 156 38.38 -8.97 31.02
C PHE D 156 38.87 -7.76 30.25
N ALA D 157 40.01 -7.92 29.57
CA ALA D 157 40.60 -6.86 28.77
C ALA D 157 40.29 -7.11 27.30
N PRO D 158 39.48 -6.27 26.62
CA PRO D 158 39.20 -6.54 25.22
C PRO D 158 40.37 -6.20 24.30
N SER D 159 41.34 -7.12 24.23
CA SER D 159 42.53 -6.91 23.43
C SER D 159 42.95 -8.13 22.61
N GLY D 160 42.40 -9.31 22.89
CA GLY D 160 42.81 -10.51 22.19
C GLY D 160 42.30 -10.56 20.76
N PRO D 161 42.85 -11.46 19.97
CA PRO D 161 42.39 -11.58 18.57
C PRO D 161 41.02 -12.22 18.48
N ILE D 162 40.32 -11.90 17.40
CA ILE D 162 38.98 -12.42 17.17
C ILE D 162 39.07 -13.82 16.59
N ASP D 163 38.15 -14.69 17.00
CA ASP D 163 38.06 -16.03 16.43
C ASP D 163 37.19 -16.00 15.18
N TYR D 164 37.61 -16.75 14.16
CA TYR D 164 36.91 -16.71 12.87
C TYR D 164 35.48 -17.21 13.01
N LEU D 165 35.27 -18.27 13.79
CA LEU D 165 33.92 -18.80 13.98
C LEU D 165 33.03 -17.77 14.67
N ALA D 166 33.59 -17.00 15.60
CA ALA D 166 32.81 -15.95 16.25
C ALA D 166 32.34 -14.92 15.22
N ALA D 167 33.23 -14.54 14.30
CA ALA D 167 32.83 -13.62 13.24
C ALA D 167 31.77 -14.22 12.34
N ASP D 168 31.89 -15.51 12.02
CA ASP D 168 30.93 -16.16 11.13
C ASP D 168 29.55 -16.23 11.77
N LEU D 169 29.49 -16.59 13.05
CA LEU D 169 28.21 -16.86 13.69
C LEU D 169 27.36 -15.62 13.89
N ILE D 170 27.92 -14.42 13.71
CA ILE D 170 27.13 -13.20 13.90
C ILE D 170 26.00 -13.09 12.89
N ALA D 171 26.13 -13.74 11.72
CA ALA D 171 25.10 -13.67 10.70
C ALA D 171 23.92 -14.60 10.96
N TYR D 172 24.07 -15.58 11.85
CA TYR D 172 23.06 -16.59 12.10
C TYR D 172 22.46 -16.38 13.49
N LYS D 173 21.13 -16.46 13.57
CA LYS D 173 20.39 -16.24 14.80
C LYS D 173 19.96 -17.53 15.49
N PHE D 174 19.67 -18.58 14.71
CA PHE D 174 19.09 -19.82 15.23
C PHE D 174 20.08 -20.96 15.12
N VAL D 175 20.12 -21.80 16.16
CA VAL D 175 21.04 -22.93 16.24
C VAL D 175 20.24 -24.19 16.57
N LEU D 176 20.82 -25.34 16.23
CA LEU D 176 20.17 -26.63 16.45
C LEU D 176 21.24 -27.71 16.54
N PRO D 177 21.71 -28.03 17.75
CA PRO D 177 22.70 -29.11 17.89
C PRO D 177 22.07 -30.48 17.67
N TYR D 178 22.92 -31.44 17.29
CA TYR D 178 22.50 -32.83 17.19
C TYR D 178 23.73 -33.72 17.08
N MET D 179 23.53 -35.01 17.33
CA MET D 179 24.60 -36.01 17.31
C MET D 179 24.44 -36.91 16.09
N LEU D 180 25.58 -37.38 15.58
CA LEU D 180 25.60 -38.27 14.42
C LEU D 180 26.58 -39.41 14.66
N ASP D 181 26.22 -40.59 14.18
CA ASP D 181 27.15 -41.70 14.04
C ASP D 181 26.90 -42.37 12.69
N MET D 182 27.93 -42.99 12.15
CA MET D 182 27.86 -43.55 10.80
C MET D 182 26.81 -44.65 10.73
N VAL D 183 25.93 -44.57 9.72
CA VAL D 183 24.91 -45.58 9.50
C VAL D 183 24.63 -45.67 8.00
N ASP D 184 24.54 -46.90 7.49
CA ASP D 184 24.20 -47.16 6.10
C ASP D 184 25.26 -46.64 5.13
N GLY D 185 26.45 -46.30 5.62
CA GLY D 185 27.50 -45.75 4.79
C GLY D 185 27.38 -44.28 4.52
N ARG D 186 26.32 -43.61 4.99
CA ARG D 186 26.10 -42.19 4.84
C ARG D 186 25.92 -41.55 6.21
N PRO D 187 26.30 -40.28 6.39
CA PRO D 187 25.99 -39.62 7.67
C PRO D 187 24.49 -39.41 7.82
N GLN D 188 24.05 -39.46 9.08
CA GLN D 188 22.64 -39.27 9.39
C GLN D 188 22.51 -38.87 10.85
N ILE D 189 21.50 -38.04 11.13
CA ILE D 189 21.24 -37.62 12.49
C ILE D 189 20.74 -38.81 13.30
N VAL D 190 21.25 -38.95 14.51
CA VAL D 190 20.94 -40.09 15.38
C VAL D 190 20.64 -39.58 16.78
N LEU D 191 19.94 -40.41 17.55
CA LEU D 191 19.74 -40.12 18.96
C LEU D 191 21.08 -40.22 19.69
N PRO D 192 21.22 -39.54 20.83
CA PRO D 192 22.53 -39.52 21.50
C PRO D 192 23.02 -40.92 21.86
N SER D 193 24.33 -41.10 21.77
CA SER D 193 24.98 -42.38 22.06
C SER D 193 25.77 -42.37 23.35
N HIS D 194 26.17 -41.21 23.85
CA HIS D 194 26.91 -41.08 25.10
C HIS D 194 26.38 -39.89 25.87
N THR D 195 26.66 -39.87 27.17
CA THR D 195 26.35 -38.71 27.97
C THR D 195 27.39 -37.62 27.73
N VAL D 196 27.03 -36.39 28.13
CA VAL D 196 27.94 -35.26 27.92
C VAL D 196 29.24 -35.46 28.69
N GLU D 197 29.17 -36.04 29.89
CA GLU D 197 30.38 -36.31 30.66
C GLU D 197 31.24 -37.36 29.96
N GLU D 198 30.63 -38.47 29.53
CA GLU D 198 31.36 -39.46 28.75
C GLU D 198 31.90 -38.85 27.47
N MET D 199 31.14 -37.93 26.87
CA MET D 199 31.61 -37.22 25.69
C MET D 199 32.90 -36.47 25.98
N LEU D 200 32.90 -35.66 27.04
CA LEU D 200 34.08 -34.87 27.37
C LEU D 200 35.25 -35.76 27.77
N THR D 201 34.99 -36.91 28.39
CA THR D 201 36.09 -37.79 28.79
C THR D 201 36.87 -38.28 27.58
N ASN D 202 36.17 -38.63 26.50
CA ASN D 202 36.79 -39.06 25.25
C ASN D 202 36.57 -37.94 24.23
N THR D 203 37.52 -37.01 24.18
CA THR D 203 37.40 -35.87 23.27
C THR D 203 37.39 -36.29 21.80
N SER D 204 37.93 -37.47 21.47
CA SER D 204 37.95 -37.91 20.09
C SER D 204 36.54 -38.07 19.53
N LEU D 205 35.56 -38.36 20.38
CA LEU D 205 34.19 -38.53 19.92
C LEU D 205 33.57 -37.22 19.44
N LEU D 206 34.19 -36.07 19.75
CA LEU D 206 33.56 -34.79 19.49
C LEU D 206 33.34 -34.53 18.00
N ASN D 207 34.02 -35.27 17.12
CA ASN D 207 33.70 -35.15 15.70
C ASN D 207 32.30 -35.67 15.40
N SER D 208 31.71 -36.47 16.28
CA SER D 208 30.36 -36.97 16.06
C SER D 208 29.34 -35.84 16.14
N ILE D 209 29.50 -34.93 17.10
CA ILE D 209 28.49 -33.90 17.35
C ILE D 209 28.55 -32.83 16.27
N ASP D 210 27.38 -32.25 15.97
CA ASP D 210 27.28 -31.24 14.93
C ASP D 210 26.07 -30.36 15.25
N ALA D 211 26.07 -29.15 14.69
CA ALA D 211 24.96 -28.22 14.83
C ALA D 211 24.73 -27.52 13.50
N SER D 212 23.50 -27.07 13.31
CA SER D 212 23.09 -26.32 12.13
C SER D 212 22.63 -24.94 12.54
N PHE D 213 23.10 -23.93 11.80
CA PHE D 213 22.82 -22.53 12.10
C PHE D 213 21.83 -21.97 11.08
N GLY D 214 20.97 -21.08 11.53
CA GLY D 214 19.94 -20.51 10.68
C GLY D 214 19.78 -19.03 10.92
N ILE D 215 19.44 -18.32 9.85
CA ILE D 215 19.26 -16.87 9.89
C ILE D 215 17.88 -16.56 10.43
N GLU D 216 17.63 -15.29 10.73
CA GLU D 216 16.28 -14.79 11.02
C GLU D 216 15.97 -13.70 10.01
N ALA D 217 14.86 -13.85 9.29
CA ALA D 217 14.46 -12.91 8.23
C ALA D 217 13.02 -12.48 8.52
N ARG D 218 12.88 -11.42 9.32
CA ARG D 218 11.58 -10.81 9.56
C ARG D 218 11.12 -9.93 8.40
N SER D 219 11.97 -9.70 7.40
CA SER D 219 11.60 -8.82 6.29
C SER D 219 10.41 -9.37 5.52
N ASP D 220 10.39 -10.68 5.26
CA ASP D 220 9.36 -11.31 4.45
C ASP D 220 8.29 -11.91 5.35
N GLN D 221 7.03 -11.60 5.06
CA GLN D 221 5.91 -12.22 5.76
C GLN D 221 5.63 -13.63 5.27
N ARG D 222 6.25 -14.05 4.17
CA ARG D 222 6.05 -15.39 3.65
C ARG D 222 6.68 -16.43 4.58
N MET D 223 6.07 -17.61 4.62
CA MET D 223 6.54 -18.70 5.48
C MET D 223 7.83 -19.28 4.88
N THR D 224 8.36 -20.31 5.55
CA THR D 224 9.63 -20.91 5.16
C THR D 224 9.39 -22.01 4.14
N ARG D 225 10.07 -21.92 3.00
CA ARG D 225 10.02 -22.94 1.96
C ARG D 225 11.16 -23.93 2.20
N ASP D 226 11.46 -24.76 1.21
CA ASP D 226 12.67 -25.58 1.27
C ASP D 226 13.94 -24.74 1.31
N ALA D 227 13.86 -23.45 0.94
CA ALA D 227 15.01 -22.57 0.97
C ALA D 227 15.57 -22.37 2.37
N ALA D 228 14.82 -22.73 3.41
CA ALA D 228 15.34 -22.65 4.77
C ALA D 228 16.59 -23.52 4.93
N GLU D 229 16.64 -24.66 4.24
CA GLU D 229 17.84 -25.47 4.24
C GLU D 229 18.96 -24.84 3.42
N MET D 230 18.61 -24.14 2.34
CA MET D 230 19.62 -23.45 1.54
C MET D 230 20.30 -22.36 2.37
N SER D 231 19.53 -21.61 3.15
CA SER D 231 20.10 -20.55 3.95
C SER D 231 21.01 -21.10 5.04
N SER D 232 20.61 -22.19 5.68
CA SER D 232 21.32 -22.70 6.84
C SER D 232 22.67 -23.29 6.45
N ARG D 233 23.52 -23.47 7.47
CA ARG D 233 24.81 -24.13 7.31
C ARG D 233 25.08 -24.93 8.58
N SER D 234 25.96 -25.93 8.45
CA SER D 234 26.34 -26.80 9.55
C SER D 234 27.76 -26.51 9.98
N LEU D 235 28.05 -26.87 11.24
CA LEU D 235 29.32 -26.47 11.86
C LEU D 235 30.51 -27.04 11.12
N ASN D 236 30.48 -28.35 10.80
CA ASN D 236 31.61 -28.97 10.11
C ASN D 236 31.58 -28.75 8.61
N GLU D 237 30.50 -28.19 8.07
CA GLU D 237 30.48 -27.83 6.65
C GLU D 237 31.37 -26.64 6.36
N LEU D 238 31.66 -25.81 7.35
CA LEU D 238 32.42 -24.59 7.14
C LEU D 238 33.85 -24.92 6.70
N GLU D 239 34.46 -23.96 6.00
CA GLU D 239 35.84 -24.10 5.59
C GLU D 239 36.74 -24.28 6.80
N ASP D 240 37.68 -25.21 6.69
CA ASP D 240 38.59 -25.52 7.79
C ASP D 240 39.70 -24.49 7.88
N HIS D 241 40.01 -24.07 9.10
CA HIS D 241 41.10 -23.14 9.35
C HIS D 241 41.58 -23.32 10.78
N ASP D 242 42.84 -22.97 11.01
CA ASP D 242 43.42 -23.15 12.35
C ASP D 242 42.71 -22.31 13.39
N GLN D 243 42.44 -21.04 13.07
CA GLN D 243 41.83 -20.14 14.05
C GLN D 243 40.35 -20.39 14.21
N ARG D 244 39.70 -21.03 13.23
CA ARG D 244 38.29 -21.36 13.33
C ARG D 244 38.13 -22.50 14.33
N GLY D 245 37.70 -22.17 15.53
CA GLY D 245 37.68 -23.12 16.64
C GLY D 245 36.41 -23.94 16.76
N ARG D 246 36.22 -24.92 15.87
CA ARG D 246 35.11 -25.84 16.01
C ARG D 246 35.24 -26.64 17.30
N MET D 247 36.44 -27.15 17.56
CA MET D 247 36.67 -27.98 18.74
C MET D 247 36.38 -27.24 20.04
N PRO D 248 36.90 -26.04 20.27
CA PRO D 248 36.51 -25.31 21.49
C PRO D 248 35.02 -24.98 21.56
N TRP D 249 34.37 -24.73 20.42
CA TRP D 249 32.93 -24.50 20.45
C TRP D 249 32.17 -25.73 20.94
N LYS D 250 32.55 -26.91 20.43
CA LYS D 250 31.93 -28.14 20.89
C LYS D 250 32.23 -28.38 22.36
N ILE D 251 33.45 -28.07 22.80
CA ILE D 251 33.79 -28.19 24.21
C ILE D 251 32.92 -27.27 25.05
N MET D 252 32.68 -26.05 24.55
CA MET D 252 31.83 -25.10 25.27
C MET D 252 30.42 -25.67 25.43
N LEU D 253 29.86 -26.21 24.35
CA LEU D 253 28.52 -26.77 24.42
C LEU D 253 28.46 -27.91 25.44
N GLY D 254 29.39 -28.84 25.34
CA GLY D 254 29.42 -29.96 26.27
C GLY D 254 29.62 -29.53 27.71
N MET D 255 30.49 -28.53 27.92
CA MET D 255 30.77 -28.06 29.27
C MET D 255 29.54 -27.40 29.88
N MET D 256 28.82 -26.61 29.09
CA MET D 256 27.60 -25.98 29.61
C MET D 256 26.58 -27.05 29.96
N ALA D 257 26.44 -28.07 29.12
CA ALA D 257 25.51 -29.15 29.43
C ALA D 257 25.91 -29.87 30.71
N ALA D 258 27.21 -30.14 30.88
CA ALA D 258 27.67 -30.83 32.08
C ALA D 258 27.44 -29.97 33.33
N GLN D 259 27.65 -28.66 33.21
CA GLN D 259 27.38 -27.76 34.32
C GLN D 259 25.91 -27.85 34.72
N LEU D 260 25.02 -27.83 33.72
CA LEU D 260 23.60 -27.96 34.01
C LEU D 260 23.31 -29.28 34.71
N LYS D 261 23.90 -30.37 34.23
CA LYS D 261 23.64 -31.67 34.84
C LYS D 261 24.10 -31.74 36.28
N VAL D 262 25.30 -31.23 36.56
CA VAL D 262 25.83 -31.33 37.92
C VAL D 262 25.03 -30.44 38.87
N GLU D 263 24.63 -29.25 38.42
CA GLU D 263 23.83 -28.42 39.32
C GLU D 263 22.43 -28.97 39.48
N LEU D 264 21.89 -29.66 38.46
CA LEU D 264 20.63 -30.37 38.63
C LEU D 264 20.76 -31.46 39.69
N ASP D 265 21.87 -32.19 39.66
CA ASP D 265 22.12 -33.20 40.70
C ASP D 265 22.19 -32.54 42.07
N ALA D 266 22.88 -31.40 42.17
CA ALA D 266 22.96 -30.69 43.44
C ALA D 266 21.59 -30.20 43.91
N LEU D 267 20.68 -29.94 42.97
CA LEU D 267 19.35 -29.43 43.32
C LEU D 267 18.56 -30.39 44.21
N ALA D 268 18.94 -31.67 44.24
CA ALA D 268 18.19 -32.65 45.03
C ALA D 268 18.18 -32.32 46.51
N ASP D 269 19.13 -31.52 47.00
CA ASP D 269 19.21 -31.20 48.41
C ASP D 269 18.27 -30.07 48.84
N GLU D 270 17.56 -29.45 47.90
CA GLU D 270 16.67 -28.33 48.21
C GLU D 270 15.25 -28.80 48.51
N ARG D 271 15.11 -29.74 49.44
CA ARG D 271 13.78 -30.24 49.79
C ARG D 271 12.94 -29.15 50.46
N THR D 272 13.53 -28.45 51.44
CA THR D 272 12.78 -27.44 52.17
C THR D 272 12.34 -26.30 51.24
N GLU D 273 13.28 -25.77 50.45
CA GLU D 273 12.94 -24.68 49.54
C GLU D 273 11.95 -25.14 48.48
N SER D 274 12.15 -26.33 47.92
CA SER D 274 11.27 -26.81 46.86
C SER D 274 9.85 -27.00 47.37
N GLN D 275 9.70 -27.62 48.56
CA GLN D 275 8.37 -27.81 49.12
C GLN D 275 7.77 -26.49 49.58
N ALA D 276 8.61 -25.51 49.94
CA ALA D 276 8.09 -24.21 50.34
C ALA D 276 7.43 -23.47 49.18
N ASN D 277 7.72 -23.85 47.94
CA ASN D 277 7.14 -23.23 46.76
C ASN D 277 6.63 -24.28 45.80
N ALA D 278 6.01 -25.34 46.32
CA ALA D 278 5.46 -26.38 45.46
C ALA D 278 4.36 -25.85 44.54
N HIS D 279 3.78 -24.69 44.86
CA HIS D 279 2.73 -24.11 44.04
C HIS D 279 3.18 -23.78 42.63
N VAL D 280 4.48 -23.55 42.41
CA VAL D 280 4.95 -23.12 41.09
C VAL D 280 5.14 -24.34 40.19
N THR D 281 4.06 -24.76 39.54
CA THR D 281 4.13 -25.86 38.60
C THR D 281 4.75 -25.44 37.27
N SER D 282 4.80 -24.14 36.98
CA SER D 282 5.38 -23.65 35.74
C SER D 282 6.91 -23.69 35.73
N PHE D 283 7.54 -24.05 36.85
CA PHE D 283 8.99 -24.15 36.89
C PHE D 283 9.50 -25.13 35.84
N GLY D 284 8.95 -26.35 35.84
CA GLY D 284 9.34 -27.33 34.83
C GLY D 284 8.95 -26.91 33.43
N SER D 285 7.82 -26.21 33.29
CA SER D 285 7.42 -25.71 31.98
C SER D 285 8.47 -24.77 31.41
N ARG D 286 8.88 -23.78 32.20
CA ARG D 286 9.90 -22.84 31.74
C ARG D 286 11.23 -23.56 31.49
N LEU D 287 11.58 -24.51 32.36
CA LEU D 287 12.80 -25.28 32.16
C LEU D 287 12.80 -25.96 30.81
N PHE D 288 11.72 -26.69 30.50
CA PHE D 288 11.62 -27.36 29.20
C PHE D 288 11.63 -26.36 28.06
N ASN D 289 10.96 -25.22 28.23
CA ASN D 289 10.89 -24.25 27.16
C ASN D 289 12.26 -23.71 26.79
N GLN D 290 13.09 -23.42 27.79
CA GLN D 290 14.40 -22.83 27.56
C GLN D 290 15.51 -23.87 27.39
N MET D 291 15.20 -25.17 27.41
CA MET D 291 16.20 -26.22 27.38
C MET D 291 16.29 -26.92 26.03
N SER D 292 15.68 -26.34 24.99
CA SER D 292 15.64 -27.01 23.69
C SER D 292 17.03 -27.22 23.09
N ALA D 293 18.04 -26.49 23.55
CA ALA D 293 19.36 -26.55 22.91
C ALA D 293 20.10 -27.83 23.26
N PHE D 294 20.03 -28.27 24.52
CA PHE D 294 20.93 -29.31 25.03
C PHE D 294 20.33 -30.71 25.04
N VAL D 295 19.01 -30.83 24.91
CA VAL D 295 18.38 -32.15 25.04
C VAL D 295 18.86 -33.11 23.97
N THR D 296 19.14 -32.60 22.77
CA THR D 296 19.45 -33.45 21.63
C THR D 296 20.85 -34.04 21.66
N ILE D 297 21.59 -33.88 22.76
CA ILE D 297 22.98 -34.34 22.84
C ILE D 297 23.20 -35.38 23.92
N ASP D 298 22.28 -35.56 24.86
CA ASP D 298 22.50 -36.42 26.03
C ASP D 298 21.32 -37.36 26.22
N HIS D 299 21.61 -38.51 26.85
CA HIS D 299 20.55 -39.44 27.22
C HIS D 299 19.64 -38.86 28.28
N GLU D 300 20.24 -38.34 29.35
CA GLU D 300 19.47 -38.02 30.56
C GLU D 300 18.65 -36.75 30.40
N LEU D 301 19.14 -35.75 29.68
CA LEU D 301 18.31 -34.60 29.36
C LEU D 301 17.14 -35.00 28.46
N MET D 302 17.38 -35.94 27.53
CA MET D 302 16.27 -36.47 26.75
C MET D 302 15.24 -37.14 27.66
N GLU D 303 15.70 -37.93 28.62
CA GLU D 303 14.79 -38.60 29.54
C GLU D 303 13.99 -37.58 30.34
N LEU D 304 14.65 -36.53 30.84
CA LEU D 304 13.95 -35.53 31.62
C LEU D 304 12.92 -34.79 30.78
N ALA D 305 13.28 -34.43 29.54
CA ALA D 305 12.33 -33.75 28.66
C ALA D 305 11.14 -34.64 28.35
N LEU D 306 11.38 -35.92 28.08
CA LEU D 306 10.29 -36.85 27.81
C LEU D 306 9.38 -36.98 29.03
N LEU D 307 9.98 -37.07 30.22
CA LEU D 307 9.19 -37.17 31.44
C LEU D 307 8.34 -35.92 31.65
N ILE D 308 8.93 -34.74 31.42
CA ILE D 308 8.18 -33.50 31.60
C ILE D 308 7.03 -33.41 30.61
N LYS D 309 7.27 -33.79 29.36
CA LYS D 309 6.19 -33.80 28.37
C LYS D 309 5.10 -34.77 28.77
N GLU D 310 5.48 -35.98 29.21
CA GLU D 310 4.48 -36.94 29.64
C GLU D 310 3.74 -36.45 30.88
N GLN D 311 4.43 -35.74 31.77
CA GLN D 311 3.84 -35.21 32.98
C GLN D 311 3.03 -33.94 32.77
N GLY D 312 2.83 -33.51 31.52
CA GLY D 312 1.97 -32.39 31.23
C GLY D 312 2.66 -31.04 31.17
N PHE D 313 3.98 -31.00 31.04
CA PHE D 313 4.72 -29.74 30.90
C PHE D 313 4.51 -28.81 32.09
N ALA D 314 4.32 -29.37 33.28
CA ALA D 314 4.06 -28.54 34.45
C ALA D 314 4.34 -29.35 35.71
N MET D 315 5.36 -28.95 36.47
CA MET D 315 5.68 -29.59 37.74
C MET D 315 6.51 -28.63 38.58
N ASN D 316 6.52 -28.88 39.88
CA ASN D 316 7.22 -28.02 40.82
C ASN D 316 8.70 -28.40 40.87
N PRO D 317 9.55 -27.53 41.43
CA PRO D 317 10.98 -27.85 41.50
C PRO D 317 11.28 -29.15 42.23
N GLY D 318 10.52 -29.46 43.29
CA GLY D 318 10.73 -30.71 44.00
C GLY D 318 10.47 -31.92 43.12
N GLN D 319 9.41 -31.86 42.32
CA GLN D 319 9.12 -32.94 41.38
C GLN D 319 10.26 -33.11 40.38
N ILE D 320 10.76 -31.99 39.84
CA ILE D 320 11.86 -32.06 38.88
C ILE D 320 13.08 -32.71 39.53
N ALA D 321 13.41 -32.28 40.75
CA ALA D 321 14.58 -32.83 41.42
C ALA D 321 14.43 -34.32 41.68
N SER D 322 13.27 -34.73 42.21
CA SER D 322 13.06 -36.14 42.52
C SER D 322 13.09 -37.00 41.26
N LYS D 323 12.43 -36.54 40.19
CA LYS D 323 12.39 -37.33 38.97
C LYS D 323 13.76 -37.38 38.31
N TRP D 324 14.53 -36.28 38.38
CA TRP D 324 15.89 -36.31 37.84
C TRP D 324 16.77 -37.27 38.64
N SER D 325 16.59 -37.29 39.98
CA SER D 325 17.33 -38.25 40.78
C SER D 325 16.96 -39.68 40.39
N LEU D 326 15.67 -39.93 40.14
CA LEU D 326 15.24 -41.25 39.69
C LEU D 326 15.88 -41.61 38.36
N ILE D 327 15.95 -40.65 37.43
CA ILE D 327 16.59 -40.90 36.14
C ILE D 327 18.07 -41.23 36.34
N ARG D 328 18.75 -40.46 37.19
CA ARG D 328 20.17 -40.70 37.41
C ARG D 328 20.42 -42.07 38.01
N ARG D 329 19.63 -42.45 39.02
CA ARG D 329 19.84 -43.74 39.67
C ARG D 329 19.49 -44.90 38.73
N SER D 330 18.37 -44.79 38.02
CA SER D 330 17.89 -45.89 37.20
C SER D 330 18.73 -46.07 35.93
N GLY D 331 19.16 -44.97 35.33
CA GLY D 331 19.83 -45.01 34.05
C GLY D 331 18.81 -44.93 32.92
N PRO D 332 18.92 -45.80 31.89
CA PRO D 332 17.89 -45.79 30.84
C PRO D 332 16.58 -46.38 31.34
N THR D 333 15.58 -45.53 31.58
CA THR D 333 14.30 -45.98 32.11
C THR D 333 13.38 -46.53 31.05
N ARG D 334 13.64 -46.27 29.76
CA ARG D 334 12.82 -46.77 28.67
C ARG D 334 13.73 -47.21 27.53
N PRO D 335 13.39 -48.30 26.81
CA PRO D 335 14.08 -48.60 25.55
C PRO D 335 13.49 -47.81 24.40
N LEU D 336 14.26 -46.85 23.88
CA LEU D 336 13.78 -45.96 22.84
C LEU D 336 13.93 -46.54 21.44
N SER D 337 14.29 -47.82 21.32
CA SER D 337 14.44 -48.44 20.00
C SER D 337 13.13 -48.40 19.21
N GLY D 338 11.99 -48.44 19.90
CA GLY D 338 10.72 -48.38 19.20
C GLY D 338 10.51 -47.06 18.49
N ALA D 339 10.88 -45.95 19.12
CA ALA D 339 10.69 -44.64 18.53
C ALA D 339 11.76 -44.37 17.47
N ARG D 340 11.45 -43.43 16.58
CA ARG D 340 12.37 -43.01 15.53
C ARG D 340 12.37 -41.48 15.45
N LEU D 341 13.52 -40.92 15.11
CA LEU D 341 13.66 -39.47 14.99
C LEU D 341 13.35 -39.03 13.56
N GLU D 342 12.95 -37.75 13.44
CA GLU D 342 12.60 -37.18 12.15
C GLU D 342 12.96 -35.71 12.15
N ILE D 343 13.01 -35.14 10.94
CA ILE D 343 13.36 -33.74 10.73
C ILE D 343 12.15 -33.04 10.13
N ARG D 344 10.96 -33.46 10.53
CA ARG D 344 9.72 -32.92 9.97
C ARG D 344 9.64 -31.41 10.18
N ASN D 345 9.56 -30.67 9.08
CA ASN D 345 9.38 -29.22 9.11
C ASN D 345 10.48 -28.55 9.93
N GLY D 346 11.69 -29.09 9.86
CA GLY D 346 12.83 -28.47 10.51
C GLY D 346 13.03 -28.85 11.96
N ASN D 347 11.93 -29.05 12.69
CA ASN D 347 12.04 -29.39 14.09
C ASN D 347 12.66 -30.78 14.25
N TRP D 348 13.26 -31.00 15.42
CA TRP D 348 13.90 -32.26 15.76
C TRP D 348 13.01 -32.95 16.78
N MET D 349 12.35 -34.03 16.36
CA MET D 349 11.38 -34.72 17.20
C MET D 349 11.51 -36.23 17.02
N ILE D 350 10.95 -36.96 17.98
CA ILE D 350 10.97 -38.41 18.01
C ILE D 350 9.53 -38.90 18.17
N ARG D 351 9.18 -39.94 17.41
CA ARG D 351 7.81 -40.44 17.36
C ARG D 351 7.81 -41.95 17.51
N GLU D 352 6.77 -42.46 18.15
CA GLU D 352 6.49 -43.90 18.19
C GLU D 352 5.47 -44.24 17.11
N GLY D 353 5.89 -44.07 15.87
CA GLY D 353 5.00 -44.24 14.74
C GLY D 353 4.28 -42.95 14.41
N ASP D 354 3.03 -42.82 14.88
CA ASP D 354 2.25 -41.61 14.68
C ASP D 354 2.44 -40.62 15.82
N GLN D 355 2.26 -41.07 17.05
CA GLN D 355 2.38 -40.18 18.21
C GLN D 355 3.80 -39.65 18.34
N THR D 356 3.92 -38.37 18.67
CA THR D 356 5.20 -37.71 18.87
C THR D 356 5.55 -37.74 20.36
N LEU D 357 6.70 -38.32 20.69
CA LEU D 357 7.12 -38.46 22.07
C LEU D 357 7.83 -37.22 22.60
N LEU D 358 8.49 -36.46 21.73
CA LEU D 358 9.18 -35.24 22.15
C LEU D 358 9.56 -34.47 20.89
N SER D 359 9.36 -33.16 20.93
CA SER D 359 9.65 -32.29 19.79
C SER D 359 10.50 -31.12 20.25
N VAL D 360 11.47 -30.77 19.41
CA VAL D 360 12.42 -29.69 19.69
C VAL D 360 12.57 -28.84 18.45
N SER D 361 12.67 -27.52 18.64
CA SER D 361 12.84 -26.55 17.59
C SER D 361 14.16 -25.82 17.77
N PRO D 362 14.69 -25.18 16.72
CA PRO D 362 15.98 -24.49 16.86
C PRO D 362 15.92 -23.39 17.90
N ALA D 363 17.01 -23.25 18.66
CA ALA D 363 17.10 -22.25 19.69
C ALA D 363 17.67 -20.95 19.15
N ARG D 364 17.19 -19.84 19.67
CA ARG D 364 17.69 -18.51 19.30
C ARG D 364 18.86 -18.16 20.20
N MET D 365 19.97 -17.76 19.60
CA MET D 365 21.22 -17.51 20.32
C MET D 365 21.62 -16.04 20.29
N ALA D 366 21.66 -15.42 19.13
CA ALA D 366 22.08 -14.02 19.01
C ALA D 366 20.90 -13.09 19.11
N ASN E 2 32.75 -35.39 8.63
CA ASN E 2 31.69 -34.67 7.88
C ASN E 2 30.31 -35.08 8.37
N THR E 3 29.33 -34.18 8.20
CA THR E 3 27.98 -34.41 8.67
C THR E 3 27.00 -33.76 7.71
N VAL E 4 25.72 -34.16 7.84
CA VAL E 4 24.68 -33.63 6.97
C VAL E 4 24.43 -32.17 7.31
N ARG E 5 23.99 -31.41 6.30
CA ARG E 5 23.77 -29.97 6.42
C ARG E 5 22.31 -29.60 6.58
N VAL E 6 21.45 -30.56 6.90
CA VAL E 6 20.01 -30.27 6.98
C VAL E 6 19.76 -29.32 8.15
N GLY E 7 18.97 -28.30 7.90
CA GLY E 7 18.67 -27.31 8.93
C GLY E 7 17.62 -26.36 8.42
N VAL E 8 17.17 -25.49 9.32
CA VAL E 8 16.07 -24.57 9.02
C VAL E 8 16.30 -23.25 9.75
N SER E 9 15.91 -22.17 9.08
CA SER E 9 15.81 -20.84 9.65
C SER E 9 14.33 -20.52 9.81
N ARG E 10 13.99 -19.77 10.86
CA ARG E 10 12.60 -19.40 11.12
C ARG E 10 12.31 -18.08 10.40
N ASN E 11 12.40 -18.13 9.08
CA ASN E 11 12.17 -16.95 8.24
C ASN E 11 10.68 -16.63 8.25
N THR E 12 10.28 -15.68 9.08
CA THR E 12 8.87 -15.31 9.21
C THR E 12 8.80 -14.02 10.01
N SER E 13 7.93 -13.11 9.57
CA SER E 13 7.81 -11.81 10.24
C SER E 13 7.23 -11.93 11.64
N GLY E 14 6.63 -13.07 11.99
CA GLY E 14 6.02 -13.25 13.29
C GLY E 14 4.56 -12.83 13.28
N ALA E 15 4.30 -11.57 12.95
CA ALA E 15 2.93 -11.08 12.81
C ALA E 15 2.43 -11.41 11.41
N ALA E 16 1.30 -12.10 11.34
CA ALA E 16 0.73 -12.53 10.07
C ALA E 16 -0.79 -12.38 10.15
N GLY E 17 -1.49 -12.96 9.19
CA GLY E 17 -2.93 -12.88 9.13
C GLY E 17 -3.59 -13.84 10.11
N GLN E 18 -4.92 -13.91 9.99
CA GLN E 18 -5.72 -14.78 10.84
C GLN E 18 -6.93 -15.25 10.05
N THR E 19 -7.44 -16.42 10.42
CA THR E 19 -8.62 -17.01 9.81
C THR E 19 -9.69 -17.20 10.88
N LEU E 20 -10.95 -17.00 10.48
CA LEU E 20 -12.07 -17.01 11.41
C LEU E 20 -13.20 -17.85 10.83
N PHE E 21 -13.96 -18.48 11.72
CA PHE E 21 -15.04 -19.39 11.33
C PHE E 21 -14.50 -20.52 10.46
N ARG E 22 -13.63 -21.33 11.06
CA ARG E 22 -12.98 -22.41 10.32
C ARG E 22 -14.00 -23.44 9.85
N ASN E 23 -14.95 -23.80 10.71
CA ASN E 23 -15.91 -24.84 10.35
C ASN E 23 -16.78 -24.43 9.17
N PHE E 24 -17.21 -23.17 9.13
CA PHE E 24 -18.12 -22.71 8.10
C PHE E 24 -17.44 -22.74 6.74
N TYR E 25 -18.21 -23.09 5.71
CA TYR E 25 -17.64 -23.21 4.36
C TYR E 25 -17.53 -21.86 3.68
N LEU E 26 -18.67 -21.21 3.42
CA LEU E 26 -18.65 -19.92 2.74
C LEU E 26 -18.23 -18.80 3.67
N LEU E 27 -18.69 -18.82 4.92
CA LEU E 27 -18.46 -17.71 5.84
C LEU E 27 -17.06 -17.72 6.44
N ARG E 28 -16.23 -18.71 6.14
CA ARG E 28 -14.84 -18.64 6.51
C ARG E 28 -14.22 -17.40 5.88
N CYS E 29 -13.48 -16.63 6.68
CA CYS E 29 -12.88 -15.39 6.22
C CYS E 29 -11.45 -15.30 6.72
N ASN E 30 -10.61 -14.63 5.93
CA ASN E 30 -9.20 -14.42 6.24
C ASN E 30 -9.02 -12.95 6.58
N ILE E 31 -8.56 -12.68 7.80
CA ILE E 31 -8.42 -11.32 8.32
C ILE E 31 -6.96 -10.91 8.17
N LEU E 32 -6.72 -9.79 7.49
CA LEU E 32 -5.39 -9.22 7.33
C LEU E 32 -5.38 -7.81 7.90
N ALA E 33 -4.31 -7.49 8.63
CA ALA E 33 -4.14 -6.13 9.11
C ALA E 33 -4.09 -5.16 7.93
N ASP E 34 -4.45 -3.91 8.18
CA ASP E 34 -4.66 -2.96 7.10
C ASP E 34 -3.33 -2.53 6.48
N GLY E 35 -2.63 -3.46 5.85
CA GLY E 35 -1.39 -3.14 5.16
C GLY E 35 -0.38 -2.49 6.08
N ARG E 36 0.36 -1.53 5.53
CA ARG E 36 1.31 -0.72 6.30
C ARG E 36 0.70 0.59 6.76
N ASN E 37 -0.61 0.63 6.95
CA ASN E 37 -1.34 1.84 7.28
C ASN E 37 -1.69 1.87 8.77
N ALA E 38 -1.93 3.06 9.28
CA ALA E 38 -2.27 3.27 10.69
C ALA E 38 -3.77 3.27 10.94
N THR E 39 -4.59 3.01 9.92
CA THR E 39 -6.04 3.08 10.10
C THR E 39 -6.55 2.01 11.05
N LYS E 40 -5.91 0.84 11.03
CA LYS E 40 -6.28 -0.27 11.92
C LYS E 40 -7.74 -0.70 11.70
N ALA E 41 -8.17 -0.72 10.44
CA ALA E 41 -9.43 -1.32 10.04
C ALA E 41 -9.08 -2.62 9.32
N VAL E 42 -9.22 -3.73 10.03
CA VAL E 42 -8.71 -5.01 9.52
C VAL E 42 -9.47 -5.39 8.26
N GLN E 43 -8.73 -5.75 7.22
CA GLN E 43 -9.35 -6.25 6.00
C GLN E 43 -9.98 -7.61 6.24
N SER E 44 -11.07 -7.88 5.53
CA SER E 44 -11.75 -9.15 5.58
C SER E 44 -12.01 -9.63 4.16
N HIS E 45 -12.02 -10.95 3.98
CA HIS E 45 -12.18 -11.53 2.66
C HIS E 45 -12.63 -12.98 2.81
N PHE E 46 -13.66 -13.36 2.06
CA PHE E 46 -14.18 -14.72 2.09
C PHE E 46 -13.64 -15.47 0.89
N PRO E 47 -12.71 -16.42 1.05
CA PRO E 47 -12.16 -17.07 -0.14
C PRO E 47 -13.11 -18.05 -0.80
N PHE E 48 -13.79 -18.88 0.00
CA PHE E 48 -14.67 -19.88 -0.59
C PHE E 48 -15.91 -19.25 -1.21
N LEU E 49 -16.41 -18.15 -0.66
CA LEU E 49 -17.52 -17.45 -1.32
C LEU E 49 -17.09 -16.90 -2.67
N SER E 50 -15.90 -16.33 -2.74
CA SER E 50 -15.39 -15.84 -4.03
C SER E 50 -15.22 -16.98 -5.02
N ARG E 51 -14.70 -18.12 -4.56
CA ARG E 51 -14.56 -19.28 -5.44
C ARG E 51 -15.92 -19.78 -5.91
N ALA E 52 -16.91 -19.78 -5.01
CA ALA E 52 -18.25 -20.19 -5.38
C ALA E 52 -18.83 -19.29 -6.45
N VAL E 53 -18.67 -17.97 -6.29
CA VAL E 53 -19.17 -17.05 -7.30
C VAL E 53 -18.43 -17.24 -8.62
N ARG E 54 -17.12 -17.52 -8.55
CA ARG E 54 -16.34 -17.75 -9.77
C ARG E 54 -16.71 -19.07 -10.43
N CYS E 55 -17.25 -20.03 -9.68
CA CYS E 55 -17.60 -21.33 -10.23
C CYS E 55 -18.79 -21.29 -11.18
N LEU E 56 -19.49 -20.15 -11.29
CA LEU E 56 -20.62 -20.05 -12.19
C LEU E 56 -20.23 -20.12 -13.66
N SER E 57 -18.93 -20.21 -13.97
CA SER E 57 -18.43 -20.58 -15.30
C SER E 57 -17.51 -21.78 -15.07
N PRO E 58 -18.09 -22.98 -14.90
CA PRO E 58 -17.30 -24.09 -14.32
C PRO E 58 -16.05 -24.44 -15.11
N LEU E 59 -16.08 -24.38 -16.44
CA LEU E 59 -14.91 -24.77 -17.21
C LEU E 59 -13.75 -23.82 -16.97
N ALA E 60 -13.99 -22.51 -17.05
CA ALA E 60 -12.93 -21.55 -16.82
C ALA E 60 -12.46 -21.57 -15.37
N ALA E 61 -13.32 -21.98 -14.44
CA ALA E 61 -12.96 -22.06 -13.03
C ALA E 61 -12.32 -23.39 -12.64
N HIS E 62 -12.33 -24.38 -13.55
CA HIS E 62 -11.76 -25.69 -13.26
C HIS E 62 -10.82 -26.17 -14.36
N CYS E 63 -10.49 -25.33 -15.34
CA CYS E 63 -9.60 -25.75 -16.42
C CYS E 63 -8.21 -26.09 -15.89
N ALA E 64 -7.75 -25.40 -14.85
CA ALA E 64 -6.42 -25.65 -14.33
C ALA E 64 -6.28 -27.06 -13.77
N ASP E 65 -7.29 -27.53 -13.03
CA ASP E 65 -7.21 -28.83 -12.38
C ASP E 65 -7.28 -29.99 -13.36
N ARG E 66 -7.61 -29.75 -14.63
CA ARG E 66 -7.68 -30.85 -15.58
C ARG E 66 -6.32 -31.50 -15.79
N THR E 67 -5.23 -30.76 -15.57
CA THR E 67 -3.88 -31.27 -15.81
C THR E 67 -2.94 -31.06 -14.64
N LEU E 68 -3.10 -29.95 -13.91
CA LEU E 68 -2.05 -29.43 -13.03
C LEU E 68 -2.25 -29.78 -11.57
N ARG E 69 -2.75 -30.98 -11.25
CA ARG E 69 -2.75 -31.35 -9.84
C ARG E 69 -3.07 -32.83 -9.66
N ARG E 70 -2.28 -33.48 -8.81
CA ARG E 70 -2.70 -34.63 -8.03
C ARG E 70 -2.63 -34.34 -6.54
N ASP E 71 -1.48 -33.84 -6.07
CA ASP E 71 -1.35 -33.13 -4.79
C ASP E 71 -1.65 -34.00 -3.58
N ASN E 72 -1.83 -35.31 -3.74
CA ASN E 72 -2.11 -36.20 -2.62
C ASN E 72 -3.36 -35.74 -1.86
N VAL E 73 -4.40 -35.36 -2.62
CA VAL E 73 -5.63 -34.90 -1.98
C VAL E 73 -6.34 -36.03 -1.25
N LYS E 74 -5.98 -37.29 -1.54
CA LYS E 74 -6.56 -38.41 -0.82
C LYS E 74 -6.25 -38.29 0.67
N GLN E 75 -5.03 -37.88 1.01
CA GLN E 75 -4.69 -37.67 2.41
C GLN E 75 -5.57 -36.61 3.05
N ILE E 76 -5.83 -35.52 2.33
CA ILE E 76 -6.67 -34.45 2.86
C ILE E 76 -8.09 -34.97 3.10
N LEU E 77 -8.64 -35.71 2.14
CA LEU E 77 -10.01 -36.17 2.25
C LEU E 77 -10.15 -37.23 3.35
N THR E 78 -9.23 -38.19 3.40
CA THR E 78 -9.33 -39.34 4.28
C THR E 78 -8.59 -39.14 5.61
N ARG E 79 -8.41 -37.90 6.03
CA ARG E 79 -7.78 -37.65 7.31
C ARG E 79 -8.67 -38.15 8.45
N GLU E 80 -8.11 -38.19 9.65
CA GLU E 80 -8.90 -38.59 10.81
C GLU E 80 -10.02 -37.61 11.09
N LEU E 81 -9.71 -36.31 11.04
CA LEU E 81 -10.69 -35.24 11.24
C LEU E 81 -10.57 -34.26 10.09
N PRO E 82 -11.02 -34.64 8.89
CA PRO E 82 -10.87 -33.76 7.74
C PRO E 82 -11.71 -32.51 7.89
N PHE E 83 -11.21 -31.40 7.33
CA PHE E 83 -11.95 -30.16 7.36
C PHE E 83 -13.21 -30.29 6.51
N SER E 84 -14.35 -29.90 7.07
CA SER E 84 -15.60 -29.96 6.32
C SER E 84 -15.53 -29.09 5.08
N SER E 85 -14.74 -28.01 5.11
CA SER E 85 -14.56 -27.18 3.93
C SER E 85 -13.94 -27.98 2.79
N ASP E 86 -12.94 -28.81 3.08
CA ASP E 86 -12.33 -29.63 2.04
C ASP E 86 -13.32 -30.62 1.46
N LEU E 87 -14.09 -31.30 2.32
CA LEU E 87 -15.07 -32.27 1.84
C LEU E 87 -16.10 -31.59 0.95
N ILE E 88 -16.65 -30.46 1.40
CA ILE E 88 -17.64 -29.76 0.60
C ILE E 88 -17.02 -29.22 -0.69
N ASN E 89 -15.72 -28.91 -0.65
CA ASN E 89 -15.03 -28.47 -1.87
C ASN E 89 -14.90 -29.60 -2.87
N TYR E 90 -14.74 -30.84 -2.38
CA TYR E 90 -14.65 -32.01 -3.24
C TYR E 90 -15.97 -32.79 -3.29
N ALA E 91 -17.09 -32.09 -3.19
CA ALA E 91 -18.41 -32.66 -3.44
C ALA E 91 -18.71 -33.87 -2.56
N HIS E 92 -18.35 -33.79 -1.28
CA HIS E 92 -18.60 -34.86 -0.33
C HIS E 92 -19.66 -34.42 0.67
N HIS E 93 -20.67 -35.27 0.87
CA HIS E 93 -21.71 -34.99 1.84
C HIS E 93 -21.11 -34.95 3.25
N VAL E 94 -21.63 -34.05 4.07
CA VAL E 94 -21.20 -33.89 5.45
C VAL E 94 -22.44 -33.95 6.34
N ASN E 95 -22.33 -34.69 7.44
CA ASN E 95 -23.46 -34.91 8.33
C ASN E 95 -23.61 -33.82 9.39
N SER E 96 -22.76 -32.80 9.38
CA SER E 96 -22.85 -31.74 10.38
C SER E 96 -24.19 -31.01 10.26
N SER E 97 -24.85 -30.81 11.40
CA SER E 97 -26.15 -30.15 11.40
C SER E 97 -26.05 -28.68 11.03
N SER E 98 -24.87 -28.07 11.13
CA SER E 98 -24.70 -26.66 10.83
C SER E 98 -24.54 -26.37 9.34
N LEU E 99 -24.51 -27.41 8.48
CA LEU E 99 -24.30 -27.23 7.06
C LEU E 99 -25.28 -28.05 6.21
N THR E 100 -26.29 -28.66 6.83
CA THR E 100 -27.26 -29.50 6.13
C THR E 100 -28.67 -28.96 6.38
N THR E 101 -29.48 -28.98 5.33
CA THR E 101 -30.85 -28.49 5.39
C THR E 101 -31.78 -29.49 4.72
N SER E 102 -33.03 -29.50 5.16
CA SER E 102 -34.04 -30.39 4.60
C SER E 102 -34.78 -29.77 3.42
N GLN E 103 -34.90 -28.45 3.38
CA GLN E 103 -35.65 -27.80 2.32
C GLN E 103 -34.95 -27.96 0.97
N GLY E 104 -35.76 -28.08 -0.08
CA GLY E 104 -35.24 -28.20 -1.42
C GLY E 104 -34.67 -29.56 -1.76
N VAL E 105 -34.92 -30.57 -0.93
CA VAL E 105 -34.34 -31.89 -1.18
C VAL E 105 -34.85 -32.50 -2.47
N GLU E 106 -36.06 -32.12 -2.89
CA GLU E 106 -36.58 -32.65 -4.15
C GLU E 106 -35.71 -32.23 -5.33
N ALA E 107 -35.24 -30.97 -5.34
CA ALA E 107 -34.30 -30.56 -6.38
C ALA E 107 -32.99 -31.32 -6.27
N ALA E 108 -32.55 -31.61 -5.04
CA ALA E 108 -31.33 -32.36 -4.85
C ALA E 108 -31.43 -33.75 -5.49
N ARG E 109 -32.53 -34.45 -5.23
CA ARG E 109 -32.68 -35.77 -5.84
C ARG E 109 -32.95 -35.66 -7.34
N LEU E 110 -33.54 -34.56 -7.80
CA LEU E 110 -33.71 -34.35 -9.23
C LEU E 110 -32.35 -34.30 -9.93
N VAL E 111 -31.43 -33.51 -9.40
CA VAL E 111 -30.10 -33.47 -10.00
C VAL E 111 -29.38 -34.80 -9.79
N ALA E 112 -29.59 -35.43 -8.63
CA ALA E 112 -28.95 -36.70 -8.34
C ALA E 112 -29.39 -37.80 -9.29
N GLN E 113 -30.61 -37.72 -9.84
CA GLN E 113 -31.07 -38.72 -10.80
C GLN E 113 -30.86 -38.30 -12.25
N VAL E 114 -30.73 -37.00 -12.56
CA VAL E 114 -30.33 -36.64 -13.90
C VAL E 114 -28.84 -36.88 -14.10
N TYR E 115 -28.06 -36.97 -13.02
CA TYR E 115 -26.66 -37.39 -13.10
C TYR E 115 -26.40 -38.69 -12.34
N GLY E 116 -27.44 -39.45 -12.04
CA GLY E 116 -27.28 -40.62 -11.19
C GLY E 116 -26.45 -41.72 -11.82
N GLU E 117 -26.73 -42.04 -13.09
CA GLU E 117 -26.15 -43.22 -13.72
C GLU E 117 -24.77 -42.96 -14.31
N GLN E 118 -24.46 -41.73 -14.67
CA GLN E 118 -23.17 -41.40 -15.27
C GLN E 118 -22.10 -41.07 -14.25
N VAL E 119 -22.42 -41.14 -12.95
CA VAL E 119 -21.49 -40.75 -11.89
C VAL E 119 -21.82 -41.55 -10.64
N PRO E 120 -20.83 -41.93 -9.81
CA PRO E 120 -21.17 -42.51 -8.50
C PRO E 120 -21.66 -41.44 -7.55
N PHE E 121 -22.94 -41.13 -7.62
CA PHE E 121 -23.53 -39.99 -6.92
C PHE E 121 -23.92 -40.31 -5.48
N ASP E 122 -23.68 -41.53 -5.00
CA ASP E 122 -24.14 -41.90 -3.66
C ASP E 122 -23.44 -41.06 -2.59
N HIS E 123 -22.13 -40.89 -2.70
CA HIS E 123 -21.39 -40.15 -1.68
C HIS E 123 -21.71 -38.65 -1.71
N ILE E 124 -22.23 -38.14 -2.82
CA ILE E 124 -22.60 -36.73 -2.89
C ILE E 124 -23.94 -36.49 -2.20
N TYR E 125 -24.91 -37.35 -2.48
CA TYR E 125 -26.24 -37.26 -1.88
C TYR E 125 -26.69 -38.68 -1.53
N PRO E 126 -26.54 -39.11 -0.27
CA PRO E 126 -27.03 -40.45 0.11
C PRO E 126 -28.51 -40.58 -0.17
N THR E 127 -28.87 -41.57 -0.99
CA THR E 127 -30.25 -41.74 -1.43
C THR E 127 -31.16 -42.00 -0.23
N GLY E 128 -32.30 -41.32 -0.20
CA GLY E 128 -33.27 -41.47 0.86
C GLY E 128 -33.05 -40.58 2.05
N SER E 129 -31.88 -39.97 2.19
CA SER E 129 -31.63 -39.09 3.33
C SER E 129 -32.44 -37.80 3.17
N ALA E 130 -33.16 -37.45 4.23
CA ALA E 130 -33.96 -36.22 4.19
C ALA E 130 -33.07 -34.99 4.06
N THR E 131 -31.98 -34.95 4.81
CA THR E 131 -31.07 -33.80 4.80
C THR E 131 -30.02 -33.97 3.72
N TYR E 132 -29.41 -32.84 3.35
CA TYR E 132 -28.36 -32.83 2.33
C TYR E 132 -27.55 -31.55 2.48
N CYS E 133 -26.37 -31.56 1.87
CA CYS E 133 -25.47 -30.41 1.91
C CYS E 133 -25.59 -29.64 0.61
N PRO E 134 -26.20 -28.44 0.59
CA PRO E 134 -26.32 -27.73 -0.69
C PRO E 134 -24.98 -27.42 -1.36
N GLY E 135 -23.95 -27.08 -0.56
CA GLY E 135 -22.67 -26.75 -1.15
C GLY E 135 -22.04 -27.92 -1.88
N ALA E 136 -22.17 -29.12 -1.31
CA ALA E 136 -21.61 -30.30 -1.96
C ALA E 136 -22.27 -30.55 -3.30
N ILE E 137 -23.59 -30.43 -3.38
CA ILE E 137 -24.28 -30.65 -4.65
C ILE E 137 -23.92 -29.56 -5.65
N ALA E 138 -23.78 -28.32 -5.19
CA ALA E 138 -23.37 -27.24 -6.10
C ALA E 138 -22.00 -27.52 -6.68
N ASN E 139 -21.06 -27.92 -5.83
CA ASN E 139 -19.71 -28.23 -6.33
C ASN E 139 -19.72 -29.43 -7.26
N ALA E 140 -20.54 -30.44 -6.95
CA ALA E 140 -20.65 -31.60 -7.83
C ALA E 140 -21.19 -31.19 -9.20
N ILE E 141 -22.21 -30.34 -9.22
CA ILE E 141 -22.76 -29.88 -10.49
C ILE E 141 -21.72 -29.10 -11.27
N SER E 142 -20.99 -28.22 -10.59
CA SER E 142 -19.95 -27.45 -11.28
C SER E 142 -18.88 -28.35 -11.86
N ARG E 143 -18.42 -29.33 -11.08
CA ARG E 143 -17.37 -30.23 -11.56
C ARG E 143 -17.86 -31.05 -12.75
N ILE E 144 -19.05 -31.65 -12.64
CA ILE E 144 -19.56 -32.48 -13.72
C ILE E 144 -19.78 -31.64 -14.98
N MET E 145 -20.35 -30.44 -14.81
CA MET E 145 -20.52 -29.54 -15.94
C MET E 145 -19.19 -29.11 -16.54
N ALA E 146 -18.11 -29.15 -15.76
CA ALA E 146 -16.79 -28.76 -16.23
C ALA E 146 -16.07 -29.88 -16.97
N GLY E 147 -16.58 -31.10 -16.93
CA GLY E 147 -15.96 -32.22 -17.63
C GLY E 147 -15.13 -33.10 -16.72
N PHE E 148 -15.61 -33.33 -15.51
CA PHE E 148 -14.96 -34.20 -14.53
C PHE E 148 -15.92 -35.31 -14.14
N VAL E 149 -15.41 -36.28 -13.39
CA VAL E 149 -16.25 -37.30 -12.77
C VAL E 149 -15.71 -37.55 -11.36
N PRO E 150 -16.54 -37.56 -10.32
CA PRO E 150 -16.03 -37.67 -8.96
C PRO E 150 -15.67 -39.11 -8.59
N ARG E 151 -14.90 -39.23 -7.51
CA ARG E 151 -14.63 -40.49 -6.86
C ARG E 151 -14.78 -40.30 -5.36
N GLU E 152 -15.12 -41.37 -4.66
CA GLU E 152 -15.24 -41.33 -3.21
C GLU E 152 -13.86 -41.46 -2.59
N GLY E 153 -13.38 -40.38 -1.98
CA GLY E 153 -12.09 -40.33 -1.33
C GLY E 153 -10.97 -39.81 -2.21
N ASP E 154 -11.01 -40.12 -3.51
CA ASP E 154 -9.96 -39.74 -4.43
C ASP E 154 -10.30 -38.42 -5.13
N ASP E 155 -9.37 -37.96 -5.97
CA ASP E 155 -9.57 -36.73 -6.71
C ASP E 155 -10.54 -36.95 -7.87
N PHE E 156 -11.08 -35.85 -8.38
CA PHE E 156 -11.88 -35.91 -9.59
C PHE E 156 -11.01 -36.33 -10.77
N ALA E 157 -11.62 -37.06 -11.71
CA ALA E 157 -10.93 -37.56 -12.88
C ALA E 157 -11.41 -36.79 -14.11
N PRO E 158 -10.57 -36.01 -14.81
CA PRO E 158 -11.07 -35.31 -16.00
C PRO E 158 -11.34 -36.26 -17.15
N SER E 159 -12.45 -37.00 -17.07
CA SER E 159 -12.78 -38.02 -18.05
C SER E 159 -14.18 -37.90 -18.63
N GLY E 160 -15.11 -37.24 -17.95
CA GLY E 160 -16.48 -37.15 -18.42
C GLY E 160 -16.65 -36.17 -19.56
N PRO E 161 -17.84 -36.13 -20.14
CA PRO E 161 -18.09 -35.18 -21.23
C PRO E 161 -18.28 -33.76 -20.72
N ILE E 162 -18.19 -32.82 -21.65
CA ILE E 162 -18.26 -31.40 -21.35
C ILE E 162 -19.62 -30.88 -21.81
N ASP E 163 -20.36 -30.29 -20.88
CA ASP E 163 -21.65 -29.71 -21.21
C ASP E 163 -21.48 -28.50 -22.11
N TYR E 164 -22.49 -28.24 -22.94
CA TYR E 164 -22.40 -27.16 -23.90
C TYR E 164 -22.44 -25.79 -23.22
N LEU E 165 -23.17 -25.68 -22.11
CA LEU E 165 -23.27 -24.39 -21.43
C LEU E 165 -21.94 -23.93 -20.87
N ALA E 166 -21.15 -24.87 -20.33
CA ALA E 166 -19.84 -24.51 -19.80
C ALA E 166 -18.95 -23.97 -20.91
N ALA E 167 -18.99 -24.59 -22.08
CA ALA E 167 -18.22 -24.08 -23.21
C ALA E 167 -18.73 -22.72 -23.66
N ASP E 168 -20.05 -22.52 -23.67
CA ASP E 168 -20.60 -21.24 -24.09
C ASP E 168 -20.19 -20.12 -23.15
N LEU E 169 -20.15 -20.39 -21.85
CA LEU E 169 -19.88 -19.35 -20.86
C LEU E 169 -18.43 -18.87 -20.88
N ILE E 170 -17.54 -19.52 -21.64
CA ILE E 170 -16.15 -19.10 -21.66
C ILE E 170 -16.02 -17.67 -22.18
N ALA E 171 -16.84 -17.30 -23.17
CA ALA E 171 -16.72 -15.99 -23.78
C ALA E 171 -17.14 -14.85 -22.85
N TYR E 172 -17.87 -15.16 -21.78
CA TYR E 172 -18.42 -14.15 -20.89
C TYR E 172 -17.68 -14.12 -19.57
N LYS E 173 -17.64 -12.93 -18.96
CA LYS E 173 -16.96 -12.69 -17.69
C LYS E 173 -17.88 -12.21 -16.58
N PHE E 174 -19.02 -11.62 -16.90
CA PHE E 174 -19.93 -11.03 -15.92
C PHE E 174 -21.27 -11.75 -15.96
N VAL E 175 -21.93 -11.81 -14.80
CA VAL E 175 -23.23 -12.45 -14.67
C VAL E 175 -24.13 -11.57 -13.81
N LEU E 176 -25.44 -11.71 -13.99
CA LEU E 176 -26.42 -10.91 -13.25
C LEU E 176 -27.73 -11.68 -13.20
N PRO E 177 -27.91 -12.54 -12.20
CA PRO E 177 -29.20 -13.24 -12.06
C PRO E 177 -30.32 -12.27 -11.71
N TYR E 178 -31.53 -12.61 -12.18
CA TYR E 178 -32.71 -11.83 -11.83
C TYR E 178 -33.96 -12.66 -12.14
N MET E 179 -35.03 -12.38 -11.40
CA MET E 179 -36.30 -13.06 -11.59
C MET E 179 -37.06 -12.45 -12.77
N LEU E 180 -38.14 -13.12 -13.16
CA LEU E 180 -38.98 -12.69 -14.26
C LEU E 180 -40.44 -12.91 -13.90
N ASP E 181 -41.32 -12.17 -14.57
CA ASP E 181 -42.76 -12.33 -14.39
C ASP E 181 -43.47 -11.85 -15.64
N MET E 182 -44.64 -12.44 -15.89
CA MET E 182 -45.48 -12.09 -17.04
C MET E 182 -46.45 -11.00 -16.59
N VAL E 183 -46.12 -9.75 -16.91
CA VAL E 183 -46.96 -8.60 -16.60
C VAL E 183 -47.19 -7.81 -17.87
N ASP E 184 -48.44 -7.38 -18.08
CA ASP E 184 -48.85 -6.66 -19.28
C ASP E 184 -48.72 -7.52 -20.54
N GLY E 185 -48.79 -8.84 -20.40
CA GLY E 185 -48.65 -9.72 -21.53
C GLY E 185 -47.24 -9.87 -22.07
N ARG E 186 -46.25 -9.33 -21.37
CA ARG E 186 -44.85 -9.36 -21.78
C ARG E 186 -43.99 -9.59 -20.55
N PRO E 187 -42.78 -10.13 -20.73
CA PRO E 187 -41.92 -10.38 -19.57
C PRO E 187 -41.22 -9.12 -19.10
N GLN E 188 -41.11 -8.98 -17.78
CA GLN E 188 -40.44 -7.84 -17.17
C GLN E 188 -39.77 -8.28 -15.89
N ILE E 189 -38.71 -7.57 -15.52
CA ILE E 189 -37.95 -7.92 -14.32
C ILE E 189 -38.70 -7.42 -13.09
N VAL E 190 -38.76 -8.28 -12.07
CA VAL E 190 -39.49 -7.98 -10.84
C VAL E 190 -38.60 -8.32 -9.65
N LEU E 191 -38.98 -7.79 -8.50
CA LEU E 191 -38.27 -8.09 -7.27
C LEU E 191 -38.47 -9.55 -6.90
N PRO E 192 -37.56 -10.12 -6.10
CA PRO E 192 -37.75 -11.52 -5.68
C PRO E 192 -39.07 -11.69 -4.94
N SER E 193 -39.73 -12.81 -5.21
CA SER E 193 -41.02 -13.13 -4.62
C SER E 193 -41.03 -14.39 -3.76
N HIS E 194 -40.07 -15.29 -3.95
CA HIS E 194 -39.97 -16.52 -3.18
C HIS E 194 -38.56 -16.70 -2.66
N THR E 195 -38.44 -17.39 -1.53
CA THR E 195 -37.15 -17.82 -1.06
C THR E 195 -36.61 -18.94 -1.95
N VAL E 196 -35.28 -19.06 -1.98
CA VAL E 196 -34.68 -20.10 -2.82
C VAL E 196 -35.11 -21.49 -2.34
N GLU E 197 -35.37 -21.65 -1.04
CA GLU E 197 -35.87 -22.93 -0.56
C GLU E 197 -37.24 -23.23 -1.15
N GLU E 198 -38.16 -22.27 -1.08
CA GLU E 198 -39.50 -22.48 -1.65
C GLU E 198 -39.42 -22.74 -3.15
N MET E 199 -38.58 -21.97 -3.85
CA MET E 199 -38.51 -22.10 -5.30
C MET E 199 -37.77 -23.37 -5.72
N LEU E 200 -36.94 -23.94 -4.84
CA LEU E 200 -36.35 -25.24 -5.11
C LEU E 200 -37.34 -26.37 -4.84
N THR E 201 -38.15 -26.25 -3.79
CA THR E 201 -39.13 -27.28 -3.50
C THR E 201 -40.13 -27.41 -4.64
N ASN E 202 -40.60 -26.29 -5.17
CA ASN E 202 -41.44 -26.27 -6.38
C ASN E 202 -40.49 -26.01 -7.55
N THR E 203 -39.95 -27.10 -8.10
CA THR E 203 -38.92 -26.98 -9.13
C THR E 203 -39.41 -26.27 -10.37
N SER E 204 -40.72 -26.22 -10.60
CA SER E 204 -41.24 -25.51 -11.77
C SER E 204 -40.93 -24.03 -11.69
N LEU E 205 -40.85 -23.46 -10.48
CA LEU E 205 -40.59 -22.05 -10.33
C LEU E 205 -39.22 -21.65 -10.86
N LEU E 206 -38.27 -22.58 -10.95
CA LEU E 206 -36.93 -22.24 -11.44
C LEU E 206 -36.95 -21.71 -12.87
N ASN E 207 -38.00 -22.00 -13.64
CA ASN E 207 -38.13 -21.40 -14.95
C ASN E 207 -38.26 -19.88 -14.88
N SER E 208 -38.64 -19.34 -13.71
CA SER E 208 -38.72 -17.90 -13.56
C SER E 208 -37.34 -17.26 -13.47
N ILE E 209 -36.34 -18.00 -12.97
CA ILE E 209 -35.00 -17.45 -12.87
C ILE E 209 -34.49 -17.13 -14.27
N ASP E 210 -33.74 -16.03 -14.38
CA ASP E 210 -33.07 -15.69 -15.62
C ASP E 210 -31.79 -14.94 -15.27
N ALA E 211 -30.83 -14.99 -16.18
CA ALA E 211 -29.56 -14.30 -16.00
C ALA E 211 -29.04 -13.86 -17.36
N SER E 212 -28.21 -12.82 -17.35
CA SER E 212 -27.64 -12.27 -18.57
C SER E 212 -26.14 -12.10 -18.39
N PHE E 213 -25.39 -12.61 -19.35
CA PHE E 213 -23.93 -12.59 -19.31
C PHE E 213 -23.40 -11.53 -20.27
N GLY E 214 -22.17 -11.09 -20.02
CA GLY E 214 -21.56 -10.04 -20.82
C GLY E 214 -20.06 -10.20 -20.89
N ILE E 215 -19.50 -9.78 -22.03
CA ILE E 215 -18.07 -9.88 -22.27
C ILE E 215 -17.32 -8.79 -21.52
N GLU E 216 -15.99 -8.91 -21.48
CA GLU E 216 -15.12 -7.90 -20.89
C GLU E 216 -14.07 -7.52 -21.93
N ALA E 217 -14.30 -6.40 -22.64
CA ALA E 217 -13.37 -5.94 -23.66
C ALA E 217 -12.20 -5.16 -23.04
N ARG E 218 -12.52 -4.18 -22.18
CA ARG E 218 -11.55 -3.38 -21.43
C ARG E 218 -10.75 -2.43 -22.31
N SER E 219 -11.05 -2.33 -23.60
CA SER E 219 -10.49 -1.26 -24.40
C SER E 219 -11.04 0.07 -23.91
N ASP E 220 -10.17 1.08 -23.82
CA ASP E 220 -10.54 2.36 -23.24
C ASP E 220 -11.41 3.16 -24.23
N GLN E 221 -12.60 2.62 -24.47
CA GLN E 221 -13.58 3.20 -25.38
C GLN E 221 -14.93 2.58 -25.07
N ARG E 222 -15.98 3.18 -25.59
CA ARG E 222 -17.32 2.60 -25.60
C ARG E 222 -17.88 2.36 -24.19
N MET E 223 -17.30 3.00 -23.17
CA MET E 223 -17.65 2.65 -21.79
C MET E 223 -19.12 2.90 -21.51
N THR E 224 -19.61 4.10 -21.84
CA THR E 224 -20.98 4.49 -21.47
C THR E 224 -22.03 4.00 -22.45
N ARG E 225 -21.64 3.50 -23.62
CA ARG E 225 -22.60 3.17 -24.66
C ARG E 225 -23.45 1.97 -24.23
N ASP E 226 -24.77 2.10 -24.39
CA ASP E 226 -25.68 0.97 -24.24
C ASP E 226 -25.86 0.20 -25.54
N ALA E 227 -25.00 0.46 -26.53
CA ALA E 227 -24.86 -0.44 -27.66
C ALA E 227 -24.16 -1.74 -27.27
N ALA E 228 -23.67 -1.83 -26.03
CA ALA E 228 -23.13 -3.08 -25.53
C ALA E 228 -24.21 -4.15 -25.37
N GLU E 229 -25.49 -3.78 -25.49
CA GLU E 229 -26.56 -4.77 -25.50
C GLU E 229 -26.35 -5.79 -26.61
N MET E 230 -25.64 -5.41 -27.68
CA MET E 230 -25.27 -6.37 -28.72
C MET E 230 -24.42 -7.49 -28.14
N SER E 231 -23.46 -7.15 -27.29
CA SER E 231 -22.54 -8.12 -26.70
C SER E 231 -23.08 -8.64 -25.36
N SER E 232 -24.20 -9.35 -25.44
CA SER E 232 -24.78 -9.99 -24.27
C SER E 232 -25.77 -11.04 -24.73
N ARG E 233 -26.06 -11.98 -23.83
CA ARG E 233 -27.06 -13.01 -24.07
C ARG E 233 -27.65 -13.42 -22.73
N SER E 234 -28.94 -13.71 -22.74
CA SER E 234 -29.63 -14.17 -21.53
C SER E 234 -29.68 -15.68 -21.51
N LEU E 235 -29.70 -16.23 -20.29
CA LEU E 235 -29.62 -17.68 -20.12
C LEU E 235 -30.79 -18.38 -20.80
N ASN E 236 -32.01 -17.86 -20.60
CA ASN E 236 -33.18 -18.48 -21.19
C ASN E 236 -33.26 -18.27 -22.70
N GLU E 237 -32.44 -17.37 -23.25
CA GLU E 237 -32.47 -17.09 -24.68
C GLU E 237 -31.63 -18.06 -25.49
N LEU E 238 -30.74 -18.80 -24.86
CA LEU E 238 -29.88 -19.73 -25.58
C LEU E 238 -30.72 -20.89 -26.12
N GLU E 239 -30.42 -21.32 -27.35
CA GLU E 239 -31.17 -22.38 -27.99
C GLU E 239 -31.11 -23.66 -27.17
N ASP E 240 -32.24 -24.35 -27.07
CA ASP E 240 -32.34 -25.53 -26.22
C ASP E 240 -31.54 -26.68 -26.82
N HIS E 241 -31.02 -27.54 -25.95
CA HIS E 241 -30.31 -28.74 -26.38
C HIS E 241 -30.27 -29.70 -25.20
N ASP E 242 -30.15 -31.00 -25.51
CA ASP E 242 -30.18 -32.01 -24.46
C ASP E 242 -29.01 -31.86 -23.50
N GLN E 243 -27.81 -31.60 -24.02
CA GLN E 243 -26.62 -31.51 -23.21
C GLN E 243 -26.40 -30.14 -22.59
N ARG E 244 -27.15 -29.12 -23.01
CA ARG E 244 -27.01 -27.78 -22.46
C ARG E 244 -27.71 -27.75 -21.10
N GLY E 245 -26.93 -27.90 -20.03
CA GLY E 245 -27.48 -28.01 -18.70
C GLY E 245 -27.95 -26.71 -18.10
N ARG E 246 -28.98 -26.10 -18.71
CA ARG E 246 -29.53 -24.85 -18.20
C ARG E 246 -30.14 -25.06 -16.82
N MET E 247 -31.02 -26.04 -16.69
CA MET E 247 -31.64 -26.30 -15.40
C MET E 247 -30.63 -26.71 -14.35
N PRO E 248 -29.63 -27.56 -14.63
CA PRO E 248 -28.53 -27.75 -13.66
C PRO E 248 -27.86 -26.46 -13.25
N TRP E 249 -27.67 -25.52 -14.18
CA TRP E 249 -27.03 -24.25 -13.84
C TRP E 249 -27.89 -23.47 -12.85
N LYS E 250 -29.19 -23.36 -13.14
CA LYS E 250 -30.08 -22.64 -12.23
C LYS E 250 -30.12 -23.32 -10.87
N ILE E 251 -30.16 -24.66 -10.86
CA ILE E 251 -30.17 -25.40 -9.61
C ILE E 251 -28.89 -25.12 -8.83
N MET E 252 -27.75 -25.07 -9.52
CA MET E 252 -26.48 -24.80 -8.84
C MET E 252 -26.49 -23.41 -8.21
N LEU E 253 -26.99 -22.41 -8.93
CA LEU E 253 -27.05 -21.07 -8.37
C LEU E 253 -27.93 -21.04 -7.13
N GLY E 254 -29.13 -21.61 -7.23
CA GLY E 254 -30.02 -21.65 -6.08
C GLY E 254 -29.42 -22.42 -4.92
N MET E 255 -28.69 -23.50 -5.23
CA MET E 255 -28.07 -24.31 -4.19
C MET E 255 -26.98 -23.53 -3.45
N MET E 256 -26.18 -22.75 -4.17
CA MET E 256 -25.18 -21.91 -3.52
C MET E 256 -25.85 -20.88 -2.63
N ALA E 257 -26.93 -20.26 -3.12
CA ALA E 257 -27.66 -19.30 -2.30
C ALA E 257 -28.20 -19.96 -1.04
N ALA E 258 -28.73 -21.18 -1.16
CA ALA E 258 -29.25 -21.88 0.00
C ALA E 258 -28.14 -22.23 0.98
N GLN E 259 -26.96 -22.59 0.48
CA GLN E 259 -25.83 -22.85 1.35
C GLN E 259 -25.47 -21.60 2.15
N LEU E 260 -25.42 -20.45 1.49
CA LEU E 260 -25.15 -19.20 2.20
C LEU E 260 -26.22 -18.94 3.24
N LYS E 261 -27.49 -19.18 2.91
CA LYS E 261 -28.57 -18.95 3.85
C LYS E 261 -28.42 -19.83 5.09
N VAL E 262 -28.20 -21.13 4.90
CA VAL E 262 -28.13 -22.03 6.05
C VAL E 262 -26.91 -21.70 6.90
N GLU E 263 -25.81 -21.30 6.27
CA GLU E 263 -24.65 -20.89 7.06
C GLU E 263 -24.93 -19.62 7.86
N LEU E 264 -25.64 -18.66 7.27
CA LEU E 264 -26.03 -17.47 8.03
C LEU E 264 -26.93 -17.84 9.20
N ASP E 265 -27.86 -18.77 8.98
CA ASP E 265 -28.71 -19.23 10.08
C ASP E 265 -27.89 -19.86 11.19
N ALA E 266 -26.92 -20.70 10.84
CA ALA E 266 -26.10 -21.36 11.85
C ALA E 266 -25.13 -20.38 12.53
N LEU E 267 -24.84 -19.25 11.90
CA LEU E 267 -23.92 -18.28 12.49
C LEU E 267 -24.43 -17.77 13.84
N ALA E 268 -25.75 -17.77 14.05
CA ALA E 268 -26.30 -17.26 15.29
C ALA E 268 -25.85 -18.07 16.51
N ASP E 269 -25.47 -19.34 16.32
CA ASP E 269 -25.04 -20.16 17.44
C ASP E 269 -23.58 -19.96 17.81
N GLU E 270 -22.79 -19.32 16.95
CA GLU E 270 -21.38 -19.05 17.23
C GLU E 270 -21.21 -17.73 17.95
N ARG E 271 -21.91 -17.58 19.08
CA ARG E 271 -21.89 -16.30 19.78
C ARG E 271 -20.52 -16.01 20.39
N THR E 272 -19.83 -17.04 20.86
CA THR E 272 -18.55 -16.82 21.53
C THR E 272 -17.53 -16.21 20.57
N GLU E 273 -17.34 -16.85 19.42
CA GLU E 273 -16.39 -16.33 18.44
C GLU E 273 -16.85 -14.98 17.89
N SER E 274 -18.16 -14.84 17.68
CA SER E 274 -18.69 -13.59 17.13
C SER E 274 -18.40 -12.41 18.07
N GLN E 275 -18.62 -12.60 19.37
CA GLN E 275 -18.38 -11.52 20.30
C GLN E 275 -16.89 -11.34 20.55
N ALA E 276 -16.10 -12.41 20.44
CA ALA E 276 -14.66 -12.26 20.55
C ALA E 276 -14.08 -11.47 19.38
N ASN E 277 -14.74 -11.53 18.22
CA ASN E 277 -14.31 -10.81 17.02
C ASN E 277 -15.21 -9.62 16.71
N ALA E 278 -15.67 -8.91 17.74
CA ALA E 278 -16.54 -7.75 17.53
C ALA E 278 -15.80 -6.58 16.88
N HIS E 279 -14.47 -6.62 16.85
CA HIS E 279 -13.71 -5.47 16.35
C HIS E 279 -13.56 -5.46 14.83
N VAL E 280 -13.92 -6.55 14.14
CA VAL E 280 -13.77 -6.62 12.68
C VAL E 280 -15.08 -6.13 12.09
N THR E 281 -15.16 -4.82 11.88
CA THR E 281 -16.38 -4.21 11.36
C THR E 281 -16.48 -4.28 9.84
N SER E 282 -15.38 -4.60 9.15
CA SER E 282 -15.44 -4.77 7.70
C SER E 282 -16.11 -6.07 7.28
N PHE E 283 -16.43 -6.94 8.24
CA PHE E 283 -17.12 -8.19 7.93
C PHE E 283 -18.40 -7.93 7.14
N GLY E 284 -19.25 -7.04 7.65
CA GLY E 284 -20.51 -6.77 7.00
C GLY E 284 -20.33 -6.17 5.61
N SER E 285 -19.42 -5.22 5.47
CA SER E 285 -19.19 -4.59 4.17
C SER E 285 -18.69 -5.59 3.16
N ARG E 286 -17.74 -6.44 3.56
CA ARG E 286 -17.22 -7.44 2.63
C ARG E 286 -18.29 -8.45 2.26
N LEU E 287 -19.11 -8.87 3.23
CA LEU E 287 -20.18 -9.81 2.93
C LEU E 287 -21.20 -9.20 1.96
N PHE E 288 -21.53 -7.92 2.17
CA PHE E 288 -22.43 -7.24 1.25
C PHE E 288 -21.82 -7.16 -0.14
N ASN E 289 -20.53 -6.87 -0.23
CA ASN E 289 -19.89 -6.80 -1.54
C ASN E 289 -19.88 -8.15 -2.24
N GLN E 290 -19.68 -9.23 -1.49
CA GLN E 290 -19.48 -10.55 -2.08
C GLN E 290 -20.79 -11.28 -2.36
N MET E 291 -21.87 -11.00 -1.63
CA MET E 291 -23.13 -11.68 -1.87
C MET E 291 -23.94 -11.07 -3.01
N SER E 292 -23.38 -10.09 -3.74
CA SER E 292 -24.19 -9.30 -4.66
C SER E 292 -24.82 -10.14 -5.77
N ALA E 293 -24.31 -11.33 -6.04
CA ALA E 293 -24.88 -12.17 -7.10
C ALA E 293 -26.17 -12.86 -6.67
N PHE E 294 -26.41 -13.04 -5.37
CA PHE E 294 -27.55 -13.81 -4.88
C PHE E 294 -28.69 -12.94 -4.37
N VAL E 295 -28.48 -11.65 -4.16
CA VAL E 295 -29.54 -10.81 -3.62
C VAL E 295 -30.70 -10.67 -4.59
N THR E 296 -30.41 -10.64 -5.89
CA THR E 296 -31.46 -10.39 -6.87
C THR E 296 -32.44 -11.54 -7.01
N ILE E 297 -32.17 -12.70 -6.40
CA ILE E 297 -33.00 -13.89 -6.57
C ILE E 297 -33.83 -14.22 -5.34
N ASP E 298 -33.50 -13.66 -4.17
CA ASP E 298 -34.11 -14.09 -2.92
C ASP E 298 -34.62 -12.91 -2.11
N HIS E 299 -35.69 -13.17 -1.35
CA HIS E 299 -36.24 -12.17 -0.43
C HIS E 299 -35.26 -11.81 0.68
N GLU E 300 -34.89 -12.82 1.48
CA GLU E 300 -34.19 -12.55 2.73
C GLU E 300 -32.82 -11.95 2.48
N LEU E 301 -32.12 -12.39 1.42
CA LEU E 301 -30.84 -11.78 1.09
C LEU E 301 -31.03 -10.32 0.70
N MET E 302 -32.10 -10.01 -0.02
CA MET E 302 -32.40 -8.61 -0.35
C MET E 302 -32.62 -7.79 0.90
N GLU E 303 -33.40 -8.34 1.86
CA GLU E 303 -33.65 -7.61 3.10
C GLU E 303 -32.37 -7.39 3.88
N LEU E 304 -31.51 -8.42 3.94
CA LEU E 304 -30.23 -8.28 4.64
C LEU E 304 -29.36 -7.22 3.98
N ALA E 305 -29.31 -7.21 2.64
CA ALA E 305 -28.53 -6.20 1.94
C ALA E 305 -29.06 -4.80 2.22
N LEU E 306 -30.39 -4.63 2.22
CA LEU E 306 -30.97 -3.34 2.53
C LEU E 306 -30.62 -2.90 3.94
N LEU E 307 -30.70 -3.82 4.90
CA LEU E 307 -30.33 -3.49 6.28
C LEU E 307 -28.87 -3.08 6.37
N ILE E 308 -27.98 -3.82 5.69
CA ILE E 308 -26.55 -3.50 5.75
C ILE E 308 -26.30 -2.12 5.15
N LYS E 309 -26.93 -1.82 4.02
CA LYS E 309 -26.73 -0.50 3.42
C LYS E 309 -27.27 0.61 4.32
N GLU E 310 -28.44 0.38 4.95
CA GLU E 310 -28.99 1.39 5.83
C GLU E 310 -28.13 1.59 7.08
N GLN E 311 -27.39 0.56 7.49
CA GLN E 311 -26.53 0.66 8.67
C GLN E 311 -25.15 1.20 8.36
N GLY E 312 -24.88 1.59 7.11
CA GLY E 312 -23.60 2.21 6.77
C GLY E 312 -22.47 1.25 6.50
N PHE E 313 -22.76 -0.03 6.33
CA PHE E 313 -21.80 -1.09 5.98
C PHE E 313 -20.84 -1.43 7.12
N ALA E 314 -20.91 -0.76 8.26
CA ALA E 314 -19.98 -0.96 9.37
C ALA E 314 -20.71 -1.74 10.46
N MET E 315 -20.64 -3.07 10.37
CA MET E 315 -21.22 -3.93 11.39
C MET E 315 -20.40 -5.20 11.50
N ASN E 316 -20.46 -5.81 12.67
CA ASN E 316 -19.66 -6.97 13.04
C ASN E 316 -20.50 -8.24 12.94
N PRO E 317 -19.87 -9.42 13.09
CA PRO E 317 -20.62 -10.67 12.92
C PRO E 317 -21.85 -10.81 13.81
N GLY E 318 -21.77 -10.36 15.07
CA GLY E 318 -22.92 -10.48 15.95
C GLY E 318 -24.12 -9.70 15.46
N GLN E 319 -23.88 -8.48 14.98
CA GLN E 319 -24.97 -7.69 14.41
C GLN E 319 -25.58 -8.39 13.21
N ILE E 320 -24.73 -8.95 12.34
CA ILE E 320 -25.23 -9.64 11.16
C ILE E 320 -26.10 -10.82 11.57
N ALA E 321 -25.65 -11.59 12.56
CA ALA E 321 -26.42 -12.74 13.02
C ALA E 321 -27.77 -12.30 13.58
N SER E 322 -27.78 -11.25 14.40
CA SER E 322 -29.02 -10.78 14.99
C SER E 322 -30.00 -10.29 13.91
N LYS E 323 -29.50 -9.50 12.96
CA LYS E 323 -30.38 -8.99 11.92
C LYS E 323 -30.88 -10.13 11.02
N TRP E 324 -30.05 -11.12 10.75
CA TRP E 324 -30.50 -12.24 9.94
C TRP E 324 -31.57 -13.05 10.66
N SER E 325 -31.41 -13.26 11.97
CA SER E 325 -32.46 -13.95 12.72
C SER E 325 -33.75 -13.15 12.70
N LEU E 326 -33.65 -11.82 12.84
CA LEU E 326 -34.85 -11.00 12.77
C LEU E 326 -35.53 -11.10 11.42
N ILE E 327 -34.74 -11.09 10.34
CA ILE E 327 -35.33 -11.21 9.00
C ILE E 327 -36.00 -12.57 8.84
N ARG E 328 -35.35 -13.63 9.32
CA ARG E 328 -35.93 -14.97 9.19
C ARG E 328 -37.23 -15.09 9.96
N ARG E 329 -37.29 -14.53 11.17
CA ARG E 329 -38.49 -14.68 11.98
C ARG E 329 -39.63 -13.76 11.55
N SER E 330 -39.33 -12.48 11.29
CA SER E 330 -40.37 -11.47 11.13
C SER E 330 -41.05 -11.50 9.76
N GLY E 331 -40.29 -11.66 8.69
CA GLY E 331 -40.83 -11.59 7.34
C GLY E 331 -40.57 -10.24 6.70
N PRO E 332 -41.30 -9.91 5.64
CA PRO E 332 -41.03 -8.64 4.93
C PRO E 332 -41.29 -7.43 5.82
N THR E 333 -40.24 -6.66 6.06
CA THR E 333 -40.30 -5.50 6.95
C THR E 333 -40.51 -4.20 6.17
N ARG E 334 -39.57 -3.88 5.29
CA ARG E 334 -39.60 -2.59 4.61
C ARG E 334 -40.75 -2.54 3.61
N PRO E 335 -41.25 -1.33 3.30
CA PRO E 335 -42.25 -1.18 2.26
C PRO E 335 -41.82 -1.09 0.80
N LEU E 336 -42.03 -2.20 0.09
CA LEU E 336 -41.61 -2.33 -1.29
C LEU E 336 -42.71 -1.94 -2.28
N SER E 337 -43.93 -1.68 -1.81
CA SER E 337 -44.96 -1.15 -2.70
C SER E 337 -44.54 0.21 -3.27
N GLY E 338 -43.98 1.08 -2.42
CA GLY E 338 -43.42 2.34 -2.89
C GLY E 338 -42.05 2.25 -3.52
N ALA E 339 -41.34 1.14 -3.32
CA ALA E 339 -40.00 0.97 -3.85
C ALA E 339 -40.08 0.48 -5.29
N ARG E 340 -39.62 1.30 -6.23
CA ARG E 340 -39.60 0.93 -7.64
C ARG E 340 -38.33 0.15 -7.95
N LEU E 341 -38.43 -0.75 -8.93
CA LEU E 341 -37.31 -1.54 -9.42
C LEU E 341 -36.97 -1.07 -10.82
N GLU E 342 -35.73 -0.63 -11.02
CA GLU E 342 -35.30 -0.07 -12.29
C GLU E 342 -33.94 -0.64 -12.66
N ILE E 343 -33.68 -0.70 -13.96
CA ILE E 343 -32.39 -1.11 -14.51
C ILE E 343 -31.82 0.08 -15.26
N ARG E 344 -30.64 0.54 -14.85
CA ARG E 344 -29.99 1.69 -15.47
C ARG E 344 -28.51 1.36 -15.65
N ASN E 345 -28.03 1.45 -16.90
CA ASN E 345 -26.64 1.16 -17.23
C ASN E 345 -26.23 -0.23 -16.75
N GLY E 346 -27.14 -1.18 -16.87
CA GLY E 346 -26.87 -2.55 -16.46
C GLY E 346 -26.60 -2.70 -14.98
N ASN E 347 -27.45 -2.07 -14.16
CA ASN E 347 -27.35 -2.18 -12.71
C ASN E 347 -28.74 -2.44 -12.14
N TRP E 348 -28.84 -3.47 -11.31
CA TRP E 348 -30.10 -3.87 -10.68
C TRP E 348 -30.26 -3.06 -9.40
N MET E 349 -31.08 -2.01 -9.47
CA MET E 349 -31.20 -1.04 -8.38
C MET E 349 -32.67 -0.89 -7.97
N ILE E 350 -32.87 -0.58 -6.70
CA ILE E 350 -34.18 -0.30 -6.13
C ILE E 350 -34.21 1.16 -5.72
N ARG E 351 -35.19 1.90 -6.24
CA ARG E 351 -35.31 3.33 -6.00
C ARG E 351 -36.63 3.63 -5.29
N GLU E 352 -36.56 4.43 -4.23
CA GLU E 352 -37.74 4.94 -3.52
C GLU E 352 -37.83 6.42 -3.84
N GLY E 353 -38.79 6.79 -4.68
CA GLY E 353 -38.86 8.15 -5.17
C GLY E 353 -37.61 8.49 -5.96
N ASP E 354 -36.76 9.35 -5.38
CA ASP E 354 -35.45 9.64 -5.94
C ASP E 354 -34.31 8.98 -5.18
N GLN E 355 -34.57 8.47 -3.98
CA GLN E 355 -33.54 7.83 -3.18
C GLN E 355 -33.29 6.40 -3.69
N THR E 356 -32.01 6.06 -3.85
CA THR E 356 -31.61 4.73 -4.31
C THR E 356 -31.39 3.84 -3.10
N LEU E 357 -32.37 2.99 -2.79
CA LEU E 357 -32.27 2.14 -1.61
C LEU E 357 -31.13 1.13 -1.76
N LEU E 358 -30.95 0.57 -2.95
CA LEU E 358 -29.94 -0.46 -3.17
C LEU E 358 -29.53 -0.46 -4.63
N SER E 359 -28.30 -0.86 -4.88
CA SER E 359 -27.77 -1.00 -6.23
C SER E 359 -26.89 -2.23 -6.28
N VAL E 360 -27.07 -3.05 -7.31
CA VAL E 360 -26.31 -4.28 -7.51
C VAL E 360 -25.73 -4.26 -8.91
N SER E 361 -24.43 -4.54 -9.00
CA SER E 361 -23.71 -4.59 -10.27
C SER E 361 -23.42 -6.04 -10.65
N PRO E 362 -23.12 -6.32 -11.92
CA PRO E 362 -22.81 -7.69 -12.30
C PRO E 362 -21.60 -8.22 -11.54
N ALA E 363 -21.67 -9.49 -11.16
CA ALA E 363 -20.58 -10.13 -10.46
C ALA E 363 -19.52 -10.62 -11.43
N ARG E 364 -18.30 -10.81 -10.93
CA ARG E 364 -17.20 -11.30 -11.75
C ARG E 364 -17.23 -12.82 -11.71
N MET E 365 -17.43 -13.44 -12.88
CA MET E 365 -17.77 -14.85 -12.97
C MET E 365 -16.58 -15.73 -13.34
N ALA E 366 -15.61 -15.20 -14.09
CA ALA E 366 -14.48 -16.00 -14.56
C ALA E 366 -13.69 -16.60 -13.40
N ASP F 1 41.69 11.94 21.19
CA ASP F 1 42.23 13.29 21.58
C ASP F 1 41.09 14.25 21.89
N ASN F 2 40.22 14.47 20.91
CA ASN F 2 39.06 15.34 21.05
C ASN F 2 37.80 14.50 20.92
N THR F 3 36.96 14.54 21.96
CA THR F 3 35.79 13.67 22.05
C THR F 3 34.58 14.48 22.49
N VAL F 4 33.48 14.33 21.75
CA VAL F 4 32.18 14.88 22.13
C VAL F 4 31.14 13.80 21.90
N ARG F 5 30.37 13.49 22.94
CA ARG F 5 29.45 12.36 22.92
C ARG F 5 28.03 12.84 22.61
N VAL F 6 27.32 12.05 21.79
CA VAL F 6 25.98 12.39 21.32
C VAL F 6 25.11 11.15 21.42
N GLY F 7 23.79 11.36 21.41
CA GLY F 7 22.83 10.31 21.67
C GLY F 7 22.43 9.50 20.44
N VAL F 8 21.40 8.67 20.64
CA VAL F 8 20.90 7.75 19.61
C VAL F 8 19.47 7.40 19.94
N SER F 9 18.78 6.81 18.96
CA SER F 9 17.34 6.59 19.06
C SER F 9 17.03 5.29 19.81
N ARG F 10 15.94 5.31 20.57
CA ARG F 10 15.36 4.11 21.19
C ARG F 10 14.22 3.57 20.33
N ASN F 11 14.60 2.97 19.20
CA ASN F 11 13.62 2.66 18.17
C ASN F 11 12.69 1.53 18.59
N THR F 12 11.39 1.82 18.56
CA THR F 12 10.35 0.79 18.62
C THR F 12 9.22 1.12 17.66
N SER F 13 9.55 1.71 16.51
CA SER F 13 8.56 2.29 15.61
C SER F 13 7.63 1.26 14.99
N GLY F 14 7.93 -0.03 15.10
CA GLY F 14 7.05 -1.04 14.54
C GLY F 14 5.64 -0.98 15.08
N ALA F 15 5.46 -0.51 16.31
CA ALA F 15 4.13 -0.36 16.90
C ALA F 15 3.51 0.97 16.43
N ALA F 16 3.05 0.95 15.19
CA ALA F 16 2.41 2.12 14.62
C ALA F 16 1.10 2.42 15.35
N GLY F 17 0.71 3.68 15.37
CA GLY F 17 -0.51 4.08 16.05
C GLY F 17 -0.96 5.45 15.61
N GLN F 18 -2.08 5.87 16.19
CA GLN F 18 -2.67 7.18 15.91
C GLN F 18 -3.51 7.58 17.12
N THR F 19 -4.15 8.74 17.02
CA THR F 19 -4.89 9.32 18.12
C THR F 19 -6.32 9.66 17.68
N LEU F 20 -7.24 9.61 18.64
CA LEU F 20 -8.65 9.90 18.41
C LEU F 20 -9.09 11.05 19.29
N PHE F 21 -10.01 11.87 18.75
CA PHE F 21 -10.59 12.99 19.49
C PHE F 21 -9.50 13.96 19.94
N ARG F 22 -8.67 14.39 18.99
CA ARG F 22 -7.55 15.26 19.32
C ARG F 22 -8.01 16.57 19.93
N ASN F 23 -9.21 17.04 19.57
CA ASN F 23 -9.72 18.29 20.13
C ASN F 23 -10.31 18.14 21.52
N PHE F 24 -10.39 16.92 22.05
CA PHE F 24 -10.84 16.69 23.41
C PHE F 24 -9.66 16.73 24.38
N TYR F 25 -9.97 16.86 25.67
CA TYR F 25 -8.95 16.88 26.70
C TYR F 25 -8.80 15.52 27.37
N LEU F 26 -9.88 15.03 28.00
CA LEU F 26 -9.80 13.73 28.66
C LEU F 26 -10.02 12.59 27.66
N LEU F 27 -11.08 12.68 26.87
CA LEU F 27 -11.39 11.62 25.92
C LEU F 27 -10.43 11.56 24.74
N ARG F 28 -9.41 12.42 24.71
CA ARG F 28 -8.31 12.22 23.77
C ARG F 28 -7.71 10.84 24.00
N CYS F 29 -7.50 10.10 22.92
CA CYS F 29 -7.18 8.69 22.97
C CYS F 29 -5.98 8.38 22.10
N ASN F 30 -5.15 7.45 22.55
CA ASN F 30 -4.06 6.90 21.77
C ASN F 30 -4.27 5.40 21.62
N ILE F 31 -4.23 4.92 20.38
CA ILE F 31 -4.48 3.52 20.06
C ILE F 31 -3.22 2.93 19.45
N LEU F 32 -2.86 1.73 19.91
CA LEU F 32 -1.64 1.05 19.48
C LEU F 32 -1.97 -0.35 18.98
N ALA F 33 -1.36 -0.74 17.88
CA ALA F 33 -1.51 -2.11 17.39
C ALA F 33 -0.82 -3.07 18.33
N ASP F 34 -1.37 -4.28 18.43
CA ASP F 34 -0.79 -5.31 19.28
C ASP F 34 0.51 -5.80 18.66
N GLY F 35 1.63 -5.35 19.22
CA GLY F 35 2.95 -5.71 18.70
C GLY F 35 3.46 -7.01 19.27
N ARG F 36 3.49 -7.11 20.60
CA ARG F 36 4.00 -8.33 21.24
C ARG F 36 3.16 -9.54 20.90
N ASN F 37 1.88 -9.35 20.59
CA ASN F 37 0.94 -10.44 20.34
C ASN F 37 0.35 -10.29 18.94
N ALA F 38 -0.10 -11.41 18.39
CA ALA F 38 -0.61 -11.46 17.02
C ALA F 38 -2.05 -11.02 16.89
N THR F 39 -2.85 -11.12 17.96
CA THR F 39 -4.26 -10.74 17.89
C THR F 39 -4.40 -9.28 17.45
N LYS F 40 -5.61 -8.91 17.02
CA LYS F 40 -5.83 -7.62 16.37
C LYS F 40 -6.84 -6.73 17.09
N ALA F 41 -7.23 -7.08 18.31
CA ALA F 41 -8.06 -6.17 19.11
C ALA F 41 -7.21 -4.97 19.52
N VAL F 42 -7.43 -3.84 18.87
CA VAL F 42 -6.57 -2.68 19.07
C VAL F 42 -6.69 -2.20 20.51
N GLN F 43 -5.56 -2.09 21.19
CA GLN F 43 -5.52 -1.59 22.56
C GLN F 43 -5.38 -0.07 22.55
N SER F 44 -5.95 0.57 23.56
CA SER F 44 -6.10 2.02 23.59
C SER F 44 -5.61 2.57 24.92
N HIS F 45 -5.51 3.89 24.99
CA HIS F 45 -5.02 4.58 26.18
C HIS F 45 -5.45 6.02 26.15
N PHE F 46 -6.00 6.50 27.27
CA PHE F 46 -6.34 7.91 27.45
C PHE F 46 -5.24 8.57 28.27
N PRO F 47 -4.30 9.30 27.67
CA PRO F 47 -3.18 9.81 28.48
C PRO F 47 -3.61 10.87 29.49
N PHE F 48 -4.38 11.87 29.05
CA PHE F 48 -4.68 13.00 29.91
C PHE F 48 -5.56 12.59 31.09
N LEU F 49 -6.45 11.62 30.90
CA LEU F 49 -7.23 11.13 32.04
C LEU F 49 -6.34 10.45 33.06
N SER F 50 -5.36 9.66 32.59
CA SER F 50 -4.40 9.06 33.50
C SER F 50 -3.62 10.13 34.25
N ARG F 51 -3.20 11.17 33.54
CA ARG F 51 -2.49 12.28 34.19
C ARG F 51 -3.37 12.96 35.23
N ALA F 52 -4.64 13.16 34.90
CA ALA F 52 -5.54 13.84 35.83
C ALA F 52 -5.74 13.03 37.10
N VAL F 53 -5.94 11.71 36.97
CA VAL F 53 -6.10 10.90 38.17
C VAL F 53 -4.79 10.82 38.94
N ARG F 54 -3.66 10.87 38.23
CA ARG F 54 -2.37 10.91 38.92
C ARG F 54 -2.21 12.18 39.74
N CYS F 55 -2.69 13.31 39.21
CA CYS F 55 -2.50 14.61 39.84
C CYS F 55 -3.32 14.79 41.11
N LEU F 56 -4.03 13.77 41.59
CA LEU F 56 -4.73 13.90 42.87
C LEU F 56 -3.74 14.10 44.01
N SER F 57 -2.49 13.69 43.82
CA SER F 57 -1.38 14.03 44.71
C SER F 57 -0.53 15.07 43.98
N PRO F 58 -0.87 16.37 44.07
CA PRO F 58 -0.24 17.34 43.15
C PRO F 58 1.26 17.44 43.27
N LEU F 59 1.81 17.35 44.49
CA LEU F 59 3.24 17.53 44.66
C LEU F 59 4.02 16.37 44.05
N ALA F 60 3.58 15.14 44.32
CA ALA F 60 4.26 13.98 43.75
C ALA F 60 4.20 13.99 42.23
N ALA F 61 3.10 14.48 41.66
CA ALA F 61 2.96 14.49 40.21
C ALA F 61 3.78 15.62 39.58
N HIS F 62 3.90 16.75 40.27
CA HIS F 62 4.46 17.96 39.68
C HIS F 62 5.88 18.27 40.13
N CYS F 63 6.47 17.45 41.01
CA CYS F 63 7.81 17.75 41.51
C CYS F 63 8.84 17.76 40.39
N ALA F 64 8.75 16.80 39.46
CA ALA F 64 9.73 16.72 38.39
C ALA F 64 9.73 17.97 37.51
N ASP F 65 8.58 18.63 37.38
CA ASP F 65 8.46 19.82 36.54
C ASP F 65 9.10 21.05 37.17
N ARG F 66 9.52 20.99 38.43
CA ARG F 66 10.00 22.19 39.10
C ARG F 66 11.34 22.67 38.56
N THR F 67 12.18 21.77 38.04
CA THR F 67 13.58 22.09 37.76
C THR F 67 13.91 22.07 36.28
N LEU F 68 13.69 20.95 35.58
CA LEU F 68 14.37 20.69 34.32
C LEU F 68 13.48 20.77 33.10
N ARG F 69 12.16 20.87 33.27
CA ARG F 69 11.22 20.85 32.14
C ARG F 69 10.85 22.26 31.68
N ARG F 70 11.79 23.21 31.77
CA ARG F 70 11.56 24.56 31.25
C ARG F 70 11.59 24.54 29.73
N ASP F 71 10.57 23.94 29.11
CA ASP F 71 10.54 23.80 27.67
C ASP F 71 10.11 25.11 27.01
N ASN F 72 9.94 25.08 25.68
CA ASN F 72 9.45 26.24 24.93
C ASN F 72 7.92 26.29 25.01
N VAL F 73 7.43 26.45 26.24
CA VAL F 73 5.98 26.48 26.46
C VAL F 73 5.37 27.73 25.84
N LYS F 74 6.15 28.81 25.72
CA LYS F 74 5.64 30.03 25.11
C LYS F 74 5.22 29.78 23.67
N GLN F 75 6.04 29.05 22.91
CA GLN F 75 5.71 28.75 21.52
C GLN F 75 4.42 27.94 21.44
N ILE F 76 4.26 26.97 22.33
CA ILE F 76 3.05 26.14 22.33
C ILE F 76 1.83 27.00 22.63
N LEU F 77 1.92 27.83 23.67
CA LEU F 77 0.77 28.64 24.06
C LEU F 77 0.55 29.83 23.14
N THR F 78 1.63 30.46 22.66
CA THR F 78 1.51 31.60 21.76
C THR F 78 1.29 31.18 20.31
N ARG F 79 1.26 29.88 20.02
CA ARG F 79 1.03 29.42 18.66
C ARG F 79 -0.31 29.90 18.14
N GLU F 80 -0.33 30.28 16.85
CA GLU F 80 -1.54 30.85 16.27
C GLU F 80 -2.72 29.89 16.31
N LEU F 81 -2.46 28.57 16.21
CA LEU F 81 -3.50 27.56 16.31
C LEU F 81 -3.35 26.79 17.61
N PRO F 82 -3.77 27.36 18.75
CA PRO F 82 -3.66 26.62 20.01
C PRO F 82 -4.60 25.42 20.05
N PHE F 83 -4.16 24.39 20.76
CA PHE F 83 -4.97 23.20 21.00
C PHE F 83 -5.59 23.30 22.39
N SER F 84 -6.88 23.00 22.49
CA SER F 84 -7.56 23.07 23.78
C SER F 84 -6.89 22.16 24.80
N SER F 85 -6.34 21.03 24.35
CA SER F 85 -5.63 20.14 25.25
C SER F 85 -4.45 20.84 25.91
N ASP F 86 -3.62 21.50 25.11
CA ASP F 86 -2.45 22.18 25.66
C ASP F 86 -2.85 23.34 26.56
N LEU F 87 -3.82 24.14 26.13
CA LEU F 87 -4.23 25.30 26.90
C LEU F 87 -4.81 24.88 28.25
N ILE F 88 -5.65 23.85 28.25
CA ILE F 88 -6.20 23.34 29.51
C ILE F 88 -5.11 22.68 30.34
N ASN F 89 -4.07 22.15 29.68
CA ASN F 89 -2.97 21.56 30.42
C ASN F 89 -2.27 22.59 31.29
N TYR F 90 -2.07 23.80 30.75
CA TYR F 90 -1.43 24.89 31.47
C TYR F 90 -2.44 25.83 32.13
N ALA F 91 -3.65 25.34 32.43
CA ALA F 91 -4.66 26.08 33.17
C ALA F 91 -5.11 27.35 32.47
N HIS F 92 -5.04 27.39 31.14
CA HIS F 92 -5.51 28.55 30.38
C HIS F 92 -6.94 28.31 29.94
N HIS F 93 -7.82 29.28 30.23
CA HIS F 93 -9.22 29.15 29.89
C HIS F 93 -9.40 29.10 28.38
N VAL F 94 -10.38 28.31 27.94
CA VAL F 94 -10.74 28.18 26.53
C VAL F 94 -12.24 28.36 26.41
N ASN F 95 -12.67 28.88 25.26
CA ASN F 95 -14.05 29.25 25.03
C ASN F 95 -14.85 28.21 24.26
N SER F 96 -14.26 27.05 23.97
CA SER F 96 -14.97 26.04 23.19
C SER F 96 -16.20 25.55 23.94
N SER F 97 -17.33 25.48 23.23
CA SER F 97 -18.58 25.05 23.86
C SER F 97 -18.50 23.60 24.33
N SER F 98 -17.87 22.73 23.54
CA SER F 98 -17.76 21.33 23.94
C SER F 98 -16.98 21.16 25.23
N LEU F 99 -15.88 21.89 25.41
CA LEU F 99 -15.09 21.80 26.63
C LEU F 99 -15.71 22.53 27.80
N THR F 100 -16.37 23.66 27.55
CA THR F 100 -16.86 24.52 28.62
C THR F 100 -18.27 24.12 29.03
N THR F 101 -18.62 24.47 30.27
CA THR F 101 -19.95 24.24 30.82
C THR F 101 -20.34 25.43 31.67
N SER F 102 -21.65 25.58 31.87
CA SER F 102 -22.20 26.67 32.67
C SER F 102 -22.67 26.22 34.05
N GLN F 103 -23.09 24.96 34.20
CA GLN F 103 -23.57 24.49 35.48
C GLN F 103 -22.44 24.43 36.50
N GLY F 104 -22.77 24.71 37.76
CA GLY F 104 -21.82 24.61 38.83
C GLY F 104 -20.66 25.59 38.75
N VAL F 105 -20.97 26.84 38.41
CA VAL F 105 -19.94 27.88 38.39
C VAL F 105 -19.69 28.46 39.77
N GLU F 106 -20.53 28.13 40.75
CA GLU F 106 -20.35 28.66 42.10
C GLU F 106 -19.03 28.18 42.69
N ALA F 107 -18.69 26.91 42.49
CA ALA F 107 -17.42 26.39 42.97
C ALA F 107 -16.25 27.08 42.28
N ALA F 108 -16.38 27.35 40.98
CA ALA F 108 -15.33 28.07 40.26
C ALA F 108 -15.13 29.46 40.84
N ARG F 109 -16.24 30.16 41.13
CA ARG F 109 -16.12 31.49 41.73
C ARG F 109 -15.50 31.41 43.12
N LEU F 110 -15.84 30.38 43.89
CA LEU F 110 -15.24 30.19 45.20
C LEU F 110 -13.74 29.99 45.08
N VAL F 111 -13.31 29.17 44.13
CA VAL F 111 -11.88 28.91 43.93
C VAL F 111 -11.17 30.19 43.53
N ALA F 112 -11.76 30.94 42.61
CA ALA F 112 -11.15 32.19 42.17
C ALA F 112 -11.03 33.18 43.33
N GLN F 113 -12.07 33.25 44.16
CA GLN F 113 -12.02 34.13 45.33
C GLN F 113 -10.91 33.70 46.28
N VAL F 114 -10.78 32.40 46.53
CA VAL F 114 -9.79 31.93 47.50
C VAL F 114 -8.37 32.19 46.98
N TYR F 115 -8.11 31.88 45.71
CA TYR F 115 -6.77 31.97 45.16
C TYR F 115 -6.52 33.23 44.33
N GLY F 116 -7.57 33.95 43.94
CA GLY F 116 -7.37 35.14 43.13
C GLY F 116 -6.65 36.26 43.84
N GLU F 117 -6.67 36.25 45.18
CA GLU F 117 -6.01 37.31 45.93
C GLU F 117 -4.50 37.32 45.71
N GLN F 118 -3.87 36.15 45.69
CA GLN F 118 -2.42 36.04 45.58
C GLN F 118 -1.97 35.42 44.27
N VAL F 119 -2.84 35.35 43.27
CA VAL F 119 -2.51 34.75 41.98
C VAL F 119 -3.27 35.49 40.89
N PRO F 120 -2.67 35.75 39.72
CA PRO F 120 -3.49 36.28 38.61
C PRO F 120 -4.42 35.22 38.05
N PHE F 121 -5.71 35.34 38.36
CA PHE F 121 -6.69 34.30 38.08
C PHE F 121 -7.64 34.65 36.94
N ASP F 122 -7.47 35.81 36.31
CA ASP F 122 -8.40 36.21 35.25
C ASP F 122 -8.33 35.26 34.07
N HIS F 123 -7.12 34.83 33.69
CA HIS F 123 -6.99 33.91 32.56
C HIS F 123 -7.43 32.50 32.89
N ILE F 124 -7.42 32.12 34.18
CA ILE F 124 -7.92 30.81 34.57
C ILE F 124 -9.44 30.79 34.53
N TYR F 125 -10.06 31.68 35.30
CA TYR F 125 -11.51 31.85 35.33
C TYR F 125 -11.81 33.33 35.15
N PRO F 126 -12.11 33.77 33.94
CA PRO F 126 -12.54 35.17 33.76
C PRO F 126 -13.76 35.49 34.62
N THR F 127 -13.71 36.62 35.29
CA THR F 127 -14.73 36.96 36.27
C THR F 127 -16.07 37.24 35.59
N GLY F 128 -17.14 36.80 36.24
CA GLY F 128 -18.50 37.05 35.79
C GLY F 128 -19.03 36.07 34.78
N SER F 129 -18.18 35.59 33.86
CA SER F 129 -18.62 34.68 32.82
C SER F 129 -19.19 33.40 33.42
N ALA F 130 -20.36 32.99 32.92
CA ALA F 130 -20.98 31.77 33.41
C ALA F 130 -20.24 30.54 32.92
N THR F 131 -19.88 30.51 31.63
CA THR F 131 -19.15 29.38 31.09
C THR F 131 -17.74 29.31 31.66
N TYR F 132 -17.30 28.10 31.97
CA TYR F 132 -15.96 27.88 32.48
C TYR F 132 -15.51 26.48 32.10
N CYS F 133 -14.20 26.25 32.14
CA CYS F 133 -13.61 24.97 31.81
C CYS F 133 -13.18 24.28 33.11
N PRO F 134 -13.90 23.24 33.57
CA PRO F 134 -13.48 22.59 34.83
C PRO F 134 -12.09 21.99 34.77
N GLY F 135 -11.64 21.55 33.60
CA GLY F 135 -10.30 20.99 33.50
C GLY F 135 -9.22 22.02 33.80
N ALA F 136 -9.39 23.23 33.27
CA ALA F 136 -8.42 24.29 33.53
C ALA F 136 -8.39 24.64 35.01
N ILE F 137 -9.56 24.70 35.65
CA ILE F 137 -9.61 25.01 37.08
C ILE F 137 -8.95 23.90 37.89
N ALA F 138 -9.19 22.65 37.50
CA ALA F 138 -8.56 21.53 38.21
C ALA F 138 -7.04 21.59 38.07
N ASN F 139 -6.55 21.88 36.86
CA ASN F 139 -5.11 21.99 36.67
C ASN F 139 -4.54 23.14 37.49
N ALA F 140 -5.23 24.28 37.51
CA ALA F 140 -4.76 25.43 38.26
C ALA F 140 -4.71 25.12 39.76
N ILE F 141 -5.77 24.49 40.28
CA ILE F 141 -5.86 24.25 41.70
C ILE F 141 -4.99 23.08 42.13
N SER F 142 -4.48 22.30 41.18
CA SER F 142 -3.44 21.33 41.51
C SER F 142 -2.06 21.98 41.49
N ARG F 143 -1.78 22.75 40.44
CA ARG F 143 -0.48 23.41 40.32
C ARG F 143 -0.23 24.34 41.50
N ILE F 144 -1.22 25.18 41.83
CA ILE F 144 -1.07 26.11 42.94
C ILE F 144 -0.86 25.35 44.25
N MET F 145 -1.55 24.22 44.39
CA MET F 145 -1.34 23.37 45.57
C MET F 145 0.08 22.82 45.61
N ALA F 146 0.68 22.61 44.44
CA ALA F 146 2.05 22.09 44.34
C ALA F 146 3.10 23.20 44.38
N GLY F 147 2.76 24.38 44.89
CA GLY F 147 3.72 25.45 45.07
C GLY F 147 3.94 26.32 43.86
N PHE F 148 3.35 26.01 42.71
CA PHE F 148 3.55 26.81 41.52
C PHE F 148 2.70 28.08 41.58
N VAL F 149 3.04 29.04 40.71
CA VAL F 149 2.20 30.22 40.49
C VAL F 149 2.10 30.43 38.98
N PRO F 150 0.91 30.55 38.40
CA PRO F 150 0.83 30.70 36.95
C PRO F 150 1.44 32.00 36.45
N ARG F 151 2.01 31.94 35.26
CA ARG F 151 2.31 33.12 34.45
C ARG F 151 1.29 33.12 33.31
N GLU F 152 0.56 34.22 33.18
CA GLU F 152 -0.72 34.20 32.48
C GLU F 152 -0.62 33.81 31.01
N GLY F 153 0.58 33.86 30.41
CA GLY F 153 0.73 33.59 29.00
C GLY F 153 1.85 32.65 28.63
N ASP F 154 2.76 32.35 29.58
CA ASP F 154 4.00 31.66 29.27
C ASP F 154 4.10 30.28 29.89
N ASP F 155 4.02 30.17 31.22
CA ASP F 155 4.29 28.91 31.91
C ASP F 155 3.86 29.09 33.37
N PHE F 156 4.20 28.12 34.21
CA PHE F 156 4.13 28.26 35.66
C PHE F 156 5.51 28.56 36.21
N ALA F 157 5.55 29.14 37.41
CA ALA F 157 6.79 29.47 38.09
C ALA F 157 6.83 28.76 39.43
N PRO F 158 7.83 27.92 39.74
CA PRO F 158 7.87 27.30 41.07
C PRO F 158 8.31 28.27 42.14
N SER F 159 7.41 29.15 42.58
CA SER F 159 7.75 30.18 43.55
C SER F 159 6.71 30.39 44.64
N GLY F 160 5.57 29.70 44.60
CA GLY F 160 4.51 29.92 45.55
C GLY F 160 4.63 29.00 46.76
N PRO F 161 3.90 29.32 47.83
CA PRO F 161 3.90 28.44 49.00
C PRO F 161 3.24 27.11 48.68
N ILE F 162 3.68 26.07 49.38
CA ILE F 162 3.28 24.69 49.11
C ILE F 162 2.27 24.27 50.18
N ASP F 163 1.13 23.75 49.74
CA ASP F 163 0.06 23.38 50.65
C ASP F 163 0.48 22.21 51.53
N TYR F 164 -0.13 22.14 52.71
CA TYR F 164 0.20 21.08 53.66
C TYR F 164 -0.30 19.73 53.17
N LEU F 165 -1.49 19.69 52.57
CA LEU F 165 -2.03 18.43 52.06
C LEU F 165 -1.18 17.89 50.92
N ALA F 166 -0.71 18.78 50.04
CA ALA F 166 0.14 18.35 48.94
C ALA F 166 1.43 17.69 49.43
N ALA F 167 1.85 18.02 50.65
CA ALA F 167 3.01 17.35 51.23
C ALA F 167 2.61 16.06 51.95
N ASP F 168 1.47 16.08 52.64
CA ASP F 168 1.00 14.88 53.33
C ASP F 168 0.73 13.75 52.36
N LEU F 169 0.33 14.07 51.12
CA LEU F 169 0.04 13.06 50.11
C LEU F 169 1.30 12.51 49.42
N ILE F 170 2.49 12.74 49.98
CA ILE F 170 3.69 12.13 49.44
C ILE F 170 3.88 10.73 50.00
N ALA F 171 3.35 10.45 51.19
CA ALA F 171 3.49 9.15 51.83
C ALA F 171 2.47 8.14 51.37
N TYR F 172 1.59 8.50 50.43
CA TYR F 172 0.51 7.63 49.98
C TYR F 172 0.57 7.47 48.47
N LYS F 173 -0.01 6.36 48.00
CA LYS F 173 0.00 6.02 46.58
C LYS F 173 -1.39 5.67 46.05
N PHE F 174 -2.28 5.21 46.93
CA PHE F 174 -3.58 4.71 46.54
C PHE F 174 -4.68 5.54 47.21
N VAL F 175 -5.69 5.92 46.42
CA VAL F 175 -6.78 6.77 46.89
C VAL F 175 -8.10 6.13 46.49
N LEU F 176 -9.09 6.22 47.38
CA LEU F 176 -10.44 5.69 47.15
C LEU F 176 -11.46 6.76 47.52
N PRO F 177 -11.81 7.66 46.60
CA PRO F 177 -12.86 8.63 46.91
C PRO F 177 -14.23 7.97 46.92
N TYR F 178 -15.06 8.35 47.88
CA TYR F 178 -16.37 7.76 48.03
C TYR F 178 -17.31 8.73 48.75
N MET F 179 -18.60 8.63 48.42
CA MET F 179 -19.61 9.41 49.12
C MET F 179 -19.80 8.90 50.55
N LEU F 180 -20.39 9.76 51.38
CA LEU F 180 -20.68 9.45 52.77
C LEU F 180 -21.98 10.15 53.15
N ASP F 181 -22.68 9.58 54.12
CA ASP F 181 -23.95 10.15 54.57
C ASP F 181 -24.17 9.78 56.03
N MET F 182 -25.04 10.55 56.68
CA MET F 182 -25.31 10.43 58.11
C MET F 182 -26.45 9.44 58.41
N VAL F 183 -26.68 8.46 57.53
CA VAL F 183 -27.75 7.52 57.75
C VAL F 183 -27.51 6.73 59.03
N ASP F 184 -28.59 6.41 59.74
CA ASP F 184 -28.55 5.71 61.01
C ASP F 184 -27.87 6.52 62.10
N GLY F 185 -27.78 7.83 61.93
CA GLY F 185 -27.06 8.66 62.90
C GLY F 185 -25.61 8.25 63.06
N ARG F 186 -24.96 7.89 61.94
CA ARG F 186 -23.62 7.32 62.00
C ARG F 186 -23.03 7.42 60.60
N PRO F 187 -21.74 7.77 60.45
CA PRO F 187 -21.18 7.84 59.09
C PRO F 187 -21.15 6.47 58.43
N GLN F 188 -21.68 6.42 57.21
CA GLN F 188 -21.72 5.20 56.42
C GLN F 188 -21.52 5.54 54.96
N ILE F 189 -20.76 4.70 54.26
CA ILE F 189 -20.57 4.88 52.82
C ILE F 189 -21.86 4.48 52.12
N VAL F 190 -22.32 5.34 51.20
CA VAL F 190 -23.58 5.14 50.48
C VAL F 190 -23.32 5.34 49.00
N LEU F 191 -24.31 4.91 48.21
CA LEU F 191 -24.22 5.09 46.77
C LEU F 191 -24.31 6.57 46.43
N PRO F 192 -23.73 7.00 45.30
CA PRO F 192 -23.75 8.44 44.98
C PRO F 192 -25.11 8.90 44.51
N SER F 193 -25.82 9.65 45.35
CA SER F 193 -27.14 10.16 44.99
C SER F 193 -27.03 11.39 44.11
N HIS F 194 -26.37 12.43 44.59
CA HIS F 194 -26.25 13.67 43.84
C HIS F 194 -25.28 13.52 42.69
N THR F 195 -25.48 14.33 41.65
CA THR F 195 -24.52 14.44 40.56
C THR F 195 -23.48 15.50 40.89
N VAL F 196 -22.41 15.51 40.11
CA VAL F 196 -21.29 16.41 40.38
C VAL F 196 -21.73 17.86 40.25
N GLU F 197 -22.47 18.18 39.20
CA GLU F 197 -22.86 19.57 38.95
C GLU F 197 -23.75 20.09 40.07
N GLU F 198 -24.57 19.22 40.68
CA GLU F 198 -25.36 19.66 41.82
C GLU F 198 -24.47 20.12 42.97
N MET F 199 -23.40 19.36 43.23
CA MET F 199 -22.47 19.75 44.29
C MET F 199 -21.72 21.03 43.92
N LEU F 200 -21.34 21.17 42.65
CA LEU F 200 -20.63 22.37 42.23
C LEU F 200 -21.51 23.61 42.37
N THR F 201 -22.79 23.49 42.02
CA THR F 201 -23.71 24.60 42.22
C THR F 201 -23.86 24.95 43.69
N ASN F 202 -24.15 23.95 44.52
CA ASN F 202 -24.31 24.12 45.96
C ASN F 202 -23.08 23.48 46.62
N THR F 203 -22.07 24.31 46.88
CA THR F 203 -20.80 23.79 47.37
C THR F 203 -20.92 23.17 48.76
N SER F 204 -22.01 23.42 49.49
CA SER F 204 -22.17 22.85 50.81
C SER F 204 -22.25 21.32 50.74
N LEU F 205 -22.69 20.77 49.61
CA LEU F 205 -22.80 19.32 49.49
C LEU F 205 -21.44 18.65 49.44
N LEU F 206 -20.39 19.39 49.06
CA LEU F 206 -19.07 18.79 48.93
C LEU F 206 -18.56 18.23 50.25
N ASN F 207 -19.06 18.73 51.37
CA ASN F 207 -18.62 18.23 52.67
C ASN F 207 -18.95 16.76 52.87
N SER F 208 -19.90 16.21 52.10
CA SER F 208 -20.22 14.80 52.21
C SER F 208 -19.17 13.90 51.57
N ILE F 209 -18.40 14.42 50.61
CA ILE F 209 -17.39 13.60 49.95
C ILE F 209 -16.30 13.22 50.94
N ASP F 210 -15.73 12.03 50.75
CA ASP F 210 -14.64 11.55 51.59
C ASP F 210 -13.77 10.63 50.75
N ALA F 211 -12.51 10.50 51.17
CA ALA F 211 -11.55 9.65 50.47
C ALA F 211 -10.62 9.02 51.49
N SER F 212 -10.06 7.87 51.13
CA SER F 212 -9.11 7.14 51.96
C SER F 212 -7.82 6.94 51.19
N PHE F 213 -6.69 7.21 51.85
CA PHE F 213 -5.38 7.15 51.22
C PHE F 213 -4.58 6.00 51.81
N GLY F 214 -3.82 5.31 50.97
CA GLY F 214 -3.10 4.12 51.39
C GLY F 214 -1.68 4.08 50.84
N ILE F 215 -0.80 3.49 51.64
CA ILE F 215 0.62 3.38 51.30
C ILE F 215 0.86 2.16 50.41
N GLU F 216 2.09 2.05 49.89
CA GLU F 216 2.49 0.96 49.00
C GLU F 216 3.70 0.23 49.55
N ALA F 217 3.64 -0.20 50.81
CA ALA F 217 4.75 -0.85 51.49
C ALA F 217 5.28 -2.04 50.70
N ARG F 218 6.50 -2.48 51.03
CA ARG F 218 7.23 -3.49 50.27
C ARG F 218 7.19 -4.87 50.92
N SER F 219 6.06 -5.24 51.52
CA SER F 219 5.89 -6.57 52.11
C SER F 219 4.57 -7.15 51.66
N ASP F 220 4.57 -8.46 51.42
CA ASP F 220 3.40 -9.16 50.91
C ASP F 220 2.46 -9.52 52.05
N GLN F 221 1.31 -10.11 51.69
CA GLN F 221 0.30 -10.55 52.65
C GLN F 221 -0.24 -9.39 53.46
N ARG F 222 -0.85 -8.43 52.77
CA ARG F 222 -1.57 -7.38 53.45
C ARG F 222 -2.80 -7.96 54.15
N MET F 223 -3.49 -7.10 54.90
CA MET F 223 -4.70 -7.50 55.62
C MET F 223 -4.39 -8.66 56.57
N THR F 224 -3.24 -8.56 57.24
CA THR F 224 -2.83 -9.61 58.17
C THR F 224 -3.89 -9.82 59.24
N ARG F 225 -4.10 -8.82 60.09
CA ARG F 225 -5.35 -8.61 60.78
C ARG F 225 -6.09 -7.43 60.17
N ASP F 226 -5.41 -6.29 60.06
CA ASP F 226 -5.82 -5.22 59.17
C ASP F 226 -4.63 -4.28 59.00
N ALA F 227 -4.18 -4.10 57.77
CA ALA F 227 -3.06 -3.20 57.50
C ALA F 227 -3.51 -1.77 57.27
N ALA F 228 -4.72 -1.57 56.75
CA ALA F 228 -5.20 -0.24 56.41
C ALA F 228 -5.32 0.64 57.65
N GLU F 229 -5.83 0.08 58.75
CA GLU F 229 -6.18 0.90 59.90
C GLU F 229 -4.98 1.61 60.54
N MET F 230 -3.76 1.14 60.30
CA MET F 230 -2.55 1.85 60.70
C MET F 230 -1.62 2.10 59.52
N SER F 231 -2.09 1.91 58.28
CA SER F 231 -1.33 2.26 57.09
C SER F 231 -2.18 3.04 56.10
N SER F 232 -3.24 3.71 56.57
CA SER F 232 -4.13 4.43 55.69
C SER F 232 -4.94 5.42 56.50
N ARG F 233 -5.13 6.62 55.95
CA ARG F 233 -5.86 7.70 56.59
C ARG F 233 -6.93 8.23 55.65
N SER F 234 -7.96 8.82 56.23
CA SER F 234 -9.08 9.40 55.50
C SER F 234 -8.89 10.91 55.40
N LEU F 235 -9.41 11.48 54.30
CA LEU F 235 -9.21 12.91 54.05
C LEU F 235 -9.81 13.76 55.15
N ASN F 236 -11.05 13.46 55.55
CA ASN F 236 -11.71 14.26 56.57
C ASN F 236 -11.13 14.04 57.97
N GLU F 237 -10.27 13.05 58.15
CA GLU F 237 -9.66 12.81 59.45
C GLU F 237 -8.47 13.71 59.72
N LEU F 238 -7.85 14.27 58.69
CA LEU F 238 -6.66 15.10 58.88
C LEU F 238 -7.01 16.33 59.71
N GLU F 239 -6.04 16.75 60.54
CA GLU F 239 -6.26 17.87 61.44
C GLU F 239 -6.53 19.15 60.64
N ASP F 240 -7.44 19.97 61.15
CA ASP F 240 -7.78 21.21 60.47
C ASP F 240 -6.62 22.20 60.55
N HIS F 241 -6.41 22.94 59.46
CA HIS F 241 -5.40 23.99 59.42
C HIS F 241 -5.73 24.92 58.26
N ASP F 242 -5.44 26.21 58.46
CA ASP F 242 -5.81 27.20 57.45
C ASP F 242 -5.10 26.94 56.12
N GLN F 243 -3.82 26.57 56.18
CA GLN F 243 -3.05 26.30 54.97
C GLN F 243 -3.36 24.94 54.35
N ARG F 244 -4.08 24.07 55.05
CA ARG F 244 -4.40 22.74 54.55
C ARG F 244 -5.57 22.83 53.60
N GLY F 245 -5.34 22.54 52.33
CA GLY F 245 -6.33 22.71 51.29
C GLY F 245 -7.23 21.50 51.08
N ARG F 246 -8.17 21.27 51.98
CA ARG F 246 -9.10 20.16 51.84
C ARG F 246 -10.18 20.45 50.81
N MET F 247 -10.95 21.52 51.02
CA MET F 247 -11.97 21.91 50.07
C MET F 247 -11.41 22.15 48.67
N PRO F 248 -10.24 22.76 48.49
CA PRO F 248 -9.63 22.77 47.15
C PRO F 248 -9.46 21.39 46.55
N TRP F 249 -9.05 20.39 47.35
CA TRP F 249 -8.89 19.05 46.81
C TRP F 249 -10.22 18.46 46.37
N LYS F 250 -11.25 18.61 47.21
CA LYS F 250 -12.57 18.09 46.85
C LYS F 250 -13.08 18.79 45.60
N ILE F 251 -12.86 20.09 45.49
CA ILE F 251 -13.31 20.83 44.31
C ILE F 251 -12.54 20.38 43.08
N MET F 252 -11.26 20.05 43.23
CA MET F 252 -10.49 19.53 42.11
C MET F 252 -11.08 18.22 41.62
N LEU F 253 -11.39 17.31 42.54
CA LEU F 253 -12.00 16.04 42.17
C LEU F 253 -13.33 16.26 41.46
N GLY F 254 -14.19 17.09 42.04
CA GLY F 254 -15.48 17.35 41.43
C GLY F 254 -15.37 17.99 40.06
N MET F 255 -14.45 18.95 39.91
CA MET F 255 -14.26 19.62 38.63
C MET F 255 -13.75 18.64 37.58
N MET F 256 -12.86 17.73 37.97
CA MET F 256 -12.35 16.76 37.00
C MET F 256 -13.48 15.84 36.53
N ALA F 257 -14.31 15.39 37.47
CA ALA F 257 -15.46 14.57 37.09
C ALA F 257 -16.42 15.34 36.19
N ALA F 258 -16.64 16.62 36.50
CA ALA F 258 -17.50 17.46 35.66
C ALA F 258 -16.94 17.58 34.25
N GLN F 259 -15.62 17.73 34.13
CA GLN F 259 -15.00 17.78 32.82
C GLN F 259 -15.21 16.48 32.06
N LEU F 260 -15.08 15.35 32.76
CA LEU F 260 -15.34 14.06 32.11
C LEU F 260 -16.76 13.99 31.60
N LYS F 261 -17.73 14.38 32.43
CA LYS F 261 -19.13 14.33 32.00
C LYS F 261 -19.39 15.26 30.84
N VAL F 262 -18.80 16.45 30.86
CA VAL F 262 -19.00 17.41 29.77
C VAL F 262 -18.45 16.84 28.47
N GLU F 263 -17.27 16.23 28.52
CA GLU F 263 -16.71 15.67 27.29
C GLU F 263 -17.51 14.47 26.82
N LEU F 264 -18.04 13.66 27.74
CA LEU F 264 -18.91 12.56 27.34
C LEU F 264 -20.16 13.08 26.64
N ASP F 265 -20.76 14.16 27.16
CA ASP F 265 -21.90 14.77 26.48
C ASP F 265 -21.52 15.27 25.09
N ALA F 266 -20.39 15.97 25.00
CA ALA F 266 -19.98 16.51 23.70
C ALA F 266 -19.61 15.41 22.71
N LEU F 267 -19.28 14.21 23.22
CA LEU F 267 -18.91 13.11 22.33
C LEU F 267 -20.04 12.75 21.38
N ALA F 268 -21.29 12.93 21.79
CA ALA F 268 -22.43 12.55 20.95
C ALA F 268 -22.45 13.29 19.62
N ASP F 269 -21.84 14.48 19.55
CA ASP F 269 -21.83 15.26 18.32
C ASP F 269 -20.70 14.86 17.38
N GLU F 270 -19.74 14.05 17.83
CA GLU F 270 -18.67 13.58 16.97
C GLU F 270 -19.11 12.35 16.19
N ARG F 271 -20.18 12.50 15.39
CA ARG F 271 -20.73 11.35 14.70
C ARG F 271 -19.76 10.78 13.68
N THR F 272 -19.09 11.65 12.93
CA THR F 272 -18.16 11.18 11.90
C THR F 272 -17.00 10.42 12.52
N GLU F 273 -16.41 10.97 13.59
CA GLU F 273 -15.28 10.32 14.24
C GLU F 273 -15.70 8.99 14.85
N SER F 274 -16.86 8.95 15.51
CA SER F 274 -17.33 7.72 16.12
C SER F 274 -17.60 6.64 15.07
N GLN F 275 -18.21 7.04 13.95
CA GLN F 275 -18.47 6.07 12.88
C GLN F 275 -17.16 5.57 12.27
N ALA F 276 -16.19 6.47 12.07
CA ALA F 276 -14.95 6.08 11.42
C ALA F 276 -14.13 5.14 12.29
N ASN F 277 -14.28 5.22 13.61
CA ASN F 277 -13.52 4.42 14.56
C ASN F 277 -14.42 3.47 15.33
N ALA F 278 -15.36 2.84 14.64
CA ALA F 278 -16.25 1.88 15.30
C ALA F 278 -15.52 0.58 15.61
N HIS F 279 -14.36 0.34 14.98
CA HIS F 279 -13.66 -0.93 15.16
C HIS F 279 -12.87 -1.00 16.46
N VAL F 280 -12.64 0.13 17.13
CA VAL F 280 -11.91 0.12 18.39
C VAL F 280 -12.86 -0.26 19.51
N THR F 281 -12.94 -1.55 19.80
CA THR F 281 -13.83 -2.03 20.86
C THR F 281 -13.20 -1.93 22.24
N SER F 282 -11.92 -1.58 22.33
CA SER F 282 -11.27 -1.41 23.63
C SER F 282 -11.58 -0.06 24.26
N PHE F 283 -12.27 0.84 23.54
CA PHE F 283 -12.59 2.14 24.10
C PHE F 283 -13.39 2.01 25.40
N GLY F 284 -14.47 1.25 25.36
CA GLY F 284 -15.26 1.05 26.57
C GLY F 284 -14.49 0.36 27.67
N SER F 285 -13.72 -0.68 27.31
CA SER F 285 -12.95 -1.40 28.32
C SER F 285 -11.91 -0.51 28.98
N ARG F 286 -11.19 0.29 28.19
CA ARG F 286 -10.19 1.19 28.76
C ARG F 286 -10.85 2.25 29.63
N LEU F 287 -11.93 2.87 29.12
CA LEU F 287 -12.59 3.92 29.89
C LEU F 287 -13.14 3.37 31.20
N PHE F 288 -13.62 2.13 31.20
CA PHE F 288 -14.15 1.54 32.41
C PHE F 288 -13.09 1.45 33.51
N ASN F 289 -11.83 1.27 33.13
CA ASN F 289 -10.76 1.18 34.11
C ASN F 289 -10.27 2.57 34.50
N GLN F 290 -10.02 3.44 33.52
CA GLN F 290 -9.45 4.74 33.83
C GLN F 290 -10.42 5.63 34.59
N MET F 291 -11.73 5.41 34.41
CA MET F 291 -12.74 6.26 35.07
C MET F 291 -12.92 5.89 36.53
N SER F 292 -12.31 4.80 37.00
CA SER F 292 -12.73 4.16 38.24
C SER F 292 -12.65 5.09 39.45
N ALA F 293 -11.85 6.14 39.39
CA ALA F 293 -11.79 7.08 40.51
C ALA F 293 -13.11 7.81 40.69
N PHE F 294 -13.75 8.22 39.59
CA PHE F 294 -14.91 9.10 39.66
C PHE F 294 -16.23 8.35 39.80
N VAL F 295 -16.24 7.03 39.69
CA VAL F 295 -17.50 6.28 39.69
C VAL F 295 -18.20 6.42 41.03
N THR F 296 -17.44 6.42 42.12
CA THR F 296 -18.04 6.42 43.45
C THR F 296 -18.62 7.77 43.86
N ILE F 297 -18.58 8.78 42.99
CA ILE F 297 -18.99 10.14 43.32
C ILE F 297 -20.25 10.54 42.57
N ASP F 298 -20.29 10.29 41.26
CA ASP F 298 -21.37 10.76 40.40
C ASP F 298 -22.37 9.64 40.14
N HIS F 299 -23.66 9.99 40.14
CA HIS F 299 -24.71 9.01 39.86
C HIS F 299 -24.62 8.51 38.43
N GLU F 300 -24.58 9.43 37.46
CA GLU F 300 -24.64 9.06 36.05
C GLU F 300 -23.40 8.27 35.64
N LEU F 301 -22.23 8.63 36.14
CA LEU F 301 -21.03 7.88 35.80
C LEU F 301 -21.09 6.47 36.38
N MET F 302 -21.62 6.32 37.60
CA MET F 302 -21.75 4.98 38.17
C MET F 302 -22.70 4.14 37.31
N GLU F 303 -23.81 4.72 36.89
CA GLU F 303 -24.76 3.98 36.07
C GLU F 303 -24.15 3.62 34.72
N LEU F 304 -23.37 4.53 34.16
CA LEU F 304 -22.66 4.22 32.92
C LEU F 304 -21.68 3.07 33.13
N ALA F 305 -20.98 3.05 34.26
CA ALA F 305 -20.08 1.94 34.54
C ALA F 305 -20.84 0.63 34.67
N LEU F 306 -21.99 0.64 35.33
CA LEU F 306 -22.81 -0.55 35.43
C LEU F 306 -23.23 -1.04 34.05
N LEU F 307 -23.70 -0.11 33.21
CA LEU F 307 -24.09 -0.47 31.85
C LEU F 307 -22.92 -1.04 31.07
N ILE F 308 -21.73 -0.48 31.28
CA ILE F 308 -20.55 -0.99 30.57
C ILE F 308 -20.21 -2.40 31.02
N LYS F 309 -20.27 -2.65 32.32
CA LYS F 309 -19.96 -3.99 32.81
C LYS F 309 -21.02 -5.00 32.41
N GLU F 310 -22.26 -4.56 32.14
CA GLU F 310 -23.32 -5.50 31.80
C GLU F 310 -23.02 -6.23 30.51
N GLN F 311 -22.56 -5.51 29.48
CA GLN F 311 -22.40 -6.07 28.13
C GLN F 311 -20.94 -6.28 27.75
N GLY F 312 -20.09 -6.64 28.70
CA GLY F 312 -18.78 -7.20 28.39
C GLY F 312 -17.79 -6.27 27.71
N PHE F 313 -17.78 -4.99 28.09
CA PHE F 313 -16.69 -4.07 27.80
C PHE F 313 -16.34 -4.00 26.31
N ALA F 314 -17.35 -4.00 25.42
CA ALA F 314 -17.11 -4.11 23.99
C ALA F 314 -17.40 -2.84 23.21
N MET F 315 -17.81 -1.76 23.87
CA MET F 315 -18.35 -0.61 23.17
C MET F 315 -17.27 0.17 22.43
N ASN F 316 -17.59 0.56 21.21
CA ASN F 316 -16.80 1.51 20.44
C ASN F 316 -17.25 2.91 20.86
N PRO F 317 -16.62 3.98 20.32
CA PRO F 317 -16.99 5.33 20.78
C PRO F 317 -18.48 5.66 20.62
N GLY F 318 -19.06 5.41 19.46
CA GLY F 318 -20.46 5.74 19.26
C GLY F 318 -21.37 4.91 20.14
N GLN F 319 -21.04 3.63 20.34
CA GLN F 319 -21.91 2.75 21.11
C GLN F 319 -22.00 3.18 22.57
N ILE F 320 -20.99 3.90 23.06
CA ILE F 320 -21.04 4.41 24.43
C ILE F 320 -21.57 5.84 24.46
N ALA F 321 -21.31 6.63 23.42
CA ALA F 321 -21.84 7.99 23.35
C ALA F 321 -23.37 7.96 23.32
N SER F 322 -23.94 7.06 22.52
CA SER F 322 -25.39 6.96 22.43
C SER F 322 -26.00 6.58 23.78
N LYS F 323 -25.38 5.62 24.47
CA LYS F 323 -25.89 5.20 25.77
C LYS F 323 -25.79 6.33 26.78
N TRP F 324 -24.67 7.08 26.74
CA TRP F 324 -24.52 8.21 27.65
C TRP F 324 -25.61 9.25 27.41
N SER F 325 -25.88 9.56 26.13
CA SER F 325 -26.93 10.51 25.82
C SER F 325 -28.29 10.01 26.29
N LEU F 326 -28.54 8.71 26.12
CA LEU F 326 -29.78 8.10 26.58
C LEU F 326 -29.96 8.32 28.08
N ILE F 327 -28.94 7.99 28.87
CA ILE F 327 -29.08 8.10 30.31
C ILE F 327 -29.19 9.56 30.73
N ARG F 328 -28.45 10.46 30.05
CA ARG F 328 -28.53 11.87 30.39
C ARG F 328 -29.93 12.41 30.15
N ARG F 329 -30.54 12.08 29.01
CA ARG F 329 -31.87 12.59 28.70
C ARG F 329 -32.92 11.95 29.59
N SER F 330 -32.87 10.63 29.76
CA SER F 330 -33.91 9.89 30.45
C SER F 330 -33.68 9.79 31.95
N GLY F 331 -32.62 10.39 32.48
CA GLY F 331 -32.31 10.26 33.89
C GLY F 331 -32.06 8.81 34.27
N PRO F 332 -32.67 8.31 35.33
CA PRO F 332 -32.40 6.91 35.72
C PRO F 332 -32.95 5.94 34.69
N THR F 333 -32.27 4.80 34.57
CA THR F 333 -32.62 3.77 33.59
C THR F 333 -32.87 2.40 34.19
N ARG F 334 -32.32 2.12 35.37
CA ARG F 334 -32.48 0.83 36.02
C ARG F 334 -32.81 1.03 37.50
N PRO F 335 -33.46 0.05 38.14
CA PRO F 335 -33.73 0.18 39.59
C PRO F 335 -32.56 -0.37 40.40
N LEU F 336 -32.00 0.46 41.27
CA LEU F 336 -30.92 0.07 42.16
C LEU F 336 -31.40 -0.33 43.55
N SER F 337 -32.73 -0.38 43.76
CA SER F 337 -33.24 -0.74 45.08
C SER F 337 -32.81 -2.15 45.48
N GLY F 338 -32.87 -3.10 44.54
CA GLY F 338 -32.41 -4.44 44.84
C GLY F 338 -30.93 -4.50 45.12
N ALA F 339 -30.14 -3.63 44.49
CA ALA F 339 -28.71 -3.60 44.71
C ALA F 339 -28.39 -3.04 46.09
N ARG F 340 -27.21 -3.37 46.59
CA ARG F 340 -26.75 -2.90 47.89
C ARG F 340 -25.24 -2.65 47.82
N LEU F 341 -24.77 -1.84 48.77
CA LEU F 341 -23.38 -1.42 48.80
C LEU F 341 -22.61 -2.27 49.80
N GLU F 342 -21.34 -2.54 49.49
CA GLU F 342 -20.50 -3.37 50.35
C GLU F 342 -19.04 -2.96 50.17
N ILE F 343 -18.27 -3.08 51.25
CA ILE F 343 -16.83 -2.83 51.25
C ILE F 343 -16.14 -4.07 51.78
N ARG F 344 -15.12 -4.54 51.07
CA ARG F 344 -14.35 -5.69 51.51
C ARG F 344 -13.01 -5.70 50.80
N ASN F 345 -11.95 -5.99 51.56
CA ASN F 345 -10.59 -6.05 51.01
C ASN F 345 -10.20 -4.73 50.35
N GLY F 346 -10.66 -3.61 50.91
CA GLY F 346 -10.38 -2.32 50.34
C GLY F 346 -10.94 -2.10 48.95
N ASN F 347 -12.10 -2.68 48.64
CA ASN F 347 -12.74 -2.53 47.34
C ASN F 347 -14.16 -2.02 47.52
N TRP F 348 -14.56 -1.10 46.64
CA TRP F 348 -15.89 -0.51 46.66
C TRP F 348 -16.71 -1.20 45.59
N MET F 349 -17.69 -2.01 46.02
CA MET F 349 -18.43 -2.88 45.11
C MET F 349 -19.92 -2.86 45.45
N ILE F 350 -20.72 -3.12 44.42
CA ILE F 350 -22.18 -3.13 44.53
C ILE F 350 -22.64 -4.57 44.33
N ARG F 351 -23.48 -5.05 45.25
CA ARG F 351 -24.02 -6.41 45.20
C ARG F 351 -25.53 -6.37 45.03
N GLU F 352 -26.04 -7.18 44.11
CA GLU F 352 -27.47 -7.45 43.99
C GLU F 352 -27.68 -8.90 44.44
N GLY F 353 -28.07 -9.06 45.69
CA GLY F 353 -28.13 -10.38 46.28
C GLY F 353 -26.74 -10.97 46.43
N ASP F 354 -26.41 -11.95 45.60
CA ASP F 354 -25.08 -12.55 45.57
C ASP F 354 -24.21 -11.99 44.44
N GLN F 355 -24.80 -11.70 43.28
CA GLN F 355 -24.04 -11.20 42.16
C GLN F 355 -23.50 -9.80 42.45
N THR F 356 -22.26 -9.55 42.04
CA THR F 356 -21.63 -8.24 42.18
C THR F 356 -21.82 -7.48 40.86
N LEU F 357 -22.70 -6.49 40.87
CA LEU F 357 -22.94 -5.71 39.65
C LEU F 357 -21.71 -4.93 39.25
N LEU F 358 -21.00 -4.35 40.21
CA LEU F 358 -19.83 -3.54 39.93
C LEU F 358 -18.86 -3.63 41.10
N SER F 359 -17.57 -3.52 40.78
CA SER F 359 -16.52 -3.54 41.79
C SER F 359 -15.33 -2.76 41.26
N VAL F 360 -14.87 -1.77 42.03
CA VAL F 360 -13.77 -0.90 41.65
C VAL F 360 -12.74 -0.89 42.76
N SER F 361 -11.46 -0.87 42.37
CA SER F 361 -10.33 -0.81 43.28
C SER F 361 -9.73 0.59 43.30
N PRO F 362 -9.04 0.98 44.38
CA PRO F 362 -8.49 2.34 44.44
C PRO F 362 -7.51 2.63 43.31
N ALA F 363 -7.55 3.87 42.82
CA ALA F 363 -6.63 4.30 41.79
C ALA F 363 -5.24 4.55 42.39
N ARG F 364 -4.27 4.78 41.51
CA ARG F 364 -2.88 4.97 41.89
C ARG F 364 -2.46 6.41 41.64
N MET F 365 -2.02 7.09 42.69
CA MET F 365 -1.54 8.47 42.60
C MET F 365 -0.06 8.49 42.20
N ALA F 366 0.20 8.04 40.98
CA ALA F 366 1.57 8.02 40.47
C ALA F 366 2.02 9.43 40.09
N ALA G 16 17.30 -11.88 66.09
CA ALA G 16 18.67 -12.34 65.76
C ALA G 16 19.62 -11.16 65.59
N GLY G 17 20.92 -11.44 65.58
CA GLY G 17 21.91 -10.41 65.43
C GLY G 17 22.22 -9.72 66.75
N GLN G 18 23.14 -8.76 66.67
CA GLN G 18 23.57 -8.01 67.85
C GLN G 18 24.00 -6.62 67.41
N THR G 19 23.91 -5.68 68.36
CA THR G 19 24.28 -4.28 68.14
C THR G 19 25.62 -4.01 68.82
N LEU G 20 26.55 -3.42 68.07
CA LEU G 20 27.88 -3.08 68.56
C LEU G 20 28.00 -1.57 68.72
N PHE G 21 28.73 -1.17 69.77
CA PHE G 21 28.92 0.25 70.08
C PHE G 21 27.58 0.93 70.34
N ARG G 22 26.89 0.44 71.37
CA ARG G 22 25.51 0.84 71.62
C ARG G 22 25.41 2.33 71.93
N ASN G 23 26.44 2.92 72.53
CA ASN G 23 26.41 4.33 72.88
C ASN G 23 26.65 5.25 71.67
N PHE G 24 27.13 4.71 70.56
CA PHE G 24 27.35 5.51 69.36
C PHE G 24 26.04 5.71 68.60
N TYR G 25 26.06 6.62 67.63
CA TYR G 25 24.89 6.95 66.84
C TYR G 25 25.01 6.48 65.39
N LEU G 26 26.05 6.92 64.68
CA LEU G 26 26.25 6.46 63.31
C LEU G 26 26.96 5.12 63.27
N LEU G 27 27.89 4.89 64.19
CA LEU G 27 28.62 3.63 64.28
C LEU G 27 27.93 2.62 65.18
N ARG G 28 26.60 2.75 65.38
CA ARG G 28 25.82 1.80 66.18
C ARG G 28 25.52 0.57 65.32
N CYS G 29 26.59 -0.11 64.94
CA CYS G 29 26.50 -1.15 63.91
C CYS G 29 25.67 -2.33 64.40
N ASN G 30 24.81 -2.83 63.50
CA ASN G 30 24.08 -4.06 63.71
C ASN G 30 24.81 -5.20 63.02
N ILE G 31 24.96 -6.32 63.72
CA ILE G 31 25.78 -7.44 63.27
C ILE G 31 24.89 -8.68 63.17
N LEU G 32 25.05 -9.41 62.07
CA LEU G 32 24.35 -10.68 61.84
C LEU G 32 25.37 -11.74 61.47
N ALA G 33 25.29 -12.90 62.12
CA ALA G 33 26.20 -14.01 61.86
C ALA G 33 25.68 -14.88 60.72
N ASP G 34 25.56 -14.27 59.55
CA ASP G 34 25.04 -14.95 58.36
C ASP G 34 26.13 -15.66 57.56
N GLY G 35 27.41 -15.41 57.85
CA GLY G 35 28.47 -16.09 57.12
C GLY G 35 28.59 -17.55 57.50
N ARG G 36 29.22 -18.31 56.61
CA ARG G 36 29.40 -19.74 56.78
C ARG G 36 30.86 -20.19 56.75
N ASN G 37 31.80 -19.26 56.53
CA ASN G 37 33.21 -19.62 56.68
C ASN G 37 33.52 -20.01 58.12
N ALA G 38 32.96 -19.28 59.08
CA ALA G 38 33.15 -19.57 60.49
C ALA G 38 31.97 -18.98 61.24
N THR G 39 31.88 -19.32 62.53
CA THR G 39 30.81 -18.78 63.37
C THR G 39 30.89 -17.27 63.48
N LYS G 40 32.09 -16.70 63.39
CA LYS G 40 32.29 -15.26 63.46
C LYS G 40 32.35 -14.61 62.09
N ALA G 41 32.05 -15.34 61.03
CA ALA G 41 31.85 -14.74 59.70
C ALA G 41 30.52 -14.00 59.74
N VAL G 42 30.58 -12.70 60.01
CA VAL G 42 29.42 -11.91 60.39
C VAL G 42 29.19 -10.82 59.36
N GLN G 43 27.93 -10.59 59.00
CA GLN G 43 27.53 -9.48 58.16
C GLN G 43 27.20 -8.27 59.03
N SER G 44 27.64 -7.10 58.57
CA SER G 44 27.55 -5.87 59.34
C SER G 44 26.65 -4.88 58.62
N HIS G 45 25.89 -4.12 59.40
CA HIS G 45 25.04 -3.06 58.90
C HIS G 45 25.01 -1.93 59.91
N PHE G 46 24.98 -0.69 59.43
CA PHE G 46 25.02 0.49 60.28
C PHE G 46 23.65 1.15 60.34
N PRO G 47 22.80 0.87 61.33
CA PRO G 47 21.58 1.65 61.49
C PRO G 47 21.89 3.08 61.88
N PHE G 48 20.99 3.97 61.47
CA PHE G 48 21.05 5.42 61.65
C PHE G 48 22.06 6.09 60.73
N LEU G 49 22.98 5.34 60.12
CA LEU G 49 23.84 5.92 59.09
C LEU G 49 23.12 5.94 57.76
N SER G 50 22.43 4.84 57.45
CA SER G 50 21.49 4.84 56.33
C SER G 50 20.48 5.96 56.50
N ARG G 51 19.97 6.14 57.72
CA ARG G 51 19.00 7.20 57.98
C ARG G 51 19.61 8.58 57.74
N ALA G 52 20.85 8.79 58.20
CA ALA G 52 21.52 10.06 58.00
C ALA G 52 21.66 10.38 56.52
N VAL G 53 22.16 9.42 55.74
CA VAL G 53 22.33 9.68 54.31
C VAL G 53 20.98 9.81 53.62
N ARG G 54 19.94 9.14 54.15
CA ARG G 54 18.61 9.22 53.56
C ARG G 54 17.99 10.59 53.78
N CYS G 55 18.24 11.20 54.94
CA CYS G 55 17.59 12.46 55.29
C CYS G 55 18.08 13.64 54.46
N LEU G 56 18.97 13.44 53.49
CA LEU G 56 19.37 14.54 52.61
C LEU G 56 18.20 15.01 51.75
N SER G 57 17.16 14.19 51.59
CA SER G 57 15.90 14.60 50.98
C SER G 57 14.86 14.67 52.10
N PRO G 58 14.82 15.77 52.86
CA PRO G 58 14.07 15.74 54.13
C PRO G 58 12.58 15.44 53.99
N LEU G 59 11.94 15.96 52.94
CA LEU G 59 10.50 15.75 52.80
C LEU G 59 10.19 14.29 52.55
N ALA G 60 10.88 13.68 51.58
CA ALA G 60 10.67 12.26 51.30
C ALA G 60 11.02 11.40 52.51
N ALA G 61 12.04 11.80 53.26
CA ALA G 61 12.42 11.05 54.45
C ALA G 61 11.33 11.11 55.51
N HIS G 62 10.74 12.28 55.72
CA HIS G 62 9.84 12.52 56.83
C HIS G 62 8.38 12.69 56.41
N CYS G 63 8.04 12.39 55.15
CA CYS G 63 6.64 12.51 54.73
C CYS G 63 5.75 11.56 55.51
N ALA G 64 6.22 10.33 55.74
CA ALA G 64 5.40 9.34 56.42
C ALA G 64 5.05 9.78 57.84
N ASP G 65 6.03 10.32 58.56
CA ASP G 65 5.82 10.71 59.95
C ASP G 65 4.89 11.91 60.09
N ARG G 66 4.53 12.58 58.99
CA ARG G 66 3.66 13.75 59.05
C ARG G 66 2.27 13.44 59.58
N THR G 67 1.85 12.17 59.60
CA THR G 67 0.49 11.81 59.99
C THR G 67 0.42 10.58 60.88
N LEU G 68 1.50 10.21 61.57
CA LEU G 68 1.60 8.92 62.24
C LEU G 68 2.08 9.10 63.68
N ARG G 69 2.44 7.97 64.30
CA ARG G 69 2.72 7.88 65.74
C ARG G 69 3.72 8.95 66.18
N ARG G 70 3.59 9.35 67.45
CA ARG G 70 4.54 10.23 68.12
C ARG G 70 4.84 9.65 69.50
N ASP G 71 6.07 9.85 69.96
CA ASP G 71 6.53 9.31 71.23
C ASP G 71 7.12 10.42 72.08
N ASN G 72 7.12 10.19 73.40
CA ASN G 72 7.58 11.17 74.37
C ASN G 72 9.03 10.86 74.75
N VAL G 73 9.90 11.87 74.64
CA VAL G 73 11.29 11.74 75.05
C VAL G 73 11.50 12.09 76.51
N LYS G 74 10.51 12.71 77.16
CA LYS G 74 10.66 13.11 78.56
C LYS G 74 10.97 11.91 79.45
N GLN G 75 10.49 10.72 79.10
CA GLN G 75 10.82 9.52 79.86
C GLN G 75 12.32 9.25 79.85
N ILE G 76 12.99 9.56 78.73
CA ILE G 76 14.43 9.28 78.62
C ILE G 76 15.21 10.16 79.59
N LEU G 77 14.82 11.42 79.74
CA LEU G 77 15.55 12.32 80.63
C LEU G 77 15.54 11.81 82.07
N THR G 78 14.47 11.12 82.49
CA THR G 78 14.39 10.57 83.82
C THR G 78 15.16 9.26 83.97
N ARG G 79 15.60 8.64 82.88
CA ARG G 79 16.38 7.42 82.97
C ARG G 79 17.71 7.69 83.65
N GLU G 80 18.17 6.73 84.46
CA GLU G 80 19.46 6.88 85.13
C GLU G 80 20.60 6.91 84.11
N LEU G 81 20.53 6.06 83.10
CA LEU G 81 21.57 5.97 82.05
C LEU G 81 20.89 6.02 80.70
N PRO G 82 20.42 7.21 80.28
CA PRO G 82 19.69 7.30 79.01
C PRO G 82 20.60 7.04 77.82
N PHE G 83 19.99 6.53 76.76
CA PHE G 83 20.71 6.22 75.53
C PHE G 83 20.61 7.39 74.55
N SER G 84 21.75 7.78 73.99
CA SER G 84 21.83 9.00 73.21
C SER G 84 21.05 8.92 71.91
N SER G 85 20.94 7.73 71.31
CA SER G 85 20.47 7.60 69.93
C SER G 85 19.10 8.24 69.74
N ASP G 86 18.18 8.03 70.68
CA ASP G 86 16.86 8.66 70.57
C ASP G 86 16.97 10.17 70.62
N LEU G 87 17.81 10.70 71.51
CA LEU G 87 17.97 12.15 71.62
C LEU G 87 18.54 12.73 70.33
N ILE G 88 19.53 12.07 69.74
CA ILE G 88 20.09 12.55 68.48
C ILE G 88 19.05 12.47 67.38
N ASN G 89 18.20 11.44 67.42
CA ASN G 89 17.14 11.31 66.42
C ASN G 89 16.16 12.48 66.50
N TYR G 90 15.81 12.88 67.72
CA TYR G 90 14.83 13.95 67.95
C TYR G 90 15.49 15.29 68.27
N ALA G 91 16.78 15.44 67.97
CA ALA G 91 17.47 16.73 68.06
C ALA G 91 17.42 17.30 69.48
N HIS G 92 18.11 16.59 70.37
CA HIS G 92 18.30 17.04 71.75
C HIS G 92 19.77 16.95 72.11
N HIS G 93 20.27 18.00 72.77
CA HIS G 93 21.70 18.15 73.04
C HIS G 93 22.13 17.14 74.09
N VAL G 94 22.85 16.10 73.65
CA VAL G 94 23.45 15.15 74.59
C VAL G 94 24.73 15.75 75.14
N ASN G 95 25.00 15.49 76.41
CA ASN G 95 26.11 16.12 77.12
C ASN G 95 27.38 15.29 77.14
N SER G 96 27.40 14.14 76.46
CA SER G 96 28.61 13.31 76.44
C SER G 96 29.68 13.97 75.58
N SER G 97 30.91 14.01 76.12
CA SER G 97 32.01 14.63 75.39
C SER G 97 32.35 13.87 74.11
N SER G 98 32.12 12.55 74.10
CA SER G 98 32.43 11.76 72.91
C SER G 98 31.59 12.19 71.73
N LEU G 99 30.30 12.45 71.95
CA LEU G 99 29.39 12.81 70.87
C LEU G 99 29.48 14.30 70.51
N THR G 100 29.65 15.17 71.49
CA THR G 100 29.70 16.60 71.24
C THR G 100 31.07 17.02 70.72
N THR G 101 31.14 18.26 70.24
CA THR G 101 32.38 18.83 69.75
C THR G 101 32.28 20.34 69.82
N SER G 102 33.44 21.01 69.71
CA SER G 102 33.53 22.46 69.75
C SER G 102 33.94 23.08 68.43
N GLN G 103 34.60 22.33 67.55
CA GLN G 103 35.03 22.87 66.27
C GLN G 103 33.82 23.19 65.41
N GLY G 104 33.79 24.40 64.85
CA GLY G 104 32.68 24.80 64.01
C GLY G 104 31.40 25.08 64.76
N VAL G 105 31.47 25.38 66.06
CA VAL G 105 30.27 25.67 66.83
C VAL G 105 29.59 26.94 66.33
N GLU G 106 30.33 27.83 65.67
CA GLU G 106 29.71 29.01 65.07
C GLU G 106 28.64 28.63 64.05
N ALA G 107 28.75 27.46 63.44
CA ALA G 107 27.69 26.99 62.54
C ALA G 107 26.37 26.83 63.29
N ALA G 108 26.42 26.25 64.49
CA ALA G 108 25.21 26.13 65.30
C ALA G 108 24.65 27.50 65.64
N ARG G 109 25.52 28.45 65.98
CA ARG G 109 25.05 29.79 66.30
C ARG G 109 24.36 30.44 65.11
N LEU G 110 24.97 30.32 63.92
CA LEU G 110 24.40 31.01 62.76
C LEU G 110 23.11 30.34 62.29
N VAL G 111 23.03 29.01 62.38
CA VAL G 111 21.78 28.36 61.97
C VAL G 111 20.67 28.67 62.98
N ALA G 112 21.01 28.70 64.28
CA ALA G 112 20.01 29.10 65.28
C ALA G 112 19.55 30.53 65.03
N GLN G 113 20.47 31.41 64.62
CA GLN G 113 20.09 32.78 64.32
C GLN G 113 19.19 32.85 63.10
N VAL G 114 19.56 32.15 62.02
CA VAL G 114 18.82 32.28 60.77
C VAL G 114 17.42 31.69 60.91
N TYR G 115 17.28 30.57 61.65
CA TYR G 115 15.94 30.09 61.97
C TYR G 115 15.36 30.82 63.17
N GLY G 116 16.23 31.38 64.03
CA GLY G 116 15.82 32.36 65.01
C GLY G 116 14.80 31.83 66.02
N GLU G 117 13.90 32.73 66.43
CA GLU G 117 12.92 32.45 67.47
C GLU G 117 11.64 31.82 66.94
N GLN G 118 11.57 31.53 65.63
CA GLN G 118 10.41 30.81 65.11
C GLN G 118 10.30 29.41 65.70
N VAL G 119 11.37 28.89 66.27
CA VAL G 119 11.41 27.54 66.84
C VAL G 119 11.99 27.65 68.25
N PRO G 120 11.56 26.83 69.22
CA PRO G 120 12.30 26.78 70.49
C PRO G 120 13.65 26.11 70.31
N PHE G 121 14.60 26.86 69.76
CA PHE G 121 15.89 26.30 69.36
C PHE G 121 16.84 26.11 70.53
N ASP G 122 16.48 26.58 71.73
CA ASP G 122 17.37 26.40 72.88
C ASP G 122 17.61 24.93 73.18
N HIS G 123 16.56 24.11 73.10
CA HIS G 123 16.73 22.67 73.30
C HIS G 123 17.62 22.05 72.23
N ILE G 124 17.70 22.66 71.06
CA ILE G 124 18.55 22.13 70.00
C ILE G 124 20.00 22.54 70.23
N TYR G 125 20.24 23.83 70.48
CA TYR G 125 21.57 24.35 70.70
C TYR G 125 21.54 25.38 71.83
N PRO G 126 22.23 25.15 72.95
CA PRO G 126 22.29 26.19 73.99
C PRO G 126 22.88 27.49 73.45
N THR G 127 22.35 28.60 73.95
CA THR G 127 22.72 29.91 73.43
C THR G 127 24.17 30.23 73.74
N GLY G 128 24.98 30.37 72.70
CA GLY G 128 26.35 30.84 72.83
C GLY G 128 27.34 29.81 73.34
N SER G 129 26.89 28.61 73.68
CA SER G 129 27.81 27.59 74.18
C SER G 129 28.78 27.15 73.10
N ALA G 130 30.01 26.86 73.50
CA ALA G 130 31.05 26.40 72.60
C ALA G 130 31.05 24.88 72.43
N THR G 131 30.00 24.20 72.89
CA THR G 131 29.87 22.76 72.75
C THR G 131 28.52 22.45 72.12
N TYR G 132 28.51 21.49 71.20
CA TYR G 132 27.29 21.13 70.48
C TYR G 132 27.44 19.71 69.96
N CYS G 133 26.30 19.09 69.68
CA CYS G 133 26.25 17.76 69.09
C CYS G 133 25.83 17.88 67.64
N PRO G 134 26.70 17.59 66.65
CA PRO G 134 26.30 17.79 65.25
C PRO G 134 25.06 17.00 64.83
N GLY G 135 24.88 15.78 65.36
CA GLY G 135 23.74 14.99 64.95
C GLY G 135 22.41 15.65 65.26
N ALA G 136 22.29 16.21 66.46
CA ALA G 136 21.06 16.91 66.83
C ALA G 136 20.84 18.13 65.94
N ILE G 137 21.90 18.88 65.65
CA ILE G 137 21.78 20.05 64.80
C ILE G 137 21.27 19.65 63.42
N ALA G 138 21.84 18.59 62.85
CA ALA G 138 21.44 18.16 61.52
C ALA G 138 20.01 17.63 61.52
N ASN G 139 19.63 16.88 62.56
CA ASN G 139 18.26 16.38 62.63
C ASN G 139 17.27 17.52 62.72
N ALA G 140 17.57 18.53 63.55
CA ALA G 140 16.70 19.69 63.64
C ALA G 140 16.60 20.41 62.30
N ILE G 141 17.73 20.58 61.62
CA ILE G 141 17.71 21.26 60.33
C ILE G 141 16.84 20.49 59.35
N SER G 142 17.00 19.17 59.31
CA SER G 142 16.25 18.35 58.37
C SER G 142 14.75 18.42 58.65
N ARG G 143 14.36 18.26 59.91
CA ARG G 143 12.93 18.22 60.22
C ARG G 143 12.29 19.59 60.13
N ILE G 144 13.00 20.67 60.47
CA ILE G 144 12.49 22.01 60.22
C ILE G 144 12.31 22.23 58.72
N MET G 145 13.31 21.80 57.94
CA MET G 145 13.26 21.99 56.50
C MET G 145 12.12 21.21 55.87
N ALA G 146 11.77 20.07 56.48
CA ALA G 146 10.65 19.27 55.97
C ALA G 146 9.31 19.95 56.24
N GLY G 147 9.21 20.73 57.32
CA GLY G 147 7.99 21.44 57.66
C GLY G 147 7.48 21.14 59.05
N PHE G 148 8.37 20.72 59.94
CA PHE G 148 8.02 20.46 61.33
C PHE G 148 8.51 21.61 62.22
N VAL G 149 8.10 21.56 63.49
CA VAL G 149 8.56 22.51 64.49
C VAL G 149 8.66 21.78 65.84
N PRO G 150 9.85 21.63 66.42
CA PRO G 150 9.93 20.97 67.73
C PRO G 150 9.15 21.74 68.80
N ARG G 151 8.55 21.00 69.71
CA ARG G 151 7.95 21.55 70.91
C ARG G 151 8.94 21.50 72.06
N GLU G 152 8.66 22.29 73.10
CA GLU G 152 9.44 22.19 74.32
C GLU G 152 9.22 20.87 75.05
N GLY G 153 8.15 20.14 74.72
CA GLY G 153 7.90 18.82 75.26
C GLY G 153 8.64 17.70 74.57
N ASP G 154 9.59 18.03 73.68
CA ASP G 154 10.43 17.02 73.02
C ASP G 154 9.62 16.14 72.08
N ASP G 155 8.71 16.76 71.33
CA ASP G 155 7.99 16.08 70.26
C ASP G 155 7.69 17.10 69.16
N PHE G 156 7.57 16.59 67.93
CA PHE G 156 7.50 17.43 66.74
C PHE G 156 6.05 17.63 66.31
N ALA G 157 5.76 18.84 65.81
CA ALA G 157 4.46 19.19 65.24
C ALA G 157 4.59 19.49 63.75
N PRO G 158 3.67 19.01 62.89
CA PRO G 158 3.85 19.20 61.44
C PRO G 158 3.30 20.52 60.91
N SER G 159 3.04 21.47 61.79
CA SER G 159 2.31 22.68 61.43
C SER G 159 3.18 23.77 60.80
N GLY G 160 4.47 23.56 60.66
CA GLY G 160 5.34 24.59 60.15
C GLY G 160 5.28 24.71 58.64
N PRO G 161 5.92 25.76 58.10
CA PRO G 161 5.98 25.91 56.65
C PRO G 161 7.04 25.02 56.04
N ILE G 162 6.86 24.72 54.76
CA ILE G 162 7.66 23.72 54.05
C ILE G 162 8.64 24.43 53.14
N ASP G 163 9.91 24.02 53.21
CA ASP G 163 10.95 24.63 52.41
C ASP G 163 10.75 24.34 50.93
N TYR G 164 11.14 25.30 50.09
CA TYR G 164 11.04 25.12 48.65
C TYR G 164 12.01 24.05 48.15
N LEU G 165 13.20 23.98 48.73
CA LEU G 165 14.21 23.02 48.29
C LEU G 165 13.80 21.59 48.66
N ALA G 166 13.27 21.41 49.88
CA ALA G 166 12.87 20.08 50.32
C ALA G 166 11.80 19.49 49.41
N ALA G 167 10.84 20.32 48.99
CA ALA G 167 9.82 19.88 48.06
C ALA G 167 10.37 19.62 46.67
N ASP G 168 11.60 20.03 46.38
CA ASP G 168 12.20 19.79 45.07
C ASP G 168 12.97 18.48 45.02
N LEU G 169 13.49 18.01 46.15
CA LEU G 169 14.24 16.76 46.17
C LEU G 169 13.36 15.53 46.04
N ILE G 170 12.03 15.69 46.05
CA ILE G 170 11.15 14.55 45.85
C ILE G 170 11.39 13.94 44.47
N ALA G 171 11.68 14.77 43.48
CA ALA G 171 11.88 14.29 42.11
C ALA G 171 13.15 13.48 41.93
N TYR G 172 14.03 13.45 42.92
CA TYR G 172 15.34 12.81 42.81
C TYR G 172 15.53 11.80 43.94
N LYS G 173 16.40 10.82 43.68
CA LYS G 173 16.68 9.75 44.63
C LYS G 173 18.16 9.52 44.90
N PHE G 174 19.05 9.98 44.02
CA PHE G 174 20.48 9.84 44.20
C PHE G 174 21.15 11.21 44.25
N VAL G 175 22.22 11.30 45.04
CA VAL G 175 22.96 12.55 45.22
C VAL G 175 24.46 12.23 45.17
N LEU G 176 25.24 13.21 44.76
CA LEU G 176 26.70 13.08 44.66
C LEU G 176 27.36 14.40 45.02
N PRO G 177 27.60 14.68 46.31
CA PRO G 177 28.26 15.93 46.67
C PRO G 177 29.68 16.00 46.16
N TYR G 178 30.14 17.22 45.86
CA TYR G 178 31.52 17.44 45.48
C TYR G 178 31.85 18.91 45.63
N MET G 179 33.12 19.19 45.92
CA MET G 179 33.57 20.57 46.06
C MET G 179 33.93 21.15 44.70
N LEU G 180 33.95 22.49 44.64
CA LEU G 180 34.26 23.23 43.42
C LEU G 180 35.32 24.27 43.72
N ASP G 181 36.04 24.68 42.68
CA ASP G 181 37.00 25.76 42.79
C ASP G 181 37.12 26.46 41.45
N MET G 182 37.52 27.73 41.48
CA MET G 182 37.56 28.55 40.28
C MET G 182 38.88 28.34 39.54
N VAL G 183 39.21 27.09 39.22
CA VAL G 183 40.47 26.78 38.58
C VAL G 183 40.48 27.33 37.16
N ASP G 184 41.64 27.83 36.74
CA ASP G 184 41.86 28.41 35.40
C ASP G 184 40.73 29.35 34.98
N GLY G 185 40.23 30.13 35.95
CA GLY G 185 39.20 31.10 35.66
C GLY G 185 37.87 30.53 35.23
N ARG G 186 37.63 29.24 35.48
CA ARG G 186 36.38 28.58 35.15
C ARG G 186 36.00 27.65 36.28
N PRO G 187 34.70 27.38 36.48
CA PRO G 187 34.33 26.37 37.48
C PRO G 187 34.85 24.99 37.08
N GLN G 188 35.29 24.23 38.07
CA GLN G 188 35.85 22.92 37.80
C GLN G 188 35.84 22.10 39.08
N ILE G 189 35.50 20.81 38.95
CA ILE G 189 35.56 19.92 40.08
C ILE G 189 37.01 19.72 40.49
N VAL G 190 37.25 19.71 41.80
CA VAL G 190 38.59 19.58 42.35
C VAL G 190 38.52 18.66 43.56
N LEU G 191 39.67 18.13 43.95
CA LEU G 191 39.74 17.36 45.18
C LEU G 191 39.37 18.27 46.36
N PRO G 192 38.79 17.72 47.43
CA PRO G 192 38.53 18.56 48.60
C PRO G 192 39.82 19.09 49.20
N SER G 193 39.99 20.41 49.15
CA SER G 193 41.17 21.08 49.68
C SER G 193 40.98 21.60 51.09
N HIS G 194 39.90 21.17 51.77
CA HIS G 194 39.58 21.66 53.10
C HIS G 194 39.05 20.50 53.92
N THR G 195 38.79 20.77 55.19
CA THR G 195 38.18 19.82 56.11
C THR G 195 36.87 20.40 56.64
N VAL G 196 35.94 19.52 56.99
CA VAL G 196 34.56 19.93 57.21
C VAL G 196 34.46 20.88 58.40
N GLU G 197 35.26 20.67 59.44
CA GLU G 197 35.25 21.61 60.56
C GLU G 197 35.71 22.99 60.10
N GLU G 198 36.68 23.04 59.20
CA GLU G 198 37.09 24.33 58.63
C GLU G 198 35.96 24.94 57.83
N MET G 199 35.19 24.12 57.10
CA MET G 199 34.04 24.63 56.37
C MET G 199 33.02 25.23 57.34
N LEU G 200 32.77 24.56 58.45
CA LEU G 200 31.84 25.09 59.45
C LEU G 200 32.34 26.41 60.01
N THR G 201 33.63 26.49 60.35
CA THR G 201 34.17 27.73 60.90
C THR G 201 34.10 28.86 59.87
N ASN G 202 34.58 28.60 58.66
CA ASN G 202 34.49 29.55 57.56
C ASN G 202 33.21 29.26 56.80
N THR G 203 32.10 29.84 57.27
CA THR G 203 30.80 29.55 56.69
C THR G 203 30.74 29.99 55.24
N SER G 204 31.38 31.11 54.90
CA SER G 204 31.42 31.56 53.51
C SER G 204 32.11 30.55 52.60
N LEU G 205 32.93 29.66 53.15
CA LEU G 205 33.61 28.66 52.35
C LEU G 205 32.67 27.57 51.83
N LEU G 206 31.50 27.42 52.44
CA LEU G 206 30.58 26.36 52.03
C LEU G 206 30.10 26.55 50.59
N ASN G 207 30.18 27.77 50.06
CA ASN G 207 29.72 28.01 48.69
C ASN G 207 30.53 27.23 47.67
N SER G 208 31.72 26.76 48.05
CA SER G 208 32.52 25.92 47.16
C SER G 208 31.92 24.53 47.00
N ILE G 209 30.94 24.15 47.83
CA ILE G 209 30.33 22.84 47.75
C ILE G 209 29.27 22.82 46.67
N ASP G 210 29.11 21.69 46.00
CA ASP G 210 28.11 21.50 44.98
C ASP G 210 27.71 20.03 44.95
N ALA G 211 26.56 19.75 44.36
CA ALA G 211 26.04 18.39 44.32
C ALA G 211 25.09 18.22 43.15
N SER G 212 25.20 17.08 42.48
CA SER G 212 24.27 16.69 41.42
C SER G 212 23.30 15.65 41.96
N PHE G 213 22.16 15.52 41.27
CA PHE G 213 21.07 14.67 41.70
C PHE G 213 20.71 13.68 40.60
N GLY G 214 20.38 12.44 40.99
CA GLY G 214 20.12 11.38 40.04
C GLY G 214 18.64 11.03 39.98
N ILE G 215 18.32 10.11 39.07
CA ILE G 215 16.93 9.77 38.74
C ILE G 215 16.67 8.26 38.69
N GLU G 216 17.70 7.43 38.87
CA GLU G 216 17.52 5.98 38.91
C GLU G 216 16.94 5.43 37.61
N ALA G 217 17.73 5.55 36.54
CA ALA G 217 17.32 5.01 35.25
C ALA G 217 17.21 3.49 35.30
N ARG G 218 16.76 2.91 34.19
CA ARG G 218 16.51 1.47 34.12
C ARG G 218 17.83 0.71 33.97
N SER G 219 17.72 -0.62 33.94
CA SER G 219 18.89 -1.49 33.97
C SER G 219 18.63 -2.75 33.15
N ASP G 220 19.73 -3.36 32.67
CA ASP G 220 19.72 -4.68 32.04
C ASP G 220 21.00 -5.37 32.50
N GLN G 221 20.91 -6.13 33.59
CA GLN G 221 22.08 -6.72 34.24
C GLN G 221 23.10 -5.63 34.59
N ARG G 222 22.61 -4.46 35.00
CA ARG G 222 23.43 -3.30 35.29
C ARG G 222 23.03 -2.75 36.66
N MET G 223 23.99 -2.68 37.58
CA MET G 223 23.73 -2.19 38.93
C MET G 223 23.99 -0.70 39.09
N THR G 224 24.44 0.00 38.05
CA THR G 224 24.64 1.43 38.13
C THR G 224 23.29 2.16 38.05
N ARG G 225 23.31 3.43 38.43
CA ARG G 225 22.12 4.27 38.40
C ARG G 225 22.48 5.64 37.84
N ASP G 226 21.51 6.27 37.19
CA ASP G 226 21.74 7.50 36.45
C ASP G 226 21.85 8.66 37.43
N ALA G 227 22.89 9.48 37.27
CA ALA G 227 23.06 10.72 38.03
C ALA G 227 22.46 11.92 37.33
N ALA G 228 21.80 11.74 36.18
CA ALA G 228 21.07 12.80 35.49
C ALA G 228 22.07 13.84 35.00
N GLU G 229 21.77 15.13 35.12
CA GLU G 229 22.55 16.16 34.43
C GLU G 229 23.94 16.29 35.02
N MET G 230 24.96 16.05 34.20
CA MET G 230 26.32 16.41 34.52
C MET G 230 26.65 17.85 34.16
N SER G 231 25.78 18.51 33.39
CA SER G 231 25.98 19.90 33.00
C SER G 231 25.53 20.80 34.16
N SER G 232 25.30 22.08 33.86
CA SER G 232 24.93 23.04 34.89
C SER G 232 23.47 22.87 35.32
N ARG G 233 23.20 21.81 36.10
CA ARG G 233 21.91 21.64 36.74
C ARG G 233 22.07 21.12 38.17
N SER G 234 23.17 21.48 38.82
CA SER G 234 23.45 21.01 40.17
C SER G 234 22.69 21.87 41.17
N LEU G 235 23.00 21.67 42.47
CA LEU G 235 22.29 22.39 43.52
C LEU G 235 22.47 23.89 43.39
N ASN G 236 23.68 24.34 43.09
CA ASN G 236 23.95 25.77 43.02
C ASN G 236 23.15 26.47 41.93
N GLU G 237 22.79 25.74 40.86
CA GLU G 237 22.09 26.35 39.75
C GLU G 237 20.64 26.68 40.06
N LEU G 238 20.09 26.14 41.15
CA LEU G 238 18.72 26.45 41.52
C LEU G 238 18.59 27.94 41.84
N GLU G 239 17.52 28.54 41.33
CA GLU G 239 17.31 29.97 41.50
C GLU G 239 17.18 30.33 42.97
N ASP G 240 17.85 31.39 43.38
CA ASP G 240 17.84 31.78 44.78
C ASP G 240 16.46 32.25 45.20
N HIS G 241 16.12 31.99 46.47
CA HIS G 241 14.85 32.44 47.02
C HIS G 241 14.98 32.45 48.53
N ASP G 242 14.10 33.22 49.18
CA ASP G 242 14.15 33.34 50.63
C ASP G 242 13.89 31.99 51.30
N GLN G 243 12.94 31.23 50.78
CA GLN G 243 12.57 29.94 51.37
C GLN G 243 13.46 28.80 50.88
N ARG G 244 14.03 28.90 49.68
CA ARG G 244 14.85 27.83 49.15
C ARG G 244 16.21 27.81 49.84
N GLY G 245 16.29 27.09 50.96
CA GLY G 245 17.47 27.11 51.79
C GLY G 245 18.58 26.16 51.36
N ARG G 246 19.33 26.55 50.33
CA ARG G 246 20.51 25.78 49.95
C ARG G 246 21.53 25.74 51.08
N MET G 247 21.76 26.90 51.71
CA MET G 247 22.78 26.99 52.75
C MET G 247 22.47 26.09 53.93
N PRO G 248 21.24 26.04 54.47
CA PRO G 248 20.92 25.04 55.50
C PRO G 248 21.19 23.61 55.06
N TRP G 249 20.92 23.27 53.81
CA TRP G 249 21.18 21.92 53.33
C TRP G 249 22.67 21.62 53.37
N LYS G 250 23.49 22.55 52.88
CA LYS G 250 24.93 22.36 52.93
C LYS G 250 25.42 22.27 54.37
N ILE G 251 24.82 23.06 55.26
CA ILE G 251 25.18 23.01 56.68
C ILE G 251 24.89 21.61 57.23
N MET G 252 23.72 21.06 56.90
CA MET G 252 23.37 19.73 57.41
C MET G 252 24.31 18.67 56.86
N LEU G 253 24.69 18.79 55.59
CA LEU G 253 25.64 17.84 55.01
C LEU G 253 26.97 17.88 55.76
N GLY G 254 27.53 19.08 55.92
CA GLY G 254 28.75 19.22 56.68
C GLY G 254 28.60 18.74 58.12
N MET G 255 27.40 18.91 58.68
CA MET G 255 27.16 18.51 60.06
C MET G 255 27.20 16.98 60.19
N MET G 256 26.61 16.27 59.22
CA MET G 256 26.74 14.82 59.19
C MET G 256 28.19 14.40 59.05
N ALA G 257 28.95 15.08 58.19
CA ALA G 257 30.35 14.74 58.02
C ALA G 257 31.12 14.91 59.33
N ALA G 258 30.87 16.02 60.01
CA ALA G 258 31.53 16.27 61.29
C ALA G 258 31.12 15.22 62.33
N GLN G 259 29.84 14.82 62.32
CA GLN G 259 29.38 13.78 63.24
C GLN G 259 30.13 12.48 63.00
N LEU G 260 30.29 12.10 61.73
CA LEU G 260 31.02 10.88 61.42
C LEU G 260 32.47 10.98 61.88
N LYS G 261 33.10 12.14 61.65
CA LYS G 261 34.50 12.29 62.04
C LYS G 261 34.68 12.21 63.56
N VAL G 262 33.82 12.90 64.31
CA VAL G 262 33.97 12.88 65.76
C VAL G 262 33.64 11.50 66.31
N GLU G 263 32.67 10.79 65.70
CA GLU G 263 32.39 9.44 66.17
C GLU G 263 33.53 8.49 65.86
N LEU G 264 34.21 8.67 64.72
CA LEU G 264 35.41 7.89 64.45
C LEU G 264 36.49 8.20 65.48
N ASP G 265 36.62 9.46 65.88
CA ASP G 265 37.56 9.80 66.95
C ASP G 265 37.20 9.09 68.24
N ALA G 266 35.91 9.09 68.59
CA ALA G 266 35.47 8.42 69.81
C ALA G 266 35.76 6.93 69.75
N LEU G 267 35.55 6.31 68.59
CA LEU G 267 35.90 4.90 68.42
C LEU G 267 37.40 4.70 68.59
N ALA G 268 38.20 5.63 68.06
CA ALA G 268 39.65 5.56 68.25
C ALA G 268 40.01 5.60 69.73
N ASP G 269 39.27 6.39 70.50
CA ASP G 269 39.47 6.40 71.95
C ASP G 269 38.95 5.12 72.61
N GLU G 270 38.06 4.39 71.94
CA GLU G 270 37.52 3.13 72.47
C GLU G 270 38.47 1.97 72.16
N ARG G 271 39.68 2.07 72.69
CA ARG G 271 40.69 1.04 72.45
C ARG G 271 40.26 -0.31 73.02
N THR G 272 39.71 -0.31 74.23
CA THR G 272 39.40 -1.57 74.90
C THR G 272 38.32 -2.34 74.17
N GLU G 273 37.20 -1.67 73.87
CA GLU G 273 36.11 -2.33 73.16
C GLU G 273 36.56 -2.78 71.76
N SER G 274 37.31 -1.92 71.07
CA SER G 274 37.74 -2.25 69.71
C SER G 274 38.65 -3.48 69.70
N GLN G 275 39.63 -3.53 70.61
CA GLN G 275 40.53 -4.67 70.62
C GLN G 275 39.89 -5.91 71.23
N ALA G 276 38.84 -5.75 72.03
CA ALA G 276 38.06 -6.90 72.48
C ALA G 276 37.09 -7.39 71.42
N ASN G 277 36.82 -6.59 70.39
CA ASN G 277 35.94 -6.94 69.29
C ASN G 277 36.61 -6.61 67.96
N ALA G 278 37.88 -6.98 67.84
CA ALA G 278 38.66 -6.73 66.63
C ALA G 278 38.54 -7.85 65.61
N HIS G 279 37.46 -8.63 65.65
CA HIS G 279 37.29 -9.79 64.78
C HIS G 279 36.31 -9.54 63.64
N VAL G 280 35.58 -8.43 63.64
CA VAL G 280 34.59 -8.16 62.61
C VAL G 280 35.28 -7.61 61.38
N THR G 281 35.62 -8.50 60.44
CA THR G 281 36.32 -8.09 59.23
C THR G 281 35.41 -7.37 58.23
N SER G 282 34.10 -7.55 58.35
CA SER G 282 33.15 -6.87 57.47
C SER G 282 32.79 -5.48 57.95
N PHE G 283 33.25 -5.06 59.13
CA PHE G 283 32.89 -3.77 59.69
C PHE G 283 33.33 -2.64 58.76
N GLY G 284 34.64 -2.52 58.52
CA GLY G 284 35.13 -1.48 57.64
C GLY G 284 34.64 -1.62 56.22
N SER G 285 34.46 -2.86 55.75
CA SER G 285 33.95 -3.08 54.41
C SER G 285 32.56 -2.47 54.24
N ARG G 286 31.67 -2.72 55.20
CA ARG G 286 30.36 -2.09 55.15
C ARG G 286 30.45 -0.58 55.32
N LEU G 287 31.30 -0.12 56.24
CA LEU G 287 31.39 1.30 56.53
C LEU G 287 31.83 2.08 55.30
N PHE G 288 32.78 1.55 54.54
CA PHE G 288 33.32 2.26 53.39
C PHE G 288 32.23 2.58 52.38
N ASN G 289 31.38 1.59 52.07
CA ASN G 289 30.33 1.83 51.09
C ASN G 289 29.20 2.66 51.68
N GLN G 290 28.94 2.52 52.99
CA GLN G 290 27.82 3.26 53.58
C GLN G 290 28.11 4.75 53.69
N MET G 291 29.38 5.15 53.73
CA MET G 291 29.75 6.56 53.89
C MET G 291 30.20 7.20 52.58
N SER G 292 29.85 6.61 51.43
CA SER G 292 30.43 7.02 50.15
C SER G 292 30.17 8.49 49.83
N ALA G 293 29.13 9.09 50.43
CA ALA G 293 28.81 10.47 50.13
C ALA G 293 29.92 11.42 50.58
N PHE G 294 30.51 11.16 51.75
CA PHE G 294 31.39 12.14 52.39
C PHE G 294 32.83 12.07 51.90
N VAL G 295 33.20 11.09 51.09
CA VAL G 295 34.58 10.98 50.64
C VAL G 295 34.98 12.18 49.80
N THR G 296 34.03 12.77 49.08
CA THR G 296 34.33 13.86 48.16
C THR G 296 34.33 15.23 48.84
N ILE G 297 34.36 15.28 50.17
CA ILE G 297 34.19 16.53 50.91
C ILE G 297 35.35 16.77 51.87
N ASP G 298 36.03 15.70 52.29
CA ASP G 298 36.97 15.78 53.41
C ASP G 298 38.31 15.13 53.07
N HIS G 299 39.38 15.69 53.62
CA HIS G 299 40.69 15.05 53.54
C HIS G 299 40.69 13.70 54.23
N GLU G 300 40.32 13.70 55.52
CA GLU G 300 40.57 12.56 56.38
C GLU G 300 39.69 11.37 56.00
N LEU G 301 38.44 11.63 55.64
CA LEU G 301 37.56 10.55 55.21
C LEU G 301 38.07 9.93 53.92
N MET G 302 38.55 10.75 52.99
CA MET G 302 39.17 10.22 51.77
C MET G 302 40.37 9.36 52.11
N GLU G 303 41.22 9.82 53.03
CA GLU G 303 42.42 9.07 53.37
C GLU G 303 42.06 7.73 53.99
N LEU G 304 41.07 7.72 54.89
CA LEU G 304 40.63 6.47 55.49
C LEU G 304 40.07 5.52 54.43
N ALA G 305 39.27 6.05 53.50
CA ALA G 305 38.72 5.22 52.45
C ALA G 305 39.81 4.63 51.56
N LEU G 306 40.79 5.46 51.18
CA LEU G 306 41.88 4.98 50.35
C LEU G 306 42.69 3.90 51.06
N LEU G 307 42.97 4.11 52.35
CA LEU G 307 43.72 3.11 53.11
C LEU G 307 42.94 1.81 53.24
N ILE G 308 41.63 1.89 53.47
CA ILE G 308 40.82 0.68 53.55
C ILE G 308 40.81 -0.05 52.21
N LYS G 309 40.67 0.70 51.11
CA LYS G 309 40.60 0.06 49.80
C LYS G 309 41.92 -0.59 49.43
N GLU G 310 43.04 0.12 49.60
CA GLU G 310 44.34 -0.46 49.31
C GLU G 310 44.65 -1.62 50.24
N GLN G 311 44.11 -1.58 51.47
CA GLN G 311 44.21 -2.73 52.35
C GLN G 311 43.43 -3.93 51.82
N GLY G 312 42.49 -3.71 50.90
CA GLY G 312 41.70 -4.79 50.34
C GLY G 312 40.47 -5.14 51.14
N PHE G 313 39.90 -4.19 51.88
CA PHE G 313 38.72 -4.43 52.70
C PHE G 313 39.10 -5.48 53.77
N ALA G 314 38.11 -6.24 54.25
CA ALA G 314 38.32 -7.17 55.37
C ALA G 314 38.84 -6.44 56.60
N MET G 315 38.47 -5.16 56.73
CA MET G 315 38.98 -4.31 57.79
C MET G 315 38.24 -4.59 59.09
N ASN G 316 38.93 -4.34 60.20
CA ASN G 316 38.43 -4.64 61.55
C ASN G 316 38.35 -3.38 62.39
N PRO G 317 37.54 -3.38 63.46
CA PRO G 317 37.38 -2.13 64.25
C PRO G 317 38.67 -1.60 64.85
N GLY G 318 39.48 -2.45 65.47
CA GLY G 318 40.69 -1.97 66.12
C GLY G 318 41.66 -1.34 65.13
N GLN G 319 41.80 -1.95 63.95
CA GLN G 319 42.64 -1.37 62.91
C GLN G 319 42.09 -0.02 62.46
N ILE G 320 40.76 0.10 62.38
CA ILE G 320 40.16 1.39 62.06
C ILE G 320 40.52 2.41 63.11
N ALA G 321 40.43 2.04 64.38
CA ALA G 321 40.78 2.95 65.47
C ALA G 321 42.21 3.43 65.34
N SER G 322 43.14 2.50 65.15
CA SER G 322 44.56 2.86 65.04
C SER G 322 44.80 3.76 63.84
N LYS G 323 44.27 3.38 62.68
CA LYS G 323 44.51 4.16 61.46
C LYS G 323 43.89 5.54 61.56
N TRP G 324 42.69 5.65 62.14
CA TRP G 324 42.04 6.94 62.29
C TRP G 324 42.82 7.82 63.24
N SER G 325 43.32 7.26 64.34
CA SER G 325 44.15 8.04 65.24
C SER G 325 45.40 8.55 64.54
N LEU G 326 46.05 7.68 63.75
CA LEU G 326 47.24 8.08 63.01
C LEU G 326 46.91 9.21 62.03
N ILE G 327 45.81 9.08 61.30
CA ILE G 327 45.45 10.09 60.32
C ILE G 327 45.14 11.42 61.00
N ARG G 328 44.38 11.38 62.09
CA ARG G 328 44.02 12.61 62.80
C ARG G 328 45.24 13.30 63.39
N ARG G 329 46.17 12.55 63.99
CA ARG G 329 47.34 13.13 64.63
C ARG G 329 48.40 13.59 63.64
N SER G 330 48.54 12.89 62.51
CA SER G 330 49.58 13.19 61.54
C SER G 330 49.16 14.15 60.44
N GLY G 331 47.92 14.63 60.46
CA GLY G 331 47.45 15.50 59.41
C GLY G 331 47.37 14.76 58.09
N PRO G 332 47.64 15.44 56.95
CA PRO G 332 47.63 14.72 55.67
C PRO G 332 48.73 13.66 55.60
N THR G 333 48.34 12.39 55.57
CA THR G 333 49.30 11.31 55.65
C THR G 333 50.10 11.16 54.36
N ARG G 334 49.45 11.27 53.21
CA ARG G 334 50.05 10.96 51.92
C ARG G 334 49.82 12.13 50.97
N PRO G 335 50.69 12.30 49.97
CA PRO G 335 50.40 13.28 48.91
C PRO G 335 49.68 12.64 47.73
N LEU G 336 48.66 13.35 47.25
CA LEU G 336 47.87 12.90 46.10
C LEU G 336 48.03 13.85 44.90
N SER G 337 49.09 14.66 44.89
CA SER G 337 49.28 15.60 43.79
C SER G 337 49.46 14.87 42.46
N GLY G 338 50.06 13.68 42.48
CA GLY G 338 50.27 12.94 41.26
C GLY G 338 49.01 12.34 40.66
N ALA G 339 47.99 12.13 41.49
CA ALA G 339 46.74 11.56 41.02
C ALA G 339 45.86 12.65 40.42
N ARG G 340 44.70 12.24 39.90
CA ARG G 340 43.75 13.17 39.30
C ARG G 340 42.34 12.70 39.59
N LEU G 341 41.38 13.61 39.42
CA LEU G 341 39.97 13.38 39.72
C LEU G 341 39.18 13.49 38.43
N GLU G 342 38.31 12.50 38.18
CA GLU G 342 37.44 12.49 37.01
C GLU G 342 36.06 12.00 37.42
N ILE G 343 35.04 12.59 36.83
CA ILE G 343 33.66 12.15 36.98
C ILE G 343 33.30 11.37 35.72
N ARG G 344 33.10 10.07 35.87
CA ARG G 344 32.94 9.15 34.74
C ARG G 344 31.62 8.40 34.90
N ASN G 345 30.70 8.61 33.95
CA ASN G 345 29.43 7.90 33.91
C ASN G 345 28.66 8.05 35.22
N GLY G 346 28.67 9.25 35.78
CA GLY G 346 27.97 9.51 37.02
C GLY G 346 28.64 8.99 38.26
N ASN G 347 29.93 8.65 38.19
CA ASN G 347 30.68 8.13 39.31
C ASN G 347 31.89 9.02 39.60
N TRP G 348 32.17 9.20 40.88
CA TRP G 348 33.37 9.90 41.35
C TRP G 348 34.48 8.88 41.47
N MET G 349 35.60 9.13 40.80
CA MET G 349 36.72 8.19 40.80
C MET G 349 38.04 8.95 40.85
N ILE G 350 38.94 8.49 41.70
CA ILE G 350 40.29 9.02 41.81
C ILE G 350 41.22 8.08 41.06
N ARG G 351 41.89 8.61 40.03
CA ARG G 351 42.79 7.84 39.19
C ARG G 351 44.16 8.48 39.16
N GLU G 352 45.20 7.65 39.21
CA GLU G 352 46.58 8.07 39.02
C GLU G 352 47.14 7.29 37.84
N GLY G 353 47.57 8.00 36.81
CA GLY G 353 47.97 7.32 35.59
C GLY G 353 46.76 6.71 34.92
N ASP G 354 46.66 5.38 34.96
CA ASP G 354 45.52 4.65 34.44
C ASP G 354 44.78 3.85 35.50
N GLN G 355 45.40 3.59 36.66
CA GLN G 355 44.74 2.84 37.72
C GLN G 355 43.76 3.73 38.47
N THR G 356 42.73 3.10 39.01
CA THR G 356 41.69 3.79 39.79
C THR G 356 42.03 3.65 41.27
N LEU G 357 42.57 4.71 41.87
CA LEU G 357 42.93 4.65 43.28
C LEU G 357 41.69 4.51 44.15
N LEU G 358 40.60 5.20 43.80
CA LEU G 358 39.38 5.15 44.59
C LEU G 358 38.20 5.47 43.67
N SER G 359 37.04 4.92 44.01
CA SER G 359 35.83 5.18 43.24
C SER G 359 34.61 4.98 44.14
N VAL G 360 33.65 5.89 44.01
CA VAL G 360 32.38 5.81 44.73
C VAL G 360 31.25 6.22 43.80
N SER G 361 30.12 5.53 43.91
CA SER G 361 28.92 5.86 43.17
C SER G 361 28.02 6.75 44.01
N PRO G 362 27.06 7.45 43.40
CA PRO G 362 26.18 8.32 44.18
C PRO G 362 25.39 7.54 45.23
N ALA G 363 25.20 8.17 46.38
CA ALA G 363 24.42 7.55 47.45
C ALA G 363 22.93 7.64 47.13
N ARG G 364 22.12 6.98 47.98
CA ARG G 364 20.68 6.93 47.81
C ARG G 364 20.02 7.90 48.79
N MET G 365 19.37 8.93 48.27
CA MET G 365 18.62 9.84 49.12
C MET G 365 17.39 9.16 49.70
N ALA G 366 16.72 8.32 48.91
CA ALA G 366 15.54 7.62 49.37
C ALA G 366 15.14 6.53 48.37
N ALA H 16 -14.10 1.16 -71.93
CA ALA H 16 -14.90 2.26 -71.32
C ALA H 16 -16.36 1.83 -71.16
N GLY H 17 -16.86 1.07 -72.14
CA GLY H 17 -18.22 0.59 -72.11
C GLY H 17 -19.22 1.66 -72.51
N GLN H 18 -20.49 1.33 -72.29
CA GLN H 18 -21.61 2.21 -72.61
C GLN H 18 -22.57 2.26 -71.42
N THR H 19 -23.41 3.27 -71.41
CA THR H 19 -24.34 3.49 -70.31
C THR H 19 -25.55 2.58 -70.49
N LEU H 20 -25.63 1.53 -69.67
CA LEU H 20 -26.77 0.65 -69.72
C LEU H 20 -28.02 1.37 -69.23
N PHE H 21 -29.05 1.42 -70.06
CA PHE H 21 -30.31 2.07 -69.73
C PHE H 21 -30.10 3.55 -69.42
N ARG H 22 -29.60 4.27 -70.43
CA ARG H 22 -29.37 5.70 -70.28
C ARG H 22 -30.65 6.47 -69.99
N ASN H 23 -31.79 5.95 -70.47
CA ASN H 23 -33.06 6.66 -70.30
C ASN H 23 -33.45 6.76 -68.83
N PHE H 24 -33.24 5.69 -68.05
CA PHE H 24 -33.65 5.67 -66.67
C PHE H 24 -32.73 6.54 -65.82
N TYR H 25 -33.12 6.74 -64.56
CA TYR H 25 -32.39 7.62 -63.64
C TYR H 25 -31.67 6.81 -62.57
N LEU H 26 -32.39 6.01 -61.77
CA LEU H 26 -31.73 5.35 -60.65
C LEU H 26 -31.06 4.06 -61.10
N LEU H 27 -31.60 3.42 -62.13
CA LEU H 27 -30.99 2.23 -62.71
C LEU H 27 -29.96 2.55 -63.78
N ARG H 28 -29.73 3.83 -64.07
CA ARG H 28 -28.69 4.21 -65.01
C ARG H 28 -27.33 3.69 -64.55
N CYS H 29 -26.66 2.94 -65.41
CA CYS H 29 -25.39 2.33 -65.05
C CYS H 29 -24.58 2.07 -66.31
N ASN H 30 -23.27 1.88 -66.13
CA ASN H 30 -22.33 1.70 -67.22
C ASN H 30 -21.51 0.44 -67.01
N ILE H 31 -21.05 -0.15 -68.11
CA ILE H 31 -20.21 -1.33 -68.04
C ILE H 31 -18.88 -0.98 -67.40
N LEU H 32 -18.40 -1.87 -66.53
CA LEU H 32 -17.12 -1.70 -65.85
C LEU H 32 -16.44 -3.06 -65.75
N ALA H 33 -15.12 -3.01 -65.54
CA ALA H 33 -14.34 -4.24 -65.50
C ALA H 33 -14.74 -5.10 -64.30
N ASP H 34 -14.59 -6.41 -64.46
CA ASP H 34 -14.94 -7.37 -63.43
C ASP H 34 -13.91 -8.49 -63.43
N GLY H 35 -14.20 -9.57 -62.72
CA GLY H 35 -13.29 -10.69 -62.61
C GLY H 35 -12.29 -10.50 -61.48
N ARG H 36 -11.79 -11.63 -60.97
CA ARG H 36 -10.85 -11.64 -59.86
C ARG H 36 -9.47 -12.18 -60.26
N ASN H 37 -9.42 -13.35 -60.90
CA ASN H 37 -8.14 -13.97 -61.22
C ASN H 37 -7.66 -13.63 -62.62
N ALA H 38 -8.38 -14.10 -63.65
CA ALA H 38 -8.02 -13.84 -65.04
C ALA H 38 -9.19 -13.45 -65.92
N THR H 39 -10.43 -13.79 -65.57
CA THR H 39 -11.55 -13.54 -66.46
C THR H 39 -11.84 -12.05 -66.58
N LYS H 40 -12.23 -11.64 -67.79
CA LYS H 40 -12.66 -10.27 -68.07
C LYS H 40 -14.17 -10.29 -68.24
N ALA H 41 -14.88 -9.95 -67.17
CA ALA H 41 -16.34 -9.99 -67.14
C ALA H 41 -16.89 -8.59 -66.91
N VAL H 42 -18.20 -8.46 -67.04
CA VAL H 42 -18.87 -7.18 -67.00
C VAL H 42 -19.20 -6.81 -65.56
N GLN H 43 -19.05 -5.53 -65.22
CA GLN H 43 -19.45 -4.98 -63.93
C GLN H 43 -20.23 -3.71 -64.14
N SER H 44 -21.20 -3.46 -63.26
CA SER H 44 -22.04 -2.28 -63.34
C SER H 44 -22.34 -1.78 -61.93
N HIS H 45 -22.72 -0.52 -61.85
CA HIS H 45 -22.99 0.14 -60.58
C HIS H 45 -24.06 1.20 -60.79
N PHE H 46 -24.87 1.44 -59.75
CA PHE H 46 -25.94 2.43 -59.81
C PHE H 46 -25.56 3.64 -58.98
N PRO H 47 -24.73 4.54 -59.50
CA PRO H 47 -24.35 5.73 -58.71
C PRO H 47 -25.52 6.64 -58.38
N PHE H 48 -26.51 6.75 -59.28
CA PHE H 48 -27.60 7.69 -59.03
C PHE H 48 -28.56 7.16 -57.99
N LEU H 49 -28.78 5.84 -57.94
CA LEU H 49 -29.54 5.27 -56.85
C LEU H 49 -28.83 5.48 -55.52
N SER H 50 -27.50 5.34 -55.52
CA SER H 50 -26.72 5.63 -54.32
C SER H 50 -26.89 7.08 -53.89
N ARG H 51 -26.86 8.00 -54.86
CA ARG H 51 -27.08 9.41 -54.55
C ARG H 51 -28.46 9.63 -53.95
N ALA H 52 -29.47 9.00 -54.54
CA ALA H 52 -30.84 9.18 -54.05
C ALA H 52 -30.98 8.69 -52.62
N VAL H 53 -30.46 7.50 -52.32
CA VAL H 53 -30.58 6.98 -50.97
C VAL H 53 -29.74 7.81 -50.00
N ARG H 54 -28.58 8.29 -50.44
CA ARG H 54 -27.75 9.12 -49.57
C ARG H 54 -28.41 10.46 -49.28
N CYS H 55 -29.26 10.94 -50.20
CA CYS H 55 -29.97 12.20 -49.98
C CYS H 55 -31.09 12.09 -48.95
N LEU H 56 -31.27 10.94 -48.30
CA LEU H 56 -32.28 10.82 -47.26
C LEU H 56 -31.93 11.60 -46.00
N SER H 57 -30.69 12.11 -45.89
CA SER H 57 -30.29 13.04 -44.84
C SER H 57 -29.73 14.26 -45.56
N PRO H 58 -30.59 15.15 -46.06
CA PRO H 58 -30.16 16.09 -47.10
C PRO H 58 -29.11 17.09 -46.65
N LEU H 59 -29.08 17.46 -45.37
CA LEU H 59 -28.08 18.42 -44.92
C LEU H 59 -26.67 17.87 -45.13
N ALA H 60 -26.45 16.61 -44.76
CA ALA H 60 -25.15 15.99 -44.99
C ALA H 60 -24.84 15.91 -46.48
N ALA H 61 -25.86 15.64 -47.29
CA ALA H 61 -25.64 15.48 -48.73
C ALA H 61 -25.23 16.81 -49.37
N HIS H 62 -25.85 17.91 -48.95
CA HIS H 62 -25.76 19.18 -49.66
C HIS H 62 -24.95 20.25 -48.95
N CYS H 63 -24.40 19.98 -47.76
CA CYS H 63 -23.57 20.98 -47.10
C CYS H 63 -22.36 21.34 -47.95
N ALA H 64 -21.70 20.33 -48.52
CA ALA H 64 -20.56 20.59 -49.39
C ALA H 64 -20.99 21.37 -50.63
N ASP H 65 -22.14 21.01 -51.20
CA ASP H 65 -22.59 21.67 -52.42
C ASP H 65 -23.02 23.10 -52.20
N ARG H 66 -23.42 23.46 -50.98
CA ARG H 66 -23.97 24.80 -50.73
C ARG H 66 -22.91 25.90 -50.73
N THR H 67 -21.64 25.60 -51.03
CA THR H 67 -20.63 26.64 -51.15
C THR H 67 -19.66 26.43 -52.32
N LEU H 68 -19.84 25.39 -53.14
CA LEU H 68 -18.82 25.01 -54.11
C LEU H 68 -19.33 24.84 -55.53
N ARG H 69 -20.53 24.31 -55.73
CA ARG H 69 -20.97 23.83 -57.03
C ARG H 69 -21.95 24.80 -57.67
N ARG H 70 -21.87 24.90 -59.00
CA ARG H 70 -22.82 25.63 -59.82
C ARG H 70 -22.96 24.92 -61.16
N ASP H 71 -24.13 25.04 -61.77
CA ASP H 71 -24.41 24.35 -63.02
C ASP H 71 -25.46 25.12 -63.81
N ASN H 72 -25.51 24.84 -65.12
CA ASN H 72 -26.49 25.43 -66.02
C ASN H 72 -26.98 24.33 -66.96
N VAL H 73 -28.22 23.87 -66.77
CA VAL H 73 -28.75 22.75 -67.55
C VAL H 73 -29.58 23.21 -68.74
N LYS H 74 -29.73 24.52 -68.96
CA LYS H 74 -30.56 25.01 -70.07
C LYS H 74 -29.99 24.60 -71.43
N GLN H 75 -28.68 24.36 -71.52
CA GLN H 75 -28.09 23.96 -72.79
C GLN H 75 -28.59 22.60 -73.25
N ILE H 76 -29.00 21.74 -72.30
CA ILE H 76 -29.41 20.39 -72.65
C ILE H 76 -30.68 20.42 -73.51
N LEU H 77 -31.57 21.36 -73.25
CA LEU H 77 -32.82 21.45 -74.00
C LEU H 77 -32.56 21.69 -75.48
N THR H 78 -31.56 22.52 -75.79
CA THR H 78 -31.24 22.83 -77.19
C THR H 78 -30.65 21.66 -77.94
N ARG H 79 -30.27 20.58 -77.26
CA ARG H 79 -29.70 19.42 -77.94
C ARG H 79 -30.73 18.78 -78.85
N GLU H 80 -30.26 18.32 -80.02
CA GLU H 80 -31.15 17.62 -80.95
C GLU H 80 -31.62 16.30 -80.36
N LEU H 81 -30.75 15.59 -79.66
CA LEU H 81 -31.04 14.26 -79.11
C LEU H 81 -30.65 14.24 -77.64
N PRO H 82 -31.44 14.89 -76.78
CA PRO H 82 -31.10 14.95 -75.36
C PRO H 82 -31.49 13.69 -74.61
N PHE H 83 -31.09 13.65 -73.34
CA PHE H 83 -31.43 12.57 -72.42
C PHE H 83 -31.96 13.16 -71.12
N SER H 84 -33.02 12.53 -70.60
CA SER H 84 -33.71 13.09 -69.42
C SER H 84 -32.86 12.99 -68.16
N SER H 85 -32.03 11.94 -68.07
CA SER H 85 -31.24 11.72 -66.86
C SER H 85 -30.31 12.89 -66.57
N ASP H 86 -29.90 13.63 -67.60
CA ASP H 86 -29.01 14.77 -67.39
C ASP H 86 -29.70 15.90 -66.65
N LEU H 87 -30.99 16.11 -66.89
CA LEU H 87 -31.73 17.23 -66.32
C LEU H 87 -32.48 16.86 -65.04
N ILE H 88 -32.89 15.59 -64.91
CA ILE H 88 -33.75 15.20 -63.78
C ILE H 88 -33.07 15.40 -62.44
N ASN H 89 -31.72 15.43 -62.41
CA ASN H 89 -31.02 15.50 -61.13
C ASN H 89 -31.33 16.79 -60.38
N TYR H 90 -31.39 17.91 -61.10
CA TYR H 90 -31.60 19.22 -60.48
C TYR H 90 -33.06 19.65 -60.52
N ALA H 91 -33.99 18.71 -60.37
CA ALA H 91 -35.41 18.99 -60.24
C ALA H 91 -36.04 19.46 -61.55
N HIS H 92 -35.49 19.02 -62.69
CA HIS H 92 -36.10 19.33 -63.98
C HIS H 92 -37.23 18.36 -64.28
N HIS H 93 -38.18 18.82 -65.09
CA HIS H 93 -39.37 18.04 -65.43
C HIS H 93 -39.24 17.53 -66.86
N VAL H 94 -39.34 16.21 -67.03
CA VAL H 94 -39.36 15.57 -68.33
C VAL H 94 -40.43 14.48 -68.31
N ASN H 95 -41.14 14.34 -69.43
CA ASN H 95 -42.28 13.44 -69.52
C ASN H 95 -42.05 12.41 -70.60
N SER H 96 -42.24 11.14 -70.25
CA SER H 96 -42.22 10.05 -71.21
C SER H 96 -43.30 9.05 -70.80
N SER H 97 -43.83 8.33 -71.80
CA SER H 97 -44.90 7.39 -71.52
C SER H 97 -44.45 6.28 -70.58
N SER H 98 -43.23 5.78 -70.78
CA SER H 98 -42.72 4.70 -69.94
C SER H 98 -42.18 5.23 -68.61
N LEU H 99 -41.35 6.27 -68.67
CA LEU H 99 -40.68 6.74 -67.47
C LEU H 99 -41.65 7.44 -66.52
N THR H 100 -42.65 8.14 -67.04
CA THR H 100 -43.63 8.87 -66.24
C THR H 100 -45.03 8.50 -66.73
N THR H 101 -45.60 7.46 -66.13
CA THR H 101 -46.95 7.04 -66.47
C THR H 101 -47.99 7.92 -65.76
N SER H 102 -49.22 7.87 -66.26
CA SER H 102 -50.29 8.67 -65.68
C SER H 102 -50.66 8.18 -64.28
N GLN H 103 -50.36 6.93 -63.96
CA GLN H 103 -50.75 6.36 -62.67
C GLN H 103 -50.07 7.10 -61.52
N GLY H 104 -50.80 7.28 -60.43
CA GLY H 104 -50.25 7.91 -59.25
C GLY H 104 -50.01 9.40 -59.38
N VAL H 105 -50.70 10.06 -60.31
CA VAL H 105 -50.49 11.49 -60.52
C VAL H 105 -51.05 12.29 -59.34
N GLU H 106 -52.17 11.84 -58.76
CA GLU H 106 -52.98 12.71 -57.91
C GLU H 106 -52.31 13.08 -56.59
N ALA H 107 -51.19 12.43 -56.23
CA ALA H 107 -50.48 12.86 -55.03
C ALA H 107 -49.93 14.27 -55.20
N ALA H 108 -49.36 14.56 -56.36
CA ALA H 108 -48.68 15.84 -56.59
C ALA H 108 -49.62 17.03 -56.43
N ARG H 109 -50.93 16.80 -56.53
CA ARG H 109 -51.88 17.90 -56.36
C ARG H 109 -51.78 18.51 -54.97
N LEU H 110 -51.63 17.67 -53.95
CA LEU H 110 -51.70 18.09 -52.55
C LEU H 110 -50.37 17.99 -51.81
N VAL H 111 -49.54 16.99 -52.12
CA VAL H 111 -48.34 16.76 -51.33
C VAL H 111 -47.36 17.92 -51.47
N ALA H 112 -47.30 18.52 -52.65
CA ALA H 112 -46.30 19.57 -52.92
C ALA H 112 -46.68 20.92 -52.35
N GLN H 113 -47.88 21.07 -51.79
CA GLN H 113 -48.33 22.37 -51.30
C GLN H 113 -47.78 22.73 -49.93
N VAL H 114 -47.20 21.77 -49.21
CA VAL H 114 -46.78 22.03 -47.83
C VAL H 114 -45.71 23.11 -47.79
N TYR H 115 -44.76 23.06 -48.72
CA TYR H 115 -43.69 24.06 -48.83
C TYR H 115 -43.83 24.89 -50.10
N GLY H 116 -45.04 24.99 -50.67
CA GLY H 116 -45.23 25.75 -51.88
C GLY H 116 -45.24 27.24 -51.69
N GLU H 117 -45.46 27.73 -50.47
CA GLU H 117 -45.52 29.16 -50.23
C GLU H 117 -44.13 29.78 -50.22
N GLN H 118 -43.13 29.06 -49.72
CA GLN H 118 -41.79 29.64 -49.56
C GLN H 118 -41.09 29.80 -50.89
N VAL H 119 -41.18 28.79 -51.76
CA VAL H 119 -40.45 28.78 -53.02
C VAL H 119 -41.40 28.37 -54.14
N PRO H 120 -41.21 28.83 -55.38
CA PRO H 120 -42.07 28.34 -56.47
C PRO H 120 -41.85 26.87 -56.76
N PHE H 121 -42.89 26.22 -57.29
CA PHE H 121 -42.85 24.81 -57.64
C PHE H 121 -43.33 24.51 -59.05
N ASP H 122 -43.90 25.48 -59.76
CA ASP H 122 -44.48 25.20 -61.08
C ASP H 122 -43.42 24.69 -62.06
N HIS H 123 -42.25 25.33 -62.10
CA HIS H 123 -41.21 24.89 -63.02
C HIS H 123 -40.66 23.51 -62.65
N ILE H 124 -40.82 23.10 -61.39
CA ILE H 124 -40.50 21.72 -61.02
C ILE H 124 -41.66 20.80 -61.36
N TYR H 125 -42.87 21.16 -60.93
CA TYR H 125 -44.07 20.36 -61.12
C TYR H 125 -45.13 21.24 -61.76
N PRO H 126 -45.29 21.18 -63.09
CA PRO H 126 -46.42 21.88 -63.71
C PRO H 126 -47.75 21.37 -63.17
N THR H 127 -48.69 22.29 -62.97
CA THR H 127 -49.96 21.95 -62.35
C THR H 127 -50.91 21.22 -63.31
N GLY H 128 -50.72 21.35 -64.61
CA GLY H 128 -51.59 20.77 -65.60
C GLY H 128 -51.13 19.48 -66.22
N SER H 129 -50.09 18.83 -65.68
CA SER H 129 -49.57 17.61 -66.26
C SER H 129 -50.31 16.39 -65.72
N ALA H 130 -50.67 15.48 -66.62
CA ALA H 130 -51.31 14.23 -66.22
C ALA H 130 -50.34 13.25 -65.55
N THR H 131 -49.04 13.54 -65.59
CA THR H 131 -48.05 12.70 -64.94
C THR H 131 -46.88 13.58 -64.52
N TYR H 132 -46.06 13.02 -63.63
CA TYR H 132 -44.88 13.73 -63.12
C TYR H 132 -43.76 12.74 -62.93
N CYS H 133 -42.54 13.28 -62.78
CA CYS H 133 -41.37 12.47 -62.47
C CYS H 133 -41.13 12.53 -60.97
N PRO H 134 -41.36 11.46 -60.22
CA PRO H 134 -41.18 11.55 -58.76
C PRO H 134 -39.76 11.93 -58.35
N GLY H 135 -38.74 11.54 -59.12
CA GLY H 135 -37.38 11.80 -58.70
C GLY H 135 -37.05 13.28 -58.64
N ALA H 136 -37.51 14.06 -59.62
CA ALA H 136 -37.19 15.48 -59.66
C ALA H 136 -37.76 16.20 -58.45
N ILE H 137 -39.05 16.01 -58.17
CA ILE H 137 -39.67 16.70 -57.04
C ILE H 137 -39.15 16.11 -55.73
N ALA H 138 -38.72 14.84 -55.73
CA ALA H 138 -38.08 14.29 -54.54
C ALA H 138 -36.78 15.02 -54.23
N ASN H 139 -35.96 15.25 -55.25
CA ASN H 139 -34.76 16.05 -55.08
C ASN H 139 -35.10 17.47 -54.64
N ALA H 140 -36.19 18.02 -55.17
CA ALA H 140 -36.60 19.37 -54.80
C ALA H 140 -36.92 19.45 -53.31
N ILE H 141 -37.72 18.50 -52.80
CA ILE H 141 -38.07 18.53 -51.38
C ILE H 141 -36.83 18.27 -50.53
N SER H 142 -35.92 17.42 -51.01
CA SER H 142 -34.68 17.17 -50.28
C SER H 142 -33.87 18.46 -50.13
N ARG H 143 -33.69 19.18 -51.24
CA ARG H 143 -32.93 20.43 -51.18
C ARG H 143 -33.66 21.47 -50.33
N ILE H 144 -34.98 21.52 -50.40
CA ILE H 144 -35.75 22.45 -49.57
C ILE H 144 -35.51 22.13 -48.09
N MET H 145 -35.53 20.85 -47.75
CA MET H 145 -35.25 20.45 -46.37
C MET H 145 -33.83 20.84 -45.98
N ALA H 146 -32.89 20.80 -46.94
CA ALA H 146 -31.53 21.22 -46.69
C ALA H 146 -31.38 22.73 -46.52
N GLY H 147 -32.41 23.50 -46.84
CA GLY H 147 -32.36 24.95 -46.74
C GLY H 147 -32.10 25.69 -48.03
N PHE H 148 -32.13 25.01 -49.17
CA PHE H 148 -32.00 25.66 -50.46
C PHE H 148 -33.33 26.22 -50.91
N VAL H 149 -33.30 26.95 -52.02
CA VAL H 149 -34.51 27.50 -52.64
C VAL H 149 -34.34 27.46 -54.16
N PRO H 150 -34.98 26.53 -54.86
CA PRO H 150 -34.89 26.54 -56.32
C PRO H 150 -35.52 27.79 -56.92
N ARG H 151 -35.09 28.12 -58.13
CA ARG H 151 -35.48 29.35 -58.81
C ARG H 151 -36.20 29.01 -60.10
N GLU H 152 -37.05 29.94 -60.54
CA GLU H 152 -37.84 29.73 -61.75
C GLU H 152 -36.97 29.54 -62.99
N GLY H 153 -35.72 30.00 -62.94
CA GLY H 153 -34.76 29.74 -63.99
C GLY H 153 -34.02 28.43 -63.86
N ASP H 154 -34.51 27.52 -63.01
CA ASP H 154 -33.92 26.22 -62.73
C ASP H 154 -32.67 26.31 -61.87
N ASP H 155 -32.36 27.49 -61.33
CA ASP H 155 -31.23 27.67 -60.43
C ASP H 155 -31.68 27.48 -58.98
N PHE H 156 -30.71 27.40 -58.08
CA PHE H 156 -30.97 27.20 -56.66
C PHE H 156 -29.90 27.89 -55.84
N ALA H 157 -30.29 28.44 -54.70
CA ALA H 157 -29.41 29.17 -53.80
C ALA H 157 -29.58 28.66 -52.39
N PRO H 158 -28.57 28.84 -51.52
CA PRO H 158 -28.66 28.29 -50.16
C PRO H 158 -29.31 29.23 -49.15
N SER H 159 -29.99 30.26 -49.63
CA SER H 159 -30.48 31.33 -48.77
C SER H 159 -31.63 30.91 -47.85
N GLY H 160 -32.26 29.76 -48.09
CA GLY H 160 -33.43 29.38 -47.33
C GLY H 160 -33.08 28.84 -45.95
N PRO H 161 -34.07 28.79 -45.05
CA PRO H 161 -33.81 28.25 -43.72
C PRO H 161 -33.74 26.73 -43.73
N ILE H 162 -32.84 26.20 -42.91
CA ILE H 162 -32.61 24.76 -42.85
C ILE H 162 -33.62 24.13 -41.89
N ASP H 163 -34.14 22.97 -42.27
CA ASP H 163 -35.16 22.31 -41.48
C ASP H 163 -34.56 21.69 -40.22
N TYR H 164 -35.37 21.65 -39.15
CA TYR H 164 -34.93 21.08 -37.90
C TYR H 164 -34.60 19.61 -38.05
N LEU H 165 -35.43 18.88 -38.80
CA LEU H 165 -35.29 17.43 -38.87
C LEU H 165 -33.97 17.03 -39.49
N ALA H 166 -33.54 17.71 -40.54
CA ALA H 166 -32.26 17.38 -41.17
C ALA H 166 -31.10 17.67 -40.22
N ALA H 167 -31.19 18.78 -39.48
CA ALA H 167 -30.14 19.09 -38.51
C ALA H 167 -30.04 18.01 -37.45
N ASP H 168 -31.18 17.52 -36.98
CA ASP H 168 -31.17 16.41 -36.04
C ASP H 168 -30.60 15.15 -36.70
N LEU H 169 -30.96 14.93 -37.96
CA LEU H 169 -30.56 13.73 -38.69
C LEU H 169 -29.07 13.70 -39.01
N ILE H 170 -28.40 14.85 -38.96
CA ILE H 170 -26.96 14.89 -39.22
C ILE H 170 -26.19 13.96 -38.28
N ALA H 171 -26.73 13.70 -37.10
CA ALA H 171 -26.02 12.94 -36.07
C ALA H 171 -25.99 11.44 -36.33
N TYR H 172 -26.61 10.95 -37.39
CA TYR H 172 -26.71 9.52 -37.66
C TYR H 172 -26.26 9.21 -39.07
N LYS H 173 -26.05 7.92 -39.33
CA LYS H 173 -25.60 7.44 -40.63
C LYS H 173 -26.37 6.25 -41.18
N PHE H 174 -27.13 5.53 -40.35
CA PHE H 174 -27.88 4.34 -40.77
C PHE H 174 -29.36 4.58 -40.57
N VAL H 175 -30.16 4.14 -41.55
CA VAL H 175 -31.61 4.32 -41.55
C VAL H 175 -32.25 2.96 -41.74
N LEU H 176 -33.41 2.75 -41.10
CA LEU H 176 -34.13 1.47 -41.16
C LEU H 176 -35.62 1.73 -41.13
N PRO H 177 -36.21 2.12 -42.27
CA PRO H 177 -37.66 2.31 -42.31
C PRO H 177 -38.40 0.99 -42.23
N TYR H 178 -39.63 1.06 -41.70
CA TYR H 178 -40.48 -0.12 -41.58
C TYR H 178 -41.90 0.32 -41.28
N MET H 179 -42.85 -0.53 -41.64
CA MET H 179 -44.25 -0.28 -41.36
C MET H 179 -44.58 -0.64 -39.91
N LEU H 180 -45.53 0.08 -39.34
CA LEU H 180 -45.92 -0.05 -37.94
C LEU H 180 -47.43 -0.05 -37.80
N ASP H 181 -48.11 -0.91 -38.55
CA ASP H 181 -49.57 -0.99 -38.47
C ASP H 181 -50.00 -1.33 -37.04
N MET H 182 -51.09 -0.70 -36.61
CA MET H 182 -51.56 -0.84 -35.23
C MET H 182 -52.19 -2.21 -35.03
N VAL H 183 -51.36 -3.22 -34.82
CA VAL H 183 -51.80 -4.60 -34.66
C VAL H 183 -51.64 -5.02 -33.21
N ASP H 184 -52.57 -5.86 -32.73
CA ASP H 184 -52.58 -6.36 -31.37
C ASP H 184 -52.82 -5.26 -30.33
N GLY H 185 -53.36 -4.12 -30.77
CA GLY H 185 -53.62 -3.02 -29.87
C GLY H 185 -52.39 -2.31 -29.34
N ARG H 186 -51.21 -2.63 -29.85
CA ARG H 186 -49.96 -2.02 -29.44
C ARG H 186 -49.09 -1.82 -30.68
N PRO H 187 -48.18 -0.85 -30.67
CA PRO H 187 -47.35 -0.62 -31.87
C PRO H 187 -46.32 -1.72 -32.04
N GLN H 188 -46.39 -2.41 -33.18
CA GLN H 188 -45.49 -3.52 -33.48
C GLN H 188 -45.15 -3.48 -34.96
N ILE H 189 -43.99 -4.06 -35.29
CA ILE H 189 -43.54 -4.07 -36.68
C ILE H 189 -44.28 -5.16 -37.43
N VAL H 190 -44.59 -4.90 -38.71
CA VAL H 190 -45.37 -5.80 -39.53
C VAL H 190 -44.78 -5.87 -40.94
N LEU H 191 -45.31 -6.80 -41.73
CA LEU H 191 -44.96 -6.88 -43.12
C LEU H 191 -45.57 -5.71 -43.88
N PRO H 192 -45.04 -5.36 -45.06
CA PRO H 192 -45.60 -4.23 -45.80
C PRO H 192 -46.93 -4.58 -46.46
N SER H 193 -48.02 -4.55 -45.69
CA SER H 193 -49.33 -4.88 -46.23
C SER H 193 -49.71 -3.93 -47.37
N HIS H 194 -49.53 -2.63 -47.16
CA HIS H 194 -49.82 -1.66 -48.20
C HIS H 194 -48.68 -1.66 -49.24
N THR H 195 -48.81 -0.77 -50.22
CA THR H 195 -47.75 -0.53 -51.20
C THR H 195 -47.60 0.97 -51.41
N VAL H 196 -46.41 1.38 -51.83
CA VAL H 196 -46.13 2.79 -52.04
C VAL H 196 -47.05 3.39 -53.09
N GLU H 197 -47.53 2.57 -54.05
CA GLU H 197 -48.46 3.08 -55.05
C GLU H 197 -49.74 3.59 -54.40
N GLU H 198 -50.24 2.90 -53.37
CA GLU H 198 -51.35 3.44 -52.59
C GLU H 198 -50.95 4.76 -51.93
N MET H 199 -49.72 4.82 -51.42
CA MET H 199 -49.20 6.08 -50.89
C MET H 199 -48.94 7.10 -51.99
N LEU H 200 -48.80 6.65 -53.24
CA LEU H 200 -48.71 7.53 -54.39
C LEU H 200 -50.02 8.22 -54.72
N THR H 201 -51.12 7.82 -54.07
CA THR H 201 -52.40 8.50 -54.14
C THR H 201 -52.91 8.95 -52.78
N ASN H 202 -52.74 8.13 -51.75
CA ASN H 202 -53.14 8.48 -50.40
C ASN H 202 -51.96 9.06 -49.63
N THR H 203 -52.28 9.87 -48.62
CA THR H 203 -51.26 10.52 -47.79
C THR H 203 -51.53 10.30 -46.32
N SER H 204 -52.81 10.15 -45.94
CA SER H 204 -53.14 10.01 -44.53
C SER H 204 -52.53 8.76 -43.93
N LEU H 205 -52.49 7.66 -44.69
CA LEU H 205 -51.92 6.42 -44.19
C LEU H 205 -50.40 6.50 -44.01
N LEU H 206 -49.76 7.54 -44.54
CA LEU H 206 -48.30 7.64 -44.46
C LEU H 206 -47.81 7.75 -43.03
N ASN H 207 -48.68 8.16 -42.10
CA ASN H 207 -48.27 8.30 -40.71
C ASN H 207 -47.91 6.97 -40.06
N SER H 208 -48.27 5.84 -40.69
CA SER H 208 -47.97 4.54 -40.10
C SER H 208 -46.48 4.21 -40.19
N ILE H 209 -45.75 4.83 -41.10
CA ILE H 209 -44.35 4.51 -41.29
C ILE H 209 -43.55 4.92 -40.06
N ASP H 210 -42.59 4.09 -39.67
CA ASP H 210 -41.69 4.36 -38.55
C ASP H 210 -40.30 3.86 -38.91
N ALA H 211 -39.30 4.71 -38.72
CA ALA H 211 -37.92 4.41 -39.08
C ALA H 211 -37.02 4.59 -37.87
N SER H 212 -35.94 3.81 -37.82
CA SER H 212 -34.97 3.85 -36.73
C SER H 212 -33.63 4.34 -37.25
N PHE H 213 -32.90 5.05 -36.40
CA PHE H 213 -31.63 5.67 -36.76
C PHE H 213 -30.53 5.10 -35.87
N GLY H 214 -29.42 4.70 -36.48
CA GLY H 214 -28.31 4.08 -35.76
C GLY H 214 -27.00 4.74 -36.11
N ILE H 215 -26.12 4.83 -35.11
CA ILE H 215 -24.78 5.38 -35.33
C ILE H 215 -23.87 4.33 -35.94
N GLU H 216 -22.72 4.77 -36.43
CA GLU H 216 -21.77 3.85 -37.06
C GLU H 216 -21.21 2.88 -36.04
N ALA H 217 -20.88 1.67 -36.52
CA ALA H 217 -20.27 0.66 -35.67
C ALA H 217 -18.76 0.91 -35.58
N ARG H 218 -18.07 0.02 -34.86
CA ARG H 218 -16.63 0.17 -34.66
C ARG H 218 -15.99 -1.23 -34.55
N SER H 219 -15.50 -1.72 -35.69
CA SER H 219 -14.70 -2.95 -35.76
C SER H 219 -15.39 -4.13 -35.09
N ASP H 220 -16.71 -4.25 -35.28
CA ASP H 220 -17.48 -5.35 -34.70
C ASP H 220 -18.59 -5.76 -35.67
N GLN H 221 -18.67 -7.05 -35.96
CA GLN H 221 -19.66 -7.61 -36.87
C GLN H 221 -20.24 -8.88 -36.26
N ARG H 222 -20.66 -8.80 -34.99
CA ARG H 222 -20.97 -9.97 -34.18
C ARG H 222 -22.29 -9.77 -33.43
N MET H 223 -23.35 -9.37 -34.15
CA MET H 223 -24.67 -9.22 -33.55
C MET H 223 -25.74 -9.57 -34.55
N THR H 224 -26.55 -10.58 -34.23
CA THR H 224 -27.67 -10.99 -35.09
C THR H 224 -28.88 -11.36 -34.24
N ARG H 225 -29.21 -10.54 -33.25
CA ARG H 225 -30.26 -10.88 -32.29
C ARG H 225 -31.05 -9.63 -31.93
N ASP H 226 -32.01 -9.81 -31.01
CA ASP H 226 -33.01 -8.77 -30.76
C ASP H 226 -32.45 -7.63 -29.92
N ALA H 227 -33.02 -6.45 -30.13
CA ALA H 227 -32.75 -5.26 -29.33
C ALA H 227 -33.77 -4.20 -29.75
N ALA H 228 -33.91 -3.16 -28.92
CA ALA H 228 -34.99 -2.21 -29.14
C ALA H 228 -34.71 -0.88 -28.46
N GLU H 229 -35.53 0.10 -28.81
CA GLU H 229 -35.68 1.40 -28.12
C GLU H 229 -34.43 2.25 -28.34
N MET H 230 -33.97 2.99 -27.32
CA MET H 230 -33.19 4.20 -27.54
C MET H 230 -31.78 3.94 -28.05
N SER H 231 -31.33 2.68 -28.09
CA SER H 231 -30.08 2.38 -28.79
C SER H 231 -30.16 2.82 -30.25
N SER H 232 -31.35 2.86 -30.83
CA SER H 232 -31.60 3.51 -32.10
C SER H 232 -32.98 4.14 -32.05
N ARG H 233 -33.06 5.42 -31.68
CA ARG H 233 -34.34 6.07 -31.48
C ARG H 233 -35.09 6.19 -32.79
N SER H 234 -36.40 5.95 -32.73
CA SER H 234 -37.22 5.95 -33.93
C SER H 234 -37.79 7.35 -34.20
N LEU H 235 -38.15 7.57 -35.46
CA LEU H 235 -38.51 8.91 -35.90
C LEU H 235 -39.75 9.44 -35.19
N ASN H 236 -40.76 8.58 -35.01
CA ASN H 236 -42.02 9.04 -34.44
C ASN H 236 -41.86 9.54 -33.01
N GLU H 237 -40.81 9.11 -32.31
CA GLU H 237 -40.57 9.55 -30.95
C GLU H 237 -40.11 11.00 -30.86
N LEU H 238 -39.61 11.57 -31.95
CA LEU H 238 -39.12 12.95 -31.90
C LEU H 238 -40.25 13.91 -31.54
N GLU H 239 -39.95 14.85 -30.65
CA GLU H 239 -40.93 15.85 -30.25
C GLU H 239 -41.38 16.66 -31.46
N ASP H 240 -42.69 16.68 -31.71
CA ASP H 240 -43.21 17.35 -32.89
C ASP H 240 -43.00 18.85 -32.78
N HIS H 241 -42.82 19.49 -33.94
CA HIS H 241 -42.63 20.93 -34.02
C HIS H 241 -43.03 21.38 -35.41
N ASP H 242 -43.30 22.68 -35.54
CA ASP H 242 -43.75 23.22 -36.82
C ASP H 242 -42.68 23.04 -37.90
N GLN H 243 -41.42 23.32 -37.56
CA GLN H 243 -40.34 23.22 -38.52
C GLN H 243 -39.80 21.80 -38.70
N ARG H 244 -40.13 20.88 -37.79
CA ARG H 244 -39.64 19.51 -37.87
C ARG H 244 -40.48 18.77 -38.91
N GLY H 245 -39.93 18.64 -40.12
CA GLY H 245 -40.66 18.06 -41.24
C GLY H 245 -40.61 16.55 -41.32
N ARG H 246 -41.31 15.88 -40.39
CA ARG H 246 -41.42 14.42 -40.46
C ARG H 246 -42.18 13.98 -41.70
N MET H 247 -43.36 14.57 -41.92
CA MET H 247 -44.19 14.16 -43.05
C MET H 247 -43.53 14.45 -44.39
N PRO H 248 -42.89 15.62 -44.60
CA PRO H 248 -42.10 15.77 -45.84
C PRO H 248 -41.04 14.70 -46.02
N TRP H 249 -40.38 14.28 -44.95
CA TRP H 249 -39.35 13.26 -45.06
C TRP H 249 -39.95 11.92 -45.49
N LYS H 250 -41.06 11.53 -44.85
CA LYS H 250 -41.72 10.30 -45.23
C LYS H 250 -42.22 10.37 -46.67
N ILE H 251 -42.74 11.53 -47.07
CA ILE H 251 -43.19 11.72 -48.44
C ILE H 251 -42.03 11.52 -49.40
N MET H 252 -40.86 12.09 -49.07
CA MET H 252 -39.69 11.94 -49.94
C MET H 252 -39.26 10.47 -50.05
N LEU H 253 -39.26 9.76 -48.91
CA LEU H 253 -38.88 8.35 -48.94
C LEU H 253 -39.82 7.56 -49.85
N GLY H 254 -41.13 7.69 -49.61
CA GLY H 254 -42.09 7.01 -50.47
C GLY H 254 -41.99 7.45 -51.92
N MET H 255 -41.60 8.69 -52.14
CA MET H 255 -41.61 9.25 -53.49
C MET H 255 -40.44 8.72 -54.30
N MET H 256 -39.28 8.58 -53.68
CA MET H 256 -38.16 7.92 -54.34
C MET H 256 -38.41 6.42 -54.51
N ALA H 257 -39.11 5.79 -53.57
CA ALA H 257 -39.54 4.41 -53.78
C ALA H 257 -40.44 4.31 -55.02
N ALA H 258 -41.35 5.28 -55.18
CA ALA H 258 -42.22 5.28 -56.35
C ALA H 258 -41.42 5.52 -57.63
N GLN H 259 -40.40 6.37 -57.57
CA GLN H 259 -39.50 6.56 -58.71
C GLN H 259 -38.88 5.23 -59.12
N LEU H 260 -38.37 4.49 -58.13
CA LEU H 260 -37.79 3.17 -58.41
C LEU H 260 -38.84 2.25 -59.03
N LYS H 261 -40.06 2.27 -58.50
CA LYS H 261 -41.13 1.43 -59.03
C LYS H 261 -41.41 1.73 -60.49
N VAL H 262 -41.58 3.02 -60.82
CA VAL H 262 -41.97 3.37 -62.18
C VAL H 262 -40.84 3.07 -63.16
N GLU H 263 -39.59 3.32 -62.78
CA GLU H 263 -38.51 2.99 -63.69
C GLU H 263 -38.28 1.48 -63.79
N LEU H 264 -38.59 0.70 -62.75
CA LEU H 264 -38.60 -0.75 -62.89
C LEU H 264 -39.67 -1.18 -63.88
N ASP H 265 -40.86 -0.58 -63.80
CA ASP H 265 -41.91 -0.89 -64.76
C ASP H 265 -41.46 -0.56 -66.18
N ALA H 266 -40.77 0.58 -66.35
CA ALA H 266 -40.23 0.90 -67.66
C ALA H 266 -39.20 -0.11 -68.12
N LEU H 267 -38.33 -0.57 -67.21
CA LEU H 267 -37.37 -1.62 -67.54
C LEU H 267 -38.09 -2.91 -67.92
N ALA H 268 -39.30 -3.12 -67.40
CA ALA H 268 -40.01 -4.37 -67.62
C ALA H 268 -40.24 -4.69 -69.09
N ASP H 269 -40.26 -3.67 -69.96
CA ASP H 269 -40.50 -3.84 -71.39
C ASP H 269 -39.28 -3.47 -72.22
N GLU H 270 -38.08 -3.87 -71.77
CA GLU H 270 -36.84 -3.65 -72.50
C GLU H 270 -36.41 -4.98 -73.12
N ARG H 271 -36.52 -5.08 -74.44
CA ARG H 271 -36.24 -6.31 -75.16
C ARG H 271 -34.85 -6.29 -75.81
N THR H 272 -34.59 -5.30 -76.67
CA THR H 272 -33.35 -5.31 -77.44
C THR H 272 -32.13 -5.11 -76.54
N GLU H 273 -32.16 -4.08 -75.70
CA GLU H 273 -31.02 -3.79 -74.84
C GLU H 273 -30.80 -4.92 -73.83
N SER H 274 -31.88 -5.43 -73.25
CA SER H 274 -31.76 -6.50 -72.26
C SER H 274 -31.16 -7.75 -72.88
N GLN H 275 -31.64 -8.14 -74.07
CA GLN H 275 -31.09 -9.32 -74.74
C GLN H 275 -29.64 -9.09 -75.14
N ALA H 276 -29.30 -7.88 -75.59
CA ALA H 276 -27.94 -7.61 -76.03
C ALA H 276 -26.94 -7.78 -74.90
N ASN H 277 -27.37 -7.61 -73.66
CA ASN H 277 -26.51 -7.75 -72.48
C ASN H 277 -27.21 -8.59 -71.42
N ALA H 278 -27.76 -9.74 -71.82
CA ALA H 278 -28.45 -10.64 -70.91
C ALA H 278 -27.50 -11.57 -70.16
N HIS H 279 -26.21 -11.26 -70.12
CA HIS H 279 -25.24 -12.10 -69.42
C HIS H 279 -24.89 -11.56 -68.03
N VAL H 280 -25.09 -10.27 -67.78
CA VAL H 280 -24.74 -9.67 -66.50
C VAL H 280 -25.78 -10.09 -65.46
N THR H 281 -25.41 -11.04 -64.59
CA THR H 281 -26.31 -11.53 -63.56
C THR H 281 -26.11 -10.82 -62.23
N SER H 282 -24.92 -10.27 -61.98
CA SER H 282 -24.69 -9.49 -60.77
C SER H 282 -25.43 -8.16 -60.78
N PHE H 283 -25.99 -7.76 -61.92
CA PHE H 283 -26.86 -6.59 -61.96
C PHE H 283 -27.97 -6.72 -60.93
N GLY H 284 -28.66 -7.86 -60.92
CA GLY H 284 -29.72 -8.07 -59.96
C GLY H 284 -29.23 -8.09 -58.53
N SER H 285 -28.03 -8.66 -58.31
CA SER H 285 -27.48 -8.70 -56.95
C SER H 285 -27.20 -7.29 -56.43
N ARG H 286 -26.55 -6.45 -57.24
CA ARG H 286 -26.29 -5.08 -56.82
C ARG H 286 -27.59 -4.30 -56.64
N LEU H 287 -28.57 -4.53 -57.51
CA LEU H 287 -29.85 -3.84 -57.38
C LEU H 287 -30.54 -4.26 -56.09
N PHE H 288 -30.45 -5.54 -55.74
CA PHE H 288 -30.99 -6.01 -54.46
C PHE H 288 -30.29 -5.34 -53.29
N ASN H 289 -28.97 -5.24 -53.35
CA ASN H 289 -28.23 -4.59 -52.27
C ASN H 289 -28.63 -3.13 -52.13
N GLN H 290 -28.86 -2.45 -53.25
CA GLN H 290 -29.08 -1.01 -53.22
C GLN H 290 -30.54 -0.66 -52.93
N MET H 291 -31.49 -1.56 -53.22
CA MET H 291 -32.89 -1.25 -52.94
C MET H 291 -33.28 -1.56 -51.50
N SER H 292 -32.33 -2.01 -50.67
CA SER H 292 -32.66 -2.60 -49.38
C SER H 292 -33.41 -1.64 -48.47
N ALA H 293 -33.27 -0.33 -48.66
CA ALA H 293 -33.98 0.62 -47.81
C ALA H 293 -35.48 0.51 -47.98
N PHE H 294 -35.96 0.37 -49.22
CA PHE H 294 -37.39 0.41 -49.49
C PHE H 294 -38.08 -0.95 -49.28
N VAL H 295 -37.31 -2.03 -49.14
CA VAL H 295 -37.91 -3.37 -49.13
C VAL H 295 -38.83 -3.56 -47.94
N THR H 296 -38.59 -2.87 -46.83
CA THR H 296 -39.42 -3.03 -45.64
C THR H 296 -40.70 -2.20 -45.68
N ILE H 297 -40.91 -1.41 -46.73
CA ILE H 297 -42.05 -0.51 -46.81
C ILE H 297 -43.05 -0.94 -47.88
N ASP H 298 -42.62 -1.66 -48.92
CA ASP H 298 -43.48 -2.03 -50.04
C ASP H 298 -43.56 -3.55 -50.14
N HIS H 299 -44.72 -4.04 -50.60
CA HIS H 299 -44.91 -5.48 -50.76
C HIS H 299 -44.33 -5.97 -52.09
N GLU H 300 -44.48 -5.20 -53.16
CA GLU H 300 -44.03 -5.66 -54.47
C GLU H 300 -42.50 -5.74 -54.54
N LEU H 301 -41.82 -4.73 -54.01
CA LEU H 301 -40.37 -4.77 -53.99
C LEU H 301 -39.87 -5.90 -53.09
N MET H 302 -40.56 -6.17 -51.98
CA MET H 302 -40.19 -7.29 -51.13
C MET H 302 -40.37 -8.61 -51.88
N GLU H 303 -41.45 -8.74 -52.64
CA GLU H 303 -41.66 -9.94 -53.45
C GLU H 303 -40.53 -10.10 -54.47
N LEU H 304 -40.14 -9.01 -55.13
CA LEU H 304 -39.04 -9.06 -56.08
C LEU H 304 -37.75 -9.48 -55.39
N ALA H 305 -37.50 -8.93 -54.20
CA ALA H 305 -36.29 -9.29 -53.45
C ALA H 305 -36.27 -10.76 -53.10
N LEU H 306 -37.40 -11.28 -52.62
CA LEU H 306 -37.49 -12.70 -52.28
C LEU H 306 -37.26 -13.56 -53.51
N LEU H 307 -37.85 -13.16 -54.64
CA LEU H 307 -37.69 -13.94 -55.87
C LEU H 307 -36.24 -13.98 -56.31
N ILE H 308 -35.56 -12.82 -56.29
CA ILE H 308 -34.17 -12.82 -56.74
C ILE H 308 -33.29 -13.59 -55.76
N LYS H 309 -33.60 -13.55 -54.46
CA LYS H 309 -32.87 -14.38 -53.52
C LYS H 309 -33.05 -15.85 -53.84
N GLU H 310 -34.29 -16.24 -54.19
CA GLU H 310 -34.53 -17.62 -54.61
C GLU H 310 -33.78 -17.95 -55.89
N GLN H 311 -33.53 -16.95 -56.74
CA GLN H 311 -32.76 -17.13 -57.96
C GLN H 311 -31.25 -17.11 -57.73
N GLY H 312 -30.81 -17.22 -56.48
CA GLY H 312 -29.38 -17.26 -56.21
C GLY H 312 -28.68 -15.93 -56.37
N PHE H 313 -29.39 -14.82 -56.24
CA PHE H 313 -28.82 -13.49 -56.37
C PHE H 313 -28.14 -13.28 -57.72
N ALA H 314 -28.70 -13.85 -58.78
CA ALA H 314 -28.11 -13.77 -60.12
C ALA H 314 -29.22 -13.83 -61.15
N MET H 315 -29.55 -12.68 -61.73
CA MET H 315 -30.54 -12.60 -62.79
C MET H 315 -30.10 -11.54 -63.79
N ASN H 316 -30.32 -11.83 -65.07
CA ASN H 316 -29.95 -10.91 -66.13
C ASN H 316 -31.02 -9.84 -66.32
N PRO H 317 -30.69 -8.73 -67.00
CA PRO H 317 -31.69 -7.67 -67.21
C PRO H 317 -32.96 -8.16 -67.90
N GLY H 318 -32.84 -9.05 -68.87
CA GLY H 318 -34.04 -9.59 -69.50
C GLY H 318 -34.90 -10.37 -68.53
N GLN H 319 -34.26 -11.23 -67.74
CA GLN H 319 -34.99 -12.01 -66.74
C GLN H 319 -35.65 -11.10 -65.72
N ILE H 320 -34.92 -10.08 -65.26
CA ILE H 320 -35.47 -9.15 -64.27
C ILE H 320 -36.66 -8.41 -64.85
N ALA H 321 -36.53 -7.95 -66.10
CA ALA H 321 -37.62 -7.22 -66.74
C ALA H 321 -38.85 -8.10 -66.90
N SER H 322 -38.65 -9.35 -67.34
CA SER H 322 -39.77 -10.27 -67.50
C SER H 322 -40.45 -10.56 -66.17
N LYS H 323 -39.65 -10.80 -65.13
CA LYS H 323 -40.21 -11.11 -63.82
C LYS H 323 -40.99 -9.92 -63.26
N TRP H 324 -40.44 -8.71 -63.41
CA TRP H 324 -41.14 -7.53 -62.94
C TRP H 324 -42.41 -7.27 -63.74
N SER H 325 -42.39 -7.54 -65.06
CA SER H 325 -43.61 -7.43 -65.85
C SER H 325 -44.66 -8.40 -65.35
N LEU H 326 -44.26 -9.64 -65.05
CA LEU H 326 -45.20 -10.63 -64.54
C LEU H 326 -45.79 -10.19 -63.21
N ILE H 327 -44.94 -9.68 -62.31
CA ILE H 327 -45.44 -9.22 -61.02
C ILE H 327 -46.37 -8.04 -61.19
N ARG H 328 -46.05 -7.15 -62.13
CA ARG H 328 -46.87 -5.96 -62.36
C ARG H 328 -48.25 -6.36 -62.87
N ARG H 329 -48.30 -7.21 -63.90
CA ARG H 329 -49.60 -7.56 -64.47
C ARG H 329 -50.42 -8.42 -63.51
N SER H 330 -49.80 -9.44 -62.92
CA SER H 330 -50.54 -10.30 -62.00
C SER H 330 -50.76 -9.61 -60.66
N GLY H 331 -49.75 -8.92 -60.14
CA GLY H 331 -49.82 -8.28 -58.85
C GLY H 331 -49.28 -9.18 -57.75
N PRO H 332 -50.17 -9.87 -56.99
CA PRO H 332 -49.65 -10.77 -55.94
C PRO H 332 -49.36 -12.17 -56.48
N THR H 333 -48.25 -12.28 -57.22
CA THR H 333 -47.88 -13.56 -57.82
C THR H 333 -47.58 -14.60 -56.75
N ARG H 334 -46.83 -14.21 -55.72
CA ARG H 334 -46.33 -15.16 -54.72
C ARG H 334 -47.01 -14.90 -53.39
N PRO H 335 -47.91 -15.76 -52.91
CA PRO H 335 -48.46 -15.59 -51.56
C PRO H 335 -47.58 -16.29 -50.53
N LEU H 336 -47.20 -15.54 -49.49
CA LEU H 336 -46.32 -16.04 -48.43
C LEU H 336 -46.87 -15.65 -47.06
N SER H 337 -48.17 -15.88 -46.85
CA SER H 337 -48.79 -15.49 -45.59
C SER H 337 -48.22 -16.26 -44.40
N GLY H 338 -47.64 -17.44 -44.65
CA GLY H 338 -47.12 -18.26 -43.56
C GLY H 338 -45.82 -17.77 -42.97
N ALA H 339 -45.14 -16.83 -43.62
CA ALA H 339 -43.88 -16.32 -43.11
C ALA H 339 -44.10 -15.46 -41.87
N ARG H 340 -43.02 -15.24 -41.12
CA ARG H 340 -43.05 -14.40 -39.93
C ARG H 340 -41.86 -13.45 -39.96
N LEU H 341 -41.97 -12.37 -39.19
CA LEU H 341 -41.01 -11.28 -39.20
C LEU H 341 -40.46 -11.06 -37.80
N GLU H 342 -39.15 -10.87 -37.71
CA GLU H 342 -38.48 -10.48 -36.49
C GLU H 342 -37.48 -9.38 -36.79
N ILE H 343 -37.47 -8.35 -35.96
CA ILE H 343 -36.52 -7.25 -36.06
C ILE H 343 -35.35 -7.54 -35.13
N ARG H 344 -34.14 -7.39 -35.64
CA ARG H 344 -32.92 -7.65 -34.89
C ARG H 344 -31.93 -6.56 -35.28
N ASN H 345 -31.57 -5.71 -34.32
CA ASN H 345 -30.95 -4.41 -34.57
C ASN H 345 -29.84 -4.50 -35.60
N GLY H 346 -29.90 -3.59 -36.57
CA GLY H 346 -29.02 -3.65 -37.72
C GLY H 346 -29.43 -4.64 -38.78
N ASN H 347 -30.56 -5.33 -38.61
CA ASN H 347 -30.98 -6.34 -39.57
C ASN H 347 -32.50 -6.49 -39.55
N TRP H 348 -33.10 -6.34 -40.72
CA TRP H 348 -34.50 -6.70 -40.95
C TRP H 348 -34.50 -8.01 -41.71
N MET H 349 -35.23 -9.00 -41.21
CA MET H 349 -35.19 -10.33 -41.80
C MET H 349 -36.55 -11.00 -41.72
N ILE H 350 -36.87 -11.76 -42.76
CA ILE H 350 -38.09 -12.55 -42.84
C ILE H 350 -37.69 -14.03 -42.79
N ARG H 351 -38.30 -14.77 -41.89
CA ARG H 351 -37.99 -16.18 -41.69
C ARG H 351 -39.23 -17.03 -41.91
N GLU H 352 -39.12 -18.02 -42.80
CA GLU H 352 -40.13 -19.05 -42.96
C GLU H 352 -39.73 -20.26 -42.13
N GLY H 353 -40.63 -20.74 -41.29
CA GLY H 353 -40.25 -21.75 -40.33
C GLY H 353 -39.22 -21.17 -39.38
N ASP H 354 -37.97 -21.59 -39.53
CA ASP H 354 -36.85 -21.01 -38.79
C ASP H 354 -35.67 -20.69 -39.71
N GLN H 355 -35.92 -20.48 -41.00
CA GLN H 355 -34.89 -20.18 -41.98
C GLN H 355 -35.22 -18.86 -42.66
N THR H 356 -34.18 -18.04 -42.88
CA THR H 356 -34.36 -16.69 -43.38
C THR H 356 -34.71 -16.72 -44.86
N LEU H 357 -35.94 -16.27 -45.20
CA LEU H 357 -36.29 -16.08 -46.61
C LEU H 357 -35.60 -14.84 -47.18
N LEU H 358 -35.35 -13.84 -46.34
CA LEU H 358 -34.81 -12.57 -46.80
C LEU H 358 -34.21 -11.84 -45.61
N SER H 359 -33.11 -11.14 -45.84
CA SER H 359 -32.46 -10.33 -44.81
C SER H 359 -32.11 -8.97 -45.40
N VAL H 360 -32.25 -7.93 -44.57
CA VAL H 360 -32.02 -6.55 -44.97
C VAL H 360 -31.24 -5.85 -43.86
N SER H 361 -30.19 -5.13 -44.24
CA SER H 361 -29.41 -4.32 -43.33
C SER H 361 -29.68 -2.83 -43.60
N PRO H 362 -29.57 -1.96 -42.60
CA PRO H 362 -29.86 -0.54 -42.85
C PRO H 362 -28.91 0.06 -43.86
N ALA H 363 -29.45 0.96 -44.69
CA ALA H 363 -28.68 1.55 -45.77
C ALA H 363 -27.85 2.72 -45.27
N ARG H 364 -26.89 3.13 -46.08
CA ARG H 364 -26.07 4.30 -45.79
C ARG H 364 -26.92 5.55 -45.92
N MET H 365 -27.23 6.19 -44.79
CA MET H 365 -28.10 7.37 -44.83
C MET H 365 -27.46 8.51 -45.62
N ALA H 366 -26.13 8.61 -45.57
CA ALA H 366 -25.41 9.64 -46.31
C ALA H 366 -24.11 9.09 -46.88
#